data_9MGW
#
_entry.id   9MGW
#
_cell.length_a   1.00
_cell.length_b   1.00
_cell.length_c   1.00
_cell.angle_alpha   90.00
_cell.angle_beta   90.00
_cell.angle_gamma   90.00
#
_symmetry.space_group_name_H-M   'P 1'
#
loop_
_entity.id
_entity.type
_entity.pdbx_description
1 polymer 'Chlorophyll a-b binding protein, chloroplastic'
2 polymer LHCA2
3 polymer LHCA3
4 polymer LHCA7
5 polymer LHCA8
6 polymer LHCA9
7 polymer 'Photosystem I P700 chlorophyll a apoprotein A1'
8 polymer 'Photosystem I P700 chlorophyll a apoprotein A2'
9 polymer 'Photosystem I iron-sulfur center'
10 polymer PSAD1
11 polymer PSAE1
12 polymer PSAF1
13 polymer PSAG1
14 polymer PSAH1
15 polymer 'Photosystem I reaction center subunit IX'
16 polymer PSAL1
17 polymer PSAO1
18 polymer PSAI1
19 polymer PSAK1
20 polymer TIDI1
21 non-polymer 'CHLOROPHYLL A'
22 non-polymer 'CHLOROPHYLL B'
23 non-polymer "(3R,3'R,6S)-4,5-DIDEHYDRO-5,6-DIHYDRO-BETA,BETA-CAROTENE-3,3'-DIOL"
24 non-polymer "(3S,5R,6S,3'S,5'R,6'S)-5,6,5',6'-DIEPOXY-5,6,5',6'- TETRAHYDRO-BETA,BETA-CAROTENE-3,3'-DIOL"
25 non-polymer BETA-CAROTENE
26 non-polymer 1,2-DISTEAROYL-MONOGALACTOSYL-DIGLYCERIDE
27 non-polymer DODECYL-ALPHA-D-MALTOSIDE
28 non-polymer 1,2-DIPALMITOYL-PHOSPHATIDYL-GLYCEROLE
29 non-polymer PHOSPHATIDYLETHANOLAMINE
30 non-polymer 1,2-DI-O-ACYL-3-O-[6-DEOXY-6-SULFO-ALPHA-D-GLUCOPYRANOSYL]-SN-GLYCEROL
31 non-polymer 1,2-DIACYL-GLYCEROL-3-SN-PHOSPHATE
32 non-polymer 'DIGALACTOSYL DIACYL GLYCEROL (DGDG)'
33 non-polymer trimethyl-[(2~{R})-1-oxidanyl-1-oxidanylidene-4-[(2~{S})-2-[(1~{S})-1-oxidanyloctadecoxy]-3-[(1~{R})-1-oxidanyloctadecoxy]propoxy]butan-2-yl]azanium
34 non-polymer 'CHLOROPHYLL A ISOMER'
35 non-polymer PHYLLOQUINONE
36 non-polymer 'IRON/SULFUR CLUSTER'
37 non-polymer Tripalmitoylglycerol
38 water water
#
loop_
_entity_poly.entity_id
_entity_poly.type
_entity_poly.pdbx_seq_one_letter_code
_entity_poly.pdbx_strand_id
1 'polypeptide(L)'
;MQVMQKTLGASPVHKQAVNRSVVRPCVRVHATRAGNFAPGSEPKDYLEGLPGNYNFDPLELGKEKGTLQRYREAELIHCR
WAMLGAAGCLAVEVLGLGNWYDAPLWAVTGDKPTWFGIEVPFDIATILGVEVVAMAVAEGLRNENQDMEKRLYPGGAFDP
LGFSKDPKSFEDKKLKELKNGRLAMVACLGFAGQHAATGKPILAALGDHLSSPFFNNFATNGVSVPGL
;
1,a
2 'polypeptide(L)'
;MSALLMNKGIAGASSCALKAGTRSVGRITPAPARRNVAAQAGREMWYPGATPPPHLDGSMLGDYGFDPLRLGTNPDRLKW
FREAELMNGRWAMAAVVGILFTDLVGLPKWWEAGAQTYPIDNQTLLIIEIAVFSFLESKRYEGYKKTGGTGFAFFFPFDP
MGMRSQDKELKELKNGRLAMLAFLGFASTAAVNGQGPIESLQTHLADPAHNNIFTSSVGKESCVFVAVLSILPMLIEANK
ALGKGQESVPLFPWNEEWEKVAK
;
2
3 'polypeptide(L)'
;MASLFSKQAALQGLTAPKSLSRRQVVVRAEGEQQPPPAAPKVAPKAAAPEAKAAAPAAEAKAAPKAAPKAAPKAAPKEQT
SVAKIDRSKDFLYVGSDAAALKYLDGTLPGDYGFDPLGLLDPSVSGGKGEGGFVNPRWLQYSEVIHARWAMLGAAGCIAP
EILGKAGVIPAETAVDWFRTGVIPPAGVYKNFWADPFTLFFIEVVAIQFAELKRLQDYKNPGSQSRQYFLGLEGLFKGSD
NPAYPGGPFFNFANFGKTEEEMKKLKLNEIKNGRLAMLAMFGYGAQAVITGDGPFDNLLAHLADPTGNNLITNLGGKFGQ
;
3
4 'polypeptide(L)'
;MSALMNKSVSLQAASKAPLAARSIAPRSVASRTRNVALRAGADRPLWSPGSEPPAWLDGSLAGDYGFDPLHLSEEPEMRK
WMVQAELVHARWAMLGVAGILFTSIAAKTGAPFPDWYDAGKEAIKTSPAPLGSLIFTELLLFGWVETKRLYDLRNPGSQG
DGSFLGITDGLKGKENGYPGGLFDPMGMSKNEASYKEAKVKEIKNGRLAMLAFVGFIAQHHATHKSPIDNLLDHVADPFH
VTFATNGVSIPHFTEF
;
7,c
5 'polypeptide(L)'
;MQVTQKQMMRASGVKAPLSRRGVTVKASMQGNWLPGSQTPAHLKDLKMAGNFGFDPLNLGAEPQALRWYQQAELVHSRTA
MMGVAGILIPGIFTKLGALNVPQWYEAGKVYIEGEGAIPFGTLLMTTLFSYAFVEGKRWQDFRKPGSQAEPGTFFGLESQ
FKGTENGYPGGIFDPLGYSKTSPEKLDELKLKEIKNGRLAMVAFLGFAGQYGATGKGPIDNLADHLADPWHNTFAENGIS
VPGLSAVEQAAANL
;
8,b
6 'polypeptide(L)'
;MAVLTSKMSTKLTSSGVRPVKPTTRASRMVMKASNRPLWLPDVIPPPHLNGTLPGDSGFDPLGLGLNEERLKWYVEAEKM
NGRWAMMAVTGIMGQELLGVPVKWFEAGAAEYDLPVQAQVPILFLVMGFLETKRFQGFRETGTSGFINSYPFDPVGLNSP
KHAVNEVKNGRLAMVAFVGFAVQALVTRTQPIEGLQKHLADPFGKNITYYLTHTPEVIAGTA
;
9
7 'polypeptide(L)'
;TISSPEREAKKVKIAVDRNPVETNFEKWAKPGHFSRALAKGPNTTTWIWNLHADAHDFDNHTSDLEEISRKVFSAHFGQL
GIILIWLSGMYFHGARFSNYEGWLSDPTHIKPSAQVVWPIVGQEILNGDVGGGFQGIQITSGFFQLWRASGITSELQLYS
TAIGGLVLAAACFFAGWFHYHKAAPKLEWFQNVESMLNHHLAGLLGLGSLAWAGHQIHVSLPVNKLLDAGVDPKEIPLPH
EFLLNQSIIADLYPSFSKGLAPFFTLNWAEYSDFLTFKGGLNPVTGGLWLSDTAHHHLAIAVLFLVAGHQYRTNWGIGHS
IKDILESHKGPFTGNGHAGLYEILTTSWHAQLAINLALFGSLSIIVAHHMYAMPPYPYLATDYGTQLSLFTHHMWIGGFC
VVGAGAHAAIFMVRDYDPTNNYNNLLDRVIRHRDAIISHLNWVSIFLGFHSFGLYIHNDTMSALGRPQDMFSDTAIQLQP
VFAQWIQNTHFTAPQLTAPNALAATSLTWGGDVVAVGGKVAMMPIALGTSDFLVHHIHAFTIHVTVLILLKGVLFARSSR
LIPDKANLGFRFPCDGPGRGGTCQVSAWDHVFLGLFWMYNSLSIVIFHFSWKMQSDVWGTVTDSGVSHITGGNFAQSANT
INGWLRDFLWAQSSQVIQSYGSALSAYGLMFLGAHFVWAFSLMFLFSGRGYWQELIESIVWAHNKLRVAPSIQPRALSIT
QGRAVGVAHYLLGGIATTWSFFLARIIAVG
;
A
8 'polypeptide(L)'
;MATKLFPKFSQGLAQDPSTRRIWYGLATAHDFESHDGMTEENLYQKIFASHFGQLAIIFLWTSGNLFHVAWQGNFEQWVT
DPIHVRPIAHAIWDPHFGQPAVEAFTRGGASGPVNIATSGVYQWWYTIGLRSNQELYVSSVFLALVSAVFLFAGWLHLQP
NFQPSLSWFKDAESRLNHHLAGLFGVSSLAWTGHLVHVAIPESRGQHVGWDNFLSVLPHPQGLTPFWSGNWAAYAQNPDT
ASHAFGTADGSGTAILTFLGGFHPQTQSLWLSDMAHHHLAIAVLFIVAGHMYRTNFGIGHRLEAILEAHTPPAGGLGAGH
KGLFHTVNNSLHFQLGLALASVGTITSLVAQHMYSLPPYAYLAVDFTTQASLYTHHQYIAGFIMCGAFAHGAIFFIRDYD
PEQNKGNVLARVLDHKEAIISHLSWVSLFLGFHTLGLYVHNDVVQAFGTPEKQILIEPVFAQWIQAAQGKSLYGFDLLLA
SSSSPAYSAGQSLWLPGWLEAINNNQNSLFLTIGPGDFLVHHAIALGLHTTTLILVKGALDARGSKLMPDKKDFGYSFPC
DGPGRGGTCDISAYDAFYLAVFWMLNTIGWVTFYWHWKHLTLWQGNVSQFDESSTYLMGWLRDYLWLNSSQLINGYNPFG
MNSLSVWAWTFLFGHLVYATGFMFLISWRGYWQELIETLVWAHEKTPLANLVYWKDKPVALSIVQARLVGLAHFSVGYIF
TYAAFLIASTAGRFG
;
B
9 'polypeptide(L)'
;MAHVVKIYDTCIGCTQCVRACPLDVLEMVPWDGCKAAQMASSPRTEDCVGCKRCETACPTDFLSVRVYLGNESTRSLGLA
Y
;
C
10 'polypeptide(L)'
;MQALRSTSAASRVSCRPGREARRSVLVRAEAAPPAAGAPPEPKAAGAPPAAPKKKAPPPPWKQPELDPDTPSPIFGGSTG
GLLRKAQVEEFYVTTWESPKEQIFEMPTGGAAIMRKGPNLLKLARKEHCLALTTQLRTKFRMSPCFYRVYADGKVEYLHP
KDGVYPEKVNAGRVGVNQNMRSIGKNVDPIKVKFTGSEPFEI
;
D
11 'polypeptide(L)'
;MAMLSASRISCRPSVSAKPQRTRLIVRAEGEAPPAAPKQAPAEAKAAPKGEAKAAPKKKEIGPKRGSLVKVLRPESYWYN
QVGKVVSVDQSGIRYPVVVRFENQNYAGVSTNNYALDEVTDPPSK
;
E
12 'polypeptide(L)'
;MASLTQMNLRSAPVARAPAARPVARRTATVARAHQQEQPAQNLGAVACATALALTMGLTADVQPASADIAGLTPCSESKA
YNKLERKELKVLDKRLKKYEPGSAPYLALQATKERTENRFKTYAKQGLLCGNDGLPHLISDPGLALRFNHAGEVFIPTFG
FLYVAGYIGHVGRQYIILSKEDAKPTDKEIILDVPLALKLAFQGWAWPLASIQELRNGSLLEKDENITVSPR
;
F
13 'polypeptide(L)'
;MALSSKANIQQFSRQATQSRAVVSRPASRQAVKTNALIAAPVAIGGSTAALLALGRFVFLPYQRRRTDMEVGPGRLGPKT
TGDTFFDRLQKPASFVETKSKDPSGFGLIDVLGWGALGHVFGYFLLACSSLQDAGIEPFPR
;
G
14 'polypeptide(L)'
;MALLAKTGAQTLASRRPAACRAPAPVRRNVKVCAKYGEQSKYFDLQDLENTTGAWDLYGVDEKKRYPGLQEEFFQRATDA
VSRREALNGFVALTGVASIALFGLKGASTLELPITKGPRMEKTENGKGGILRSRI
;
H
15 'polypeptide(L)' MKDFTTYLSTAPVVGLGWAIFTSGLLIEINRFFPDPLVFSF J
16 'polypeptide(L)'
;MMMLQKNVALQKSAVRSSVKPAGLPKFSRTPRGLTIRAANEEKKPQQVIQPINGDPFVGMLETPVTSAPIVANYLSNLPA
YRTGVAPNLRGVEIGLAHGFLLAGPFIKLGPLRDVPGTAEVVGCMSAAGLVLILALCLSLYGNAAFQNQPSMGKKTLSGR
PLPQDPLMSEEGWAKFAAGFTVGGLSGVAWAYILTQILPYYS
;
L
17 'polypeptide(L)'
;MMLAQKSLLTAKSATVARPALPARPARTSVRVAASSQGFDRNWLRVDPIVPAISFVGWTLPSNIGTSALNGQSLFGAFYE
SIGQNLAHWPTGPALDDKFWLYMVTWHTGLFIVMLLGQVGVQGKKQGYW
;
O
18 'polypeptide(L)'
;MLAQKNIVAKPCVRAAKPTAMPVKPMAMQKKQQAAGKVALSAGAVGLASAFAAAPVEAANIVANVASATEGYPFVPPDWA
PALFVPLTGLVLPAVGMAWAFTYIQKERQ
;
I
19 'polypeptide(L)'
;MALSLTRAPKVLPTRTQRAAPCPKVQQPRSRKAMVCKADASFIGSPTNLIMVSSIGACLFASRFGLAPSVRKVAQPLKLS
DREVLQTTGDPAGFTATDVLAMGAAGHAIGVGIVLGLKGIGQL
;
K
20 'polypeptide(L)'
;MPPLRPKESALARTGAPRTSILIKPFKITRLHAHEGGSDAPAPGPAPPKEQVASPPPAAAQAATEPPKPQVTSPPPAAAD
AAAEPPKPQAAAAASEAPPAPEPRKGSAFKGYVQQNLVQPGRTLQQLAGRKIYPGSDERALSYLTGSLPGDFGWDPLHLA
DTNDQDRLNNAMSMEWLSYAEVIHGRWAMLGAVGALSPEILGKAGVIPEETGLTWFQAGGLDSTSNLIAVPFTGPIPFQY
WTDKYVLLYTMLVAMGFAETRRWQEYKQPGSVQKQFFLGLEKLTPPSQQPAYPGGAFFNFAGLGTKDEKKMFELKVKEIR
NGRLAMLAFLGFMVQAEVTHVGPFQNLLDHINSPGAQNLLSRLTS
;
T
#
# COMPACT_ATOMS: atom_id res chain seq x y z
N THR A 32 51.03 44.94 -29.52
CA THR A 32 51.44 44.18 -30.69
C THR A 32 50.29 43.33 -31.23
N ARG A 33 49.15 43.40 -30.55
CA ARG A 33 47.97 42.67 -31.00
C ARG A 33 47.46 43.22 -32.32
N ALA A 34 47.09 42.32 -33.24
CA ALA A 34 46.65 42.69 -34.58
C ALA A 34 45.15 42.87 -34.69
N GLY A 35 44.49 43.21 -33.59
CA GLY A 35 43.05 43.38 -33.57
C GLY A 35 42.40 42.46 -32.56
N ASN A 36 41.08 42.53 -32.51
CA ASN A 36 40.28 41.73 -31.58
C ASN A 36 39.18 41.02 -32.34
N PHE A 37 38.92 39.77 -31.95
CA PHE A 37 37.83 39.01 -32.56
C PHE A 37 36.46 39.50 -32.09
N ALA A 38 36.43 40.25 -30.99
CA ALA A 38 35.21 40.83 -30.45
C ALA A 38 35.58 42.05 -29.62
N PRO A 39 35.05 43.24 -29.93
CA PRO A 39 35.42 44.44 -29.18
C PRO A 39 34.98 44.39 -27.73
N GLY A 40 35.94 44.35 -26.83
CA GLY A 40 35.66 44.21 -25.41
C GLY A 40 35.79 42.82 -24.85
N SER A 41 36.45 41.91 -25.56
CA SER A 41 36.60 40.54 -25.08
C SER A 41 37.64 40.49 -23.94
N GLU A 42 37.64 39.38 -23.23
CA GLU A 42 38.59 39.18 -22.14
C GLU A 42 39.97 38.94 -22.72
N PRO A 43 40.98 39.74 -22.36
CA PRO A 43 42.32 39.56 -22.93
C PRO A 43 43.04 38.35 -22.36
N LYS A 44 43.19 37.31 -23.18
CA LYS A 44 43.93 36.12 -22.74
C LYS A 44 45.42 36.43 -22.69
N ASP A 45 46.05 36.06 -21.57
CA ASP A 45 47.46 36.37 -21.36
C ASP A 45 48.40 35.40 -22.05
N TYR A 46 47.91 34.26 -22.52
CA TYR A 46 48.77 33.27 -23.16
C TYR A 46 48.90 33.46 -24.66
N LEU A 47 48.19 34.42 -25.24
CA LEU A 47 48.37 34.81 -26.64
C LEU A 47 48.70 36.30 -26.67
N GLU A 48 49.97 36.63 -26.44
CA GLU A 48 50.43 38.01 -26.53
C GLU A 48 51.53 38.18 -27.57
N GLY A 49 52.62 37.42 -27.47
CA GLY A 49 53.72 37.55 -28.40
C GLY A 49 53.66 36.57 -29.55
N LEU A 50 52.50 36.43 -30.16
CA LEU A 50 52.30 35.49 -31.26
C LEU A 50 51.76 36.21 -32.48
N PRO A 51 52.15 35.81 -33.68
CA PRO A 51 51.58 36.41 -34.88
C PRO A 51 50.13 36.01 -35.06
N GLY A 52 49.38 36.88 -35.73
CA GLY A 52 47.96 36.63 -35.93
C GLY A 52 47.16 36.61 -34.64
N ASN A 53 47.54 37.43 -33.67
CA ASN A 53 46.90 37.44 -32.36
C ASN A 53 45.65 38.32 -32.42
N TYR A 54 44.48 37.69 -32.28
CA TYR A 54 43.22 38.39 -32.21
C TYR A 54 42.48 38.15 -30.91
N ASN A 55 43.09 37.42 -29.96
CA ASN A 55 42.45 37.00 -28.71
C ASN A 55 41.16 36.24 -28.99
N PHE A 56 41.20 35.38 -30.01
CA PHE A 56 39.98 34.83 -30.58
C PHE A 56 39.32 33.80 -29.67
N ASP A 57 40.11 32.91 -29.08
CA ASP A 57 39.59 31.69 -28.47
C ASP A 57 38.83 31.96 -27.18
N PRO A 58 37.54 31.60 -27.08
CA PRO A 58 36.84 31.64 -25.80
C PRO A 58 36.82 30.32 -25.04
N LEU A 59 37.25 29.22 -25.66
CA LEU A 59 37.24 27.91 -25.02
C LEU A 59 38.49 27.64 -24.20
N GLU A 60 39.40 28.61 -24.09
CA GLU A 60 40.64 28.51 -23.32
C GLU A 60 41.52 27.36 -23.79
N LEU A 61 41.50 27.06 -25.09
CA LEU A 61 42.36 26.03 -25.63
C LEU A 61 43.80 26.53 -25.72
N GLY A 62 44.74 25.60 -25.59
CA GLY A 62 46.14 25.94 -25.61
C GLY A 62 46.59 26.76 -24.42
N LYS A 63 46.03 26.50 -23.24
CA LYS A 63 46.49 27.17 -22.03
C LYS A 63 47.91 26.74 -21.67
N GLU A 64 48.22 25.46 -21.83
CA GLU A 64 49.56 24.95 -21.60
C GLU A 64 50.46 25.35 -22.77
N LYS A 65 51.72 25.67 -22.45
CA LYS A 65 52.63 26.26 -23.44
C LYS A 65 53.01 25.25 -24.52
N GLY A 66 53.32 24.02 -24.13
CA GLY A 66 53.68 23.01 -25.12
C GLY A 66 52.53 22.65 -26.04
N THR A 67 51.33 22.49 -25.48
CA THR A 67 50.15 22.24 -26.29
C THR A 67 49.83 23.44 -27.17
N LEU A 68 50.07 24.65 -26.67
CA LEU A 68 49.88 25.86 -27.48
C LEU A 68 50.83 25.88 -28.67
N GLN A 69 52.09 25.52 -28.46
CA GLN A 69 53.05 25.48 -29.57
C GLN A 69 52.71 24.38 -30.57
N ARG A 70 52.24 23.24 -30.07
CA ARG A 70 51.82 22.16 -30.97
C ARG A 70 50.64 22.59 -31.82
N TYR A 71 49.66 23.26 -31.20
CA TYR A 71 48.51 23.74 -31.96
C TYR A 71 48.91 24.88 -32.90
N ARG A 72 49.93 25.67 -32.53
CA ARG A 72 50.43 26.73 -33.40
C ARG A 72 51.03 26.15 -34.68
N GLU A 73 51.93 25.17 -34.53
CA GLU A 73 52.55 24.59 -35.73
C GLU A 73 51.54 23.78 -36.54
N ALA A 74 50.59 23.12 -35.86
CA ALA A 74 49.52 22.43 -36.58
C ALA A 74 48.67 23.39 -37.38
N GLU A 75 48.31 24.54 -36.80
CA GLU A 75 47.55 25.55 -37.52
C GLU A 75 48.34 26.12 -38.69
N LEU A 76 49.64 26.36 -38.48
CA LEU A 76 50.47 26.90 -39.56
C LEU A 76 50.54 25.96 -40.75
N ILE A 77 50.77 24.67 -40.51
CA ILE A 77 50.91 23.77 -41.64
C ILE A 77 49.53 23.39 -42.23
N HIS A 78 48.48 23.38 -41.40
CA HIS A 78 47.12 23.23 -41.93
C HIS A 78 46.75 24.39 -42.84
N CYS A 79 47.11 25.61 -42.46
CA CYS A 79 46.80 26.76 -43.30
C CYS A 79 47.66 26.78 -44.55
N ARG A 80 48.89 26.28 -44.48
CA ARG A 80 49.71 26.14 -45.70
C ARG A 80 49.09 25.14 -46.66
N TRP A 81 48.60 24.00 -46.14
CA TRP A 81 47.90 23.06 -47.00
C TRP A 81 46.58 23.66 -47.51
N ALA A 82 45.96 24.55 -46.74
CA ALA A 82 44.78 25.25 -47.21
C ALA A 82 45.11 26.19 -48.36
N MET A 83 46.24 26.90 -48.27
CA MET A 83 46.76 27.64 -49.41
C MET A 83 46.89 26.78 -50.64
N LEU A 84 47.54 25.62 -50.49
CA LEU A 84 47.79 24.75 -51.63
C LEU A 84 46.48 24.25 -52.25
N GLY A 85 45.53 23.83 -51.39
CA GLY A 85 44.26 23.36 -51.90
C GLY A 85 43.44 24.44 -52.57
N ALA A 86 43.39 25.63 -51.97
CA ALA A 86 42.66 26.74 -52.58
C ALA A 86 43.30 27.16 -53.90
N ALA A 87 44.63 27.15 -53.97
CA ALA A 87 45.32 27.47 -55.21
C ALA A 87 45.01 26.47 -56.31
N GLY A 88 45.00 25.18 -55.97
CA GLY A 88 44.63 24.18 -56.96
C GLY A 88 43.20 24.33 -57.43
N CYS A 89 42.27 24.54 -56.48
CA CYS A 89 40.86 24.64 -56.81
C CYS A 89 40.54 25.91 -57.59
N LEU A 90 41.32 26.97 -57.41
CA LEU A 90 41.09 28.19 -58.17
C LEU A 90 41.81 28.20 -59.51
N ALA A 91 43.01 27.60 -59.58
CA ALA A 91 43.72 27.53 -60.84
C ALA A 91 43.11 26.52 -61.79
N VAL A 92 42.36 25.53 -61.28
CA VAL A 92 41.63 24.66 -62.18
C VAL A 92 40.43 25.39 -62.80
N GLU A 93 39.95 26.47 -62.16
CA GLU A 93 38.81 27.22 -62.68
C GLU A 93 39.23 28.37 -63.58
N VAL A 94 40.21 29.17 -63.15
CA VAL A 94 40.60 30.35 -63.93
C VAL A 94 41.33 29.99 -65.20
N LEU A 95 41.89 28.78 -65.30
CA LEU A 95 42.53 28.32 -66.52
C LEU A 95 41.56 27.61 -67.46
N GLY A 96 40.33 27.34 -67.02
CA GLY A 96 39.36 26.65 -67.84
C GLY A 96 39.73 25.22 -68.18
N LEU A 97 40.40 24.53 -67.27
CA LEU A 97 40.85 23.16 -67.51
C LEU A 97 39.94 22.13 -66.85
N GLY A 98 38.82 22.56 -66.25
CA GLY A 98 37.87 21.67 -65.64
C GLY A 98 37.51 22.12 -64.24
N ASN A 99 36.95 21.21 -63.47
CA ASN A 99 36.58 21.46 -62.08
C ASN A 99 37.46 20.60 -61.18
N TRP A 100 37.64 21.05 -59.93
CA TRP A 100 38.50 20.32 -59.01
C TRP A 100 37.91 18.98 -58.61
N TYR A 101 36.59 18.83 -58.62
CA TYR A 101 35.99 17.58 -58.17
C TYR A 101 36.11 16.47 -59.20
N ASP A 102 35.90 16.77 -60.48
CA ASP A 102 36.02 15.72 -61.49
C ASP A 102 37.43 15.61 -62.06
N ALA A 103 38.36 16.43 -61.58
CA ALA A 103 39.77 16.26 -61.94
C ALA A 103 40.35 14.91 -61.52
N PRO A 104 40.14 14.39 -60.31
CA PRO A 104 40.64 13.03 -60.00
C PRO A 104 39.74 11.92 -60.50
N LEU A 105 38.75 12.20 -61.34
CA LEU A 105 37.93 11.14 -61.92
C LEU A 105 38.61 10.42 -63.08
N TRP A 106 39.84 10.83 -63.43
CA TRP A 106 40.56 10.16 -64.50
C TRP A 106 40.95 8.73 -64.11
N ALA A 107 41.18 8.48 -62.83
CA ALA A 107 41.54 7.13 -62.39
C ALA A 107 40.34 6.19 -62.41
N VAL A 108 39.13 6.74 -62.21
CA VAL A 108 37.93 5.91 -62.24
C VAL A 108 37.66 5.42 -63.65
N THR A 109 37.71 6.32 -64.64
CA THR A 109 37.48 5.94 -66.02
C THR A 109 38.70 5.31 -66.67
N GLY A 110 39.87 5.42 -66.04
CA GLY A 110 41.08 4.79 -66.55
C GLY A 110 41.60 5.35 -67.87
N ASP A 111 41.59 6.67 -68.01
CA ASP A 111 42.18 7.33 -69.17
C ASP A 111 43.50 7.98 -68.79
N LYS A 112 44.09 8.73 -69.72
CA LYS A 112 45.39 9.34 -69.48
C LYS A 112 45.22 10.68 -68.77
N PRO A 113 45.89 10.89 -67.64
CA PRO A 113 45.72 12.15 -66.90
C PRO A 113 46.39 13.33 -67.60
N THR A 114 45.83 14.51 -67.38
CA THR A 114 46.33 15.74 -67.99
C THR A 114 46.58 16.78 -66.90
N TRP A 115 47.68 17.52 -67.02
CA TRP A 115 48.00 18.62 -66.12
C TRP A 115 48.65 19.72 -66.94
N PHE A 116 47.97 20.88 -67.02
CA PHE A 116 48.45 22.04 -67.77
C PHE A 116 48.68 21.74 -69.25
N GLY A 117 47.95 20.77 -69.78
CA GLY A 117 48.15 20.35 -71.16
C GLY A 117 49.50 19.71 -71.43
N ILE A 118 49.99 18.87 -70.53
CA ILE A 118 51.27 18.22 -70.68
C ILE A 118 51.13 16.74 -71.05
N GLU A 119 50.09 16.06 -70.56
CA GLU A 119 49.83 14.64 -70.80
C GLU A 119 50.99 13.78 -70.29
N VAL A 120 51.14 13.81 -68.97
CA VAL A 120 52.12 12.94 -68.31
C VAL A 120 51.69 11.48 -68.46
N PRO A 121 52.62 10.54 -68.68
CA PRO A 121 52.23 9.15 -68.91
C PRO A 121 52.30 8.24 -67.69
N PHE A 122 52.50 8.79 -66.49
CA PHE A 122 52.71 7.96 -65.31
C PHE A 122 51.44 7.25 -64.88
N ASP A 123 51.61 6.02 -64.41
CA ASP A 123 50.49 5.19 -63.96
C ASP A 123 50.04 5.62 -62.56
N ILE A 124 48.75 5.36 -62.27
CA ILE A 124 48.12 5.84 -61.04
C ILE A 124 48.77 5.20 -59.82
N ALA A 125 49.10 3.91 -59.89
CA ALA A 125 49.77 3.25 -58.78
C ALA A 125 51.15 3.84 -58.53
N THR A 126 51.87 4.19 -59.61
CA THR A 126 53.15 4.86 -59.47
C THR A 126 52.98 6.25 -58.84
N ILE A 127 51.90 6.95 -59.20
CA ILE A 127 51.61 8.26 -58.59
C ILE A 127 51.39 8.11 -57.10
N LEU A 128 50.59 7.11 -56.70
CA LEU A 128 50.32 6.90 -55.28
C LEU A 128 51.58 6.52 -54.53
N GLY A 129 52.41 5.64 -55.11
CA GLY A 129 53.64 5.24 -54.44
C GLY A 129 54.62 6.39 -54.27
N VAL A 130 54.84 7.16 -55.34
CA VAL A 130 55.78 8.27 -55.24
C VAL A 130 55.24 9.36 -54.32
N GLU A 131 53.91 9.56 -54.30
CA GLU A 131 53.33 10.55 -53.41
C GLU A 131 53.48 10.13 -51.95
N VAL A 132 53.21 8.86 -51.63
CA VAL A 132 53.30 8.43 -50.25
C VAL A 132 54.75 8.43 -49.77
N VAL A 133 55.70 8.03 -50.62
CA VAL A 133 57.09 8.04 -50.16
C VAL A 133 57.63 9.47 -50.05
N ALA A 134 57.22 10.37 -50.96
CA ALA A 134 57.69 11.74 -50.90
C ALA A 134 57.12 12.47 -49.69
N MET A 135 55.82 12.30 -49.42
CA MET A 135 55.24 12.94 -48.25
C MET A 135 55.75 12.30 -46.96
N ALA A 136 56.07 11.00 -46.99
CA ALA A 136 56.63 10.34 -45.82
C ALA A 136 58.02 10.89 -45.49
N VAL A 137 58.89 11.02 -46.50
CA VAL A 137 60.22 11.57 -46.21
C VAL A 137 60.12 13.04 -45.86
N ALA A 138 59.17 13.78 -46.43
CA ALA A 138 59.02 15.20 -46.10
C ALA A 138 58.58 15.38 -44.66
N GLU A 139 57.56 14.65 -44.22
CA GLU A 139 57.10 14.79 -42.84
C GLU A 139 57.98 14.06 -41.84
N GLY A 140 58.89 13.19 -42.30
CA GLY A 140 59.86 12.61 -41.41
C GLY A 140 61.03 13.54 -41.18
N LEU A 141 61.49 14.22 -42.24
CA LEU A 141 62.55 15.20 -42.08
C LEU A 141 62.05 16.47 -41.41
N ARG A 142 60.76 16.78 -41.57
CA ARG A 142 60.21 17.98 -40.94
C ARG A 142 60.03 17.80 -39.44
N ASN A 143 59.57 16.62 -39.01
CA ASN A 143 59.28 16.39 -37.60
C ASN A 143 60.54 16.28 -36.75
N GLU A 144 61.70 16.00 -37.35
CA GLU A 144 62.93 15.77 -36.62
C GLU A 144 63.79 17.01 -36.49
N ASN A 145 63.18 18.20 -36.50
CA ASN A 145 63.94 19.43 -36.30
C ASN A 145 64.38 19.57 -34.84
N GLN A 146 63.52 19.16 -33.91
CA GLN A 146 63.80 19.13 -32.47
C GLN A 146 64.07 20.51 -31.89
N ASP A 147 63.62 21.58 -32.54
CA ASP A 147 63.68 22.92 -31.98
C ASP A 147 62.43 23.67 -32.42
N MET A 148 61.83 24.41 -31.47
CA MET A 148 60.48 24.92 -31.66
C MET A 148 60.42 26.01 -32.73
N GLU A 149 61.37 26.94 -32.71
CA GLU A 149 61.33 28.08 -33.62
C GLU A 149 61.47 27.65 -35.08
N LYS A 150 62.38 26.73 -35.37
CA LYS A 150 62.53 26.23 -36.73
C LYS A 150 61.49 25.18 -37.08
N ARG A 151 60.86 24.54 -36.10
CA ARG A 151 59.67 23.74 -36.40
C ARG A 151 58.53 24.62 -36.86
N LEU A 152 58.40 25.81 -36.27
CA LEU A 152 57.44 26.79 -36.76
C LEU A 152 57.92 27.43 -38.05
N TYR A 153 59.07 28.10 -37.99
CA TYR A 153 59.61 28.88 -39.12
C TYR A 153 61.05 28.44 -39.35
N PRO A 154 61.27 27.45 -40.23
CA PRO A 154 62.64 26.94 -40.44
C PRO A 154 63.58 27.92 -41.13
N GLY A 155 63.17 28.47 -42.27
CA GLY A 155 64.08 29.33 -43.00
C GLY A 155 65.18 28.55 -43.69
N GLY A 156 66.21 29.28 -44.10
CA GLY A 156 67.36 28.67 -44.73
C GLY A 156 67.09 28.16 -46.14
N ALA A 157 67.07 26.84 -46.30
CA ALA A 157 66.83 26.26 -47.61
C ALA A 157 65.40 26.48 -48.09
N PHE A 158 64.44 26.54 -47.16
CA PHE A 158 63.05 26.78 -47.53
C PHE A 158 62.75 28.24 -47.81
N ASP A 159 63.70 29.15 -47.58
CA ASP A 159 63.53 30.57 -47.84
C ASP A 159 64.68 31.05 -48.71
N PRO A 160 64.64 30.76 -50.02
CA PRO A 160 65.74 31.19 -50.89
C PRO A 160 65.68 32.65 -51.29
N LEU A 161 64.52 33.29 -51.20
CA LEU A 161 64.41 34.69 -51.60
C LEU A 161 65.06 35.62 -50.58
N GLY A 162 65.06 35.23 -49.31
CA GLY A 162 65.72 36.02 -48.28
C GLY A 162 65.09 37.37 -47.98
N PHE A 163 63.76 37.42 -47.92
CA PHE A 163 63.06 38.64 -47.53
C PHE A 163 62.85 38.74 -46.03
N SER A 164 63.31 37.77 -45.25
CA SER A 164 63.16 37.76 -43.80
C SER A 164 64.39 38.30 -43.09
N LYS A 165 65.15 39.18 -43.75
CA LYS A 165 66.34 39.75 -43.12
C LYS A 165 65.99 40.71 -42.00
N ASP A 166 64.98 41.54 -42.20
CA ASP A 166 64.64 42.45 -41.11
C ASP A 166 63.43 41.94 -40.34
N PRO A 167 63.45 42.05 -39.01
CA PRO A 167 62.34 41.54 -38.20
C PRO A 167 61.00 42.18 -38.48
N LYS A 168 60.98 43.47 -38.85
CA LYS A 168 59.71 44.17 -39.05
C LYS A 168 58.95 43.60 -40.25
N SER A 169 59.63 43.50 -41.40
CA SER A 169 59.00 42.91 -42.57
C SER A 169 58.72 41.43 -42.36
N PHE A 170 59.57 40.75 -41.58
CA PHE A 170 59.34 39.34 -41.28
C PHE A 170 58.04 39.14 -40.50
N GLU A 171 57.80 39.96 -39.48
CA GLU A 171 56.57 39.84 -38.71
C GLU A 171 55.36 40.33 -39.51
N ASP A 172 55.56 41.31 -40.41
CA ASP A 172 54.48 41.74 -41.28
C ASP A 172 54.04 40.61 -42.21
N LYS A 173 55.01 39.93 -42.83
CA LYS A 173 54.67 38.80 -43.69
C LYS A 173 54.14 37.62 -42.88
N LYS A 174 54.57 37.47 -41.62
CA LYS A 174 53.98 36.46 -40.76
C LYS A 174 52.49 36.72 -40.52
N LEU A 175 52.15 37.98 -40.22
CA LEU A 175 50.76 38.34 -40.00
C LEU A 175 49.93 38.16 -41.27
N LYS A 176 50.46 38.58 -42.42
CA LYS A 176 49.73 38.44 -43.67
C LYS A 176 49.56 36.98 -44.06
N GLU A 177 50.59 36.17 -43.85
CA GLU A 177 50.51 34.74 -44.13
C GLU A 177 49.47 34.06 -43.25
N LEU A 178 49.44 34.40 -41.96
CA LEU A 178 48.47 33.79 -41.06
C LEU A 178 47.04 34.23 -41.39
N LYS A 179 46.86 35.50 -41.77
CA LYS A 179 45.53 35.98 -42.12
C LYS A 179 45.01 35.32 -43.39
N ASN A 180 45.81 35.31 -44.46
CA ASN A 180 45.39 34.63 -45.68
C ASN A 180 45.27 33.12 -45.46
N GLY A 181 46.01 32.56 -44.50
CA GLY A 181 45.91 31.15 -44.21
C GLY A 181 44.63 30.76 -43.50
N ARG A 182 44.22 31.57 -42.52
CA ARG A 182 42.92 31.35 -41.89
C ARG A 182 41.80 31.54 -42.90
N LEU A 183 41.94 32.53 -43.79
CA LEU A 183 40.96 32.75 -44.84
C LEU A 183 40.88 31.56 -45.79
N ALA A 184 42.03 30.98 -46.15
CA ALA A 184 42.04 29.80 -47.00
C ALA A 184 41.51 28.56 -46.29
N MET A 185 41.73 28.46 -44.97
CA MET A 185 41.17 27.34 -44.22
C MET A 185 39.65 27.41 -44.20
N VAL A 186 39.09 28.62 -44.09
CA VAL A 186 37.65 28.78 -44.27
C VAL A 186 37.25 28.45 -45.71
N ALA A 187 38.06 28.84 -46.68
CA ALA A 187 37.72 28.68 -48.09
C ALA A 187 37.66 27.22 -48.51
N CYS A 188 38.53 26.38 -47.95
CA CYS A 188 38.53 24.95 -48.33
C CYS A 188 37.25 24.26 -47.87
N LEU A 189 36.84 24.51 -46.63
CA LEU A 189 35.55 24.00 -46.16
C LEU A 189 34.40 24.62 -46.93
N GLY A 190 34.55 25.87 -47.37
CA GLY A 190 33.54 26.48 -48.22
C GLY A 190 33.38 25.75 -49.54
N PHE A 191 34.50 25.41 -50.19
CA PHE A 191 34.45 24.65 -51.43
C PHE A 191 33.82 23.27 -51.21
N ALA A 192 34.20 22.61 -50.12
CA ALA A 192 33.65 21.29 -49.82
C ALA A 192 32.14 21.35 -49.60
N GLY A 193 31.69 22.31 -48.81
CA GLY A 193 30.26 22.45 -48.57
C GLY A 193 29.49 22.87 -49.81
N GLN A 194 30.08 23.74 -50.62
CA GLN A 194 29.43 24.18 -51.85
C GLN A 194 29.25 23.02 -52.82
N HIS A 195 30.26 22.16 -52.95
CA HIS A 195 30.08 21.01 -53.83
C HIS A 195 29.19 19.95 -53.20
N ALA A 196 29.16 19.85 -51.87
CA ALA A 196 28.27 18.89 -51.24
C ALA A 196 26.80 19.32 -51.36
N ALA A 197 26.56 20.63 -51.48
CA ALA A 197 25.21 21.11 -51.68
C ALA A 197 24.78 21.00 -53.15
N THR A 198 25.49 21.71 -54.02
CA THR A 198 25.19 21.74 -55.45
C THR A 198 26.37 21.20 -56.24
N GLY A 199 26.07 20.59 -57.38
CA GLY A 199 27.10 20.06 -58.24
C GLY A 199 27.82 21.08 -59.11
N LYS A 200 27.42 22.34 -59.04
CA LYS A 200 28.06 23.38 -59.84
C LYS A 200 29.46 23.68 -59.30
N PRO A 201 30.38 24.12 -60.17
CA PRO A 201 31.72 24.47 -59.69
C PRO A 201 31.76 25.77 -58.89
N ILE A 202 32.97 26.20 -58.50
CA ILE A 202 33.13 27.37 -57.66
C ILE A 202 32.75 28.64 -58.41
N LEU A 203 33.21 28.76 -59.66
CA LEU A 203 32.91 29.94 -60.45
C LEU A 203 31.43 30.03 -60.79
N ALA A 204 30.77 28.87 -61.00
CA ALA A 204 29.34 28.88 -61.23
C ALA A 204 28.57 29.36 -60.01
N ALA A 205 28.99 28.94 -58.81
CA ALA A 205 28.35 29.43 -57.58
C ALA A 205 28.60 30.92 -57.38
N LEU A 206 29.81 31.38 -57.70
CA LEU A 206 30.12 32.81 -57.60
C LEU A 206 29.26 33.62 -58.56
N GLY A 207 29.11 33.14 -59.80
CA GLY A 207 28.23 33.82 -60.74
C GLY A 207 26.77 33.78 -60.35
N ASP A 208 26.33 32.68 -59.73
CA ASP A 208 24.96 32.59 -59.25
C ASP A 208 24.69 33.57 -58.12
N HIS A 209 25.65 33.73 -57.21
CA HIS A 209 25.49 34.74 -56.15
C HIS A 209 25.63 36.15 -56.70
N LEU A 210 26.38 36.32 -57.79
CA LEU A 210 26.51 37.65 -58.39
C LEU A 210 25.24 38.05 -59.12
N SER A 211 24.58 37.10 -59.78
CA SER A 211 23.39 37.41 -60.57
C SER A 211 22.17 37.63 -59.69
N SER A 212 21.75 36.60 -58.96
CA SER A 212 20.59 36.65 -58.08
C SER A 212 20.99 36.13 -56.71
N PRO A 213 21.62 36.97 -55.87
CA PRO A 213 22.03 36.51 -54.54
C PRO A 213 20.87 36.11 -53.64
N PHE A 214 19.73 36.78 -53.74
CA PHE A 214 18.58 36.44 -52.91
C PHE A 214 17.89 35.17 -53.37
N PHE A 215 18.02 34.82 -54.64
CA PHE A 215 17.41 33.61 -55.17
C PHE A 215 18.37 32.43 -55.28
N ASN A 216 19.68 32.68 -55.20
CA ASN A 216 20.69 31.63 -55.31
C ASN A 216 21.71 31.81 -54.19
N ASN A 217 21.50 31.12 -53.08
CA ASN A 217 22.46 31.10 -51.98
C ASN A 217 22.35 29.75 -51.27
N PHE A 218 22.96 29.65 -50.09
CA PHE A 218 22.94 28.39 -49.35
C PHE A 218 21.58 28.11 -48.72
N ALA A 219 20.75 29.13 -48.55
CA ALA A 219 19.43 28.94 -47.95
C ALA A 219 18.38 28.48 -48.95
N THR A 220 18.64 28.60 -50.25
CA THR A 220 17.67 28.21 -51.27
C THR A 220 17.75 26.74 -51.65
N ASN A 221 18.90 26.08 -51.43
CA ASN A 221 19.01 24.67 -51.75
C ASN A 221 18.21 23.82 -50.77
N GLY A 222 18.09 24.26 -49.53
CA GLY A 222 17.30 23.54 -48.54
C GLY A 222 18.03 22.39 -47.86
N VAL A 223 19.32 22.24 -48.07
CA VAL A 223 20.08 21.16 -47.47
C VAL A 223 21.06 21.65 -46.40
N SER A 224 21.50 22.91 -46.45
CA SER A 224 22.41 23.41 -45.42
C SER A 224 21.68 23.66 -44.12
N VAL A 225 20.45 24.18 -44.19
CA VAL A 225 19.60 24.40 -43.04
C VAL A 225 18.35 23.53 -43.21
N PRO A 226 17.93 22.78 -42.21
CA PRO A 226 16.75 21.92 -42.37
C PRO A 226 15.47 22.75 -42.40
N GLY A 227 14.64 22.50 -43.41
CA GLY A 227 13.38 23.20 -43.56
C GLY A 227 13.50 24.67 -43.86
N LEU A 228 14.49 25.05 -44.67
CA LEU A 228 14.76 26.44 -45.07
C LEU A 228 14.93 27.38 -43.87
N ALA B 41 60.99 -55.01 -3.49
CA ALA B 41 60.02 -55.87 -4.15
C ALA B 41 60.72 -56.83 -5.10
N GLY B 42 61.88 -57.33 -4.68
CA GLY B 42 62.67 -58.21 -5.53
C GLY B 42 63.50 -57.45 -6.54
N ARG B 43 64.68 -57.98 -6.89
CA ARG B 43 65.52 -57.29 -7.87
C ARG B 43 64.90 -57.32 -9.26
N GLU B 44 64.15 -58.38 -9.59
CA GLU B 44 63.42 -58.42 -10.84
C GLU B 44 62.10 -57.68 -10.70
N MET B 45 61.84 -56.77 -11.63
CA MET B 45 60.70 -55.87 -11.55
C MET B 45 59.71 -56.17 -12.65
N TRP B 46 58.54 -55.51 -12.57
CA TRP B 46 57.53 -55.69 -13.60
C TRP B 46 57.90 -54.96 -14.89
N TYR B 47 58.63 -53.86 -14.80
CA TYR B 47 59.28 -53.26 -15.95
C TYR B 47 60.69 -52.84 -15.53
N PRO B 48 61.65 -52.82 -16.46
CA PRO B 48 63.04 -52.48 -16.10
C PRO B 48 63.14 -51.03 -15.62
N GLY B 49 63.69 -50.86 -14.43
CA GLY B 49 63.82 -49.56 -13.82
C GLY B 49 62.75 -49.19 -12.83
N ALA B 50 61.85 -50.11 -12.48
CA ALA B 50 60.77 -49.80 -11.56
C ALA B 50 61.28 -49.67 -10.13
N THR B 51 60.63 -48.79 -9.37
CA THR B 51 60.88 -48.59 -7.95
C THR B 51 59.81 -49.29 -7.13
N PRO B 52 60.19 -49.97 -6.05
CA PRO B 52 59.21 -50.71 -5.26
C PRO B 52 58.30 -49.76 -4.50
N PRO B 53 57.03 -50.13 -4.33
CA PRO B 53 56.15 -49.35 -3.45
C PRO B 53 56.62 -49.43 -2.00
N PRO B 54 56.33 -48.40 -1.20
CA PRO B 54 56.79 -48.42 0.21
C PRO B 54 56.23 -49.57 1.02
N HIS B 55 54.96 -49.94 0.80
CA HIS B 55 54.40 -51.08 1.51
C HIS B 55 54.88 -52.40 0.90
N LEU B 56 55.29 -52.38 -0.36
CA LEU B 56 55.67 -53.59 -1.08
C LEU B 56 57.19 -53.76 -1.04
N ASP B 57 57.69 -54.09 0.15
CA ASP B 57 59.13 -54.16 0.37
C ASP B 57 59.77 -55.39 -0.27
N GLY B 58 59.03 -56.48 -0.41
CA GLY B 58 59.57 -57.71 -0.94
C GLY B 58 59.81 -58.80 0.08
N SER B 59 59.29 -58.67 1.30
CA SER B 59 59.44 -59.71 2.31
C SER B 59 58.74 -61.00 1.89
N MET B 60 57.54 -60.89 1.33
CA MET B 60 56.83 -62.05 0.82
C MET B 60 57.26 -62.35 -0.61
N LEU B 61 57.12 -63.61 -0.99
CA LEU B 61 57.64 -64.10 -2.27
C LEU B 61 56.75 -63.66 -3.43
N GLY B 62 57.25 -63.91 -4.63
CA GLY B 62 56.51 -63.60 -5.84
C GLY B 62 56.39 -62.13 -6.16
N ASP B 63 57.22 -61.28 -5.55
CA ASP B 63 57.08 -59.85 -5.68
C ASP B 63 57.84 -59.33 -6.90
N TYR B 64 57.17 -58.51 -7.71
CA TYR B 64 57.77 -57.93 -8.89
C TYR B 64 57.54 -56.41 -8.97
N GLY B 65 57.02 -55.80 -7.92
CA GLY B 65 56.76 -54.37 -7.92
C GLY B 65 55.52 -53.94 -8.67
N PHE B 66 54.71 -54.88 -9.16
CA PHE B 66 53.52 -54.56 -9.94
C PHE B 66 52.38 -54.26 -8.97
N ASP B 67 52.27 -52.98 -8.59
CA ASP B 67 51.16 -52.52 -7.76
C ASP B 67 50.82 -51.08 -8.14
N PRO B 68 50.13 -50.89 -9.27
CA PRO B 68 49.75 -49.51 -9.63
C PRO B 68 48.62 -48.97 -8.78
N LEU B 69 47.62 -49.80 -8.47
CA LEU B 69 46.48 -49.37 -7.69
C LEU B 69 46.70 -49.51 -6.19
N ARG B 70 47.60 -50.42 -5.79
CA ARG B 70 47.97 -50.66 -4.40
C ARG B 70 46.76 -51.05 -3.55
N LEU B 71 46.17 -52.19 -3.91
CA LEU B 71 45.09 -52.76 -3.11
C LEU B 71 45.59 -53.21 -1.74
N GLY B 72 46.81 -53.72 -1.68
CA GLY B 72 47.31 -54.37 -0.48
C GLY B 72 48.14 -53.49 0.45
N THR B 73 47.69 -52.26 0.69
CA THR B 73 48.40 -51.37 1.60
C THR B 73 48.06 -51.66 3.06
N ASN B 74 48.17 -52.93 3.46
CA ASN B 74 47.92 -53.44 4.80
C ASN B 74 48.45 -54.86 4.84
N PRO B 75 49.14 -55.28 5.92
CA PRO B 75 49.71 -56.63 5.92
C PRO B 75 48.67 -57.74 5.93
N ASP B 76 47.60 -57.59 6.71
CA ASP B 76 46.52 -58.57 6.71
C ASP B 76 45.81 -58.60 5.35
N ARG B 77 45.57 -57.41 4.77
CA ARG B 77 44.97 -57.34 3.45
C ARG B 77 45.89 -57.97 2.39
N LEU B 78 47.20 -57.70 2.50
CA LEU B 78 48.15 -58.26 1.55
C LEU B 78 48.21 -59.79 1.63
N LYS B 79 48.21 -60.34 2.86
CA LYS B 79 48.27 -61.80 2.97
C LYS B 79 46.95 -62.45 2.57
N TRP B 80 45.81 -61.81 2.82
CA TRP B 80 44.55 -62.33 2.31
C TRP B 80 44.52 -62.31 0.78
N PHE B 81 45.05 -61.24 0.18
CA PHE B 81 45.08 -61.17 -1.28
C PHE B 81 46.07 -62.18 -1.86
N ARG B 82 47.15 -62.48 -1.15
CA ARG B 82 48.05 -63.55 -1.56
C ARG B 82 47.35 -64.91 -1.51
N GLU B 83 46.58 -65.17 -0.45
CA GLU B 83 45.82 -66.41 -0.37
C GLU B 83 44.79 -66.52 -1.49
N ALA B 84 44.10 -65.41 -1.77
CA ALA B 84 43.10 -65.40 -2.84
C ALA B 84 43.74 -65.58 -4.21
N GLU B 85 44.90 -64.96 -4.43
CA GLU B 85 45.64 -65.13 -5.67
C GLU B 85 46.07 -66.59 -5.84
N LEU B 86 46.55 -67.20 -4.75
CA LEU B 86 46.95 -68.60 -4.80
C LEU B 86 45.78 -69.51 -5.14
N MET B 87 44.60 -69.24 -4.55
CA MET B 87 43.44 -70.10 -4.84
C MET B 87 42.93 -69.90 -6.26
N ASN B 88 42.81 -68.64 -6.72
CA ASN B 88 42.38 -68.42 -8.10
C ASN B 88 43.37 -69.00 -9.09
N GLY B 89 44.67 -68.93 -8.77
CA GLY B 89 45.67 -69.56 -9.62
C GLY B 89 45.60 -71.08 -9.62
N ARG B 90 45.33 -71.68 -8.46
CA ARG B 90 45.21 -73.14 -8.39
C ARG B 90 44.00 -73.63 -9.17
N TRP B 91 42.86 -72.95 -9.02
CA TRP B 91 41.67 -73.30 -9.80
C TRP B 91 41.90 -73.04 -11.28
N ALA B 92 42.67 -72.00 -11.61
CA ALA B 92 43.02 -71.75 -13.00
C ALA B 92 43.88 -72.87 -13.58
N MET B 93 44.85 -73.37 -12.80
CA MET B 93 45.68 -74.49 -13.25
C MET B 93 44.83 -75.73 -13.48
N ALA B 94 43.90 -76.01 -12.55
CA ALA B 94 43.03 -77.16 -12.69
C ALA B 94 42.14 -77.03 -13.92
N ALA B 95 41.56 -75.85 -14.14
CA ALA B 95 40.70 -75.64 -15.29
C ALA B 95 41.47 -75.72 -16.60
N VAL B 96 42.69 -75.16 -16.64
CA VAL B 96 43.48 -75.17 -17.86
C VAL B 96 43.93 -76.59 -18.21
N VAL B 97 44.37 -77.37 -17.21
CA VAL B 97 44.79 -78.73 -17.52
C VAL B 97 43.57 -79.60 -17.87
N GLY B 98 42.40 -79.32 -17.29
CA GLY B 98 41.20 -80.03 -17.70
C GLY B 98 40.78 -79.72 -19.12
N ILE B 99 40.85 -78.45 -19.52
CA ILE B 99 40.52 -78.07 -20.89
C ILE B 99 41.53 -78.67 -21.87
N LEU B 100 42.81 -78.67 -21.52
CA LEU B 100 43.82 -79.27 -22.38
C LEU B 100 43.58 -80.77 -22.56
N PHE B 101 43.27 -81.47 -21.47
CA PHE B 101 43.01 -82.91 -21.56
C PHE B 101 41.75 -83.19 -22.38
N THR B 102 40.66 -82.43 -22.14
CA THR B 102 39.41 -82.70 -22.83
C THR B 102 39.51 -82.34 -24.31
N ASP B 103 40.29 -81.31 -24.67
CA ASP B 103 40.50 -81.01 -26.08
C ASP B 103 41.43 -82.01 -26.75
N LEU B 104 42.38 -82.57 -25.99
CA LEU B 104 43.26 -83.59 -26.56
C LEU B 104 42.51 -84.89 -26.82
N VAL B 105 41.64 -85.29 -25.90
CA VAL B 105 40.94 -86.57 -26.07
C VAL B 105 39.75 -86.48 -27.00
N GLY B 106 39.32 -85.27 -27.38
CA GLY B 106 38.23 -85.11 -28.31
C GLY B 106 36.86 -84.83 -27.71
N LEU B 107 36.79 -84.59 -26.41
CA LEU B 107 35.52 -84.23 -25.79
C LEU B 107 35.10 -82.84 -26.28
N PRO B 108 33.77 -82.58 -26.38
CA PRO B 108 33.33 -81.35 -27.08
C PRO B 108 33.58 -80.07 -26.31
N LYS B 109 33.10 -78.96 -26.85
CA LYS B 109 33.52 -77.64 -26.40
C LYS B 109 32.99 -77.35 -25.00
N TRP B 110 33.84 -76.72 -24.18
CA TRP B 110 33.57 -76.58 -22.75
C TRP B 110 32.46 -75.57 -22.45
N TRP B 111 32.38 -74.48 -23.22
CA TRP B 111 31.30 -73.52 -22.98
C TRP B 111 29.96 -74.05 -23.45
N GLU B 112 29.94 -75.01 -24.36
CA GLU B 112 28.73 -75.72 -24.75
C GLU B 112 28.53 -77.01 -23.97
N ALA B 113 29.45 -77.34 -23.06
CA ALA B 113 29.32 -78.58 -22.30
C ALA B 113 28.26 -78.50 -21.22
N GLY B 114 27.84 -77.29 -20.83
CA GLY B 114 26.79 -77.15 -19.84
C GLY B 114 25.42 -77.54 -20.36
N ALA B 115 25.21 -77.47 -21.67
CA ALA B 115 23.94 -77.87 -22.29
C ALA B 115 23.89 -79.35 -22.60
N GLN B 116 24.99 -80.07 -22.45
CA GLN B 116 24.99 -81.51 -22.67
C GLN B 116 24.23 -82.22 -21.55
N THR B 117 23.73 -83.42 -21.88
CA THR B 117 23.02 -84.22 -20.90
C THR B 117 24.03 -85.00 -20.06
N TYR B 118 23.66 -85.26 -18.80
CA TYR B 118 24.51 -85.98 -17.87
C TYR B 118 23.66 -86.81 -16.92
N PRO B 119 24.20 -87.88 -16.37
CA PRO B 119 23.55 -88.54 -15.24
C PRO B 119 23.55 -87.62 -14.03
N ILE B 120 22.55 -87.83 -13.16
CA ILE B 120 22.25 -87.04 -11.94
C ILE B 120 21.78 -85.65 -12.31
N ASP B 121 20.66 -85.23 -11.74
CA ASP B 121 20.03 -83.96 -12.09
C ASP B 121 20.92 -82.77 -11.70
N ASN B 122 20.81 -81.70 -12.48
CA ASN B 122 21.66 -80.53 -12.28
C ASN B 122 21.35 -79.82 -10.98
N GLN B 123 20.07 -79.79 -10.58
CA GLN B 123 19.69 -79.11 -9.33
C GLN B 123 20.29 -79.82 -8.12
N THR B 124 20.14 -81.14 -8.04
CA THR B 124 20.76 -81.86 -6.94
C THR B 124 22.27 -81.93 -7.07
N LEU B 125 22.82 -81.79 -8.28
CA LEU B 125 24.27 -81.66 -8.44
C LEU B 125 24.77 -80.37 -7.79
N LEU B 126 24.07 -79.26 -8.05
CA LEU B 126 24.42 -78.01 -7.40
C LEU B 126 24.21 -78.09 -5.90
N ILE B 127 23.18 -78.81 -5.46
CA ILE B 127 22.90 -78.96 -4.04
C ILE B 127 24.04 -79.70 -3.34
N ILE B 128 24.47 -80.83 -3.91
CA ILE B 128 25.55 -81.59 -3.28
C ILE B 128 26.88 -80.88 -3.39
N GLU B 129 27.09 -80.10 -4.47
CA GLU B 129 28.31 -79.30 -4.57
C GLU B 129 28.36 -78.23 -3.48
N ILE B 130 27.23 -77.53 -3.26
CA ILE B 130 27.16 -76.53 -2.20
C ILE B 130 27.33 -77.19 -0.84
N ALA B 131 26.75 -78.38 -0.65
CA ALA B 131 26.84 -79.08 0.62
C ALA B 131 28.28 -79.50 0.93
N VAL B 132 29.00 -80.04 -0.05
CA VAL B 132 30.38 -80.45 0.20
C VAL B 132 31.30 -79.24 0.33
N PHE B 133 31.00 -78.15 -0.37
CA PHE B 133 31.86 -76.98 -0.27
C PHE B 133 31.63 -76.21 1.02
N SER B 134 30.42 -76.28 1.58
CA SER B 134 30.15 -75.65 2.87
C SER B 134 30.94 -76.29 4.00
N PHE B 135 31.50 -77.47 3.79
CA PHE B 135 32.43 -78.11 4.70
C PHE B 135 33.89 -77.90 4.29
N LEU B 136 34.19 -78.02 2.99
CA LEU B 136 35.56 -77.87 2.52
C LEU B 136 36.10 -76.45 2.74
N GLU B 137 35.35 -75.44 2.26
CA GLU B 137 35.76 -74.07 2.46
C GLU B 137 35.71 -73.66 3.93
N SER B 138 34.84 -74.28 4.72
CA SER B 138 34.82 -74.01 6.16
C SER B 138 36.10 -74.48 6.83
N LYS B 139 36.52 -75.72 6.52
CA LYS B 139 37.78 -76.23 7.05
C LYS B 139 38.95 -75.40 6.57
N ARG B 140 38.93 -74.98 5.31
CA ARG B 140 39.99 -74.13 4.78
C ARG B 140 40.06 -72.80 5.50
N TYR B 141 38.91 -72.17 5.74
CA TYR B 141 38.89 -70.87 6.41
C TYR B 141 39.34 -70.99 7.86
N GLU B 142 38.92 -72.05 8.56
CA GLU B 142 39.37 -72.25 9.94
C GLU B 142 40.88 -72.51 9.98
N GLY B 143 41.39 -73.32 9.04
CA GLY B 143 42.82 -73.58 9.01
C GLY B 143 43.64 -72.35 8.67
N TYR B 144 43.13 -71.51 7.77
CA TYR B 144 43.79 -70.23 7.48
C TYR B 144 43.74 -69.30 8.67
N LYS B 145 42.65 -69.36 9.45
CA LYS B 145 42.58 -68.55 10.66
C LYS B 145 43.59 -69.00 11.71
N LYS B 146 43.77 -70.32 11.87
CA LYS B 146 44.66 -70.80 12.91
C LYS B 146 46.10 -70.95 12.45
N THR B 147 46.34 -71.27 11.18
CA THR B 147 47.69 -71.47 10.66
C THR B 147 48.06 -70.47 9.57
N GLY B 148 47.17 -70.26 8.59
CA GLY B 148 47.47 -69.42 7.45
C GLY B 148 47.79 -70.17 6.17
N GLY B 149 48.01 -71.48 6.25
CA GLY B 149 48.28 -72.27 5.07
C GLY B 149 47.03 -72.65 4.31
N THR B 150 47.23 -73.05 3.06
CA THR B 150 46.14 -73.47 2.18
C THR B 150 46.00 -74.99 2.17
N GLY B 151 45.62 -75.53 3.33
CA GLY B 151 45.48 -76.96 3.50
C GLY B 151 44.17 -77.49 2.94
N PHE B 152 43.96 -78.79 3.17
CA PHE B 152 42.78 -79.49 2.67
C PHE B 152 42.26 -80.45 3.73
N ALA B 153 40.94 -80.47 3.89
CA ALA B 153 40.20 -81.40 4.75
C ALA B 153 40.68 -81.22 6.19
N PHE B 154 41.21 -82.25 6.85
CA PHE B 154 41.64 -82.17 8.23
C PHE B 154 43.15 -82.05 8.39
N PHE B 155 43.90 -81.98 7.29
CA PHE B 155 45.35 -81.92 7.32
C PHE B 155 45.79 -80.52 6.92
N PHE B 156 46.29 -79.76 7.89
CA PHE B 156 46.76 -78.40 7.65
C PHE B 156 48.18 -78.26 8.17
N PRO B 157 49.19 -78.18 7.29
CA PRO B 157 49.10 -78.22 5.82
C PRO B 157 48.97 -79.62 5.26
N PHE B 158 48.26 -79.78 4.13
CA PHE B 158 48.08 -81.08 3.49
C PHE B 158 49.31 -81.35 2.61
N ASP B 159 50.39 -81.76 3.26
CA ASP B 159 51.65 -82.07 2.59
C ASP B 159 52.12 -83.44 3.09
N PRO B 160 51.57 -84.52 2.54
CA PRO B 160 51.92 -85.86 3.06
C PRO B 160 53.35 -86.28 2.75
N MET B 161 53.83 -86.05 1.53
CA MET B 161 55.16 -86.52 1.16
C MET B 161 56.24 -85.47 1.40
N GLY B 162 55.88 -84.19 1.49
CA GLY B 162 56.75 -83.22 2.11
C GLY B 162 57.91 -82.63 1.33
N MET B 163 57.63 -81.88 0.27
CA MET B 163 58.66 -81.11 -0.44
C MET B 163 58.40 -79.60 -0.29
N ARG B 164 58.01 -79.18 0.90
CA ARG B 164 57.69 -77.79 1.15
C ARG B 164 58.97 -76.95 1.18
N SER B 165 59.10 -76.03 0.23
CA SER B 165 60.23 -75.12 0.16
C SER B 165 59.81 -73.89 -0.64
N GLN B 166 60.48 -72.77 -0.37
CA GLN B 166 60.02 -71.47 -0.85
C GLN B 166 60.03 -71.38 -2.37
N ASP B 167 61.00 -72.03 -3.01
CA ASP B 167 61.03 -72.04 -4.47
C ASP B 167 59.86 -72.80 -5.07
N LYS B 168 59.35 -73.81 -4.35
CA LYS B 168 58.20 -74.57 -4.83
C LYS B 168 56.95 -73.67 -4.89
N GLU B 169 56.70 -72.89 -3.84
CA GLU B 169 55.55 -71.98 -3.91
C GLU B 169 55.81 -70.81 -4.84
N LEU B 170 57.08 -70.43 -5.05
CA LEU B 170 57.37 -69.41 -6.06
C LEU B 170 57.00 -69.91 -7.46
N LYS B 171 57.40 -71.14 -7.79
CA LYS B 171 57.04 -71.74 -9.06
C LYS B 171 55.53 -71.94 -9.16
N GLU B 172 54.88 -72.33 -8.06
CA GLU B 172 53.43 -72.51 -8.08
C GLU B 172 52.72 -71.19 -8.33
N LEU B 173 53.18 -70.10 -7.72
CA LEU B 173 52.55 -68.80 -7.95
C LEU B 173 52.75 -68.33 -9.38
N LYS B 174 53.95 -68.53 -9.94
CA LYS B 174 54.19 -68.16 -11.34
C LYS B 174 53.32 -68.96 -12.29
N ASN B 175 53.27 -70.28 -12.11
CA ASN B 175 52.43 -71.13 -12.96
C ASN B 175 50.96 -70.80 -12.77
N GLY B 176 50.56 -70.44 -11.55
CA GLY B 176 49.18 -70.06 -11.31
C GLY B 176 48.78 -68.79 -12.04
N ARG B 177 49.62 -67.76 -11.95
CA ARG B 177 49.33 -66.51 -12.67
C ARG B 177 49.29 -66.75 -14.17
N LEU B 178 50.23 -67.53 -14.70
CA LEU B 178 50.19 -67.91 -16.11
C LEU B 178 48.92 -68.69 -16.43
N ALA B 179 48.40 -69.46 -15.47
CA ALA B 179 47.19 -70.23 -15.72
C ALA B 179 45.94 -69.37 -15.77
N MET B 180 45.85 -68.35 -14.92
CA MET B 180 44.70 -67.45 -15.04
C MET B 180 44.78 -66.59 -16.30
N LEU B 181 46.00 -66.19 -16.71
CA LEU B 181 46.14 -65.57 -18.02
C LEU B 181 45.71 -66.51 -19.14
N ALA B 182 46.08 -67.79 -19.04
CA ALA B 182 45.69 -68.78 -20.03
C ALA B 182 44.18 -68.99 -20.04
N PHE B 183 43.54 -68.99 -18.88
CA PHE B 183 42.10 -69.19 -18.83
C PHE B 183 41.34 -67.99 -19.38
N LEU B 184 41.86 -66.78 -19.12
CA LEU B 184 41.28 -65.59 -19.76
C LEU B 184 41.41 -65.66 -21.27
N GLY B 185 42.58 -66.11 -21.75
CA GLY B 185 42.74 -66.32 -23.19
C GLY B 185 41.84 -67.40 -23.74
N PHE B 186 41.58 -68.45 -22.96
CA PHE B 186 40.67 -69.53 -23.37
C PHE B 186 39.25 -69.01 -23.49
N ALA B 187 38.82 -68.19 -22.53
CA ALA B 187 37.49 -67.58 -22.61
C ALA B 187 37.39 -66.64 -23.80
N SER B 188 38.45 -65.87 -24.07
CA SER B 188 38.46 -64.96 -25.21
C SER B 188 38.37 -65.73 -26.53
N THR B 189 39.14 -66.80 -26.66
CA THR B 189 39.13 -67.58 -27.90
C THR B 189 37.89 -68.46 -28.01
N ALA B 190 37.18 -68.70 -26.91
CA ALA B 190 35.85 -69.28 -27.00
C ALA B 190 34.82 -68.24 -27.44
N ALA B 191 35.03 -66.98 -27.05
CA ALA B 191 34.08 -65.93 -27.41
C ALA B 191 34.20 -65.52 -28.87
N VAL B 192 35.37 -65.05 -29.28
CA VAL B 192 35.48 -64.46 -30.62
C VAL B 192 35.92 -65.50 -31.65
N ASN B 193 36.91 -66.34 -31.34
CA ASN B 193 37.34 -67.35 -32.32
C ASN B 193 36.31 -68.47 -32.43
N GLY B 194 35.66 -68.82 -31.33
CA GLY B 194 34.70 -69.90 -31.35
C GLY B 194 35.31 -71.28 -31.46
N GLN B 195 36.58 -71.42 -31.11
CA GLN B 195 37.29 -72.69 -31.22
C GLN B 195 38.06 -72.93 -29.92
N GLY B 196 38.53 -74.17 -29.77
CA GLY B 196 39.29 -74.55 -28.60
C GLY B 196 40.71 -74.04 -28.65
N PRO B 197 41.43 -74.23 -27.53
CA PRO B 197 42.84 -73.83 -27.49
C PRO B 197 43.72 -74.53 -28.52
N ILE B 198 43.46 -75.83 -28.76
CA ILE B 198 44.25 -76.57 -29.73
C ILE B 198 43.99 -76.07 -31.14
N GLU B 199 42.73 -75.78 -31.46
CA GLU B 199 42.39 -75.24 -32.78
C GLU B 199 42.96 -73.84 -32.95
N SER B 200 42.95 -73.02 -31.88
CA SER B 200 43.55 -71.69 -31.95
C SER B 200 45.05 -71.78 -32.17
N LEU B 201 45.72 -72.71 -31.50
CA LEU B 201 47.15 -72.91 -31.72
C LEU B 201 47.43 -73.40 -33.14
N GLN B 202 46.56 -74.28 -33.66
CA GLN B 202 46.71 -74.75 -35.03
C GLN B 202 46.54 -73.62 -36.04
N THR B 203 45.59 -72.71 -35.79
CA THR B 203 45.43 -71.57 -36.67
C THR B 203 46.60 -70.59 -36.56
N HIS B 204 47.19 -70.44 -35.37
CA HIS B 204 48.38 -69.61 -35.25
C HIS B 204 49.56 -70.23 -35.98
N LEU B 205 49.70 -71.55 -35.93
CA LEU B 205 50.79 -72.21 -36.66
C LEU B 205 50.55 -72.24 -38.17
N ALA B 206 49.29 -72.21 -38.61
CA ALA B 206 49.00 -72.28 -40.04
C ALA B 206 49.37 -70.96 -40.73
N ASP B 207 49.01 -69.83 -40.12
CA ASP B 207 49.30 -68.52 -40.70
C ASP B 207 49.41 -67.52 -39.56
N PRO B 208 50.58 -67.39 -38.93
CA PRO B 208 50.71 -66.50 -37.78
C PRO B 208 50.63 -65.01 -38.14
N ALA B 209 50.81 -64.66 -39.41
CA ALA B 209 50.78 -63.25 -39.79
C ALA B 209 49.37 -62.68 -39.75
N HIS B 210 48.36 -63.49 -40.05
CA HIS B 210 46.99 -63.00 -40.14
C HIS B 210 46.03 -63.67 -39.16
N ASN B 211 46.44 -64.73 -38.47
CA ASN B 211 45.60 -65.40 -37.49
C ASN B 211 46.14 -65.07 -36.10
N ASN B 212 45.66 -63.96 -35.54
CA ASN B 212 46.05 -63.53 -34.21
C ASN B 212 44.93 -62.70 -33.61
N ILE B 213 45.19 -62.15 -32.42
CA ILE B 213 44.21 -61.29 -31.77
C ILE B 213 44.02 -59.99 -32.54
N PHE B 214 45.08 -59.47 -33.15
CA PHE B 214 45.06 -58.13 -33.71
C PHE B 214 44.38 -58.05 -35.06
N THR B 215 44.13 -59.19 -35.72
CA THR B 215 43.40 -59.21 -36.98
C THR B 215 41.95 -59.64 -36.80
N SER B 216 41.48 -59.78 -35.56
CA SER B 216 40.13 -60.20 -35.26
C SER B 216 39.24 -58.98 -35.02
N SER B 217 38.01 -59.23 -34.54
CA SER B 217 37.09 -58.13 -34.26
C SER B 217 37.52 -57.34 -33.02
N VAL B 218 38.35 -57.94 -32.17
CA VAL B 218 38.87 -57.26 -30.98
C VAL B 218 40.29 -56.81 -31.27
N GLY B 219 40.61 -56.61 -32.55
CA GLY B 219 41.99 -56.36 -32.94
C GLY B 219 42.47 -54.97 -32.57
N LYS B 220 41.78 -53.94 -33.07
CA LYS B 220 42.22 -52.57 -32.86
C LYS B 220 42.11 -52.15 -31.40
N GLU B 221 41.11 -52.67 -30.68
CA GLU B 221 41.02 -52.42 -29.24
C GLU B 221 42.21 -53.03 -28.51
N SER B 222 42.64 -54.23 -28.92
CA SER B 222 43.83 -54.83 -28.32
C SER B 222 45.08 -54.05 -28.66
N CYS B 223 45.16 -53.51 -29.89
CA CYS B 223 46.28 -52.67 -30.27
C CYS B 223 46.33 -51.40 -29.41
N VAL B 224 45.17 -50.78 -29.18
CA VAL B 224 45.11 -49.60 -28.32
C VAL B 224 45.51 -49.95 -26.89
N PHE B 225 45.03 -51.08 -26.38
CA PHE B 225 45.36 -51.49 -25.01
C PHE B 225 46.84 -51.77 -24.86
N VAL B 226 47.46 -52.44 -25.83
CA VAL B 226 48.88 -52.74 -25.71
C VAL B 226 49.72 -51.48 -25.95
N ALA B 227 49.22 -50.52 -26.73
CA ALA B 227 49.88 -49.23 -26.84
C ALA B 227 49.86 -48.48 -25.51
N VAL B 228 48.72 -48.50 -24.84
CA VAL B 228 48.59 -47.86 -23.53
C VAL B 228 49.49 -48.56 -22.52
N LEU B 229 49.55 -49.89 -22.57
CA LEU B 229 50.42 -50.64 -21.67
C LEU B 229 51.90 -50.45 -21.96
N SER B 230 52.26 -50.15 -23.21
CA SER B 230 53.66 -49.83 -23.53
C SER B 230 54.03 -48.43 -23.06
N ILE B 231 53.13 -47.47 -23.23
CA ILE B 231 53.35 -46.11 -22.73
C ILE B 231 53.33 -46.05 -21.19
N LEU B 232 52.58 -46.95 -20.55
CA LEU B 232 52.29 -46.83 -19.12
C LEU B 232 53.51 -46.83 -18.20
N PRO B 233 54.52 -47.70 -18.33
CA PRO B 233 55.68 -47.58 -17.43
C PRO B 233 56.46 -46.29 -17.63
N MET B 234 56.41 -45.71 -18.83
CA MET B 234 57.22 -44.54 -19.11
C MET B 234 56.60 -43.29 -18.48
N LEU B 235 55.27 -43.22 -18.44
CA LEU B 235 54.60 -42.15 -17.70
C LEU B 235 54.89 -42.25 -16.21
N ILE B 236 54.96 -43.48 -15.68
CA ILE B 236 55.35 -43.69 -14.29
C ILE B 236 56.79 -43.23 -14.07
N GLU B 237 57.66 -43.51 -15.03
CA GLU B 237 59.06 -43.06 -14.95
C GLU B 237 59.15 -41.53 -14.96
N ALA B 238 58.34 -40.89 -15.80
CA ALA B 238 58.31 -39.43 -15.83
C ALA B 238 57.77 -38.86 -14.53
N ASN B 239 56.76 -39.50 -13.95
CA ASN B 239 56.23 -39.08 -12.66
C ASN B 239 57.28 -39.21 -11.56
N LYS B 240 58.07 -40.28 -11.60
CA LYS B 240 59.13 -40.46 -10.62
C LYS B 240 60.27 -39.47 -10.83
N ALA B 241 60.59 -39.15 -12.09
CA ALA B 241 61.69 -38.24 -12.36
C ALA B 241 61.35 -36.80 -12.00
N LEU B 242 60.15 -36.35 -12.39
CA LEU B 242 59.73 -35.00 -12.05
C LEU B 242 59.28 -34.87 -10.61
N GLY B 243 58.53 -35.85 -10.11
CA GLY B 243 58.24 -35.94 -8.69
C GLY B 243 59.38 -36.63 -7.97
N LYS B 244 60.48 -35.90 -7.79
CA LYS B 244 61.70 -36.49 -7.24
C LYS B 244 61.51 -36.96 -5.80
N GLY B 245 60.73 -36.22 -5.00
CA GLY B 245 60.45 -36.61 -3.65
C GLY B 245 58.96 -36.67 -3.37
N GLN B 246 58.54 -36.04 -2.28
CA GLN B 246 57.14 -35.98 -1.81
C GLN B 246 56.67 -37.42 -1.60
N GLU B 247 55.42 -37.75 -1.97
CA GLU B 247 54.96 -39.13 -1.90
C GLU B 247 54.52 -39.60 -3.29
N SER B 248 53.68 -38.80 -3.95
CA SER B 248 53.09 -39.08 -5.25
C SER B 248 52.39 -40.45 -5.26
N VAL B 249 51.74 -40.79 -4.17
CA VAL B 249 51.11 -42.11 -4.06
C VAL B 249 49.80 -42.10 -4.85
N PRO B 250 49.37 -43.23 -5.41
CA PRO B 250 48.06 -43.27 -6.08
C PRO B 250 46.94 -43.29 -5.05
N LEU B 251 46.21 -42.17 -4.96
CA LEU B 251 45.11 -42.02 -4.02
C LEU B 251 43.83 -42.50 -4.71
N PHE B 252 43.25 -43.57 -4.18
CA PHE B 252 42.13 -44.26 -4.78
C PHE B 252 41.14 -44.67 -3.70
N PRO B 253 39.88 -44.91 -4.07
CA PRO B 253 38.89 -45.31 -3.05
C PRO B 253 39.21 -46.63 -2.34
N TRP B 254 39.89 -47.57 -3.00
CA TRP B 254 40.07 -48.89 -2.41
C TRP B 254 41.18 -48.94 -1.37
N ASN B 255 41.95 -47.87 -1.19
CA ASN B 255 43.02 -47.86 -0.21
C ASN B 255 43.02 -46.51 0.51
N GLU B 256 43.52 -46.51 1.74
CA GLU B 256 43.55 -45.31 2.56
C GLU B 256 44.88 -44.58 2.51
N GLU B 257 45.59 -44.65 1.37
CA GLU B 257 46.84 -43.93 1.21
C GLU B 257 46.64 -42.43 1.02
N TRP B 258 45.41 -41.98 0.77
CA TRP B 258 45.14 -40.55 0.64
C TRP B 258 45.10 -39.83 1.98
N GLU B 259 45.10 -40.56 3.09
CA GLU B 259 45.09 -39.93 4.41
C GLU B 259 46.40 -39.20 4.69
N LYS B 260 47.52 -39.75 4.23
CA LYS B 260 48.82 -39.12 4.44
C LYS B 260 49.10 -38.00 3.46
N VAL B 261 48.27 -37.83 2.43
CA VAL B 261 48.48 -36.79 1.43
C VAL B 261 48.02 -35.44 1.97
N ASP C 90 -42.68 -1.22 56.98
CA ASP C 90 -42.19 0.10 57.38
C ASP C 90 -41.05 0.54 56.47
N PHE C 91 -39.82 0.46 57.00
CA PHE C 91 -38.65 0.86 56.23
C PHE C 91 -38.21 -0.28 55.32
N LEU C 92 -37.19 0.03 54.49
CA LEU C 92 -36.57 -0.89 53.54
C LEU C 92 -37.58 -1.38 52.52
N TYR C 93 -37.21 -2.38 51.72
CA TYR C 93 -38.09 -2.93 50.70
C TYR C 93 -37.73 -4.38 50.45
N VAL C 94 -38.31 -4.95 49.39
CA VAL C 94 -38.11 -6.37 49.10
C VAL C 94 -36.70 -6.62 48.59
N GLY C 95 -36.22 -5.78 47.67
CA GLY C 95 -34.87 -5.94 47.14
C GLY C 95 -33.82 -5.60 48.18
N SER C 96 -33.71 -4.30 48.50
CA SER C 96 -32.99 -3.76 49.65
C SER C 96 -31.59 -4.37 49.83
N ASP C 97 -30.74 -4.11 48.84
CA ASP C 97 -29.35 -4.57 48.90
C ASP C 97 -28.59 -3.89 50.03
N ALA C 98 -27.75 -4.67 50.70
CA ALA C 98 -26.83 -4.09 51.67
C ALA C 98 -25.69 -3.38 50.94
N ALA C 99 -24.96 -2.56 51.71
CA ALA C 99 -23.99 -1.59 51.20
C ALA C 99 -24.62 -0.59 50.22
N ALA C 100 -25.94 -0.46 50.27
CA ALA C 100 -26.68 0.55 49.53
C ALA C 100 -27.47 1.48 50.44
N LEU C 101 -27.86 0.99 51.62
CA LEU C 101 -28.47 1.82 52.64
C LEU C 101 -27.45 2.62 53.44
N LYS C 102 -26.16 2.37 53.24
CA LYS C 102 -25.12 3.09 53.95
C LYS C 102 -24.90 4.50 53.44
N TYR C 103 -25.40 4.84 52.25
CA TYR C 103 -25.27 6.19 51.73
C TYR C 103 -26.62 6.90 51.59
N LEU C 104 -27.68 6.35 52.14
CA LEU C 104 -28.98 7.01 52.14
C LEU C 104 -29.77 6.59 53.36
N ASP C 105 -30.14 7.58 54.19
CA ASP C 105 -30.93 7.30 55.38
C ASP C 105 -31.71 8.59 55.73
N GLY C 106 -32.97 8.64 55.30
CA GLY C 106 -33.84 9.75 55.64
C GLY C 106 -33.38 11.11 55.16
N THR C 107 -32.79 11.16 53.98
CA THR C 107 -32.28 12.42 53.42
C THR C 107 -33.04 12.87 52.19
N LEU C 108 -33.13 12.02 51.17
CA LEU C 108 -33.86 12.37 49.97
C LEU C 108 -35.37 12.30 50.22
N PRO C 109 -36.18 12.97 49.39
CA PRO C 109 -37.64 12.84 49.53
C PRO C 109 -38.17 11.43 49.30
N GLY C 110 -37.38 10.56 48.68
CA GLY C 110 -37.75 9.16 48.59
C GLY C 110 -37.08 8.38 49.71
N ASP C 111 -35.97 7.71 49.39
CA ASP C 111 -35.10 7.07 50.38
C ASP C 111 -35.84 5.98 51.16
N TYR C 112 -36.47 5.07 50.43
CA TYR C 112 -37.15 3.92 51.02
C TYR C 112 -36.25 2.69 51.08
N GLY C 113 -34.97 2.84 50.74
CA GLY C 113 -34.03 1.74 50.85
C GLY C 113 -34.07 0.75 49.72
N PHE C 114 -34.77 1.04 48.62
CA PHE C 114 -34.90 0.12 47.50
C PHE C 114 -33.86 0.49 46.44
N ASP C 115 -32.64 0.04 46.65
CA ASP C 115 -31.58 0.15 45.62
C ASP C 115 -30.90 -1.20 45.49
N PRO C 116 -31.54 -2.17 44.82
CA PRO C 116 -30.91 -3.49 44.68
C PRO C 116 -29.69 -3.47 43.79
N LEU C 117 -29.73 -2.72 42.69
CA LEU C 117 -28.58 -2.66 41.79
C LEU C 117 -27.52 -1.72 42.34
N GLY C 118 -27.92 -0.51 42.72
CA GLY C 118 -27.00 0.45 43.30
C GLY C 118 -26.52 1.48 42.30
N LEU C 119 -27.13 2.67 42.33
CA LEU C 119 -26.76 3.74 41.41
C LEU C 119 -26.63 5.09 42.10
N LEU C 120 -26.87 5.18 43.40
CA LEU C 120 -26.69 6.42 44.16
C LEU C 120 -25.44 6.39 45.03
N ASP C 121 -24.50 5.49 44.74
CA ASP C 121 -23.23 5.47 45.46
C ASP C 121 -22.43 6.72 45.11
N PRO C 122 -21.96 7.48 46.10
CA PRO C 122 -21.14 8.67 45.79
C PRO C 122 -19.80 8.33 45.15
N SER C 123 -19.32 7.09 45.28
CA SER C 123 -18.10 6.68 44.60
C SER C 123 -18.29 6.61 43.10
N VAL C 124 -19.52 6.40 42.63
CA VAL C 124 -19.81 6.42 41.21
C VAL C 124 -19.70 7.85 40.70
N SER C 125 -19.01 8.02 39.57
CA SER C 125 -18.76 9.32 38.92
C SER C 125 -18.04 10.27 39.88
N GLY C 126 -16.93 9.79 40.43
CA GLY C 126 -16.09 10.58 41.32
C GLY C 126 -14.98 11.27 40.55
N GLY C 127 -14.67 12.49 40.95
CA GLY C 127 -13.64 13.27 40.28
C GLY C 127 -13.96 14.74 40.17
N LYS C 128 -13.90 15.28 38.95
CA LYS C 128 -14.12 16.70 38.72
C LYS C 128 -15.02 16.88 37.51
N GLY C 129 -15.65 18.06 37.44
CA GLY C 129 -16.50 18.41 36.32
C GLY C 129 -17.89 17.84 36.44
N GLU C 130 -18.68 18.08 35.38
CA GLU C 130 -20.03 17.56 35.32
C GLU C 130 -20.03 16.04 35.23
N GLY C 131 -19.26 15.48 34.31
CA GLY C 131 -19.14 14.03 34.19
C GLY C 131 -20.33 13.37 33.53
N GLY C 132 -20.95 12.43 34.24
CA GLY C 132 -22.00 11.61 33.65
C GLY C 132 -23.37 11.76 34.28
N PHE C 133 -24.30 10.91 33.86
CA PHE C 133 -25.67 10.96 34.36
C PHE C 133 -25.89 10.09 35.60
N VAL C 134 -24.99 9.17 35.90
CA VAL C 134 -25.16 8.26 37.03
C VAL C 134 -24.57 8.96 38.25
N ASN C 135 -25.41 9.77 38.91
CA ASN C 135 -25.05 10.47 40.12
C ASN C 135 -26.35 10.77 40.87
N PRO C 136 -26.30 10.86 42.22
CA PRO C 136 -27.56 11.03 42.97
C PRO C 136 -28.34 12.29 42.63
N ARG C 137 -27.67 13.40 42.34
CA ARG C 137 -28.38 14.64 42.03
C ARG C 137 -29.18 14.51 40.73
N TRP C 138 -28.52 14.08 39.65
CA TRP C 138 -29.22 13.92 38.38
C TRP C 138 -30.22 12.79 38.42
N LEU C 139 -29.94 11.73 39.19
CA LEU C 139 -30.91 10.63 39.28
C LEU C 139 -32.17 11.06 40.02
N GLN C 140 -32.03 11.83 41.11
CA GLN C 140 -33.19 12.38 41.80
C GLN C 140 -33.94 13.38 40.91
N TYR C 141 -33.20 14.20 40.18
CA TYR C 141 -33.79 15.17 39.25
C TYR C 141 -34.62 14.47 38.17
N SER C 142 -34.04 13.45 37.52
CA SER C 142 -34.75 12.73 36.49
C SER C 142 -35.87 11.90 37.06
N GLU C 143 -35.74 11.41 38.30
CA GLU C 143 -36.82 10.65 38.92
C GLU C 143 -38.02 11.52 39.18
N VAL C 144 -37.82 12.74 39.72
CA VAL C 144 -38.97 13.59 39.98
C VAL C 144 -39.55 14.13 38.67
N ILE C 145 -38.72 14.35 37.65
CA ILE C 145 -39.24 14.83 36.36
C ILE C 145 -40.06 13.74 35.68
N HIS C 146 -39.51 12.51 35.63
CA HIS C 146 -40.26 11.34 35.15
C HIS C 146 -41.54 11.15 35.95
N ALA C 147 -41.49 11.38 37.27
CA ALA C 147 -42.65 11.23 38.11
C ALA C 147 -43.75 12.20 37.74
N ARG C 148 -43.43 13.50 37.64
CA ARG C 148 -44.44 14.50 37.32
C ARG C 148 -44.98 14.32 35.91
N TRP C 149 -44.11 13.95 34.96
CA TRP C 149 -44.59 13.65 33.62
C TRP C 149 -45.51 12.43 33.61
N ALA C 150 -45.23 11.45 34.48
CA ALA C 150 -46.12 10.30 34.59
C ALA C 150 -47.45 10.67 35.23
N MET C 151 -47.46 11.59 36.19
CA MET C 151 -48.72 12.08 36.75
C MET C 151 -49.55 12.76 35.67
N LEU C 152 -48.93 13.65 34.89
CA LEU C 152 -49.66 14.34 33.83
C LEU C 152 -50.16 13.37 32.78
N GLY C 153 -49.33 12.40 32.41
CA GLY C 153 -49.75 11.42 31.42
C GLY C 153 -50.86 10.51 31.91
N ALA C 154 -50.76 10.04 33.17
CA ALA C 154 -51.79 9.15 33.69
C ALA C 154 -53.09 9.89 33.93
N ALA C 155 -53.03 11.19 34.18
CA ALA C 155 -54.26 11.98 34.23
C ALA C 155 -54.85 12.16 32.84
N GLY C 156 -54.01 12.47 31.84
CA GLY C 156 -54.50 12.73 30.50
C GLY C 156 -54.93 11.51 29.73
N CYS C 157 -54.41 10.33 30.08
CA CYS C 157 -54.79 9.11 29.37
C CYS C 157 -56.16 8.61 29.78
N ILE C 158 -56.48 8.71 31.07
CA ILE C 158 -57.73 8.19 31.59
C ILE C 158 -58.80 9.27 31.76
N ALA C 159 -58.40 10.54 31.74
CA ALA C 159 -59.37 11.63 31.93
C ALA C 159 -60.50 11.69 30.90
N PRO C 160 -60.27 11.58 29.58
CA PRO C 160 -61.42 11.67 28.66
C PRO C 160 -62.31 10.44 28.69
N GLU C 161 -61.90 9.36 29.35
CA GLU C 161 -62.57 8.07 29.17
C GLU C 161 -63.83 7.95 30.02
N ILE C 162 -63.72 8.14 31.34
CA ILE C 162 -64.93 8.09 32.18
C ILE C 162 -65.84 9.26 31.85
N LEU C 163 -65.27 10.41 31.50
CA LEU C 163 -66.10 11.54 31.06
C LEU C 163 -66.79 11.26 29.73
N GLY C 164 -66.21 10.40 28.89
CA GLY C 164 -66.92 9.95 27.71
C GLY C 164 -67.97 8.90 28.01
N LYS C 165 -67.73 8.05 29.00
CA LYS C 165 -68.77 7.15 29.49
C LYS C 165 -69.92 7.94 30.09
N ALA C 166 -69.61 9.02 30.80
CA ALA C 166 -70.61 9.95 31.29
C ALA C 166 -70.92 10.97 30.20
N GLY C 167 -71.66 12.03 30.55
CA GLY C 167 -72.03 13.04 29.59
C GLY C 167 -71.23 14.33 29.71
N VAL C 168 -70.01 14.23 30.23
CA VAL C 168 -69.19 15.43 30.46
C VAL C 168 -68.64 15.94 29.14
N ILE C 169 -67.81 15.14 28.47
CA ILE C 169 -67.25 15.49 27.17
C ILE C 169 -68.02 14.68 26.13
N PRO C 170 -68.23 15.19 24.92
CA PRO C 170 -68.90 14.38 23.89
C PRO C 170 -68.08 13.16 23.51
N ALA C 171 -68.79 12.09 23.14
CA ALA C 171 -68.14 10.83 22.81
C ALA C 171 -67.38 10.88 21.50
N GLU C 172 -67.66 11.87 20.65
CA GLU C 172 -66.89 12.02 19.41
C GLU C 172 -65.44 12.38 19.71
N THR C 173 -65.21 13.27 20.68
CA THR C 173 -63.86 13.59 21.11
C THR C 173 -63.30 12.56 22.07
N ALA C 174 -64.15 11.85 22.79
CA ALA C 174 -63.72 10.85 23.76
C ALA C 174 -63.21 9.62 23.02
N VAL C 175 -61.89 9.51 22.89
CA VAL C 175 -61.24 8.41 22.21
C VAL C 175 -60.10 7.91 23.10
N ASP C 176 -59.63 6.70 22.81
CA ASP C 176 -58.53 6.12 23.56
C ASP C 176 -57.26 6.95 23.37
N TRP C 177 -56.41 6.94 24.40
CA TRP C 177 -55.28 7.86 24.46
C TRP C 177 -54.26 7.61 23.36
N PHE C 178 -54.16 6.39 22.87
CA PHE C 178 -53.24 6.07 21.78
C PHE C 178 -53.85 6.29 20.40
N ARG C 179 -55.14 6.65 20.33
CA ARG C 179 -55.81 6.93 19.08
C ARG C 179 -55.95 8.42 18.79
N THR C 180 -55.35 9.28 19.63
CA THR C 180 -55.49 10.72 19.45
C THR C 180 -54.52 11.30 18.42
N GLY C 181 -53.57 10.50 17.92
CA GLY C 181 -52.62 10.99 16.95
C GLY C 181 -51.19 10.74 17.38
N VAL C 182 -51.01 10.26 18.60
CA VAL C 182 -49.67 9.93 19.08
C VAL C 182 -49.12 8.72 18.34
N ILE C 183 -49.96 7.72 18.09
CA ILE C 183 -49.62 6.60 17.22
C ILE C 183 -50.61 6.59 16.07
N PRO C 184 -50.24 7.15 14.92
CA PRO C 184 -51.11 7.13 13.74
C PRO C 184 -51.43 5.73 13.24
N PRO C 185 -50.55 4.72 13.40
CA PRO C 185 -51.04 3.34 13.16
C PRO C 185 -52.21 2.95 14.05
N ALA C 186 -52.22 3.39 15.30
CA ALA C 186 -53.40 3.14 16.15
C ALA C 186 -54.56 4.02 15.74
N GLY C 187 -54.30 5.26 15.35
CA GLY C 187 -55.33 6.18 14.92
C GLY C 187 -55.03 7.62 15.26
N VAL C 188 -55.60 8.56 14.50
CA VAL C 188 -55.45 9.98 14.75
C VAL C 188 -56.84 10.59 14.90
N TYR C 189 -56.89 11.78 15.50
CA TYR C 189 -58.13 12.53 15.61
C TYR C 189 -58.19 13.54 14.48
N LYS C 190 -59.08 13.31 13.51
CA LYS C 190 -59.16 14.16 12.33
C LYS C 190 -59.75 15.54 12.65
N ASN C 191 -60.60 15.64 13.65
CA ASN C 191 -61.32 16.88 13.92
C ASN C 191 -60.56 17.78 14.89
N PHE C 192 -59.29 18.03 14.60
CA PHE C 192 -58.48 18.96 15.37
C PHE C 192 -58.42 20.30 14.66
N TRP C 193 -58.05 21.34 15.43
CA TRP C 193 -57.97 22.68 14.85
C TRP C 193 -56.74 22.86 13.98
N ALA C 194 -55.80 21.92 14.00
CA ALA C 194 -54.59 21.99 13.19
C ALA C 194 -54.10 20.59 12.89
N ASP C 195 -53.13 20.50 11.99
CA ASP C 195 -52.48 19.25 11.69
C ASP C 195 -51.72 18.75 12.92
N PRO C 196 -51.66 17.42 13.12
CA PRO C 196 -50.86 16.89 14.24
C PRO C 196 -49.38 17.28 14.18
N PHE C 197 -48.82 17.45 12.98
CA PHE C 197 -47.44 17.92 12.89
C PHE C 197 -47.32 19.41 13.22
N THR C 198 -48.38 20.18 12.96
CA THR C 198 -48.39 21.58 13.38
C THR C 198 -48.36 21.68 14.91
N LEU C 199 -49.22 20.90 15.58
CA LEU C 199 -49.20 20.82 17.03
C LEU C 199 -47.87 20.27 17.53
N PHE C 200 -47.27 19.34 16.78
CA PHE C 200 -45.96 18.82 17.14
C PHE C 200 -44.89 19.91 17.10
N PHE C 201 -44.93 20.76 16.08
CA PHE C 201 -43.95 21.85 15.99
C PHE C 201 -44.17 22.89 17.09
N ILE C 202 -45.44 23.19 17.41
CA ILE C 202 -45.73 24.10 18.51
C ILE C 202 -45.22 23.53 19.83
N GLU C 203 -45.48 22.24 20.06
CA GLU C 203 -44.99 21.57 21.25
C GLU C 203 -43.47 21.56 21.29
N VAL C 204 -42.83 21.32 20.13
CA VAL C 204 -41.38 21.27 20.07
C VAL C 204 -40.77 22.62 20.42
N VAL C 205 -41.32 23.71 19.88
CA VAL C 205 -40.80 25.04 20.17
C VAL C 205 -40.99 25.37 21.64
N ALA C 206 -42.21 25.19 22.15
CA ALA C 206 -42.52 25.58 23.53
C ALA C 206 -41.74 24.75 24.54
N ILE C 207 -41.74 23.43 24.38
CA ILE C 207 -41.04 22.57 25.33
C ILE C 207 -39.54 22.58 25.10
N GLN C 208 -39.05 22.97 23.92
CA GLN C 208 -37.61 23.19 23.77
C GLN C 208 -37.18 24.41 24.55
N PHE C 209 -37.97 25.49 24.51
CA PHE C 209 -37.72 26.63 25.37
C PHE C 209 -37.74 26.23 26.84
N ALA C 210 -38.77 25.49 27.25
CA ALA C 210 -38.93 25.09 28.65
C ALA C 210 -37.77 24.21 29.12
N GLU C 211 -37.48 23.14 28.38
CA GLU C 211 -36.47 22.18 28.80
C GLU C 211 -35.06 22.72 28.64
N LEU C 212 -34.81 23.62 27.67
CA LEU C 212 -33.48 24.20 27.58
C LEU C 212 -33.24 25.23 28.67
N LYS C 213 -34.27 25.99 29.06
CA LYS C 213 -34.13 26.84 30.24
C LYS C 213 -33.94 26.01 31.50
N ARG C 214 -34.64 24.87 31.58
CA ARG C 214 -34.48 23.96 32.71
C ARG C 214 -33.06 23.41 32.78
N LEU C 215 -32.50 23.01 31.63
CA LEU C 215 -31.15 22.47 31.59
C LEU C 215 -30.11 23.54 31.91
N GLN C 216 -30.31 24.77 31.40
CA GLN C 216 -29.36 25.84 31.67
C GLN C 216 -29.42 26.26 33.13
N ASP C 217 -30.59 26.19 33.77
CA ASP C 217 -30.66 26.44 35.20
C ASP C 217 -30.09 25.28 36.01
N TYR C 218 -30.17 24.06 35.48
CA TYR C 218 -29.54 22.92 36.15
C TYR C 218 -28.02 23.04 36.11
N LYS C 219 -27.47 23.51 34.98
CA LYS C 219 -26.03 23.71 34.90
C LYS C 219 -25.58 24.88 35.76
N ASN C 220 -26.29 26.00 35.68
CA ASN C 220 -26.00 27.19 36.47
C ASN C 220 -27.24 27.56 37.28
N PRO C 221 -27.27 27.26 38.58
CA PRO C 221 -28.47 27.54 39.39
C PRO C 221 -28.80 29.02 39.44
N GLY C 222 -30.07 29.35 39.20
CA GLY C 222 -30.55 30.70 39.27
C GLY C 222 -30.10 31.62 38.15
N SER C 223 -29.56 31.06 37.06
CA SER C 223 -29.03 31.89 35.99
C SER C 223 -30.08 32.33 34.98
N GLN C 224 -31.30 31.79 35.08
CA GLN C 224 -32.38 32.22 34.20
C GLN C 224 -33.10 33.46 34.72
N SER C 225 -32.80 33.88 35.95
CA SER C 225 -33.37 35.10 36.50
C SER C 225 -32.51 36.33 36.22
N ARG C 226 -31.42 36.18 35.49
CA ARG C 226 -30.50 37.28 35.21
C ARG C 226 -30.59 37.78 33.77
N GLN C 227 -30.80 36.89 32.81
CA GLN C 227 -31.00 37.29 31.42
C GLN C 227 -32.46 37.69 31.22
N TYR C 228 -32.67 38.82 30.56
CA TYR C 228 -34.00 39.38 30.39
C TYR C 228 -34.86 38.46 29.52
N PHE C 229 -36.04 38.10 30.03
CA PHE C 229 -36.97 37.22 29.32
C PHE C 229 -38.38 37.76 29.54
N LEU C 230 -38.81 38.68 28.67
CA LEU C 230 -40.20 39.18 28.61
C LEU C 230 -40.68 39.77 29.93
N GLY C 231 -39.76 40.23 30.78
CA GLY C 231 -40.14 40.88 32.01
C GLY C 231 -40.54 39.96 33.15
N LEU C 232 -40.39 38.64 32.99
CA LEU C 232 -40.76 37.70 34.03
C LEU C 232 -39.56 36.95 34.59
N GLU C 233 -38.44 37.65 34.77
CA GLU C 233 -37.23 37.01 35.30
C GLU C 233 -37.36 36.71 36.79
N GLY C 234 -38.28 37.39 37.48
CA GLY C 234 -38.39 37.24 38.91
C GLY C 234 -38.92 35.90 39.38
N LEU C 235 -39.62 35.18 38.50
CA LEU C 235 -40.20 33.89 38.86
C LEU C 235 -39.35 32.71 38.38
N PHE C 236 -38.14 32.97 37.91
CA PHE C 236 -37.22 31.93 37.47
C PHE C 236 -35.97 31.88 38.34
N LYS C 237 -36.08 32.36 39.59
CA LYS C 237 -34.92 32.37 40.47
C LYS C 237 -34.54 30.97 40.92
N GLY C 238 -35.52 30.13 41.21
CA GLY C 238 -35.23 28.77 41.63
C GLY C 238 -34.75 28.69 43.07
N SER C 239 -34.32 27.49 43.44
CA SER C 239 -33.80 27.24 44.78
C SER C 239 -32.44 26.57 44.72
N ASP C 240 -31.95 26.10 45.87
CA ASP C 240 -30.68 25.37 45.90
C ASP C 240 -30.81 24.05 45.15
N ASN C 241 -31.94 23.37 45.30
CA ASN C 241 -32.22 22.17 44.52
C ASN C 241 -32.79 22.58 43.17
N PRO C 242 -32.12 22.26 42.06
CA PRO C 242 -32.69 22.61 40.74
C PRO C 242 -33.95 21.84 40.40
N ALA C 243 -34.22 20.72 41.08
CA ALA C 243 -35.44 19.97 40.84
C ALA C 243 -36.65 20.66 41.44
N TYR C 244 -36.47 21.39 42.54
CA TYR C 244 -37.55 22.00 43.32
C TYR C 244 -37.32 23.50 43.34
N PRO C 245 -37.68 24.20 42.25
CA PRO C 245 -37.31 25.62 42.16
C PRO C 245 -38.11 26.52 43.08
N GLY C 246 -39.42 26.36 43.14
CA GLY C 246 -40.23 27.30 43.90
C GLY C 246 -40.28 28.66 43.20
N GLY C 247 -40.64 29.67 43.99
CA GLY C 247 -40.70 31.02 43.48
C GLY C 247 -42.12 31.57 43.44
N PRO C 248 -42.29 32.75 42.85
CA PRO C 248 -43.63 33.36 42.78
C PRO C 248 -44.62 32.60 41.92
N PHE C 249 -44.14 31.73 41.02
CA PHE C 249 -45.04 31.02 40.11
C PHE C 249 -45.02 29.51 40.31
N PHE C 250 -43.84 28.91 40.41
CA PHE C 250 -43.75 27.46 40.58
C PHE C 250 -44.35 27.01 41.91
N ASN C 251 -44.27 27.86 42.93
CA ASN C 251 -45.06 27.69 44.15
C ASN C 251 -45.77 29.03 44.37
N PHE C 252 -46.88 29.23 43.68
CA PHE C 252 -47.68 30.44 43.88
C PHE C 252 -48.66 30.28 45.04
N ALA C 253 -49.03 29.05 45.36
CA ALA C 253 -49.74 28.80 46.61
C ALA C 253 -48.80 28.89 47.81
N ASN C 254 -47.54 28.48 47.61
CA ASN C 254 -46.43 28.54 48.57
C ASN C 254 -46.85 28.15 49.99
N PHE C 255 -47.36 26.93 50.11
CA PHE C 255 -47.66 26.34 51.40
C PHE C 255 -46.79 25.11 51.62
N GLY C 256 -46.45 24.87 52.88
CA GLY C 256 -45.43 23.89 53.22
C GLY C 256 -44.16 24.58 53.66
N LYS C 257 -44.31 25.73 54.31
CA LYS C 257 -43.15 26.50 54.75
C LYS C 257 -42.37 25.76 55.83
N THR C 258 -43.06 25.07 56.73
CA THR C 258 -42.40 24.27 57.74
C THR C 258 -41.70 23.07 57.10
N GLU C 259 -40.61 22.64 57.73
CA GLU C 259 -39.82 21.53 57.20
C GLU C 259 -40.60 20.22 57.21
N GLU C 260 -41.42 20.01 58.24
CA GLU C 260 -42.18 18.75 58.37
C GLU C 260 -43.25 18.65 57.30
N GLU C 261 -44.02 19.73 57.08
CA GLU C 261 -45.05 19.70 56.04
C GLU C 261 -44.43 19.63 54.66
N MET C 262 -43.30 20.31 54.45
CA MET C 262 -42.61 20.22 53.17
C MET C 262 -42.09 18.81 52.92
N LYS C 263 -41.58 18.14 53.95
CA LYS C 263 -41.12 16.77 53.78
C LYS C 263 -42.28 15.81 53.52
N LYS C 264 -43.43 16.04 54.17
CA LYS C 264 -44.60 15.23 53.89
C LYS C 264 -45.07 15.43 52.46
N LEU C 265 -45.09 16.68 51.98
CA LEU C 265 -45.48 16.94 50.60
C LEU C 265 -44.48 16.33 49.62
N LYS C 266 -43.20 16.33 49.98
CA LYS C 266 -42.16 15.70 49.16
C LYS C 266 -42.41 14.20 49.04
N LEU C 267 -42.68 13.55 50.18
CA LEU C 267 -42.95 12.12 50.18
C LEU C 267 -44.23 11.80 49.41
N ASN C 268 -45.25 12.64 49.57
CA ASN C 268 -46.51 12.43 48.84
C ASN C 268 -46.30 12.57 47.34
N GLU C 269 -45.54 13.58 46.92
CA GLU C 269 -45.26 13.78 45.50
C GLU C 269 -44.49 12.61 44.92
N ILE C 270 -43.44 12.16 45.62
CA ILE C 270 -42.63 11.07 45.07
C ILE C 270 -43.40 9.76 45.11
N LYS C 271 -44.28 9.56 46.09
CA LYS C 271 -45.03 8.31 46.15
C LYS C 271 -46.12 8.26 45.09
N ASN C 272 -46.85 9.37 44.89
CA ASN C 272 -47.82 9.41 43.81
C ASN C 272 -47.14 9.34 42.45
N GLY C 273 -45.93 9.89 42.33
CA GLY C 273 -45.18 9.74 41.09
C GLY C 273 -44.72 8.31 40.85
N ARG C 274 -44.31 7.61 41.91
CA ARG C 274 -43.95 6.20 41.76
C ARG C 274 -45.17 5.35 41.46
N LEU C 275 -46.35 5.78 41.92
CA LEU C 275 -47.58 5.11 41.51
C LEU C 275 -47.89 5.39 40.04
N ALA C 276 -47.67 6.63 39.58
CA ALA C 276 -47.92 6.98 38.20
C ALA C 276 -46.92 6.32 37.26
N MET C 277 -45.73 5.97 37.77
CA MET C 277 -44.78 5.13 37.05
C MET C 277 -45.45 3.84 36.58
N LEU C 278 -45.94 3.06 37.55
CA LEU C 278 -46.64 1.82 37.24
C LEU C 278 -47.94 2.07 36.52
N ALA C 279 -48.56 3.23 36.71
CA ALA C 279 -49.78 3.56 35.98
C ALA C 279 -49.51 3.67 34.47
N MET C 280 -48.45 4.39 34.08
CA MET C 280 -48.06 4.43 32.68
C MET C 280 -47.58 3.08 32.16
N PHE C 281 -46.81 2.35 32.97
CA PHE C 281 -46.34 1.03 32.55
C PHE C 281 -47.51 0.11 32.26
N GLY C 282 -48.49 0.08 33.17
CA GLY C 282 -49.78 -0.53 32.97
C GLY C 282 -50.42 -0.06 31.69
N TYR C 283 -50.73 1.23 31.60
CA TYR C 283 -51.52 1.79 30.48
C TYR C 283 -50.95 1.38 29.14
N GLY C 284 -49.62 1.44 29.00
CA GLY C 284 -48.99 0.94 27.78
C GLY C 284 -49.17 -0.55 27.57
N ALA C 285 -48.97 -1.35 28.63
CA ALA C 285 -49.11 -2.80 28.49
C ALA C 285 -50.57 -3.19 28.20
N GLN C 286 -51.52 -2.55 28.87
CA GLN C 286 -52.94 -2.81 28.64
C GLN C 286 -53.34 -2.43 27.22
N ALA C 287 -52.81 -1.30 26.72
CA ALA C 287 -53.08 -0.89 25.34
C ALA C 287 -52.52 -1.90 24.35
N VAL C 288 -51.33 -2.45 24.62
CA VAL C 288 -50.75 -3.39 23.66
C VAL C 288 -51.34 -4.79 23.81
N ILE C 289 -51.97 -5.11 24.94
CA ILE C 289 -52.50 -6.47 25.12
C ILE C 289 -53.98 -6.56 24.76
N THR C 290 -54.72 -5.45 24.83
CA THR C 290 -56.15 -5.49 24.47
C THR C 290 -56.50 -4.64 23.27
N GLY C 291 -55.77 -3.56 23.00
CA GLY C 291 -56.17 -2.65 21.96
C GLY C 291 -57.26 -1.68 22.34
N ASP C 292 -57.74 -1.76 23.59
CA ASP C 292 -58.75 -0.86 24.13
C ASP C 292 -58.13 -0.06 25.26
N GLY C 293 -58.94 0.83 25.83
CA GLY C 293 -58.49 1.71 26.88
C GLY C 293 -58.39 1.05 28.24
N PRO C 294 -57.65 1.69 29.15
CA PRO C 294 -57.41 1.09 30.47
C PRO C 294 -58.64 1.02 31.36
N PHE C 295 -59.55 1.99 31.29
CA PHE C 295 -60.76 1.92 32.09
C PHE C 295 -61.70 0.84 31.57
N ASP C 296 -61.69 0.58 30.26
CA ASP C 296 -62.41 -0.57 29.73
C ASP C 296 -61.81 -1.88 30.23
N ASN C 297 -60.48 -1.94 30.36
CA ASN C 297 -59.85 -3.12 30.96
C ASN C 297 -60.21 -3.26 32.43
N LEU C 298 -60.33 -2.14 33.14
CA LEU C 298 -60.79 -2.17 34.52
C LEU C 298 -62.23 -2.70 34.61
N LEU C 299 -63.09 -2.27 33.70
CA LEU C 299 -64.45 -2.78 33.65
C LEU C 299 -64.48 -4.27 33.33
N ALA C 300 -63.59 -4.71 32.45
CA ALA C 300 -63.51 -6.13 32.10
C ALA C 300 -63.06 -6.96 33.30
N HIS C 301 -62.05 -6.48 34.05
CA HIS C 301 -61.61 -7.19 35.25
C HIS C 301 -62.68 -7.14 36.34
N LEU C 302 -63.46 -6.07 36.39
CA LEU C 302 -64.48 -5.94 37.43
C LEU C 302 -65.67 -6.85 37.16
N ALA C 303 -66.14 -6.90 35.92
CA ALA C 303 -67.30 -7.72 35.58
C ALA C 303 -66.97 -9.20 35.66
N ASP C 304 -65.87 -9.62 35.04
CA ASP C 304 -65.43 -11.00 35.06
C ASP C 304 -63.95 -11.03 35.44
N PRO C 305 -63.63 -11.29 36.71
CA PRO C 305 -62.21 -11.33 37.10
C PRO C 305 -61.47 -12.54 36.55
N THR C 306 -62.09 -13.73 36.59
CA THR C 306 -61.43 -14.91 36.08
C THR C 306 -61.39 -14.92 34.56
N GLY C 307 -62.47 -14.49 33.92
CA GLY C 307 -62.54 -14.51 32.46
C GLY C 307 -61.84 -13.37 31.77
N ASN C 308 -61.51 -12.29 32.49
CA ASN C 308 -60.81 -11.14 31.91
C ASN C 308 -59.70 -10.75 32.88
N ASN C 309 -58.53 -11.36 32.69
CA ASN C 309 -57.36 -11.09 33.50
C ASN C 309 -56.13 -11.31 32.63
N LEU C 310 -54.98 -11.52 33.27
CA LEU C 310 -53.73 -11.72 32.54
C LEU C 310 -53.78 -12.96 31.67
N ILE C 311 -54.23 -14.09 32.22
CA ILE C 311 -54.08 -15.38 31.54
C ILE C 311 -54.99 -15.47 30.32
N THR C 312 -56.20 -14.92 30.40
CA THR C 312 -57.10 -14.99 29.25
C THR C 312 -56.71 -13.97 28.18
N ASN C 313 -56.20 -12.82 28.59
CA ASN C 313 -55.88 -11.78 27.61
C ASN C 313 -54.55 -12.02 26.92
N LEU C 314 -53.62 -12.73 27.57
CA LEU C 314 -52.38 -13.08 26.87
C LEU C 314 -52.65 -14.10 25.77
N GLY C 315 -53.63 -14.97 25.96
CA GLY C 315 -54.04 -15.97 24.99
C GLY C 315 -55.10 -15.52 24.02
N GLY C 316 -55.47 -14.23 24.02
CA GLY C 316 -56.50 -13.72 23.15
C GLY C 316 -55.94 -13.03 21.91
N LYS C 317 -56.84 -12.40 21.17
CA LYS C 317 -56.46 -11.68 19.97
C LYS C 317 -55.69 -10.41 20.32
N PHE C 318 -54.75 -10.04 19.44
CA PHE C 318 -53.89 -8.86 19.60
C PHE C 318 -53.06 -8.95 20.88
N GLY C 319 -52.27 -10.02 20.96
CA GLY C 319 -51.42 -10.25 22.11
C GLY C 319 -51.61 -11.63 22.72
N ASP D 43 -23.68 40.22 31.99
CA ASP D 43 -23.86 41.65 31.78
C ASP D 43 -24.50 41.93 30.43
N ARG D 44 -24.54 40.91 29.57
CA ARG D 44 -25.11 41.01 28.24
C ARG D 44 -26.10 39.89 28.01
N PRO D 45 -27.16 40.12 27.23
CA PRO D 45 -28.06 39.03 26.87
C PRO D 45 -27.41 38.07 25.88
N LEU D 46 -27.16 36.84 26.30
CA LEU D 46 -26.48 35.87 25.47
C LEU D 46 -27.47 35.14 24.57
N TRP D 47 -26.93 34.30 23.68
CA TRP D 47 -27.77 33.48 22.82
C TRP D 47 -28.53 32.40 23.60
N SER D 48 -28.01 32.00 24.76
CA SER D 48 -28.67 31.08 25.64
C SER D 48 -28.50 31.66 27.06
N PRO D 49 -29.60 31.82 27.81
CA PRO D 49 -29.47 32.35 29.18
C PRO D 49 -28.70 31.39 30.07
N GLY D 50 -27.80 31.95 30.87
CA GLY D 50 -26.97 31.17 31.76
C GLY D 50 -25.75 30.54 31.13
N SER D 51 -25.51 30.78 29.84
CA SER D 51 -24.37 30.20 29.16
C SER D 51 -23.09 30.94 29.54
N GLU D 52 -21.95 30.34 29.19
CA GLU D 52 -20.66 30.95 29.40
C GLU D 52 -20.21 31.63 28.11
N PRO D 53 -20.06 32.96 28.08
CA PRO D 53 -19.62 33.60 26.86
C PRO D 53 -18.18 33.26 26.54
N PRO D 54 -17.80 33.23 25.27
CA PRO D 54 -16.39 32.95 24.93
C PRO D 54 -15.47 34.07 25.36
N ALA D 55 -14.21 33.71 25.60
CA ALA D 55 -13.22 34.69 26.02
C ALA D 55 -12.89 35.68 24.91
N TRP D 56 -12.92 35.22 23.65
CA TRP D 56 -12.63 36.10 22.52
C TRP D 56 -13.82 36.95 22.12
N LEU D 57 -14.99 36.73 22.71
CA LEU D 57 -16.18 37.53 22.46
C LEU D 57 -16.48 38.32 23.73
N ASP D 58 -15.91 39.52 23.82
CA ASP D 58 -16.03 40.36 25.01
C ASP D 58 -17.18 41.35 24.92
N GLY D 59 -18.00 41.28 23.87
CA GLY D 59 -19.10 42.19 23.71
C GLY D 59 -18.76 43.51 23.05
N SER D 60 -17.55 43.66 22.54
CA SER D 60 -17.15 44.90 21.88
C SER D 60 -17.55 44.94 20.41
N LEU D 61 -18.06 43.84 19.87
CA LEU D 61 -18.48 43.77 18.47
C LEU D 61 -19.97 44.03 18.35
N ALA D 62 -20.40 44.35 17.13
CA ALA D 62 -21.82 44.59 16.87
C ALA D 62 -22.57 43.27 16.87
N GLY D 63 -23.66 43.21 17.63
CA GLY D 63 -24.43 41.98 17.78
C GLY D 63 -23.68 40.86 18.45
N ASP D 64 -22.84 41.19 19.43
CA ASP D 64 -22.01 40.20 20.12
C ASP D 64 -22.86 39.51 21.18
N TYR D 65 -23.58 38.47 20.77
CA TYR D 65 -24.40 37.68 21.68
C TYR D 65 -23.66 36.50 22.28
N GLY D 66 -22.37 36.34 21.97
CA GLY D 66 -21.58 35.26 22.53
C GLY D 66 -21.98 33.88 22.06
N PHE D 67 -22.30 33.72 20.78
CA PHE D 67 -22.67 32.43 20.20
C PHE D 67 -21.54 31.98 19.28
N ASP D 68 -20.71 31.07 19.77
CA ASP D 68 -19.59 30.53 18.99
C ASP D 68 -19.14 29.19 19.54
N PRO D 69 -19.86 28.10 19.28
CA PRO D 69 -19.44 26.80 19.82
C PRO D 69 -18.29 26.16 19.07
N LEU D 70 -18.02 26.55 17.82
CA LEU D 70 -16.97 25.94 17.02
C LEU D 70 -15.64 26.68 17.13
N HIS D 71 -15.54 27.67 18.02
CA HIS D 71 -14.31 28.40 18.34
C HIS D 71 -13.73 29.11 17.12
N LEU D 72 -14.58 29.53 16.19
CA LEU D 72 -14.13 30.31 15.06
C LEU D 72 -13.91 31.75 15.48
N SER D 73 -13.15 32.48 14.65
CA SER D 73 -12.75 33.87 14.91
C SER D 73 -11.96 34.01 16.21
N GLU D 74 -11.23 32.97 16.60
CA GLU D 74 -10.43 33.04 17.82
C GLU D 74 -9.19 33.90 17.62
N GLU D 75 -8.48 33.71 16.50
CA GLU D 75 -7.34 34.55 16.19
C GLU D 75 -7.81 35.94 15.78
N PRO D 76 -7.14 37.00 16.24
CA PRO D 76 -7.60 38.37 15.95
C PRO D 76 -7.65 38.71 14.46
N GLU D 77 -6.71 38.20 13.67
CA GLU D 77 -6.76 38.44 12.23
C GLU D 77 -7.95 37.74 11.61
N MET D 78 -8.17 36.48 11.98
CA MET D 78 -9.36 35.77 11.52
C MET D 78 -10.63 36.31 12.19
N ARG D 79 -10.50 36.92 13.36
CA ARG D 79 -11.64 37.61 13.98
C ARG D 79 -12.08 38.79 13.11
N LYS D 80 -11.11 39.58 12.66
CA LYS D 80 -11.41 40.67 11.75
C LYS D 80 -11.95 40.15 10.42
N TRP D 81 -11.40 39.04 9.93
CA TRP D 81 -11.87 38.49 8.66
C TRP D 81 -13.30 37.98 8.77
N MET D 82 -13.64 37.33 9.88
CA MET D 82 -15.01 36.90 10.14
C MET D 82 -15.95 38.07 10.29
N VAL D 83 -15.52 39.15 10.95
CA VAL D 83 -16.35 40.33 11.08
C VAL D 83 -16.65 40.93 9.71
N GLN D 84 -15.61 41.04 8.86
CA GLN D 84 -15.79 41.54 7.50
C GLN D 84 -16.71 40.64 6.69
N ALA D 85 -16.52 39.32 6.78
CA ALA D 85 -17.33 38.37 6.03
C ALA D 85 -18.78 38.41 6.48
N GLU D 86 -19.02 38.47 7.79
CA GLU D 86 -20.38 38.57 8.30
C GLU D 86 -21.04 39.85 7.84
N LEU D 87 -20.30 40.97 7.85
CA LEU D 87 -20.87 42.24 7.41
C LEU D 87 -21.24 42.23 5.94
N VAL D 88 -20.36 41.70 5.08
CA VAL D 88 -20.64 41.74 3.65
C VAL D 88 -21.71 40.71 3.27
N HIS D 89 -21.67 39.51 3.86
CA HIS D 89 -22.74 38.53 3.64
C HIS D 89 -24.08 39.06 4.13
N ALA D 90 -24.07 39.77 5.27
CA ALA D 90 -25.30 40.35 5.80
C ALA D 90 -25.85 41.44 4.88
N ARG D 91 -24.99 42.34 4.41
CA ARG D 91 -25.44 43.41 3.52
C ARG D 91 -25.99 42.84 2.21
N TRP D 92 -25.33 41.82 1.66
CA TRP D 92 -25.83 41.23 0.42
C TRP D 92 -27.12 40.44 0.67
N ALA D 93 -27.26 39.82 1.85
CA ALA D 93 -28.50 39.14 2.18
C ALA D 93 -29.67 40.13 2.27
N MET D 94 -29.45 41.28 2.93
CA MET D 94 -30.49 42.30 3.01
C MET D 94 -30.83 42.87 1.64
N LEU D 95 -29.81 43.13 0.81
CA LEU D 95 -30.07 43.66 -0.53
C LEU D 95 -30.86 42.67 -1.39
N GLY D 96 -30.46 41.40 -1.36
CA GLY D 96 -31.18 40.40 -2.14
C GLY D 96 -32.58 40.15 -1.63
N VAL D 97 -32.76 40.13 -0.30
CA VAL D 97 -34.09 39.92 0.27
C VAL D 97 -35.00 41.10 -0.05
N ALA D 98 -34.48 42.33 0.01
CA ALA D 98 -35.27 43.50 -0.33
C ALA D 98 -35.66 43.49 -1.80
N GLY D 99 -34.73 43.13 -2.69
CA GLY D 99 -35.07 43.04 -4.10
C GLY D 99 -36.09 41.96 -4.39
N ILE D 100 -35.94 40.80 -3.73
CA ILE D 100 -36.90 39.70 -3.90
C ILE D 100 -38.28 40.12 -3.42
N LEU D 101 -38.35 40.77 -2.26
CA LEU D 101 -39.63 41.22 -1.72
C LEU D 101 -40.28 42.28 -2.60
N PHE D 102 -39.48 43.23 -3.12
CA PHE D 102 -40.04 44.25 -3.99
C PHE D 102 -40.57 43.64 -5.29
N THR D 103 -39.82 42.71 -5.89
CA THR D 103 -40.28 42.07 -7.12
C THR D 103 -41.53 41.22 -6.88
N SER D 104 -41.59 40.52 -5.74
CA SER D 104 -42.75 39.68 -5.47
C SER D 104 -43.98 40.51 -5.14
N ILE D 105 -43.80 41.63 -4.43
CA ILE D 105 -44.92 42.53 -4.16
C ILE D 105 -45.43 43.15 -5.46
N ALA D 106 -44.52 43.57 -6.34
CA ALA D 106 -44.92 44.13 -7.62
C ALA D 106 -45.61 43.09 -8.49
N ALA D 107 -45.19 41.83 -8.42
CA ALA D 107 -45.87 40.76 -9.15
C ALA D 107 -47.25 40.50 -8.59
N LYS D 108 -47.40 40.59 -7.26
CA LYS D 108 -48.69 40.32 -6.64
C LYS D 108 -49.69 41.45 -6.89
N THR D 109 -49.21 42.68 -7.06
CA THR D 109 -50.10 43.81 -7.29
C THR D 109 -50.59 43.90 -8.73
N GLY D 110 -50.07 43.08 -9.63
CA GLY D 110 -50.52 43.05 -11.02
C GLY D 110 -49.48 43.47 -12.03
N ALA D 111 -48.37 44.08 -11.61
CA ALA D 111 -47.33 44.44 -12.55
C ALA D 111 -46.61 43.18 -13.06
N PRO D 112 -46.20 43.16 -14.33
CA PRO D 112 -45.51 41.97 -14.85
C PRO D 112 -44.11 41.81 -14.28
N PHE D 113 -43.95 40.87 -13.36
CA PHE D 113 -42.69 40.62 -12.68
C PHE D 113 -42.50 39.12 -12.52
N PRO D 114 -41.26 38.65 -12.58
CA PRO D 114 -41.00 37.22 -12.41
C PRO D 114 -40.98 36.82 -10.94
N ASP D 115 -40.94 35.51 -10.72
CA ASP D 115 -40.73 34.97 -9.38
C ASP D 115 -39.29 35.24 -8.94
N TRP D 116 -39.05 35.11 -7.64
CA TRP D 116 -37.69 35.28 -7.12
C TRP D 116 -36.76 34.20 -7.65
N TYR D 117 -37.28 33.01 -7.91
CA TYR D 117 -36.54 31.98 -8.61
C TYR D 117 -36.75 32.14 -10.10
N ASP D 118 -35.76 31.68 -10.88
CA ASP D 118 -35.63 31.80 -12.34
C ASP D 118 -36.05 33.17 -12.87
N ALA D 119 -35.71 34.24 -12.14
CA ALA D 119 -35.94 35.59 -12.65
C ALA D 119 -34.95 35.93 -13.75
N GLY D 120 -33.69 35.58 -13.56
CA GLY D 120 -32.69 35.84 -14.58
C GLY D 120 -32.87 35.00 -15.83
N LYS D 121 -33.46 33.81 -15.68
CA LYS D 121 -33.67 32.94 -16.82
C LYS D 121 -34.62 33.56 -17.85
N GLU D 122 -35.70 34.19 -17.38
CA GLU D 122 -36.57 34.94 -18.27
C GLU D 122 -36.13 36.39 -18.44
N ALA D 123 -35.15 36.84 -17.67
CA ALA D 123 -34.63 38.20 -17.85
C ALA D 123 -33.63 38.26 -19.01
N ILE D 124 -32.83 37.21 -19.20
CA ILE D 124 -31.75 37.26 -20.18
C ILE D 124 -32.30 37.29 -21.60
N LYS D 125 -33.43 36.62 -21.84
CA LYS D 125 -34.01 36.57 -23.18
C LYS D 125 -34.52 37.93 -23.64
N THR D 126 -34.83 38.83 -22.72
CA THR D 126 -35.21 40.20 -23.04
C THR D 126 -34.11 41.21 -22.72
N SER D 127 -33.04 40.78 -22.06
CA SER D 127 -31.95 41.69 -21.72
C SER D 127 -31.10 41.97 -22.94
N PRO D 128 -30.80 43.24 -23.25
CA PRO D 128 -29.83 43.53 -24.30
C PRO D 128 -28.44 42.99 -24.00
N ALA D 129 -28.05 42.96 -22.73
CA ALA D 129 -26.77 42.36 -22.36
C ALA D 129 -26.91 40.85 -22.29
N PRO D 130 -26.15 40.09 -23.06
CA PRO D 130 -26.27 38.63 -23.03
C PRO D 130 -25.54 38.04 -21.83
N LEU D 131 -25.80 36.75 -21.60
CA LEU D 131 -25.04 36.01 -20.60
C LEU D 131 -23.61 35.84 -21.08
N GLY D 132 -22.70 35.69 -20.12
CA GLY D 132 -21.28 35.66 -20.42
C GLY D 132 -20.63 37.02 -20.26
N SER D 133 -21.05 38.00 -21.05
CA SER D 133 -20.47 39.34 -20.94
C SER D 133 -20.92 40.03 -19.65
N LEU D 134 -22.17 39.79 -19.23
CA LEU D 134 -22.69 40.44 -18.03
C LEU D 134 -22.00 39.94 -16.77
N ILE D 135 -21.89 38.61 -16.63
CA ILE D 135 -21.25 38.03 -15.46
C ILE D 135 -19.77 38.40 -15.40
N PHE D 136 -19.11 38.41 -16.56
CA PHE D 136 -17.69 38.77 -16.59
C PHE D 136 -17.46 40.25 -16.31
N THR D 137 -18.34 41.13 -16.80
CA THR D 137 -18.24 42.54 -16.49
C THR D 137 -18.43 42.79 -14.99
N GLU D 138 -19.47 42.18 -14.41
CA GLU D 138 -19.69 42.32 -12.97
C GLU D 138 -18.56 41.68 -12.18
N LEU D 139 -17.94 40.63 -12.72
CA LEU D 139 -16.82 39.99 -12.05
C LEU D 139 -15.60 40.89 -12.03
N LEU D 140 -15.30 41.54 -13.15
CA LEU D 140 -14.16 42.46 -13.19
C LEU D 140 -14.39 43.67 -12.27
N LEU D 141 -15.59 44.25 -12.32
CA LEU D 141 -15.87 45.43 -11.51
C LEU D 141 -15.87 45.09 -10.02
N PHE D 142 -16.51 43.99 -9.66
CA PHE D 142 -16.56 43.58 -8.26
C PHE D 142 -15.22 43.08 -7.77
N GLY D 143 -14.39 42.51 -8.66
CA GLY D 143 -13.02 42.21 -8.29
C GLY D 143 -12.23 43.46 -7.97
N TRP D 144 -12.40 44.52 -8.77
CA TRP D 144 -11.75 45.79 -8.47
C TRP D 144 -12.16 46.30 -7.08
N VAL D 145 -13.47 46.38 -6.83
CA VAL D 145 -13.95 46.92 -5.56
C VAL D 145 -13.53 46.03 -4.39
N GLU D 146 -13.57 44.71 -4.58
CA GLU D 146 -13.35 43.78 -3.49
C GLU D 146 -11.87 43.58 -3.17
N THR D 147 -10.95 43.60 -4.13
CA THR D 147 -9.54 43.67 -3.73
C THR D 147 -9.16 45.04 -3.20
N LYS D 148 -9.84 46.12 -3.62
CA LYS D 148 -9.61 47.41 -2.97
C LYS D 148 -9.97 47.36 -1.48
N ARG D 149 -11.16 46.86 -1.17
CA ARG D 149 -11.54 46.72 0.24
C ARG D 149 -10.77 45.61 0.94
N LEU D 150 -10.26 44.63 0.21
CA LEU D 150 -9.43 43.58 0.80
C LEU D 150 -8.10 44.13 1.26
N TYR D 151 -7.44 44.92 0.42
CA TYR D 151 -6.17 45.52 0.83
C TYR D 151 -6.38 46.68 1.78
N ASP D 152 -7.59 47.24 1.85
CA ASP D 152 -7.93 48.10 2.97
C ASP D 152 -8.06 47.31 4.27
N LEU D 153 -8.60 46.08 4.19
CA LEU D 153 -8.70 45.24 5.38
C LEU D 153 -7.32 44.78 5.86
N ARG D 154 -6.43 44.44 4.93
CA ARG D 154 -5.09 44.01 5.30
C ARG D 154 -4.29 45.15 5.93
N ASN D 155 -4.34 46.33 5.33
CA ASN D 155 -3.63 47.50 5.83
C ASN D 155 -4.70 48.57 5.90
N PRO D 156 -5.14 48.97 7.09
CA PRO D 156 -6.16 50.02 7.19
C PRO D 156 -5.63 51.36 6.71
N GLY D 157 -6.45 52.06 5.91
CA GLY D 157 -6.04 53.32 5.35
C GLY D 157 -5.06 53.23 4.21
N SER D 158 -4.91 52.05 3.60
CA SER D 158 -3.96 51.90 2.50
C SER D 158 -4.43 52.59 1.24
N GLN D 159 -5.73 52.68 1.01
CA GLN D 159 -6.28 53.32 -0.17
C GLN D 159 -6.57 54.80 0.05
N GLY D 160 -6.25 55.33 1.23
CA GLY D 160 -6.48 56.74 1.51
C GLY D 160 -5.28 57.61 1.23
N ASP D 161 -4.34 57.10 0.42
CA ASP D 161 -3.14 57.85 0.06
C ASP D 161 -3.29 58.64 -1.23
N GLY D 162 -4.48 58.63 -1.84
CA GLY D 162 -4.68 59.33 -3.09
C GLY D 162 -4.25 58.56 -4.31
N SER D 163 -4.03 57.25 -4.19
CA SER D 163 -3.64 56.44 -5.34
C SER D 163 -4.80 56.28 -6.32
N PHE D 164 -6.04 56.24 -5.82
CA PHE D 164 -7.22 56.11 -6.66
C PHE D 164 -7.82 57.49 -6.85
N LEU D 165 -7.48 58.13 -7.98
CA LEU D 165 -8.05 59.41 -8.41
C LEU D 165 -7.83 60.55 -7.41
N GLY D 166 -6.80 60.44 -6.58
CA GLY D 166 -6.44 61.53 -5.68
C GLY D 166 -7.43 61.89 -4.60
N ILE D 167 -7.97 60.91 -3.89
CA ILE D 167 -8.82 61.16 -2.72
C ILE D 167 -8.14 60.55 -1.50
N THR D 168 -8.09 61.33 -0.42
CA THR D 168 -7.42 60.92 0.81
C THR D 168 -8.39 60.62 1.93
N ASP D 169 -9.29 61.55 2.27
CA ASP D 169 -10.25 61.31 3.34
C ASP D 169 -11.23 60.21 2.97
N GLY D 170 -11.68 60.19 1.72
CA GLY D 170 -12.53 59.11 1.27
C GLY D 170 -11.77 57.84 1.01
N LEU D 171 -12.53 56.75 0.89
CA LEU D 171 -12.02 55.41 0.58
C LEU D 171 -11.03 54.93 1.62
N LYS D 172 -11.23 55.34 2.87
CA LYS D 172 -10.38 54.97 3.99
C LYS D 172 -11.23 54.33 5.06
N GLY D 173 -10.81 53.17 5.54
CA GLY D 173 -11.61 52.43 6.51
C GLY D 173 -11.60 53.13 7.86
N LYS D 174 -12.79 53.40 8.39
CA LYS D 174 -12.93 53.96 9.73
C LYS D 174 -12.86 52.88 10.80
N GLU D 175 -13.51 51.75 10.56
CA GLU D 175 -13.48 50.63 11.49
C GLU D 175 -13.10 49.34 10.78
N ASN D 176 -13.30 48.21 11.46
CA ASN D 176 -12.95 46.88 10.95
C ASN D 176 -13.62 46.59 9.61
N GLY D 177 -14.94 46.51 9.59
CA GLY D 177 -15.67 46.24 8.37
C GLY D 177 -16.47 47.43 7.90
N TYR D 178 -16.08 48.62 8.34
CA TYR D 178 -16.84 49.85 8.08
C TYR D 178 -15.95 50.91 7.46
N PRO D 179 -16.11 51.18 6.16
CA PRO D 179 -15.31 52.23 5.52
C PRO D 179 -15.85 53.63 5.79
N GLY D 180 -15.31 54.64 5.11
CA GLY D 180 -15.77 55.99 5.30
C GLY D 180 -15.50 56.86 4.10
N GLY D 181 -15.87 58.13 4.22
CA GLY D 181 -15.66 59.13 3.19
C GLY D 181 -16.73 59.18 2.12
N LEU D 182 -16.72 58.25 1.16
CA LEU D 182 -17.75 58.21 0.14
C LEU D 182 -18.98 57.45 0.60
N PHE D 183 -18.81 56.47 1.48
CA PHE D 183 -19.88 55.58 1.88
C PHE D 183 -20.70 56.11 3.03
N ASP D 184 -20.39 57.30 3.54
CA ASP D 184 -21.19 57.98 4.55
C ASP D 184 -21.51 59.37 4.04
N PRO D 185 -22.47 59.50 3.13
CA PRO D 185 -22.79 60.80 2.55
C PRO D 185 -23.45 61.75 3.55
N MET D 186 -24.48 61.28 4.25
CA MET D 186 -25.22 62.13 5.18
C MET D 186 -25.40 61.44 6.53
N GLY D 187 -24.88 60.22 6.67
CA GLY D 187 -25.19 59.40 7.82
C GLY D 187 -24.62 59.93 9.12
N MET D 188 -25.17 59.42 10.22
CA MET D 188 -24.88 59.91 11.56
C MET D 188 -23.79 59.11 12.26
N SER D 189 -22.83 58.56 11.51
CA SER D 189 -21.72 57.83 12.10
C SER D 189 -20.75 58.72 12.87
N LYS D 190 -20.85 60.05 12.72
CA LYS D 190 -20.01 60.96 13.50
C LYS D 190 -20.33 60.86 14.98
N ASN D 191 -21.61 60.80 15.34
CA ASN D 191 -22.00 60.58 16.72
C ASN D 191 -21.75 59.12 17.10
N GLU D 192 -21.09 58.90 18.24
CA GLU D 192 -20.63 57.55 18.59
C GLU D 192 -21.79 56.65 18.99
N ALA D 193 -22.71 57.15 19.83
CA ALA D 193 -23.81 56.33 20.30
C ALA D 193 -24.76 55.96 19.17
N SER D 194 -25.08 56.92 18.30
CA SER D 194 -25.94 56.64 17.16
C SER D 194 -25.26 55.68 16.20
N TYR D 195 -23.95 55.80 16.02
CA TYR D 195 -23.20 54.87 15.18
C TYR D 195 -23.24 53.46 15.75
N LYS D 196 -23.09 53.32 17.07
CA LYS D 196 -23.16 52.01 17.69
C LYS D 196 -24.55 51.40 17.56
N GLU D 197 -25.59 52.21 17.77
CA GLU D 197 -26.96 51.72 17.61
C GLU D 197 -27.23 51.31 16.17
N ALA D 198 -26.74 52.08 15.20
CA ALA D 198 -26.90 51.72 13.80
C ALA D 198 -26.12 50.46 13.45
N LYS D 199 -24.96 50.25 14.07
CA LYS D 199 -24.20 49.03 13.86
C LYS D 199 -24.97 47.82 14.36
N VAL D 200 -25.54 47.92 15.56
CA VAL D 200 -26.32 46.81 16.12
C VAL D 200 -27.56 46.55 15.27
N LYS D 201 -28.24 47.61 14.84
CA LYS D 201 -29.40 47.45 13.97
C LYS D 201 -29.02 46.81 12.64
N GLU D 202 -27.89 47.21 12.06
CA GLU D 202 -27.45 46.67 10.78
C GLU D 202 -27.13 45.18 10.89
N ILE D 203 -26.40 44.78 11.95
CA ILE D 203 -26.04 43.37 12.07
C ILE D 203 -27.27 42.52 12.41
N LYS D 204 -28.22 43.04 13.19
CA LYS D 204 -29.42 42.27 13.50
C LYS D 204 -30.32 42.12 12.29
N ASN D 205 -30.49 43.21 11.51
CA ASN D 205 -31.22 43.12 10.25
C ASN D 205 -30.52 42.19 9.27
N GLY D 206 -29.20 42.18 9.28
CA GLY D 206 -28.47 41.28 8.40
C GLY D 206 -28.71 39.82 8.73
N ARG D 207 -28.64 39.47 10.02
CA ARG D 207 -28.90 38.09 10.43
C ARG D 207 -30.34 37.69 10.15
N LEU D 208 -31.29 38.61 10.38
CA LEU D 208 -32.67 38.36 10.03
C LEU D 208 -32.84 38.14 8.53
N ALA D 209 -32.04 38.84 7.72
CA ALA D 209 -32.11 38.65 6.27
C ALA D 209 -31.47 37.35 5.81
N MET D 210 -30.43 36.88 6.49
CA MET D 210 -29.91 35.54 6.20
C MET D 210 -30.97 34.49 6.48
N LEU D 211 -31.64 34.60 7.64
CA LEU D 211 -32.73 33.70 7.95
C LEU D 211 -33.85 33.81 6.91
N ALA D 212 -34.13 35.03 6.45
CA ALA D 212 -35.14 35.24 5.42
C ALA D 212 -34.77 34.57 4.11
N PHE D 213 -33.49 34.62 3.73
CA PHE D 213 -33.08 34.04 2.45
C PHE D 213 -33.12 32.52 2.50
N VAL D 214 -32.67 31.92 3.61
CA VAL D 214 -32.79 30.47 3.72
C VAL D 214 -34.25 30.05 3.81
N GLY D 215 -35.09 30.84 4.47
CA GLY D 215 -36.52 30.59 4.41
C GLY D 215 -37.08 30.68 3.01
N PHE D 216 -36.59 31.65 2.24
CA PHE D 216 -37.03 31.83 0.85
C PHE D 216 -36.74 30.59 0.02
N ILE D 217 -35.49 30.11 0.05
CA ILE D 217 -35.15 28.95 -0.78
C ILE D 217 -35.85 27.70 -0.25
N ALA D 218 -35.97 27.56 1.07
CA ALA D 218 -36.58 26.38 1.66
C ALA D 218 -38.06 26.27 1.30
N GLN D 219 -38.84 27.33 1.53
CA GLN D 219 -40.26 27.21 1.21
C GLN D 219 -40.55 27.47 -0.26
N HIS D 220 -39.58 27.93 -1.06
CA HIS D 220 -39.77 27.84 -2.50
C HIS D 220 -39.61 26.41 -2.98
N HIS D 221 -38.63 25.68 -2.47
CA HIS D 221 -38.52 24.26 -2.81
C HIS D 221 -39.70 23.47 -2.24
N ALA D 222 -40.28 23.95 -1.13
CA ALA D 222 -41.44 23.30 -0.56
C ALA D 222 -42.72 23.58 -1.36
N THR D 223 -42.93 24.83 -1.78
CA THR D 223 -44.21 25.24 -2.33
C THR D 223 -44.21 25.61 -3.80
N HIS D 224 -43.04 25.92 -4.38
CA HIS D 224 -42.91 26.38 -5.76
C HIS D 224 -43.77 27.62 -6.03
N LYS D 225 -43.78 28.54 -5.06
CA LYS D 225 -44.55 29.77 -5.16
C LYS D 225 -43.73 30.92 -4.61
N SER D 226 -44.23 32.13 -4.84
CA SER D 226 -43.53 33.32 -4.36
C SER D 226 -43.62 33.42 -2.84
N PRO D 227 -42.62 34.04 -2.19
CA PRO D 227 -42.71 34.23 -0.74
C PRO D 227 -43.89 35.07 -0.30
N ILE D 228 -44.31 36.06 -1.10
CA ILE D 228 -45.50 36.83 -0.77
C ILE D 228 -46.74 35.96 -0.91
N ASP D 229 -46.76 35.06 -1.90
CA ASP D 229 -47.87 34.11 -2.02
C ASP D 229 -47.92 33.18 -0.81
N ASN D 230 -46.77 32.71 -0.35
CA ASN D 230 -46.73 31.87 0.85
C ASN D 230 -47.19 32.63 2.08
N LEU D 231 -46.80 33.90 2.18
CA LEU D 231 -47.24 34.73 3.29
C LEU D 231 -48.75 34.93 3.27
N LEU D 232 -49.31 35.19 2.09
CA LEU D 232 -50.76 35.38 1.97
C LEU D 232 -51.51 34.08 2.25
N ASP D 233 -50.93 32.93 1.86
CA ASP D 233 -51.53 31.65 2.21
C ASP D 233 -51.49 31.40 3.72
N HIS D 234 -50.40 31.79 4.38
CA HIS D 234 -50.31 31.63 5.83
C HIS D 234 -51.29 32.53 6.55
N VAL D 235 -51.46 33.77 6.09
CA VAL D 235 -52.43 34.66 6.73
C VAL D 235 -53.86 34.21 6.45
N ALA D 236 -54.14 33.72 5.23
CA ALA D 236 -55.50 33.35 4.87
C ALA D 236 -55.99 32.14 5.65
N ASP D 237 -55.17 31.10 5.77
CA ASP D 237 -55.53 29.89 6.51
C ASP D 237 -54.37 29.49 7.40
N PRO D 238 -54.23 30.14 8.56
CA PRO D 238 -53.10 29.80 9.44
C PRO D 238 -53.22 28.45 10.11
N PHE D 239 -54.45 27.98 10.37
CA PHE D 239 -54.63 26.75 11.12
C PHE D 239 -54.31 25.52 10.31
N HIS D 240 -54.31 25.61 8.98
CA HIS D 240 -54.06 24.46 8.13
C HIS D 240 -52.84 24.65 7.23
N VAL D 241 -52.71 25.79 6.56
CA VAL D 241 -51.58 26.01 5.65
C VAL D 241 -50.35 26.35 6.50
N THR D 242 -49.31 25.54 6.36
CA THR D 242 -48.10 25.66 7.17
C THR D 242 -46.98 24.89 6.48
N PHE D 243 -45.90 24.66 7.21
CA PHE D 243 -44.77 23.87 6.71
C PHE D 243 -45.01 22.37 6.83
N ALA D 244 -46.12 21.95 7.44
CA ALA D 244 -46.39 20.55 7.69
C ALA D 244 -47.33 19.92 6.67
N THR D 245 -48.24 20.70 6.08
CA THR D 245 -49.24 20.18 5.17
C THR D 245 -48.91 20.47 3.71
N ASN D 246 -47.63 20.64 3.40
CA ASN D 246 -47.18 20.84 2.02
C ASN D 246 -46.75 19.55 1.35
N GLY D 247 -46.88 18.42 2.03
CA GLY D 247 -46.47 17.14 1.46
C GLY D 247 -44.98 16.89 1.56
N VAL D 248 -44.19 17.71 0.84
CA VAL D 248 -42.75 17.61 0.91
C VAL D 248 -42.28 18.19 2.25
N SER D 249 -41.15 17.68 2.74
CA SER D 249 -40.41 17.99 3.97
C SER D 249 -41.08 17.38 5.20
N ILE D 250 -42.29 16.84 5.08
CA ILE D 250 -42.93 16.05 6.13
C ILE D 250 -43.47 14.79 5.43
N PRO D 251 -42.71 13.69 5.38
CA PRO D 251 -43.10 12.47 4.65
C PRO D 251 -44.36 11.81 5.20
N SER E 28 13.14 57.35 -7.94
CA SER E 28 12.71 56.64 -6.73
C SER E 28 11.37 55.96 -7.01
N MET E 29 10.58 55.74 -5.96
CA MET E 29 9.28 55.09 -6.08
C MET E 29 8.25 56.11 -6.58
N GLN E 30 7.52 55.75 -7.63
CA GLN E 30 6.41 56.56 -8.13
C GLN E 30 5.25 55.59 -8.35
N GLY E 31 4.08 55.96 -7.84
CA GLY E 31 2.90 55.12 -7.99
C GLY E 31 3.01 53.81 -7.23
N ASN E 32 2.07 52.93 -7.53
CA ASN E 32 2.08 51.57 -7.00
C ASN E 32 1.18 50.70 -7.85
N TRP E 33 1.65 49.50 -8.20
CA TRP E 33 0.85 48.59 -8.99
C TRP E 33 -0.35 48.06 -8.21
N LEU E 34 -0.22 48.00 -6.88
CA LEU E 34 -1.27 47.47 -6.02
C LEU E 34 -1.19 48.20 -4.69
N PRO E 35 -2.07 49.16 -4.45
CA PRO E 35 -2.04 49.90 -3.17
C PRO E 35 -2.39 48.99 -2.00
N GLY E 36 -1.55 49.00 -0.98
CA GLY E 36 -1.70 48.16 0.18
C GLY E 36 -0.83 46.91 0.17
N SER E 37 -0.28 46.55 -0.99
CA SER E 37 0.58 45.39 -1.09
C SER E 37 1.96 45.68 -0.50
N GLN E 38 2.63 44.64 -0.06
CA GLN E 38 3.96 44.77 0.53
C GLN E 38 5.00 44.93 -0.58
N THR E 39 5.68 46.07 -0.58
CA THR E 39 6.69 46.33 -1.60
C THR E 39 7.95 45.52 -1.31
N PRO E 40 8.55 44.89 -2.32
CA PRO E 40 9.85 44.24 -2.11
C PRO E 40 10.93 45.24 -1.74
N ALA E 41 11.92 44.77 -0.97
CA ALA E 41 12.95 45.65 -0.45
C ALA E 41 13.87 46.18 -1.54
N HIS E 42 14.00 45.44 -2.66
CA HIS E 42 14.86 45.87 -3.76
C HIS E 42 14.19 46.86 -4.69
N LEU E 43 12.92 47.20 -4.45
CA LEU E 43 12.19 48.13 -5.29
C LEU E 43 11.79 49.43 -4.60
N LYS E 44 12.12 49.59 -3.32
CA LYS E 44 11.69 50.77 -2.58
C LYS E 44 12.54 52.00 -2.93
N ASP E 45 13.84 51.92 -2.64
CA ASP E 45 14.76 53.04 -2.88
C ASP E 45 15.48 52.92 -4.22
N LEU E 46 14.86 52.29 -5.20
CA LEU E 46 15.50 52.03 -6.48
C LEU E 46 15.09 53.06 -7.52
N LYS E 47 16.08 53.70 -8.14
CA LYS E 47 15.85 54.67 -9.20
C LYS E 47 15.68 53.91 -10.51
N MET E 48 14.44 53.83 -10.99
CA MET E 48 14.12 53.04 -12.17
C MET E 48 13.12 53.78 -13.04
N ALA E 49 13.06 53.40 -14.31
CA ALA E 49 12.09 53.96 -15.23
C ALA E 49 10.80 53.14 -15.17
N GLY E 50 9.71 53.76 -14.72
CA GLY E 50 8.45 53.07 -14.59
C GLY E 50 8.42 51.98 -13.54
N ASN E 51 8.95 52.25 -12.35
CA ASN E 51 8.92 51.29 -11.25
C ASN E 51 7.63 51.49 -10.47
N PHE E 52 6.87 50.40 -10.30
CA PHE E 52 5.61 50.43 -9.55
C PHE E 52 5.57 49.39 -8.45
N GLY E 53 6.70 48.78 -8.10
CA GLY E 53 6.72 47.74 -7.10
C GLY E 53 6.18 46.41 -7.56
N PHE E 54 6.02 46.22 -8.87
CA PHE E 54 5.42 45.00 -9.42
C PHE E 54 6.50 43.93 -9.59
N ASP E 55 6.79 43.25 -8.49
CA ASP E 55 7.63 42.04 -8.52
C ASP E 55 7.28 41.18 -7.32
N PRO E 56 6.13 40.48 -7.36
CA PRO E 56 5.81 39.57 -6.26
C PRO E 56 6.70 38.34 -6.22
N LEU E 57 7.32 37.98 -7.34
CA LEU E 57 8.17 36.79 -7.39
C LEU E 57 9.61 37.06 -7.00
N ASN E 58 9.96 38.33 -6.74
CA ASN E 58 11.29 38.75 -6.30
C ASN E 58 12.39 38.31 -7.28
N LEU E 59 12.10 38.42 -8.57
CA LEU E 59 13.08 38.05 -9.58
C LEU E 59 14.19 39.09 -9.72
N GLY E 60 13.90 40.35 -9.41
CA GLY E 60 14.88 41.41 -9.53
C GLY E 60 15.57 41.76 -8.22
N ALA E 61 15.72 40.76 -7.35
CA ALA E 61 16.36 40.99 -6.06
C ALA E 61 17.85 41.30 -6.20
N GLU E 62 18.58 40.52 -7.03
CA GLU E 62 20.01 40.78 -7.24
C GLU E 62 20.20 42.00 -8.16
N PRO E 63 21.29 42.76 -7.98
CA PRO E 63 21.41 44.05 -8.71
C PRO E 63 21.66 43.98 -10.23
N GLN E 64 22.68 43.29 -10.75
CA GLN E 64 22.79 43.42 -12.20
C GLN E 64 21.94 42.36 -12.87
N ALA E 65 21.42 41.42 -12.10
CA ALA E 65 20.36 40.55 -12.59
C ALA E 65 19.15 41.38 -12.98
N LEU E 66 18.83 42.40 -12.18
CA LEU E 66 17.80 43.34 -12.57
C LEU E 66 18.24 44.21 -13.73
N ARG E 67 19.54 44.48 -13.86
CA ARG E 67 20.07 45.19 -15.02
C ARG E 67 19.88 44.39 -16.30
N TRP E 68 20.09 43.07 -16.23
CA TRP E 68 19.88 42.23 -17.41
C TRP E 68 18.40 42.16 -17.77
N TYR E 69 17.53 42.05 -16.76
CA TYR E 69 16.10 42.01 -17.04
C TYR E 69 15.55 43.38 -17.38
N GLN E 70 16.25 44.45 -16.99
CA GLN E 70 15.90 45.78 -17.50
C GLN E 70 16.16 45.86 -18.99
N GLN E 71 17.30 45.35 -19.45
CA GLN E 71 17.61 45.35 -20.87
C GLN E 71 16.67 44.41 -21.64
N ALA E 72 16.29 43.30 -21.01
CA ALA E 72 15.32 42.40 -21.62
C ALA E 72 13.95 43.07 -21.76
N GLU E 73 13.53 43.82 -20.74
CA GLU E 73 12.26 44.54 -20.83
C GLU E 73 12.33 45.65 -21.86
N LEU E 74 13.46 46.34 -21.96
CA LEU E 74 13.62 47.41 -22.93
C LEU E 74 13.61 46.87 -24.36
N VAL E 75 14.24 45.71 -24.58
CA VAL E 75 14.39 45.21 -25.94
C VAL E 75 13.18 44.39 -26.36
N HIS E 76 12.43 43.84 -25.39
CA HIS E 76 11.12 43.28 -25.72
C HIS E 76 10.14 44.36 -26.10
N SER E 77 10.19 45.51 -25.41
CA SER E 77 9.23 46.57 -25.65
C SER E 77 9.51 47.32 -26.94
N ARG E 78 10.79 47.52 -27.27
CA ARG E 78 11.14 48.30 -28.45
C ARG E 78 10.73 47.58 -29.73
N THR E 79 10.90 46.26 -29.79
CA THR E 79 10.43 45.52 -30.96
C THR E 79 8.92 45.29 -30.90
N ALA E 80 8.32 45.41 -29.71
CA ALA E 80 6.87 45.36 -29.62
C ALA E 80 6.24 46.67 -30.08
N MET E 81 6.94 47.79 -29.85
CA MET E 81 6.47 49.07 -30.35
C MET E 81 6.42 49.09 -31.87
N MET E 82 7.49 48.62 -32.50
CA MET E 82 7.54 48.58 -33.96
C MET E 82 6.57 47.55 -34.51
N GLY E 83 6.40 46.44 -33.80
CA GLY E 83 5.47 45.42 -34.24
C GLY E 83 4.02 45.87 -34.19
N VAL E 84 3.63 46.54 -33.11
CA VAL E 84 2.24 46.99 -32.97
C VAL E 84 1.97 48.14 -33.94
N ALA E 85 2.93 49.05 -34.09
CA ALA E 85 2.79 50.14 -35.06
C ALA E 85 2.75 49.60 -36.48
N GLY E 86 3.45 48.50 -36.74
CA GLY E 86 3.33 47.82 -38.00
C GLY E 86 2.03 47.06 -38.19
N ILE E 87 1.23 46.92 -37.13
CA ILE E 87 -0.06 46.25 -37.22
C ILE E 87 -1.20 47.26 -37.29
N LEU E 88 -1.18 48.29 -36.45
CA LEU E 88 -2.30 49.23 -36.40
C LEU E 88 -2.27 50.23 -37.54
N ILE E 89 -1.12 50.88 -37.76
CA ILE E 89 -1.05 51.93 -38.77
C ILE E 89 -1.33 51.41 -40.18
N PRO E 90 -0.74 50.28 -40.63
CA PRO E 90 -1.28 49.66 -41.85
C PRO E 90 -2.72 49.21 -41.71
N GLY E 91 -3.12 48.73 -40.54
CA GLY E 91 -4.50 48.34 -40.34
C GLY E 91 -5.46 49.50 -40.35
N ILE E 92 -5.04 50.64 -39.78
CA ILE E 92 -5.87 51.84 -39.81
C ILE E 92 -6.02 52.35 -41.24
N PHE E 93 -4.92 52.38 -41.99
CA PHE E 93 -4.98 52.84 -43.38
C PHE E 93 -5.77 51.87 -44.26
N THR E 94 -5.82 50.59 -43.89
CA THR E 94 -6.68 49.65 -44.62
C THR E 94 -8.15 49.99 -44.42
N LYS E 95 -8.52 50.39 -43.21
CA LYS E 95 -9.90 50.79 -42.95
C LYS E 95 -10.26 52.06 -43.72
N LEU E 96 -9.32 53.01 -43.80
CA LEU E 96 -9.55 54.25 -44.53
C LEU E 96 -9.46 54.09 -46.04
N GLY E 97 -8.94 52.97 -46.53
CA GLY E 97 -8.92 52.68 -47.95
C GLY E 97 -7.79 53.28 -48.74
N ALA E 98 -6.79 53.88 -48.08
CA ALA E 98 -5.67 54.45 -48.80
C ALA E 98 -4.76 53.37 -49.37
N LEU E 99 -4.44 52.35 -48.57
CA LEU E 99 -3.54 51.30 -48.98
C LEU E 99 -4.26 49.95 -48.91
N ASN E 100 -3.84 49.04 -49.78
CA ASN E 100 -4.38 47.68 -49.82
C ASN E 100 -3.45 46.71 -49.07
N VAL E 101 -2.88 47.18 -47.97
CA VAL E 101 -2.02 46.32 -47.14
C VAL E 101 -2.89 45.29 -46.41
N PRO E 102 -2.56 44.01 -46.48
CA PRO E 102 -3.39 42.99 -45.84
C PRO E 102 -3.17 42.97 -44.33
N GLN E 103 -3.88 42.05 -43.67
CA GLN E 103 -3.77 41.90 -42.23
C GLN E 103 -2.43 41.27 -41.86
N TRP E 104 -2.06 41.42 -40.59
CA TRP E 104 -0.74 41.01 -40.14
C TRP E 104 -0.58 39.50 -40.08
N TYR E 105 -1.66 38.77 -39.74
CA TYR E 105 -1.54 37.33 -39.58
C TYR E 105 -1.39 36.61 -40.91
N GLU E 106 -1.96 37.18 -41.99
CA GLU E 106 -1.84 36.61 -43.31
C GLU E 106 -0.82 37.33 -44.18
N ALA E 107 -0.08 38.28 -43.61
CA ALA E 107 0.89 39.04 -44.39
C ALA E 107 2.09 38.20 -44.80
N GLY E 108 2.42 37.17 -44.00
CA GLY E 108 3.52 36.30 -44.36
C GLY E 108 3.25 35.51 -45.62
N LYS E 109 2.05 34.94 -45.73
CA LYS E 109 1.67 34.21 -46.92
C LYS E 109 1.37 35.12 -48.11
N VAL E 110 1.02 36.38 -47.85
CA VAL E 110 0.74 37.31 -48.94
C VAL E 110 2.05 37.67 -49.66
N TYR E 111 3.11 37.97 -48.90
CA TYR E 111 4.37 38.35 -49.52
C TYR E 111 5.06 37.15 -50.17
N ILE E 112 5.03 36.00 -49.50
CA ILE E 112 5.74 34.81 -49.99
C ILE E 112 5.14 34.33 -51.30
N GLU E 113 3.81 34.32 -51.40
CA GLU E 113 3.15 33.91 -52.62
C GLU E 113 3.22 34.95 -53.73
N GLY E 114 3.74 36.15 -53.45
CA GLY E 114 3.87 37.16 -54.49
C GLY E 114 4.98 36.86 -55.47
N GLU E 115 5.02 37.66 -56.53
CA GLU E 115 5.97 37.46 -57.64
C GLU E 115 7.27 38.22 -57.43
N GLY E 116 7.42 38.93 -56.32
CA GLY E 116 8.66 39.60 -55.99
C GLY E 116 9.18 39.14 -54.65
N ALA E 117 9.01 37.84 -54.36
CA ALA E 117 9.24 37.31 -53.03
C ALA E 117 10.66 36.80 -52.88
N ILE E 118 11.39 37.36 -51.92
CA ILE E 118 12.60 36.70 -51.43
C ILE E 118 12.19 35.42 -50.71
N PRO E 119 12.87 34.29 -50.92
CA PRO E 119 12.46 33.04 -50.26
C PRO E 119 12.58 33.12 -48.75
N PHE E 120 11.73 32.32 -48.08
CA PHE E 120 11.63 32.37 -46.63
C PHE E 120 12.92 31.95 -45.95
N GLY E 121 13.62 30.97 -46.52
CA GLY E 121 14.91 30.56 -45.96
C GLY E 121 15.96 31.65 -46.05
N THR E 122 15.97 32.39 -47.17
CA THR E 122 16.90 33.51 -47.30
C THR E 122 16.56 34.63 -46.35
N LEU E 123 15.27 34.93 -46.19
CA LEU E 123 14.85 36.01 -45.29
C LEU E 123 15.14 35.68 -43.84
N LEU E 124 14.89 34.42 -43.43
CA LEU E 124 15.12 34.03 -42.05
C LEU E 124 16.61 33.98 -41.72
N MET E 125 17.42 33.52 -42.68
CA MET E 125 18.87 33.53 -42.49
C MET E 125 19.43 34.95 -42.44
N THR E 126 18.92 35.84 -43.31
CA THR E 126 19.38 37.22 -43.30
C THR E 126 18.98 37.94 -42.02
N THR E 127 17.76 37.68 -41.53
CA THR E 127 17.31 38.27 -40.27
C THR E 127 18.13 37.73 -39.10
N LEU E 128 18.39 36.43 -39.09
CA LEU E 128 19.16 35.83 -38.00
C LEU E 128 20.61 36.31 -38.01
N PHE E 129 21.21 36.43 -39.20
CA PHE E 129 22.60 36.87 -39.29
C PHE E 129 22.75 38.34 -38.91
N SER E 130 21.81 39.18 -39.35
CA SER E 130 21.89 40.61 -39.08
C SER E 130 21.66 40.90 -37.60
N TYR E 131 20.72 40.19 -36.97
CA TYR E 131 20.44 40.44 -35.56
C TYR E 131 21.53 39.89 -34.66
N ALA E 132 22.16 38.76 -35.04
CA ALA E 132 23.23 38.19 -34.23
C ALA E 132 24.42 39.14 -34.17
N PHE E 133 24.73 39.79 -35.29
CA PHE E 133 25.79 40.80 -35.28
C PHE E 133 25.40 42.00 -34.42
N VAL E 134 24.15 42.44 -34.51
CA VAL E 134 23.69 43.58 -33.73
C VAL E 134 23.61 43.21 -32.25
N GLU E 135 23.00 42.06 -31.94
CA GLU E 135 22.87 41.64 -30.55
C GLU E 135 24.19 41.17 -29.96
N GLY E 136 25.16 40.81 -30.80
CA GLY E 136 26.49 40.54 -30.29
C GLY E 136 27.17 41.79 -29.76
N LYS E 137 27.00 42.91 -30.46
CA LYS E 137 27.50 44.19 -29.96
C LYS E 137 26.72 44.62 -28.72
N ARG E 138 25.42 44.36 -28.69
CA ARG E 138 24.60 44.70 -27.52
C ARG E 138 24.98 43.83 -26.33
N TRP E 139 25.28 42.55 -26.57
CA TRP E 139 25.68 41.67 -25.48
C TRP E 139 27.02 42.09 -24.90
N GLN E 140 28.02 42.32 -25.76
CA GLN E 140 29.35 42.68 -25.28
C GLN E 140 29.35 44.04 -24.60
N ASP E 141 28.40 44.91 -24.95
CA ASP E 141 28.25 46.17 -24.23
C ASP E 141 27.73 45.92 -22.81
N PHE E 142 26.91 44.89 -22.62
CA PHE E 142 26.33 44.64 -21.31
C PHE E 142 27.36 44.10 -20.32
N ARG E 143 28.18 43.14 -20.77
CA ARG E 143 29.18 42.53 -19.89
C ARG E 143 30.22 43.55 -19.45
N LYS E 144 30.73 44.33 -20.39
CA LYS E 144 31.64 45.43 -20.08
C LYS E 144 31.06 46.72 -20.66
N PRO E 145 30.60 47.64 -19.83
CA PRO E 145 30.03 48.89 -20.37
C PRO E 145 31.10 49.78 -20.98
N GLY E 146 30.79 50.32 -22.16
CA GLY E 146 31.73 51.15 -22.88
C GLY E 146 32.85 50.41 -23.56
N SER E 147 32.76 49.08 -23.66
CA SER E 147 33.83 48.29 -24.26
C SER E 147 33.86 48.37 -25.77
N GLN E 148 32.77 48.81 -26.40
CA GLN E 148 32.71 48.89 -27.85
C GLN E 148 33.32 50.18 -28.39
N ALA E 149 33.80 51.06 -27.51
CA ALA E 149 34.44 52.30 -27.91
C ALA E 149 35.95 52.14 -28.09
N GLU E 150 36.43 50.92 -28.26
CA GLU E 150 37.86 50.70 -28.52
C GLU E 150 38.22 51.23 -29.90
N PRO E 151 39.26 52.05 -30.02
CA PRO E 151 39.55 52.69 -31.29
C PRO E 151 39.98 51.71 -32.38
N GLY E 152 39.64 52.07 -33.62
CA GLY E 152 40.00 51.27 -34.77
C GLY E 152 39.32 49.91 -34.86
N THR E 153 38.04 49.83 -34.49
CA THR E 153 37.30 48.59 -34.59
C THR E 153 36.17 48.67 -35.62
N PHE E 154 35.24 49.60 -35.44
CA PHE E 154 34.14 49.80 -36.39
C PHE E 154 34.44 50.95 -37.34
N PHE E 155 35.61 50.92 -37.99
CA PHE E 155 36.02 51.88 -39.02
C PHE E 155 36.02 53.33 -38.51
N GLY E 156 36.27 53.52 -37.22
CA GLY E 156 36.46 54.85 -36.67
C GLY E 156 35.22 55.51 -36.12
N LEU E 157 34.04 55.00 -36.41
CA LEU E 157 32.80 55.58 -35.91
C LEU E 157 32.29 54.92 -34.64
N GLU E 158 33.10 54.06 -34.02
CA GLU E 158 32.74 53.42 -32.77
C GLU E 158 33.04 54.27 -31.54
N SER E 159 33.60 55.47 -31.73
CA SER E 159 33.87 56.35 -30.60
C SER E 159 32.58 56.83 -29.94
N GLN E 160 31.51 56.99 -30.72
CA GLN E 160 30.21 57.33 -30.19
C GLN E 160 29.36 56.12 -29.81
N PHE E 161 29.92 54.92 -29.93
CA PHE E 161 29.23 53.68 -29.59
C PHE E 161 29.40 53.28 -28.13
N LYS E 162 29.71 54.23 -27.25
CA LYS E 162 29.86 53.94 -25.83
C LYS E 162 28.53 54.19 -25.13
N GLY E 163 28.02 53.16 -24.45
CA GLY E 163 26.75 53.27 -23.75
C GLY E 163 26.85 54.08 -22.48
N THR E 164 26.12 55.19 -22.41
CA THR E 164 26.12 56.03 -21.22
C THR E 164 25.31 55.41 -20.08
N GLU E 165 24.41 54.47 -20.39
CA GLU E 165 23.58 53.84 -19.38
C GLU E 165 23.17 52.47 -19.91
N ASN E 166 23.02 51.51 -18.99
CA ASN E 166 22.61 50.16 -19.36
C ASN E 166 21.25 50.16 -20.03
N GLY E 167 21.20 49.71 -21.28
CA GLY E 167 19.99 49.75 -22.06
C GLY E 167 19.73 51.07 -22.76
N TYR E 168 20.57 52.08 -22.53
CA TYR E 168 20.42 53.40 -23.14
C TYR E 168 21.76 53.79 -23.75
N PRO E 169 22.06 53.29 -24.95
CA PRO E 169 23.39 53.51 -25.54
C PRO E 169 23.67 54.94 -25.97
N GLY E 170 22.72 55.58 -26.64
CA GLY E 170 22.97 56.91 -27.17
C GLY E 170 23.88 56.88 -28.39
N GLY E 171 24.51 58.02 -28.63
CA GLY E 171 25.43 58.15 -29.76
C GLY E 171 24.72 58.31 -31.08
N ILE E 172 24.97 57.39 -32.02
CA ILE E 172 24.29 57.43 -33.30
C ILE E 172 22.82 57.05 -33.17
N PHE E 173 22.44 56.37 -32.09
CA PHE E 173 21.05 56.02 -31.87
C PHE E 173 20.19 57.21 -31.50
N ASP E 174 20.79 58.33 -31.11
CA ASP E 174 20.08 59.57 -30.85
C ASP E 174 20.74 60.69 -31.63
N PRO E 175 20.52 60.74 -32.95
CA PRO E 175 21.19 61.76 -33.77
C PRO E 175 20.54 63.13 -33.70
N LEU E 176 19.31 63.23 -33.22
CA LEU E 176 18.60 64.50 -33.14
C LEU E 176 18.93 65.28 -31.88
N GLY E 177 19.73 64.71 -30.97
CA GLY E 177 20.04 65.38 -29.72
C GLY E 177 18.86 65.55 -28.80
N TYR E 178 17.98 64.55 -28.75
CA TYR E 178 16.79 64.61 -27.91
C TYR E 178 17.02 64.00 -26.53
N SER E 179 18.24 63.54 -26.26
CA SER E 179 18.59 63.02 -24.94
C SER E 179 19.57 63.92 -24.19
N LYS E 180 20.22 64.86 -24.86
CA LYS E 180 21.14 65.79 -24.22
C LYS E 180 20.34 66.99 -23.70
N THR E 181 19.58 66.74 -22.65
CA THR E 181 18.68 67.74 -22.07
C THR E 181 18.84 67.69 -20.55
N SER E 182 17.91 68.32 -19.85
CA SER E 182 17.91 68.33 -18.40
C SER E 182 17.66 66.91 -17.87
N PRO E 183 18.28 66.56 -16.73
CA PRO E 183 18.10 65.21 -16.18
C PRO E 183 16.66 64.89 -15.80
N GLU E 184 15.89 65.88 -15.35
CA GLU E 184 14.50 65.62 -14.96
C GLU E 184 13.63 65.35 -16.19
N LYS E 185 14.06 65.79 -17.36
CA LYS E 185 13.34 65.45 -18.59
C LYS E 185 13.75 64.08 -19.11
N LEU E 186 14.93 63.60 -18.74
CA LEU E 186 15.42 62.33 -19.26
C LEU E 186 14.65 61.15 -18.69
N ASP E 187 14.46 61.12 -17.37
CA ASP E 187 13.71 60.01 -16.78
C ASP E 187 12.22 60.12 -17.10
N GLU E 188 11.73 61.34 -17.37
CA GLU E 188 10.37 61.50 -17.87
C GLU E 188 10.23 60.85 -19.25
N LEU E 189 11.22 61.05 -20.12
CA LEU E 189 11.21 60.37 -21.40
C LEU E 189 11.41 58.86 -21.22
N LYS E 190 12.22 58.46 -20.24
CA LYS E 190 12.39 57.05 -19.94
C LYS E 190 11.10 56.45 -19.40
N LEU E 191 10.39 57.19 -18.55
CA LEU E 191 9.10 56.73 -18.04
C LEU E 191 8.07 56.66 -19.15
N LYS E 192 8.09 57.63 -20.07
CA LYS E 192 7.18 57.58 -21.21
C LYS E 192 7.53 56.44 -22.15
N GLU E 193 8.81 56.08 -22.24
CA GLU E 193 9.22 54.98 -23.11
C GLU E 193 8.77 53.64 -22.54
N ILE E 194 8.96 53.43 -21.24
CA ILE E 194 8.60 52.14 -20.66
C ILE E 194 7.08 52.01 -20.54
N LYS E 195 6.35 53.11 -20.39
CA LYS E 195 4.91 53.03 -20.27
C LYS E 195 4.26 52.71 -21.62
N ASN E 196 4.66 53.42 -22.68
CA ASN E 196 4.18 53.06 -24.01
C ASN E 196 4.76 51.72 -24.45
N GLY E 197 5.93 51.35 -23.93
CA GLY E 197 6.49 50.05 -24.24
C GLY E 197 5.69 48.91 -23.65
N ARG E 198 5.28 49.04 -22.38
CA ARG E 198 4.47 47.99 -21.76
C ARG E 198 3.08 47.95 -22.37
N LEU E 199 2.54 49.11 -22.75
CA LEU E 199 1.20 49.16 -23.33
C LEU E 199 1.14 48.47 -24.68
N ALA E 200 2.17 48.67 -25.52
CA ALA E 200 2.24 47.95 -26.78
C ALA E 200 2.54 46.48 -26.55
N MET E 201 3.17 46.16 -25.42
CA MET E 201 3.58 44.78 -25.16
C MET E 201 2.39 43.92 -24.76
N VAL E 202 1.43 44.48 -24.01
CA VAL E 202 0.20 43.74 -23.76
C VAL E 202 -0.72 43.81 -24.97
N ALA E 203 -0.53 44.81 -25.83
CA ALA E 203 -1.33 44.92 -27.04
C ALA E 203 -1.03 43.77 -28.00
N PHE E 204 0.24 43.41 -28.15
CA PHE E 204 0.60 42.32 -29.05
C PHE E 204 0.07 40.98 -28.55
N LEU E 205 0.05 40.79 -27.22
CA LEU E 205 -0.59 39.60 -26.67
C LEU E 205 -2.09 39.61 -26.93
N GLY E 206 -2.70 40.79 -26.89
CA GLY E 206 -4.09 40.90 -27.29
C GLY E 206 -4.29 40.61 -28.76
N PHE E 207 -3.30 40.97 -29.59
CA PHE E 207 -3.41 40.78 -31.03
C PHE E 207 -3.37 39.31 -31.40
N ALA E 208 -2.49 38.54 -30.76
CA ALA E 208 -2.42 37.10 -31.01
C ALA E 208 -3.63 36.39 -30.40
N GLY E 209 -4.08 36.84 -29.22
CA GLY E 209 -5.25 36.24 -28.61
C GLY E 209 -6.53 36.52 -29.39
N GLN E 210 -6.67 37.72 -29.93
CA GLN E 210 -7.86 38.05 -30.69
C GLN E 210 -7.88 37.37 -32.06
N TYR E 211 -6.70 37.17 -32.67
CA TYR E 211 -6.63 36.36 -33.87
C TYR E 211 -6.91 34.88 -33.54
N GLY E 212 -6.47 34.43 -32.37
CA GLY E 212 -6.73 33.06 -31.97
C GLY E 212 -8.20 32.78 -31.72
N ALA E 213 -8.91 33.74 -31.16
CA ALA E 213 -10.32 33.54 -30.81
C ALA E 213 -11.25 33.96 -31.94
N THR E 214 -11.18 35.22 -32.36
CA THR E 214 -12.11 35.75 -33.36
C THR E 214 -11.66 35.49 -34.78
N GLY E 215 -10.35 35.37 -35.03
CA GLY E 215 -9.87 35.17 -36.38
C GLY E 215 -9.92 36.42 -37.24
N LYS E 216 -9.99 37.60 -36.63
CA LYS E 216 -10.05 38.85 -37.35
C LYS E 216 -8.98 39.80 -36.83
N GLY E 217 -8.69 40.83 -37.62
CA GLY E 217 -7.71 41.81 -37.26
C GLY E 217 -8.16 42.70 -36.12
N PRO E 218 -7.21 43.38 -35.48
CA PRO E 218 -7.57 44.29 -34.36
C PRO E 218 -8.46 45.45 -34.79
N ILE E 219 -8.32 45.92 -36.03
CA ILE E 219 -9.17 47.02 -36.51
C ILE E 219 -10.62 46.56 -36.62
N ASP E 220 -10.84 45.38 -37.19
CA ASP E 220 -12.20 44.83 -37.28
C ASP E 220 -12.76 44.53 -35.90
N ASN E 221 -11.92 44.04 -34.99
CA ASN E 221 -12.37 43.77 -33.63
C ASN E 221 -12.73 45.05 -32.89
N LEU E 222 -11.94 46.12 -33.10
CA LEU E 222 -12.25 47.39 -32.46
C LEU E 222 -13.53 47.99 -33.01
N ALA E 223 -13.75 47.87 -34.32
CA ALA E 223 -14.99 48.36 -34.92
C ALA E 223 -16.20 47.56 -34.45
N ASP E 224 -16.02 46.25 -34.25
CA ASP E 224 -17.10 45.42 -33.75
C ASP E 224 -17.47 45.78 -32.32
N HIS E 225 -16.47 46.05 -31.47
CA HIS E 225 -16.73 46.44 -30.10
C HIS E 225 -17.33 47.83 -30.02
N LEU E 226 -16.94 48.73 -30.92
CA LEU E 226 -17.51 50.08 -30.90
C LEU E 226 -18.95 50.08 -31.38
N ALA E 227 -19.24 49.36 -32.45
CA ALA E 227 -20.60 49.33 -32.99
C ALA E 227 -21.52 48.45 -32.17
N ASP E 228 -21.02 47.37 -31.59
CA ASP E 228 -21.85 46.41 -30.87
C ASP E 228 -21.04 45.85 -29.71
N PRO E 229 -21.06 46.52 -28.55
CA PRO E 229 -20.16 46.14 -27.45
C PRO E 229 -20.59 44.88 -26.72
N TRP E 230 -21.90 44.72 -26.50
CA TRP E 230 -22.36 43.64 -25.62
C TRP E 230 -22.24 42.27 -26.29
N HIS E 231 -22.63 42.16 -27.56
CA HIS E 231 -22.59 40.87 -28.24
C HIS E 231 -21.21 40.51 -28.76
N ASN E 232 -20.28 41.46 -28.80
CA ASN E 232 -18.91 41.22 -29.26
C ASN E 232 -17.98 41.33 -28.04
N THR E 233 -17.81 40.23 -27.33
CA THR E 233 -17.01 40.19 -26.11
C THR E 233 -16.26 38.87 -26.11
N PHE E 234 -15.09 38.86 -25.45
CA PHE E 234 -14.31 37.63 -25.33
C PHE E 234 -15.06 36.57 -24.53
N ALA E 235 -15.95 36.98 -23.62
CA ALA E 235 -16.80 36.02 -22.94
C ALA E 235 -17.84 35.44 -23.88
N GLU E 236 -18.32 36.22 -24.84
CA GLU E 236 -19.27 35.70 -25.82
C GLU E 236 -18.62 34.66 -26.72
N ASN E 237 -17.36 34.87 -27.11
CA ASN E 237 -16.64 33.89 -27.90
C ASN E 237 -16.26 32.70 -27.03
N GLY E 238 -16.53 31.49 -27.52
CA GLY E 238 -16.27 30.30 -26.74
C GLY E 238 -14.83 29.84 -26.72
N ILE E 239 -13.97 30.45 -27.54
CA ILE E 239 -12.57 30.04 -27.61
C ILE E 239 -11.83 30.43 -26.34
N SER E 240 -12.03 31.67 -25.87
CA SER E 240 -11.27 32.17 -24.72
C SER E 240 -11.71 31.49 -23.43
N VAL E 241 -13.01 31.36 -23.22
CA VAL E 241 -13.58 30.70 -22.05
C VAL E 241 -14.40 29.52 -22.53
N PRO E 242 -13.83 28.31 -22.55
CA PRO E 242 -14.59 27.13 -22.98
C PRO E 242 -15.68 26.78 -21.99
N GLY E 243 -16.82 26.34 -22.54
CA GLY E 243 -17.95 25.94 -21.72
C GLY E 243 -18.88 27.05 -21.30
N LEU E 244 -18.48 28.31 -21.46
CA LEU E 244 -19.36 29.41 -21.09
C LEU E 244 -20.51 29.57 -22.08
N SER E 245 -20.28 29.24 -23.35
CA SER E 245 -21.36 29.26 -24.33
C SER E 245 -22.39 28.17 -24.05
N ALA E 246 -21.96 27.04 -23.50
CA ALA E 246 -22.91 26.00 -23.12
C ALA E 246 -23.77 26.44 -21.95
N VAL E 247 -23.21 27.26 -21.05
CA VAL E 247 -24.00 27.84 -19.97
C VAL E 247 -25.06 28.78 -20.53
N GLU E 248 -24.68 29.58 -21.54
CA GLU E 248 -25.65 30.45 -22.20
C GLU E 248 -26.73 29.64 -22.92
N GLN E 249 -26.34 28.54 -23.56
CA GLN E 249 -27.30 27.70 -24.26
C GLN E 249 -28.23 26.99 -23.28
N ALA E 250 -27.68 26.53 -22.15
CA ALA E 250 -28.51 25.86 -21.15
C ALA E 250 -29.46 26.83 -20.48
N ALA E 251 -29.03 28.08 -20.28
CA ALA E 251 -29.89 29.08 -19.68
C ALA E 251 -30.95 29.57 -20.66
N ALA E 252 -30.65 29.53 -21.96
CA ALA E 252 -31.62 29.95 -22.96
C ALA E 252 -32.74 28.93 -23.10
N ASN E 253 -32.41 27.63 -23.04
CA ASN E 253 -33.41 26.58 -23.16
C ASN E 253 -34.23 26.46 -21.88
N ASN F 35 86.23 -16.68 -29.67
CA ASN F 35 87.02 -17.89 -29.52
C ASN F 35 86.46 -19.04 -30.38
N ARG F 36 85.15 -19.06 -30.52
CA ARG F 36 84.45 -20.05 -31.33
C ARG F 36 84.42 -19.60 -32.79
N PRO F 37 84.09 -20.50 -33.72
CA PRO F 37 83.67 -20.05 -35.05
C PRO F 37 82.31 -19.37 -35.06
N LEU F 38 81.62 -19.29 -33.91
CA LEU F 38 80.37 -18.58 -33.71
C LEU F 38 79.24 -19.17 -34.54
N TRP F 39 78.11 -18.48 -34.59
CA TRP F 39 77.00 -18.95 -35.41
C TRP F 39 76.76 -18.07 -36.63
N LEU F 40 76.60 -16.76 -36.47
CA LEU F 40 76.45 -15.92 -37.64
C LEU F 40 77.38 -14.70 -37.57
N PRO F 41 77.50 -13.82 -38.67
CA PRO F 41 78.59 -12.82 -38.66
C PRO F 41 78.84 -11.98 -37.41
N ASP F 42 77.79 -11.35 -36.87
CA ASP F 42 77.95 -10.40 -35.78
C ASP F 42 78.52 -11.09 -34.55
N VAL F 43 79.42 -10.40 -33.86
CA VAL F 43 80.11 -10.99 -32.73
C VAL F 43 79.17 -11.02 -31.52
N ILE F 44 78.51 -12.15 -31.32
CA ILE F 44 77.60 -12.35 -30.20
C ILE F 44 78.40 -13.00 -29.07
N PRO F 45 78.48 -12.38 -27.90
CA PRO F 45 78.94 -13.09 -26.70
C PRO F 45 77.78 -13.78 -26.00
N PRO F 46 77.45 -15.02 -26.38
CA PRO F 46 76.24 -15.67 -25.87
C PRO F 46 76.34 -15.90 -24.37
N PRO F 47 75.26 -15.63 -23.62
CA PRO F 47 75.36 -15.63 -22.16
C PRO F 47 75.46 -17.03 -21.56
N HIS F 48 74.69 -17.98 -22.07
CA HIS F 48 74.64 -19.30 -21.47
C HIS F 48 75.53 -20.31 -22.17
N LEU F 49 75.77 -20.15 -23.47
CA LEU F 49 76.55 -21.10 -24.25
C LEU F 49 78.00 -20.63 -24.28
N ASN F 50 78.82 -21.22 -23.40
CA ASN F 50 80.23 -20.85 -23.35
C ASN F 50 81.01 -21.42 -24.52
N GLY F 51 80.71 -22.66 -24.90
CA GLY F 51 81.37 -23.28 -26.04
C GLY F 51 81.82 -24.71 -25.77
N THR F 52 81.58 -25.21 -24.56
CA THR F 52 81.97 -26.57 -24.21
C THR F 52 81.03 -27.63 -24.76
N LEU F 53 79.85 -27.24 -25.23
CA LEU F 53 78.92 -28.21 -25.78
C LEU F 53 79.40 -28.70 -27.14
N PRO F 54 79.10 -29.95 -27.51
CA PRO F 54 79.45 -30.44 -28.84
C PRO F 54 78.62 -29.73 -29.91
N GLY F 55 79.31 -29.16 -30.89
CA GLY F 55 78.65 -28.37 -31.92
C GLY F 55 78.03 -27.10 -31.40
N ASP F 56 78.69 -26.41 -30.47
CA ASP F 56 78.16 -25.19 -29.87
C ASP F 56 78.59 -24.01 -30.73
N SER F 57 77.62 -23.23 -31.19
CA SER F 57 77.88 -22.04 -32.00
C SER F 57 77.26 -20.77 -31.42
N GLY F 58 76.39 -20.89 -30.42
CA GLY F 58 75.72 -19.73 -29.88
C GLY F 58 74.38 -19.41 -30.52
N PHE F 59 73.76 -20.38 -31.19
CA PHE F 59 72.49 -20.18 -31.88
C PHE F 59 71.37 -20.30 -30.85
N ASP F 60 70.95 -19.16 -30.31
CA ASP F 60 69.80 -19.08 -29.42
C ASP F 60 69.25 -17.65 -29.43
N PRO F 61 68.52 -17.26 -30.47
CA PRO F 61 67.99 -15.89 -30.52
C PRO F 61 66.85 -15.62 -29.55
N LEU F 62 66.31 -16.66 -28.91
CA LEU F 62 65.21 -16.48 -27.96
C LEU F 62 65.54 -16.95 -26.55
N GLY F 63 66.56 -17.80 -26.37
CA GLY F 63 66.94 -18.24 -25.04
C GLY F 63 65.97 -19.24 -24.43
N LEU F 64 65.89 -20.43 -25.04
CA LEU F 64 64.97 -21.46 -24.57
C LEU F 64 65.61 -22.43 -23.58
N GLY F 65 66.94 -22.52 -23.55
CA GLY F 65 67.60 -23.52 -22.74
C GLY F 65 68.47 -22.96 -21.64
N LEU F 66 67.96 -21.95 -20.93
CA LEU F 66 68.73 -21.32 -19.86
C LEU F 66 68.94 -22.22 -18.65
N ASN F 67 68.10 -23.24 -18.47
CA ASN F 67 68.25 -24.18 -17.37
C ASN F 67 69.20 -25.30 -17.75
N GLU F 68 70.07 -25.68 -16.81
CA GLU F 68 71.09 -26.68 -17.09
C GLU F 68 70.49 -28.08 -17.24
N GLU F 69 69.51 -28.42 -16.39
CA GLU F 69 68.81 -29.68 -16.55
C GLU F 69 68.04 -29.73 -17.86
N ARG F 70 67.38 -28.63 -18.21
CA ARG F 70 66.74 -28.53 -19.51
C ARG F 70 67.78 -28.59 -20.63
N LEU F 71 68.95 -28.00 -20.40
CA LEU F 71 70.01 -28.05 -21.41
C LEU F 71 70.46 -29.47 -21.69
N LYS F 72 70.67 -30.27 -20.63
CA LYS F 72 71.16 -31.63 -20.84
C LYS F 72 70.07 -32.52 -21.42
N TRP F 73 68.82 -32.36 -20.95
CA TRP F 73 67.71 -33.13 -21.50
C TRP F 73 67.52 -32.81 -22.99
N TYR F 74 67.62 -31.53 -23.34
CA TYR F 74 67.36 -31.13 -24.71
C TYR F 74 68.54 -31.37 -25.64
N VAL F 75 69.78 -31.40 -25.14
CA VAL F 75 70.88 -31.80 -26.02
C VAL F 75 70.83 -33.32 -26.26
N GLU F 76 70.41 -34.09 -25.26
CA GLU F 76 70.17 -35.51 -25.48
C GLU F 76 69.04 -35.73 -26.50
N ALA F 77 67.96 -34.94 -26.37
CA ALA F 77 66.85 -35.04 -27.31
C ALA F 77 67.27 -34.61 -28.71
N GLU F 78 68.10 -33.56 -28.82
CA GLU F 78 68.59 -33.11 -30.12
C GLU F 78 69.46 -34.17 -30.77
N LYS F 79 70.33 -34.81 -29.98
CA LYS F 79 71.18 -35.88 -30.53
C LYS F 79 70.33 -37.07 -30.99
N MET F 80 69.32 -37.45 -30.21
CA MET F 80 68.47 -38.56 -30.63
C MET F 80 67.65 -38.22 -31.87
N ASN F 81 67.13 -36.99 -31.94
CA ASN F 81 66.38 -36.56 -33.12
C ASN F 81 67.28 -36.49 -34.35
N GLY F 82 68.54 -36.08 -34.17
CA GLY F 82 69.47 -36.09 -35.29
C GLY F 82 69.77 -37.49 -35.77
N ARG F 83 69.96 -38.43 -34.84
CA ARG F 83 70.19 -39.83 -35.23
C ARG F 83 68.99 -40.40 -35.96
N TRP F 84 67.78 -40.12 -35.47
CA TRP F 84 66.57 -40.57 -36.16
C TRP F 84 66.43 -39.91 -37.53
N ALA F 85 66.85 -38.65 -37.65
CA ALA F 85 66.82 -37.97 -38.94
C ALA F 85 67.76 -38.63 -39.93
N MET F 86 68.98 -38.98 -39.48
CA MET F 86 69.92 -39.66 -40.36
C MET F 86 69.39 -41.02 -40.80
N MET F 87 68.82 -41.79 -39.85
CA MET F 87 68.25 -43.08 -40.21
C MET F 87 67.10 -42.93 -41.19
N ALA F 88 66.26 -41.91 -41.00
CA ALA F 88 65.13 -41.68 -41.89
C ALA F 88 65.58 -41.32 -43.30
N VAL F 89 66.50 -40.36 -43.42
CA VAL F 89 66.92 -39.93 -44.75
C VAL F 89 67.70 -41.03 -45.45
N THR F 90 68.55 -41.77 -44.73
CA THR F 90 69.28 -42.86 -45.35
C THR F 90 68.37 -43.99 -45.76
N GLY F 91 67.32 -44.27 -44.98
CA GLY F 91 66.31 -45.22 -45.43
C GLY F 91 65.60 -44.76 -46.69
N ILE F 92 65.32 -43.46 -46.78
CA ILE F 92 64.63 -42.93 -47.95
C ILE F 92 65.50 -43.06 -49.21
N MET F 93 66.76 -42.60 -49.13
CA MET F 93 67.61 -42.73 -50.32
C MET F 93 67.96 -44.18 -50.62
N GLY F 94 68.13 -45.03 -49.62
CA GLY F 94 68.41 -46.43 -49.89
C GLY F 94 67.23 -47.14 -50.54
N GLN F 95 66.02 -46.85 -50.07
CA GLN F 95 64.83 -47.43 -50.67
C GLN F 95 64.64 -46.95 -52.10
N GLU F 96 64.91 -45.66 -52.37
CA GLU F 96 64.72 -45.16 -53.72
C GLU F 96 65.80 -45.66 -54.67
N LEU F 97 67.05 -45.76 -54.19
CA LEU F 97 68.14 -46.20 -55.06
C LEU F 97 68.10 -47.70 -55.30
N LEU F 98 67.71 -48.49 -54.28
CA LEU F 98 67.62 -49.94 -54.47
C LEU F 98 66.48 -50.32 -55.39
N GLY F 99 65.39 -49.56 -55.38
CA GLY F 99 64.27 -49.81 -56.26
C GLY F 99 63.11 -50.51 -55.59
N VAL F 100 62.06 -49.76 -55.27
CA VAL F 100 60.84 -50.33 -54.69
C VAL F 100 59.65 -49.83 -55.51
N PRO F 101 58.61 -50.63 -55.67
CA PRO F 101 57.44 -50.18 -56.44
C PRO F 101 56.64 -49.08 -55.75
N VAL F 102 56.80 -48.90 -54.44
CA VAL F 102 56.02 -47.94 -53.67
C VAL F 102 56.98 -46.93 -53.04
N LYS F 103 56.65 -45.65 -53.16
CA LYS F 103 57.50 -44.60 -52.63
C LYS F 103 57.41 -44.55 -51.10
N TRP F 104 58.25 -43.71 -50.50
CA TRP F 104 58.35 -43.64 -49.05
C TRP F 104 57.12 -43.00 -48.42
N PHE F 105 56.49 -42.04 -49.10
CA PHE F 105 55.32 -41.38 -48.54
C PHE F 105 54.05 -42.19 -48.70
N GLU F 106 54.05 -43.22 -49.53
CA GLU F 106 52.91 -44.11 -49.69
C GLU F 106 53.20 -45.52 -49.17
N ALA F 107 54.32 -45.71 -48.47
CA ALA F 107 54.72 -47.03 -48.00
C ALA F 107 53.85 -47.54 -46.85
N GLY F 108 53.13 -46.64 -46.16
CA GLY F 108 52.25 -47.08 -45.09
C GLY F 108 51.08 -47.90 -45.61
N ALA F 109 50.51 -47.51 -46.74
CA ALA F 109 49.38 -48.23 -47.35
C ALA F 109 49.93 -49.11 -48.46
N ALA F 110 50.53 -50.24 -48.06
CA ALA F 110 51.10 -51.17 -49.00
C ALA F 110 50.89 -52.59 -48.48
N GLU F 111 50.90 -53.54 -49.40
CA GLU F 111 50.71 -54.94 -49.05
C GLU F 111 52.04 -55.55 -48.59
N TYR F 112 52.07 -56.02 -47.35
CA TYR F 112 53.26 -56.61 -46.76
C TYR F 112 52.92 -57.98 -46.20
N ASP F 113 53.95 -58.68 -45.71
CA ASP F 113 53.74 -59.98 -45.10
C ASP F 113 53.00 -59.87 -43.78
N LEU F 114 53.22 -58.78 -43.04
CA LEU F 114 52.51 -58.52 -41.80
C LEU F 114 51.60 -57.32 -41.98
N PRO F 115 50.34 -57.40 -41.54
CA PRO F 115 49.42 -56.27 -41.70
C PRO F 115 49.76 -55.15 -40.72
N VAL F 116 49.11 -54.01 -40.95
CA VAL F 116 49.32 -52.85 -40.08
C VAL F 116 48.77 -53.11 -38.68
N GLN F 117 47.73 -53.94 -38.58
CA GLN F 117 47.17 -54.26 -37.27
C GLN F 117 48.10 -55.14 -36.46
N ALA F 118 48.87 -56.00 -37.10
CA ALA F 118 49.80 -56.90 -36.42
C ALA F 118 51.21 -56.32 -36.29
N GLN F 119 51.46 -55.14 -36.84
CA GLN F 119 52.79 -54.53 -36.78
C GLN F 119 52.94 -53.59 -35.60
N VAL F 120 51.96 -52.70 -35.40
CA VAL F 120 52.00 -51.69 -34.34
C VAL F 120 51.98 -52.20 -32.89
N PRO F 121 51.46 -53.39 -32.53
CA PRO F 121 51.61 -53.80 -31.13
C PRO F 121 53.05 -54.03 -30.70
N ILE F 122 53.78 -54.88 -31.42
CA ILE F 122 55.16 -55.14 -31.07
C ILE F 122 56.04 -53.93 -31.35
N LEU F 123 55.66 -53.12 -32.35
CA LEU F 123 56.41 -51.90 -32.65
C LEU F 123 56.36 -50.92 -31.48
N PHE F 124 55.20 -50.77 -30.86
CA PHE F 124 55.14 -49.95 -29.65
C PHE F 124 55.81 -50.65 -28.47
N LEU F 125 55.61 -51.96 -28.34
CA LEU F 125 56.05 -52.66 -27.13
C LEU F 125 57.58 -52.71 -27.02
N VAL F 126 58.26 -53.17 -28.07
CA VAL F 126 59.71 -53.38 -27.96
C VAL F 126 60.44 -52.04 -27.89
N MET F 127 59.97 -51.02 -28.59
CA MET F 127 60.64 -49.73 -28.51
C MET F 127 60.24 -48.95 -27.27
N GLY F 128 59.08 -49.23 -26.67
CA GLY F 128 58.81 -48.72 -25.35
C GLY F 128 59.71 -49.34 -24.30
N PHE F 129 60.01 -50.63 -24.45
CA PHE F 129 61.00 -51.28 -23.60
C PHE F 129 62.37 -50.63 -23.76
N LEU F 130 62.77 -50.39 -25.01
CA LEU F 130 64.06 -49.77 -25.29
C LEU F 130 64.15 -48.36 -24.72
N GLU F 131 63.09 -47.56 -24.91
CA GLU F 131 63.10 -46.18 -24.43
C GLU F 131 62.99 -46.13 -22.91
N THR F 132 62.28 -47.08 -22.29
CA THR F 132 62.23 -47.13 -20.83
C THR F 132 63.59 -47.46 -20.23
N LYS F 133 64.28 -48.44 -20.83
CA LYS F 133 65.64 -48.74 -20.37
C LYS F 133 66.58 -47.56 -20.60
N ARG F 134 66.45 -46.89 -21.75
CA ARG F 134 67.29 -45.74 -22.06
C ARG F 134 67.06 -44.60 -21.08
N PHE F 135 65.79 -44.35 -20.72
CA PHE F 135 65.50 -43.27 -19.78
C PHE F 135 65.96 -43.61 -18.37
N GLN F 136 65.71 -44.85 -17.92
CA GLN F 136 66.14 -45.23 -16.59
C GLN F 136 67.65 -45.35 -16.46
N GLY F 137 68.37 -45.45 -17.57
CA GLY F 137 69.82 -45.35 -17.51
C GLY F 137 70.31 -43.91 -17.63
N PHE F 138 69.65 -43.11 -18.47
CA PHE F 138 70.01 -41.72 -18.66
C PHE F 138 69.74 -40.88 -17.41
N ARG F 139 68.84 -41.35 -16.53
CA ARG F 139 68.56 -40.63 -15.29
C ARG F 139 69.79 -40.52 -14.39
N GLU F 140 70.78 -41.41 -14.55
CA GLU F 140 72.01 -41.32 -13.77
C GLU F 140 73.26 -41.18 -14.62
N THR F 141 73.30 -41.79 -15.80
CA THR F 141 74.50 -41.71 -16.64
C THR F 141 74.60 -40.37 -17.35
N GLY F 142 73.48 -39.81 -17.78
CA GLY F 142 73.49 -38.56 -18.50
C GLY F 142 73.88 -38.65 -19.96
N THR F 143 74.04 -39.87 -20.49
CA THR F 143 74.41 -40.09 -21.88
C THR F 143 73.41 -41.05 -22.51
N SER F 144 73.66 -41.40 -23.78
CA SER F 144 72.80 -42.30 -24.52
C SER F 144 73.25 -43.74 -24.27
N GLY F 145 72.70 -44.68 -25.05
CA GLY F 145 73.06 -46.08 -24.94
C GLY F 145 71.92 -47.00 -25.32
N PHE F 146 72.21 -48.01 -26.13
CA PHE F 146 71.19 -48.93 -26.61
C PHE F 146 70.58 -49.75 -25.48
N ILE F 147 71.36 -50.67 -24.90
CA ILE F 147 70.94 -51.53 -23.81
C ILE F 147 72.14 -51.78 -22.91
N ASN F 148 72.01 -51.43 -21.62
CA ASN F 148 72.97 -51.77 -20.57
C ASN F 148 74.35 -51.17 -20.81
N SER F 149 75.02 -51.59 -21.88
CA SER F 149 76.31 -51.00 -22.25
C SER F 149 76.08 -49.62 -22.84
N TYR F 150 76.03 -48.60 -21.98
CA TYR F 150 75.65 -47.25 -22.37
C TYR F 150 76.72 -46.49 -23.14
N PRO F 151 78.03 -46.67 -22.89
CA PRO F 151 79.00 -46.18 -23.88
C PRO F 151 78.78 -46.75 -25.28
N PHE F 152 78.45 -48.04 -25.36
CA PHE F 152 78.05 -48.71 -26.61
C PHE F 152 79.08 -48.53 -27.72
N ASP F 153 80.35 -48.73 -27.36
CA ASP F 153 81.46 -48.47 -28.27
C ASP F 153 82.34 -49.70 -28.38
N PRO F 154 81.93 -50.70 -29.15
CA PRO F 154 82.82 -51.85 -29.41
C PRO F 154 83.99 -51.50 -30.30
N VAL F 155 83.91 -50.40 -31.07
CA VAL F 155 84.99 -49.99 -31.96
C VAL F 155 85.76 -48.79 -31.43
N GLY F 156 85.26 -48.11 -30.41
CA GLY F 156 85.96 -46.98 -29.82
C GLY F 156 85.85 -45.71 -30.65
N LEU F 157 86.97 -45.01 -30.79
CA LEU F 157 87.09 -43.70 -31.47
C LEU F 157 85.99 -42.73 -31.01
N ASN F 158 85.86 -42.59 -29.69
CA ASN F 158 84.89 -41.66 -29.10
C ASN F 158 85.56 -40.32 -28.83
N SER F 159 85.90 -39.64 -29.92
CA SER F 159 86.54 -38.34 -29.82
C SER F 159 85.50 -37.23 -29.76
N PRO F 160 85.84 -36.09 -29.14
CA PRO F 160 84.94 -34.92 -29.21
C PRO F 160 84.72 -34.41 -30.63
N LYS F 161 85.72 -34.57 -31.50
CA LYS F 161 85.53 -34.24 -32.91
C LYS F 161 84.45 -35.11 -33.53
N HIS F 162 84.41 -36.40 -33.17
CA HIS F 162 83.35 -37.28 -33.63
C HIS F 162 81.99 -36.84 -33.09
N ALA F 163 81.93 -36.36 -31.85
CA ALA F 163 80.68 -35.87 -31.29
C ALA F 163 80.18 -34.63 -32.03
N VAL F 164 81.09 -33.70 -32.34
CA VAL F 164 80.72 -32.50 -33.09
C VAL F 164 80.26 -32.88 -34.50
N ASN F 165 80.96 -33.83 -35.12
CA ASN F 165 80.57 -34.31 -36.44
C ASN F 165 79.20 -34.96 -36.41
N GLU F 166 78.92 -35.77 -35.38
CA GLU F 166 77.61 -36.39 -35.24
C GLU F 166 76.51 -35.36 -35.06
N VAL F 167 76.75 -34.34 -34.24
CA VAL F 167 75.74 -33.32 -33.97
C VAL F 167 75.44 -32.51 -35.24
N LYS F 168 76.49 -32.09 -35.95
CA LYS F 168 76.26 -31.26 -37.13
C LYS F 168 75.72 -32.06 -38.31
N ASN F 169 76.19 -33.30 -38.48
CA ASN F 169 75.61 -34.19 -39.49
C ASN F 169 74.15 -34.51 -39.17
N GLY F 170 73.80 -34.60 -37.89
CA GLY F 170 72.41 -34.78 -37.50
C GLY F 170 71.55 -33.57 -37.79
N ARG F 171 72.08 -32.37 -37.55
CA ARG F 171 71.35 -31.15 -37.90
C ARG F 171 71.14 -31.06 -39.42
N LEU F 172 72.16 -31.44 -40.19
CA LEU F 172 72.04 -31.46 -41.64
C LEU F 172 70.99 -32.47 -42.09
N ALA F 173 70.96 -33.65 -41.47
CA ALA F 173 69.94 -34.63 -41.81
C ALA F 173 68.55 -34.20 -41.37
N MET F 174 68.47 -33.42 -40.29
CA MET F 174 67.19 -32.85 -39.86
C MET F 174 66.64 -31.91 -40.92
N VAL F 175 67.50 -30.99 -41.39
CA VAL F 175 67.11 -30.07 -42.47
C VAL F 175 66.77 -30.87 -43.73
N ALA F 176 67.51 -31.94 -43.99
CA ALA F 176 67.26 -32.78 -45.15
C ALA F 176 65.90 -33.47 -45.08
N PHE F 177 65.53 -33.96 -43.89
CA PHE F 177 64.23 -34.62 -43.77
C PHE F 177 63.09 -33.62 -43.87
N VAL F 178 63.29 -32.41 -43.33
CA VAL F 178 62.29 -31.35 -43.53
C VAL F 178 62.12 -31.05 -45.01
N GLY F 179 63.25 -30.94 -45.72
CA GLY F 179 63.20 -30.72 -47.16
C GLY F 179 62.50 -31.85 -47.89
N PHE F 180 62.76 -33.11 -47.49
CA PHE F 180 62.13 -34.26 -48.12
C PHE F 180 60.62 -34.25 -47.90
N ALA F 181 60.18 -33.91 -46.69
CA ALA F 181 58.75 -33.82 -46.40
C ALA F 181 58.10 -32.74 -47.24
N VAL F 182 58.78 -31.60 -47.41
CA VAL F 182 58.18 -30.54 -48.22
C VAL F 182 58.22 -30.90 -49.72
N GLN F 183 59.21 -31.71 -50.16
CA GLN F 183 59.15 -32.26 -51.52
C GLN F 183 57.91 -33.12 -51.70
N ALA F 184 57.66 -34.02 -50.74
CA ALA F 184 56.50 -34.89 -50.81
C ALA F 184 55.19 -34.11 -50.72
N LEU F 185 55.20 -32.96 -50.05
CA LEU F 185 54.02 -32.11 -50.01
C LEU F 185 53.79 -31.40 -51.35
N VAL F 186 54.78 -30.65 -51.81
CA VAL F 186 54.61 -29.75 -52.94
C VAL F 186 54.82 -30.48 -54.26
N THR F 187 56.03 -31.00 -54.46
CA THR F 187 56.39 -31.58 -55.76
C THR F 187 55.75 -32.93 -55.98
N ARG F 188 55.35 -33.63 -54.90
CA ARG F 188 54.73 -34.96 -54.97
C ARG F 188 55.62 -35.96 -55.69
N THR F 189 56.93 -35.86 -55.46
CA THR F 189 57.90 -36.72 -56.12
C THR F 189 58.98 -37.12 -55.13
N GLN F 190 59.79 -38.08 -55.54
CA GLN F 190 60.87 -38.57 -54.70
C GLN F 190 62.00 -37.53 -54.60
N PRO F 191 62.79 -37.57 -53.52
CA PRO F 191 63.86 -36.56 -53.37
C PRO F 191 64.94 -36.64 -54.44
N ILE F 192 65.44 -37.84 -54.75
CA ILE F 192 66.47 -37.98 -55.77
C ILE F 192 65.90 -37.63 -57.15
N GLU F 193 64.63 -37.93 -57.39
CA GLU F 193 63.99 -37.49 -58.62
C GLU F 193 63.92 -35.98 -58.70
N GLY F 194 63.66 -35.31 -57.58
CA GLY F 194 63.69 -33.85 -57.56
C GLY F 194 65.09 -33.31 -57.80
N LEU F 195 66.11 -33.99 -57.27
CA LEU F 195 67.49 -33.61 -57.54
C LEU F 195 67.81 -33.74 -59.02
N GLN F 196 67.34 -34.82 -59.65
CA GLN F 196 67.55 -35.01 -61.09
C GLN F 196 66.81 -33.94 -61.88
N LYS F 197 65.62 -33.54 -61.42
CA LYS F 197 64.87 -32.48 -62.09
C LYS F 197 65.60 -31.14 -61.98
N HIS F 198 66.17 -30.83 -60.82
CA HIS F 198 66.94 -29.60 -60.68
C HIS F 198 68.25 -29.67 -61.46
N LEU F 199 68.79 -30.88 -61.67
CA LEU F 199 70.02 -31.03 -62.45
C LEU F 199 69.74 -30.84 -63.94
N ALA F 200 68.65 -31.43 -64.44
CA ALA F 200 68.35 -31.36 -65.87
C ALA F 200 67.92 -29.96 -66.28
N ASP F 201 67.00 -29.36 -65.53
CA ASP F 201 66.48 -28.03 -65.82
C ASP F 201 66.54 -27.20 -64.56
N PRO F 202 67.70 -26.58 -64.26
CA PRO F 202 67.80 -25.77 -63.03
C PRO F 202 66.87 -24.58 -63.00
N PHE F 203 66.61 -23.95 -64.14
CA PHE F 203 65.72 -22.80 -64.23
C PHE F 203 64.50 -23.24 -65.03
N GLY F 204 63.42 -23.56 -64.31
CA GLY F 204 62.24 -24.13 -64.90
C GLY F 204 61.72 -25.28 -64.06
N LYS F 205 62.48 -25.62 -63.00
CA LYS F 205 62.06 -26.61 -62.02
C LYS F 205 62.32 -26.13 -60.60
N ASN F 206 62.54 -24.82 -60.42
CA ASN F 206 62.86 -24.25 -59.11
C ASN F 206 61.62 -24.04 -58.25
N ILE F 207 61.75 -23.24 -57.19
CA ILE F 207 60.65 -22.99 -56.28
C ILE F 207 59.49 -22.29 -56.99
N THR F 208 59.79 -21.42 -57.96
CA THR F 208 58.75 -20.65 -58.62
C THR F 208 57.87 -21.52 -59.50
N TYR F 209 58.49 -22.43 -60.26
CA TYR F 209 57.74 -23.32 -61.15
C TYR F 209 56.80 -24.22 -60.36
N TYR F 210 57.34 -24.94 -59.37
CA TYR F 210 56.53 -25.87 -58.59
C TYR F 210 55.63 -25.19 -57.59
N LEU F 211 55.79 -23.89 -57.35
CA LEU F 211 54.88 -23.18 -56.44
C LEU F 211 53.75 -22.45 -57.16
N THR F 212 54.02 -21.86 -58.32
CA THR F 212 52.98 -21.14 -59.06
C THR F 212 52.69 -21.73 -60.44
N HIS F 213 53.72 -22.08 -61.20
CA HIS F 213 53.52 -22.46 -62.60
C HIS F 213 52.92 -23.86 -62.76
N THR F 214 52.87 -24.67 -61.70
CA THR F 214 52.36 -26.03 -61.78
C THR F 214 51.32 -26.25 -60.69
N PRO F 215 50.07 -25.84 -60.91
CA PRO F 215 48.98 -26.20 -59.99
C PRO F 215 48.46 -27.60 -60.22
N GLU F 216 48.92 -28.29 -61.27
CA GLU F 216 48.46 -29.62 -61.63
C GLU F 216 49.37 -30.72 -61.10
N VAL F 217 50.13 -30.44 -60.03
CA VAL F 217 51.01 -31.44 -59.45
C VAL F 217 50.22 -32.60 -58.86
N ILE F 218 48.97 -32.36 -58.47
CA ILE F 218 48.12 -33.43 -57.97
C ILE F 218 47.78 -34.40 -59.10
N ALA F 219 47.55 -33.89 -60.30
CA ALA F 219 47.18 -34.72 -61.45
C ALA F 219 48.39 -35.14 -62.26
N GLY F 220 49.39 -35.70 -61.58
CA GLY F 220 50.57 -36.22 -62.26
C GLY F 220 51.43 -35.20 -62.97
N THR F 221 51.52 -33.99 -62.41
CA THR F 221 52.26 -32.83 -62.95
C THR F 221 52.20 -32.65 -64.47
N LYS G 11 -20.56 -6.08 45.49
CA LYS G 11 -19.15 -5.99 45.10
C LYS G 11 -18.99 -5.36 43.73
N VAL G 12 -19.72 -5.88 42.75
CA VAL G 12 -19.67 -5.35 41.39
C VAL G 12 -20.44 -4.04 41.35
N LYS G 13 -19.78 -2.97 40.91
CA LYS G 13 -20.36 -1.65 40.84
C LYS G 13 -19.82 -0.94 39.62
N ILE G 14 -20.22 0.32 39.45
CA ILE G 14 -19.82 1.12 38.30
C ILE G 14 -18.87 2.20 38.82
N ALA G 15 -17.57 1.94 38.73
CA ALA G 15 -16.54 2.88 39.14
C ALA G 15 -16.11 3.68 37.93
N VAL G 16 -16.38 4.98 37.93
CA VAL G 16 -16.14 5.85 36.79
C VAL G 16 -15.47 7.13 37.29
N ASP G 17 -14.37 7.51 36.64
CA ASP G 17 -13.73 8.79 36.90
C ASP G 17 -14.21 9.82 35.88
N ARG G 18 -14.66 10.97 36.36
CA ARG G 18 -15.25 11.98 35.51
C ARG G 18 -14.19 13.01 35.11
N ASN G 19 -14.14 13.31 33.82
CA ASN G 19 -13.23 14.26 33.17
C ASN G 19 -11.77 14.01 33.51
N PRO G 20 -11.15 12.92 33.02
CA PRO G 20 -9.71 12.74 33.25
C PRO G 20 -8.85 13.44 32.21
N VAL G 21 -9.38 13.61 31.00
CA VAL G 21 -8.65 14.17 29.87
C VAL G 21 -9.45 15.32 29.31
N GLU G 22 -8.81 16.48 29.17
CA GLU G 22 -9.47 17.64 28.56
C GLU G 22 -9.71 17.40 27.09
N THR G 23 -10.83 17.91 26.59
CA THR G 23 -11.19 17.80 25.18
C THR G 23 -10.61 19.00 24.45
N ASN G 24 -9.45 18.82 23.83
CA ASN G 24 -8.78 19.90 23.11
C ASN G 24 -7.85 19.31 22.07
N PHE G 25 -7.42 20.16 21.14
CA PHE G 25 -6.52 19.76 20.07
C PHE G 25 -5.06 19.99 20.42
N GLU G 26 -4.73 20.11 21.71
CA GLU G 26 -3.35 20.36 22.12
C GLU G 26 -2.44 19.20 21.76
N LYS G 27 -2.90 17.97 22.00
CA LYS G 27 -2.13 16.80 21.59
C LYS G 27 -2.31 16.47 20.11
N TRP G 28 -3.31 17.07 19.45
CA TRP G 28 -3.40 16.97 18.00
C TRP G 28 -2.35 17.86 17.32
N ALA G 29 -1.96 18.96 17.98
CA ALA G 29 -0.98 19.87 17.41
C ALA G 29 0.39 19.19 17.28
N LYS G 30 0.80 18.44 18.30
CA LYS G 30 2.06 17.72 18.25
C LYS G 30 1.76 16.25 17.97
N PRO G 31 2.09 15.74 16.77
CA PRO G 31 1.75 14.35 16.45
C PRO G 31 2.43 13.33 17.34
N GLY G 32 3.67 13.58 17.77
CA GLY G 32 4.32 12.65 18.68
C GLY G 32 4.11 13.04 20.12
N HIS G 33 3.11 12.42 20.76
CA HIS G 33 2.80 12.69 22.16
C HIS G 33 2.56 11.44 22.99
N PHE G 34 2.20 10.31 22.38
CA PHE G 34 1.93 9.10 23.17
C PHE G 34 3.21 8.47 23.69
N SER G 35 4.33 8.66 22.98
CA SER G 35 5.60 8.07 23.33
C SER G 35 6.60 9.16 23.69
N ARG G 36 7.29 8.98 24.81
CA ARG G 36 8.30 9.96 25.24
C ARG G 36 9.52 9.95 24.33
N ALA G 37 9.80 8.82 23.66
CA ALA G 37 10.89 8.78 22.70
C ALA G 37 10.55 9.58 21.45
N LEU G 38 9.28 9.61 21.06
CA LEU G 38 8.84 10.34 19.88
C LEU G 38 8.41 11.77 20.22
N ALA G 39 8.39 12.14 21.49
CA ALA G 39 7.97 13.48 21.90
C ALA G 39 9.04 14.54 21.66
N LYS G 40 10.28 14.14 21.36
CA LYS G 40 11.35 15.10 21.14
C LYS G 40 11.22 15.79 19.79
N GLY G 41 11.27 15.01 18.71
CA GLY G 41 11.15 15.55 17.38
C GLY G 41 11.55 14.55 16.31
N PRO G 42 11.22 14.86 15.06
CA PRO G 42 11.54 13.97 13.93
C PRO G 42 12.92 14.22 13.32
N ASN G 43 13.95 13.73 14.01
CA ASN G 43 15.32 13.93 13.51
C ASN G 43 15.59 13.05 12.30
N THR G 44 15.10 11.81 12.31
CA THR G 44 15.27 10.88 11.21
C THR G 44 13.90 10.53 10.62
N THR G 45 13.93 9.95 9.41
CA THR G 45 12.70 9.56 8.74
C THR G 45 12.05 8.34 9.36
N THR G 46 12.76 7.60 10.22
CA THR G 46 12.17 6.49 10.95
C THR G 46 11.26 6.95 12.08
N TRP G 47 11.28 8.25 12.40
CA TRP G 47 10.37 8.80 13.40
C TRP G 47 8.92 8.68 12.95
N ILE G 48 8.67 8.87 11.66
CA ILE G 48 7.31 8.78 11.13
C ILE G 48 6.79 7.35 11.20
N TRP G 49 7.61 6.38 10.82
CA TRP G 49 7.20 4.98 10.89
C TRP G 49 7.04 4.52 12.33
N ASN G 50 7.88 5.00 13.23
CA ASN G 50 7.67 4.73 14.65
C ASN G 50 6.43 5.42 15.17
N LEU G 51 6.07 6.57 14.60
CA LEU G 51 4.87 7.28 15.00
C LEU G 51 3.61 6.51 14.59
N HIS G 52 3.56 6.06 13.34
CA HIS G 52 2.42 5.28 12.87
C HIS G 52 2.44 3.84 13.35
N ALA G 53 3.56 3.36 13.90
CA ALA G 53 3.67 2.00 14.41
C ALA G 53 3.28 1.91 15.88
N ASP G 54 3.83 2.80 16.71
CA ASP G 54 3.50 2.86 18.13
C ASP G 54 2.28 3.72 18.40
N ALA G 55 1.44 3.95 17.39
CA ALA G 55 0.27 4.80 17.54
C ALA G 55 -0.75 4.19 18.49
N HIS G 56 -1.02 2.90 18.33
CA HIS G 56 -2.01 2.21 19.14
C HIS G 56 -1.41 1.22 20.11
N ASP G 57 -0.08 1.11 20.17
CA ASP G 57 0.60 0.31 21.17
C ASP G 57 0.51 1.03 22.50
N PHE G 58 -0.50 0.68 23.31
CA PHE G 58 -0.76 1.41 24.53
C PHE G 58 0.07 0.92 25.72
N ASP G 59 0.85 -0.15 25.55
CA ASP G 59 1.63 -0.67 26.67
C ASP G 59 2.83 0.23 26.98
N ASN G 60 3.52 0.71 25.96
CA ASN G 60 4.67 1.59 26.19
C ASN G 60 4.28 3.06 26.25
N HIS G 61 3.02 3.40 26.01
CA HIS G 61 2.56 4.77 26.24
C HIS G 61 2.52 5.08 27.73
N THR G 62 2.00 4.14 28.53
CA THR G 62 1.96 4.28 29.97
C THR G 62 1.90 2.89 30.59
N SER G 63 2.38 2.80 31.84
CA SER G 63 2.39 1.54 32.56
C SER G 63 1.13 1.32 33.39
N ASP G 64 0.21 2.27 33.40
CA ASP G 64 -1.03 2.14 34.15
C ASP G 64 -2.05 1.34 33.36
N LEU G 65 -2.62 0.31 33.98
CA LEU G 65 -3.58 -0.54 33.30
C LEU G 65 -4.93 0.16 33.12
N GLU G 66 -5.26 1.10 34.00
CA GLU G 66 -6.55 1.78 33.93
C GLU G 66 -6.64 2.66 32.68
N GLU G 67 -5.60 3.44 32.42
CA GLU G 67 -5.58 4.28 31.22
C GLU G 67 -5.56 3.44 29.96
N ILE G 68 -4.85 2.30 29.97
CA ILE G 68 -4.84 1.39 28.84
C ILE G 68 -6.25 0.84 28.59
N SER G 69 -6.95 0.48 29.67
CA SER G 69 -8.31 -0.05 29.54
C SER G 69 -9.26 1.00 28.97
N ARG G 70 -9.15 2.25 29.44
CA ARG G 70 -9.96 3.32 28.87
C ARG G 70 -9.64 3.55 27.40
N LYS G 71 -8.35 3.51 27.06
CA LYS G 71 -7.91 3.71 25.68
C LYS G 71 -8.47 2.64 24.77
N VAL G 72 -8.42 1.37 25.19
CA VAL G 72 -8.91 0.30 24.34
C VAL G 72 -10.44 0.27 24.31
N PHE G 73 -11.10 0.72 25.38
CA PHE G 73 -12.56 0.84 25.38
C PHE G 73 -13.02 1.83 24.32
N SER G 74 -12.40 3.02 24.31
CA SER G 74 -12.80 3.99 23.29
C SER G 74 -12.27 3.63 21.91
N ALA G 75 -11.19 2.83 21.83
CA ALA G 75 -10.77 2.31 20.55
C ALA G 75 -11.79 1.35 19.95
N HIS G 76 -12.35 0.47 20.79
CA HIS G 76 -13.43 -0.41 20.33
C HIS G 76 -14.67 0.39 19.97
N PHE G 77 -14.94 1.46 20.72
CA PHE G 77 -16.05 2.34 20.37
C PHE G 77 -15.85 2.99 19.00
N GLY G 78 -14.63 3.44 18.72
CA GLY G 78 -14.33 4.03 17.43
C GLY G 78 -14.42 3.03 16.30
N GLN G 79 -13.94 1.81 16.52
CA GLN G 79 -14.07 0.77 15.50
C GLN G 79 -15.53 0.40 15.25
N LEU G 80 -16.33 0.35 16.32
CA LEU G 80 -17.76 0.09 16.16
C LEU G 80 -18.44 1.20 15.38
N GLY G 81 -18.08 2.46 15.65
CA GLY G 81 -18.62 3.56 14.87
C GLY G 81 -18.21 3.51 13.42
N ILE G 82 -16.97 3.09 13.15
CA ILE G 82 -16.49 2.95 11.78
C ILE G 82 -17.25 1.85 11.05
N ILE G 83 -17.46 0.71 11.70
CA ILE G 83 -18.20 -0.39 11.08
C ILE G 83 -19.65 0.00 10.86
N LEU G 84 -20.24 0.75 11.79
CA LEU G 84 -21.61 1.22 11.62
C LEU G 84 -21.71 2.22 10.47
N ILE G 85 -20.70 3.08 10.31
CA ILE G 85 -20.65 3.99 9.16
C ILE G 85 -20.58 3.19 7.87
N TRP G 86 -19.75 2.15 7.84
CA TRP G 86 -19.61 1.33 6.65
C TRP G 86 -20.92 0.60 6.32
N LEU G 87 -21.58 0.05 7.33
CA LEU G 87 -22.85 -0.64 7.11
C LEU G 87 -23.93 0.33 6.65
N SER G 88 -23.96 1.53 7.22
CA SER G 88 -24.92 2.55 6.77
C SER G 88 -24.63 2.97 5.34
N GLY G 89 -23.36 3.03 4.96
CA GLY G 89 -23.02 3.35 3.58
C GLY G 89 -23.44 2.26 2.61
N MET G 90 -23.30 0.99 3.02
CA MET G 90 -23.77 -0.11 2.20
C MET G 90 -25.28 -0.08 2.03
N TYR G 91 -26.00 0.21 3.12
CA TYR G 91 -27.45 0.33 3.03
C TYR G 91 -27.87 1.51 2.16
N PHE G 92 -27.15 2.63 2.25
CA PHE G 92 -27.43 3.78 1.39
C PHE G 92 -27.16 3.47 -0.07
N HIS G 93 -26.09 2.72 -0.35
CA HIS G 93 -25.80 2.32 -1.72
C HIS G 93 -26.86 1.39 -2.27
N GLY G 94 -27.35 0.46 -1.44
CA GLY G 94 -28.46 -0.37 -1.87
C GLY G 94 -29.76 0.39 -2.01
N ALA G 95 -29.90 1.50 -1.28
CA ALA G 95 -31.10 2.33 -1.40
C ALA G 95 -31.08 3.18 -2.66
N ARG G 96 -29.92 3.72 -3.04
CA ARG G 96 -29.85 4.71 -4.10
C ARG G 96 -29.34 4.15 -5.41
N PHE G 97 -28.14 3.58 -5.42
CA PHE G 97 -27.53 3.03 -6.63
C PHE G 97 -27.60 1.51 -6.54
N SER G 98 -28.75 0.95 -6.91
CA SER G 98 -28.93 -0.51 -6.88
C SER G 98 -30.12 -0.86 -7.75
N ASN G 99 -30.24 -2.15 -8.06
CA ASN G 99 -31.38 -2.72 -8.75
C ASN G 99 -32.10 -3.73 -7.86
N TYR G 100 -32.24 -3.38 -6.58
CA TYR G 100 -32.85 -4.30 -5.62
C TYR G 100 -34.32 -4.52 -5.91
N GLU G 101 -35.02 -3.47 -6.38
CA GLU G 101 -36.42 -3.62 -6.76
C GLU G 101 -36.56 -4.57 -7.95
N GLY G 102 -35.68 -4.45 -8.94
CA GLY G 102 -35.69 -5.38 -10.06
C GLY G 102 -35.26 -6.78 -9.65
N TRP G 103 -34.28 -6.87 -8.75
CA TRP G 103 -33.78 -8.17 -8.32
C TRP G 103 -34.81 -8.93 -7.48
N LEU G 104 -35.67 -8.20 -6.76
CA LEU G 104 -36.72 -8.85 -5.97
C LEU G 104 -37.73 -9.55 -6.87
N SER G 105 -38.08 -8.93 -8.00
CA SER G 105 -39.05 -9.52 -8.91
C SER G 105 -38.43 -10.59 -9.80
N ASP G 106 -37.10 -10.66 -9.89
CA ASP G 106 -36.43 -11.65 -10.73
C ASP G 106 -35.03 -11.93 -10.20
N PRO G 107 -34.87 -12.78 -9.17
CA PRO G 107 -33.54 -13.04 -8.64
C PRO G 107 -32.72 -14.04 -9.46
N THR G 108 -33.36 -14.90 -10.24
CA THR G 108 -32.66 -15.93 -10.98
C THR G 108 -32.17 -15.46 -12.34
N HIS G 109 -32.56 -14.27 -12.79
CA HIS G 109 -32.16 -13.77 -14.09
C HIS G 109 -31.45 -12.42 -14.04
N ILE G 110 -31.57 -11.68 -12.95
CA ILE G 110 -30.95 -10.37 -12.81
C ILE G 110 -29.80 -10.48 -11.82
N LYS G 111 -28.59 -10.18 -12.28
CA LYS G 111 -27.44 -10.22 -11.39
C LYS G 111 -27.48 -9.03 -10.44
N PRO G 112 -27.10 -9.23 -9.17
CA PRO G 112 -27.09 -8.12 -8.21
C PRO G 112 -26.05 -7.06 -8.58
N SER G 113 -26.40 -5.81 -8.30
CA SER G 113 -25.51 -4.68 -8.57
C SER G 113 -25.86 -3.55 -7.62
N ALA G 114 -24.84 -3.03 -6.93
CA ALA G 114 -25.05 -1.98 -5.96
C ALA G 114 -23.99 -0.89 -5.98
N GLN G 115 -23.03 -0.95 -6.91
CA GLN G 115 -22.00 0.08 -7.05
C GLN G 115 -22.08 0.64 -8.46
N VAL G 116 -22.27 1.95 -8.57
CA VAL G 116 -22.40 2.63 -9.86
C VAL G 116 -21.19 3.55 -10.02
N VAL G 117 -20.45 3.36 -11.11
CA VAL G 117 -19.25 4.13 -11.40
C VAL G 117 -19.62 5.41 -12.13
N TRP G 118 -18.68 6.34 -12.20
CA TRP G 118 -18.87 7.58 -12.93
C TRP G 118 -18.42 7.42 -14.38
N PRO G 119 -18.99 8.22 -15.29
CA PRO G 119 -18.58 8.13 -16.71
C PRO G 119 -17.31 8.92 -17.03
N ILE G 120 -16.50 9.20 -16.00
CA ILE G 120 -15.43 10.20 -16.11
C ILE G 120 -14.39 9.77 -17.15
N VAL G 121 -13.70 8.66 -16.91
CA VAL G 121 -12.64 8.22 -17.81
C VAL G 121 -12.84 6.73 -18.12
N GLY G 122 -13.52 6.45 -19.23
CA GLY G 122 -13.67 5.10 -19.75
C GLY G 122 -14.33 4.07 -18.85
N GLN G 123 -14.82 4.51 -17.69
CA GLN G 123 -15.39 3.59 -16.71
C GLN G 123 -16.79 3.13 -17.06
N GLU G 124 -17.39 3.68 -18.11
CA GLU G 124 -18.73 3.29 -18.52
C GLU G 124 -18.81 1.83 -18.95
N ILE G 125 -17.68 1.23 -19.35
CA ILE G 125 -17.67 -0.19 -19.65
C ILE G 125 -17.80 -1.03 -18.39
N LEU G 126 -17.49 -0.47 -17.22
CA LEU G 126 -17.64 -1.21 -15.97
C LEU G 126 -19.09 -1.28 -15.50
N ASN G 127 -19.95 -0.40 -16.00
CA ASN G 127 -21.38 -0.45 -15.70
C ASN G 127 -22.00 -1.56 -16.55
N GLY G 128 -21.84 -2.79 -16.06
CA GLY G 128 -22.25 -3.95 -16.82
C GLY G 128 -23.76 -4.11 -16.90
N ASP G 129 -24.19 -4.82 -17.95
CA ASP G 129 -25.61 -5.07 -18.19
C ASP G 129 -26.04 -6.21 -17.27
N VAL G 130 -26.39 -5.85 -16.02
CA VAL G 130 -26.80 -6.84 -15.02
C VAL G 130 -28.27 -7.21 -15.12
N GLY G 131 -29.02 -6.57 -16.02
CA GLY G 131 -30.42 -6.86 -16.19
C GLY G 131 -31.32 -5.93 -15.38
N GLY G 132 -32.60 -5.97 -15.72
CA GLY G 132 -33.58 -5.13 -15.05
C GLY G 132 -33.50 -3.67 -15.41
N GLY G 133 -32.94 -3.34 -16.57
CA GLY G 133 -32.78 -1.96 -16.97
C GLY G 133 -31.83 -1.17 -16.09
N PHE G 134 -30.78 -1.81 -15.59
CA PHE G 134 -29.84 -1.20 -14.68
C PHE G 134 -28.42 -1.57 -15.07
N GLN G 135 -27.50 -0.64 -14.90
CA GLN G 135 -26.09 -0.86 -15.18
C GLN G 135 -25.25 -0.46 -13.98
N GLY G 136 -24.24 -1.26 -13.69
CA GLY G 136 -23.38 -1.00 -12.56
C GLY G 136 -22.43 -2.15 -12.33
N ILE G 137 -21.64 -2.02 -11.27
CA ILE G 137 -20.71 -3.07 -10.88
C ILE G 137 -21.50 -4.23 -10.29
N GLN G 138 -21.30 -5.43 -10.85
CA GLN G 138 -21.96 -6.62 -10.34
C GLN G 138 -21.34 -6.99 -9.00
N ILE G 139 -22.12 -6.85 -7.93
CA ILE G 139 -21.60 -7.04 -6.58
C ILE G 139 -21.51 -8.51 -6.25
N THR G 140 -20.79 -8.82 -5.18
CA THR G 140 -20.53 -10.19 -4.77
C THR G 140 -20.72 -10.43 -3.28
N SER G 141 -21.04 -9.38 -2.50
CA SER G 141 -21.18 -9.53 -1.05
C SER G 141 -22.44 -10.27 -0.66
N GLY G 142 -23.42 -10.40 -1.56
CA GLY G 142 -24.66 -11.06 -1.22
C GLY G 142 -25.60 -10.25 -0.35
N PHE G 143 -25.51 -8.91 -0.40
CA PHE G 143 -26.41 -8.09 0.40
C PHE G 143 -27.86 -8.22 -0.06
N PHE G 144 -28.09 -8.50 -1.35
CA PHE G 144 -29.46 -8.66 -1.84
C PHE G 144 -30.12 -9.89 -1.23
N GLN G 145 -29.34 -10.97 -1.06
CA GLN G 145 -29.86 -12.17 -0.42
C GLN G 145 -30.21 -11.91 1.04
N LEU G 146 -29.37 -11.15 1.74
CA LEU G 146 -29.66 -10.79 3.12
C LEU G 146 -30.90 -9.90 3.22
N TRP G 147 -31.04 -8.95 2.30
CA TRP G 147 -32.21 -8.07 2.29
C TRP G 147 -33.46 -8.77 1.78
N ARG G 148 -33.33 -9.95 1.18
CA ARG G 148 -34.49 -10.78 0.91
C ARG G 148 -34.84 -11.69 2.07
N ALA G 149 -33.84 -12.15 2.83
CA ALA G 149 -34.12 -12.95 4.01
C ALA G 149 -34.79 -12.10 5.10
N SER G 150 -34.08 -11.08 5.57
CA SER G 150 -34.70 -10.04 6.40
C SER G 150 -35.62 -9.24 5.49
N GLY G 151 -36.93 -9.38 5.69
CA GLY G 151 -37.92 -8.88 4.74
C GLY G 151 -37.84 -7.40 4.45
N ILE G 152 -37.32 -7.07 3.26
CA ILE G 152 -37.15 -5.69 2.82
C ILE G 152 -37.65 -5.60 1.39
N THR G 153 -38.58 -4.68 1.14
CA THR G 153 -39.24 -4.58 -0.15
C THR G 153 -38.76 -3.37 -0.96
N SER G 154 -38.86 -2.17 -0.40
CA SER G 154 -38.61 -0.94 -1.14
C SER G 154 -37.30 -0.29 -0.69
N GLU G 155 -36.87 0.70 -1.47
CA GLU G 155 -35.66 1.44 -1.16
C GLU G 155 -35.85 2.44 -0.03
N LEU G 156 -37.10 2.78 0.31
CA LEU G 156 -37.38 3.64 1.45
C LEU G 156 -36.91 2.98 2.74
N GLN G 157 -37.14 1.68 2.87
CA GLN G 157 -36.71 0.94 4.06
C GLN G 157 -35.19 0.88 4.15
N LEU G 158 -34.51 0.72 3.03
CA LEU G 158 -33.05 0.75 3.02
C LEU G 158 -32.51 2.14 3.36
N TYR G 159 -33.20 3.19 2.89
CA TYR G 159 -32.82 4.56 3.27
C TYR G 159 -32.96 4.77 4.77
N SER G 160 -34.07 4.29 5.35
CA SER G 160 -34.28 4.40 6.79
C SER G 160 -33.22 3.62 7.56
N THR G 161 -32.87 2.43 7.08
CA THR G 161 -31.82 1.64 7.73
C THR G 161 -30.48 2.34 7.66
N ALA G 162 -30.16 2.97 6.51
CA ALA G 162 -28.90 3.69 6.36
C ALA G 162 -28.84 4.90 7.29
N ILE G 163 -29.93 5.65 7.40
CA ILE G 163 -29.94 6.82 8.27
C ILE G 163 -29.86 6.40 9.73
N GLY G 164 -30.55 5.31 10.10
CA GLY G 164 -30.43 4.81 11.46
C GLY G 164 -29.03 4.30 11.77
N GLY G 165 -28.37 3.68 10.80
CA GLY G 165 -26.99 3.26 11.00
C GLY G 165 -26.05 4.42 11.16
N LEU G 166 -26.26 5.49 10.39
CA LEU G 166 -25.45 6.70 10.55
C LEU G 166 -25.67 7.33 11.92
N VAL G 167 -26.94 7.35 12.38
CA VAL G 167 -27.26 7.90 13.69
C VAL G 167 -26.59 7.09 14.79
N LEU G 168 -26.66 5.76 14.69
CA LEU G 168 -26.01 4.91 15.68
C LEU G 168 -24.49 5.00 15.61
N ALA G 169 -23.92 5.25 14.43
CA ALA G 169 -22.49 5.45 14.33
C ALA G 169 -22.05 6.74 15.00
N ALA G 170 -22.81 7.82 14.79
CA ALA G 170 -22.55 9.07 15.49
C ALA G 170 -22.70 8.89 17.00
N ALA G 171 -23.71 8.12 17.42
CA ALA G 171 -23.90 7.82 18.83
C ALA G 171 -22.73 7.02 19.40
N CYS G 172 -22.19 6.08 18.62
CA CYS G 172 -21.05 5.29 19.09
C CYS G 172 -19.79 6.13 19.20
N PHE G 173 -19.56 7.04 18.24
CA PHE G 173 -18.41 7.93 18.34
C PHE G 173 -18.54 8.89 19.52
N PHE G 174 -19.74 9.42 19.74
CA PHE G 174 -19.99 10.25 20.90
C PHE G 174 -19.82 9.45 22.19
N ALA G 175 -20.20 8.17 22.17
CA ALA G 175 -20.03 7.31 23.33
C ALA G 175 -18.56 7.08 23.64
N GLY G 176 -17.74 6.89 22.60
CA GLY G 176 -16.31 6.76 22.83
C GLY G 176 -15.70 8.02 23.39
N TRP G 177 -16.09 9.18 22.84
CA TRP G 177 -15.62 10.45 23.37
C TRP G 177 -16.03 10.64 24.82
N PHE G 178 -17.29 10.31 25.14
CA PHE G 178 -17.78 10.46 26.51
C PHE G 178 -17.06 9.51 27.46
N HIS G 179 -17.02 8.23 27.12
CA HIS G 179 -16.45 7.21 27.98
C HIS G 179 -14.94 7.28 28.09
N TYR G 180 -14.26 8.11 27.28
CA TYR G 180 -12.85 8.39 27.56
C TYR G 180 -12.64 9.77 28.17
N HIS G 181 -13.04 10.84 27.45
CA HIS G 181 -12.69 12.18 27.87
C HIS G 181 -13.58 12.69 29.00
N LYS G 182 -14.86 12.31 29.02
CA LYS G 182 -15.81 12.88 29.97
C LYS G 182 -16.01 12.00 31.20
N ALA G 183 -16.29 10.72 31.02
CA ALA G 183 -16.56 9.81 32.15
C ALA G 183 -15.85 8.49 31.85
N ALA G 184 -14.61 8.38 32.32
CA ALA G 184 -13.80 7.20 32.07
C ALA G 184 -13.95 6.20 33.21
N PRO G 185 -14.28 4.95 32.90
CA PRO G 185 -14.37 3.94 33.97
C PRO G 185 -13.02 3.60 34.56
N LYS G 186 -13.04 3.18 35.83
CA LYS G 186 -11.82 2.81 36.52
C LYS G 186 -11.43 1.37 36.20
N LEU G 187 -10.31 0.94 36.75
CA LEU G 187 -9.79 -0.40 36.47
C LEU G 187 -10.68 -1.49 37.08
N GLU G 188 -11.29 -1.21 38.24
CA GLU G 188 -12.19 -2.19 38.85
C GLU G 188 -13.45 -2.40 38.02
N TRP G 189 -13.87 -1.37 37.27
CA TRP G 189 -15.00 -1.51 36.37
C TRP G 189 -14.69 -2.50 35.26
N PHE G 190 -13.50 -2.42 34.68
CA PHE G 190 -13.10 -3.35 33.62
C PHE G 190 -12.78 -4.74 34.15
N GLN G 191 -12.40 -4.86 35.42
CA GLN G 191 -12.02 -6.14 35.99
C GLN G 191 -13.20 -6.98 36.45
N ASN G 192 -14.42 -6.47 36.32
CA ASN G 192 -15.63 -7.22 36.66
C ASN G 192 -15.89 -8.21 35.54
N VAL G 193 -15.13 -9.31 35.56
CA VAL G 193 -15.18 -10.29 34.48
C VAL G 193 -16.49 -11.07 34.51
N GLU G 194 -16.97 -11.42 35.71
CA GLU G 194 -18.24 -12.15 35.82
C GLU G 194 -19.41 -11.34 35.29
N SER G 195 -19.47 -10.05 35.63
CA SER G 195 -20.52 -9.18 35.10
C SER G 195 -20.39 -9.02 33.60
N MET G 196 -19.16 -8.91 33.10
CA MET G 196 -18.91 -8.81 31.65
C MET G 196 -19.44 -10.04 30.93
N LEU G 197 -19.12 -11.23 31.45
CA LEU G 197 -19.52 -12.47 30.81
C LEU G 197 -21.03 -12.65 30.88
N ASN G 198 -21.64 -12.36 32.03
CA ASN G 198 -23.09 -12.48 32.14
C ASN G 198 -23.81 -11.52 31.21
N HIS G 199 -23.34 -10.27 31.13
CA HIS G 199 -23.98 -9.27 30.31
C HIS G 199 -23.72 -9.45 28.82
N HIS G 200 -22.63 -10.10 28.43
CA HIS G 200 -22.40 -10.36 27.02
C HIS G 200 -22.81 -11.77 26.61
N LEU G 201 -23.26 -12.60 27.54
CA LEU G 201 -23.91 -13.86 27.21
C LEU G 201 -25.43 -13.73 27.19
N ALA G 202 -26.02 -13.36 28.33
CA ALA G 202 -27.47 -13.18 28.36
C ALA G 202 -27.88 -11.91 27.64
N GLY G 203 -27.19 -10.81 27.88
CA GLY G 203 -27.58 -9.53 27.32
C GLY G 203 -27.32 -9.40 25.83
N LEU G 204 -26.05 -9.32 25.44
CA LEU G 204 -25.71 -9.09 24.03
C LEU G 204 -26.19 -10.23 23.14
N LEU G 205 -25.61 -11.42 23.32
CA LEU G 205 -25.91 -12.55 22.45
C LEU G 205 -27.35 -13.00 22.60
N GLY G 206 -27.82 -13.18 23.84
CA GLY G 206 -29.17 -13.66 24.06
C GLY G 206 -30.23 -12.67 23.63
N LEU G 207 -30.06 -11.39 23.98
CA LEU G 207 -31.03 -10.38 23.58
C LEU G 207 -31.05 -10.18 22.07
N GLY G 208 -29.88 -10.21 21.42
CA GLY G 208 -29.85 -10.10 19.98
C GLY G 208 -30.49 -11.30 19.29
N SER G 209 -30.24 -12.50 19.80
CA SER G 209 -30.85 -13.69 19.23
C SER G 209 -32.36 -13.69 19.40
N LEU G 210 -32.85 -13.26 20.56
CA LEU G 210 -34.29 -13.20 20.77
C LEU G 210 -34.93 -12.11 19.92
N ALA G 211 -34.26 -10.96 19.79
CA ALA G 211 -34.79 -9.89 18.94
C ALA G 211 -34.82 -10.32 17.47
N TRP G 212 -33.79 -11.05 17.02
CA TRP G 212 -33.78 -11.52 15.64
C TRP G 212 -34.82 -12.60 15.42
N ALA G 213 -35.03 -13.47 16.41
CA ALA G 213 -36.09 -14.48 16.30
C ALA G 213 -37.45 -13.82 16.22
N GLY G 214 -37.68 -12.80 17.04
CA GLY G 214 -38.94 -12.07 16.98
C GLY G 214 -39.13 -11.34 15.66
N HIS G 215 -38.05 -10.75 15.13
CA HIS G 215 -38.12 -10.07 13.84
C HIS G 215 -38.41 -11.06 12.72
N GLN G 216 -37.80 -12.25 12.77
CA GLN G 216 -38.05 -13.27 11.76
C GLN G 216 -39.49 -13.78 11.85
N ILE G 217 -40.00 -13.96 13.07
CA ILE G 217 -41.34 -14.49 13.23
C ILE G 217 -42.39 -13.47 12.82
N HIS G 218 -42.23 -12.22 13.23
CA HIS G 218 -43.26 -11.21 12.98
C HIS G 218 -43.08 -10.45 11.67
N VAL G 219 -41.91 -10.54 11.03
CA VAL G 219 -41.60 -9.71 9.87
C VAL G 219 -41.14 -10.58 8.70
N SER G 220 -40.08 -11.36 8.91
CA SER G 220 -39.44 -12.03 7.78
C SER G 220 -40.22 -13.23 7.30
N LEU G 221 -40.88 -13.95 8.22
CA LEU G 221 -41.65 -15.13 7.83
C LEU G 221 -42.82 -14.81 6.89
N PRO G 222 -43.69 -13.81 7.15
CA PRO G 222 -44.75 -13.54 6.16
C PRO G 222 -44.24 -13.00 4.84
N VAL G 223 -43.21 -12.16 4.88
CA VAL G 223 -42.65 -11.60 3.64
C VAL G 223 -42.04 -12.70 2.79
N ASN G 224 -41.28 -13.61 3.40
CA ASN G 224 -40.70 -14.71 2.65
C ASN G 224 -41.73 -15.76 2.26
N LYS G 225 -42.84 -15.87 3.01
CA LYS G 225 -43.91 -16.78 2.62
C LYS G 225 -44.66 -16.25 1.40
N LEU G 226 -44.84 -14.93 1.32
CA LEU G 226 -45.48 -14.34 0.15
C LEU G 226 -44.53 -14.18 -1.03
N LEU G 227 -43.21 -14.14 -0.78
CA LEU G 227 -42.27 -13.91 -1.86
C LEU G 227 -42.10 -15.13 -2.75
N ASP G 228 -42.00 -16.31 -2.15
CA ASP G 228 -41.79 -17.53 -2.94
C ASP G 228 -43.08 -18.12 -3.49
N ALA G 229 -44.23 -17.53 -3.16
CA ALA G 229 -45.51 -17.98 -3.68
C ALA G 229 -45.86 -17.34 -5.02
N GLY G 230 -44.99 -16.50 -5.57
CA GLY G 230 -45.24 -15.82 -6.82
C GLY G 230 -45.87 -14.46 -6.68
N VAL G 231 -46.15 -14.00 -5.47
CA VAL G 231 -46.75 -12.69 -5.28
C VAL G 231 -45.68 -11.61 -5.49
N ASP G 232 -46.02 -10.61 -6.30
CA ASP G 232 -45.10 -9.50 -6.52
C ASP G 232 -44.93 -8.69 -5.25
N PRO G 233 -43.72 -8.18 -4.96
CA PRO G 233 -43.50 -7.45 -3.72
C PRO G 233 -44.24 -6.13 -3.61
N LYS G 234 -44.76 -5.59 -4.72
CA LYS G 234 -45.46 -4.31 -4.67
C LYS G 234 -46.75 -4.40 -3.85
N GLU G 235 -47.50 -5.48 -4.01
CA GLU G 235 -48.74 -5.67 -3.26
C GLU G 235 -48.54 -6.48 -1.99
N ILE G 236 -47.31 -6.85 -1.66
CA ILE G 236 -47.05 -7.54 -0.40
C ILE G 236 -47.24 -6.55 0.75
N PRO G 237 -48.03 -6.89 1.77
CA PRO G 237 -48.24 -5.95 2.88
C PRO G 237 -46.96 -5.66 3.65
N LEU G 238 -46.86 -4.44 4.15
CA LEU G 238 -45.70 -4.03 4.92
C LEU G 238 -45.69 -4.76 6.26
N PRO G 239 -44.49 -5.01 6.83
CA PRO G 239 -44.41 -5.83 8.04
C PRO G 239 -45.09 -5.24 9.27
N HIS G 240 -45.33 -3.92 9.31
CA HIS G 240 -46.08 -3.38 10.43
C HIS G 240 -47.54 -3.81 10.39
N GLU G 241 -48.09 -4.05 9.19
CA GLU G 241 -49.42 -4.62 9.09
C GLU G 241 -49.47 -6.03 9.66
N PHE G 242 -48.43 -6.82 9.40
CA PHE G 242 -48.34 -8.15 10.02
C PHE G 242 -48.15 -8.06 11.52
N LEU G 243 -47.41 -7.05 11.99
CA LEU G 243 -47.14 -6.92 13.41
C LEU G 243 -48.39 -6.52 14.18
N LEU G 244 -49.11 -5.50 13.72
CA LEU G 244 -50.26 -4.99 14.44
C LEU G 244 -51.48 -5.90 14.31
N ASN G 245 -51.73 -6.41 13.11
CA ASN G 245 -52.98 -7.10 12.80
C ASN G 245 -52.75 -8.60 12.83
N GLN G 246 -53.48 -9.28 13.72
CA GLN G 246 -53.41 -10.74 13.80
C GLN G 246 -54.16 -11.42 12.66
N SER G 247 -55.09 -10.72 12.02
CA SER G 247 -55.88 -11.34 10.95
C SER G 247 -55.02 -11.62 9.72
N ILE G 248 -54.14 -10.69 9.35
CA ILE G 248 -53.30 -10.89 8.17
C ILE G 248 -52.26 -11.97 8.42
N ILE G 249 -51.70 -12.00 9.63
CA ILE G 249 -50.71 -13.03 9.97
C ILE G 249 -51.35 -14.38 10.28
N ALA G 250 -52.67 -14.42 10.49
CA ALA G 250 -53.34 -15.68 10.81
C ALA G 250 -53.53 -16.56 9.59
N ASP G 251 -53.78 -15.97 8.41
CA ASP G 251 -54.01 -16.78 7.22
C ASP G 251 -52.72 -17.43 6.72
N LEU G 252 -51.59 -16.73 6.83
CA LEU G 252 -50.32 -17.31 6.42
C LEU G 252 -49.85 -18.38 7.40
N TYR G 253 -50.08 -18.15 8.69
CA TYR G 253 -49.71 -19.10 9.73
C TYR G 253 -50.89 -19.27 10.68
N PRO G 254 -51.56 -20.43 10.67
CA PRO G 254 -52.77 -20.58 11.49
C PRO G 254 -52.52 -20.58 13.00
N SER G 255 -51.28 -20.80 13.45
CA SER G 255 -51.00 -20.81 14.88
C SER G 255 -51.09 -19.43 15.49
N PHE G 256 -51.02 -18.37 14.68
CA PHE G 256 -51.16 -17.02 15.21
C PHE G 256 -52.60 -16.71 15.62
N SER G 257 -53.57 -17.50 15.16
CA SER G 257 -54.95 -17.34 15.62
C SER G 257 -55.08 -17.69 17.09
N LYS G 258 -54.23 -18.59 17.60
CA LYS G 258 -54.21 -18.87 19.02
C LYS G 258 -53.76 -17.65 19.82
N GLY G 259 -52.77 -16.93 19.31
CA GLY G 259 -52.35 -15.69 19.92
C GLY G 259 -51.66 -15.82 21.26
N LEU G 260 -50.45 -16.40 21.27
CA LEU G 260 -49.58 -16.53 22.44
C LEU G 260 -50.16 -17.43 23.53
N ALA G 261 -51.31 -18.06 23.26
CA ALA G 261 -51.85 -19.05 24.21
C ALA G 261 -50.96 -20.28 24.34
N PRO G 262 -50.46 -20.93 23.27
CA PRO G 262 -49.63 -22.13 23.48
C PRO G 262 -48.29 -21.84 24.14
N PHE G 263 -47.81 -20.59 24.12
CA PHE G 263 -46.50 -20.29 24.70
C PHE G 263 -46.54 -20.41 26.22
N PHE G 264 -47.55 -19.83 26.86
CA PHE G 264 -47.66 -19.86 28.31
C PHE G 264 -48.38 -21.09 28.84
N THR G 265 -49.17 -21.77 28.01
CA THR G 265 -49.87 -22.98 28.41
C THR G 265 -49.08 -24.24 28.09
N LEU G 266 -47.84 -24.09 27.63
CA LEU G 266 -46.93 -25.21 27.31
C LEU G 266 -47.53 -26.12 26.25
N ASN G 267 -47.99 -25.53 25.15
CA ASN G 267 -48.53 -26.27 24.03
C ASN G 267 -47.74 -25.94 22.77
N TRP G 268 -46.40 -25.95 22.87
CA TRP G 268 -45.53 -25.46 21.82
C TRP G 268 -45.61 -26.29 20.54
N ALA G 269 -46.20 -27.50 20.60
CA ALA G 269 -46.40 -28.29 19.39
C ALA G 269 -47.38 -27.63 18.42
N GLU G 270 -48.23 -26.73 18.90
CA GLU G 270 -49.12 -25.99 18.02
C GLU G 270 -48.39 -24.98 17.15
N TYR G 271 -47.15 -24.64 17.51
CA TYR G 271 -46.34 -23.68 16.75
C TYR G 271 -45.51 -24.36 15.66
N SER G 272 -45.95 -25.52 15.18
CA SER G 272 -45.18 -26.31 14.23
C SER G 272 -45.32 -25.83 12.79
N ASP G 273 -46.00 -24.71 12.56
CA ASP G 273 -46.15 -24.18 11.20
C ASP G 273 -45.08 -23.16 10.84
N PHE G 274 -44.66 -22.34 11.81
CA PHE G 274 -43.66 -21.31 11.56
C PHE G 274 -42.47 -21.41 12.51
N LEU G 275 -42.38 -22.47 13.29
CA LEU G 275 -41.19 -22.81 14.07
C LEU G 275 -40.78 -24.24 13.77
N THR G 276 -40.75 -24.57 12.48
CA THR G 276 -40.59 -25.95 12.03
C THR G 276 -39.17 -26.46 12.29
N PHE G 277 -39.03 -27.77 12.21
CA PHE G 277 -37.75 -28.47 12.30
C PHE G 277 -37.61 -29.28 11.01
N LYS G 278 -37.10 -28.65 9.98
CA LYS G 278 -36.97 -29.27 8.66
C LYS G 278 -35.51 -29.28 8.25
N GLY G 279 -35.08 -30.39 7.64
CA GLY G 279 -33.74 -30.51 7.10
C GLY G 279 -33.75 -30.25 5.60
N GLY G 280 -32.74 -29.52 5.14
CA GLY G 280 -32.63 -29.22 3.72
C GLY G 280 -32.84 -27.76 3.41
N LEU G 281 -33.20 -27.46 2.16
CA LEU G 281 -33.38 -26.10 1.69
C LEU G 281 -34.75 -25.93 1.06
N ASN G 282 -35.20 -24.69 1.01
CA ASN G 282 -36.46 -24.38 0.34
C ASN G 282 -36.28 -24.54 -1.17
N PRO G 283 -37.07 -25.41 -1.83
CA PRO G 283 -36.84 -25.63 -3.26
C PRO G 283 -37.14 -24.43 -4.14
N VAL G 284 -38.01 -23.52 -3.69
CA VAL G 284 -38.35 -22.35 -4.50
C VAL G 284 -37.19 -21.37 -4.55
N THR G 285 -36.52 -21.16 -3.41
CA THR G 285 -35.46 -20.16 -3.31
C THR G 285 -34.05 -20.74 -3.26
N GLY G 286 -33.87 -21.91 -2.67
CA GLY G 286 -32.56 -22.51 -2.53
C GLY G 286 -31.90 -22.31 -1.19
N GLY G 287 -32.47 -21.47 -0.33
CA GLY G 287 -31.93 -21.23 1.00
C GLY G 287 -32.67 -22.03 2.07
N LEU G 288 -32.22 -21.84 3.30
CA LEU G 288 -32.84 -22.51 4.44
C LEU G 288 -34.24 -21.95 4.70
N TRP G 289 -35.09 -22.79 5.28
CA TRP G 289 -36.43 -22.36 5.63
C TRP G 289 -36.39 -21.33 6.76
N LEU G 290 -37.17 -20.27 6.61
CA LEU G 290 -37.13 -19.19 7.59
C LEU G 290 -37.77 -19.60 8.91
N SER G 291 -38.69 -20.57 8.89
CA SER G 291 -39.22 -21.12 10.13
C SER G 291 -38.15 -21.86 10.91
N ASP G 292 -37.29 -22.61 10.20
CA ASP G 292 -36.18 -23.29 10.85
C ASP G 292 -35.22 -22.30 11.47
N THR G 293 -34.92 -21.22 10.76
CA THR G 293 -34.04 -20.18 11.32
C THR G 293 -34.70 -19.47 12.49
N ALA G 294 -36.03 -19.32 12.47
CA ALA G 294 -36.72 -18.68 13.58
C ALA G 294 -36.63 -19.54 14.85
N HIS G 295 -36.96 -20.84 14.73
CA HIS G 295 -36.79 -21.74 15.87
C HIS G 295 -35.34 -21.85 16.29
N HIS G 296 -34.42 -21.75 15.33
CA HIS G 296 -32.99 -21.79 15.65
C HIS G 296 -32.57 -20.62 16.51
N HIS G 297 -32.89 -19.40 16.07
CA HIS G 297 -32.48 -18.22 16.81
C HIS G 297 -33.22 -18.11 18.13
N LEU G 298 -34.46 -18.61 18.20
CA LEU G 298 -35.16 -18.67 19.47
C LEU G 298 -34.48 -19.64 20.44
N ALA G 299 -34.07 -20.82 19.95
CA ALA G 299 -33.36 -21.77 20.81
C ALA G 299 -31.99 -21.23 21.22
N ILE G 300 -31.32 -20.50 20.32
CA ILE G 300 -30.04 -19.88 20.65
C ILE G 300 -30.22 -18.82 21.72
N ALA G 301 -31.30 -18.04 21.62
CA ALA G 301 -31.61 -17.06 22.66
C ALA G 301 -31.89 -17.74 23.99
N VAL G 302 -32.58 -18.88 23.97
CA VAL G 302 -32.82 -19.63 25.20
C VAL G 302 -31.49 -20.09 25.80
N LEU G 303 -30.63 -20.66 24.96
CA LEU G 303 -29.36 -21.21 25.42
C LEU G 303 -28.43 -20.13 25.95
N PHE G 304 -28.54 -18.90 25.41
CA PHE G 304 -27.70 -17.83 25.91
C PHE G 304 -28.32 -17.10 27.09
N LEU G 305 -29.63 -17.13 27.23
CA LEU G 305 -30.26 -16.61 28.43
C LEU G 305 -29.97 -17.50 29.64
N VAL G 306 -29.99 -18.82 29.45
CA VAL G 306 -29.67 -19.70 30.57
C VAL G 306 -28.18 -19.68 30.89
N ALA G 307 -27.30 -19.57 29.88
CA ALA G 307 -25.87 -19.55 30.13
C ALA G 307 -25.37 -18.21 30.66
N GLY G 308 -26.15 -17.15 30.50
CA GLY G 308 -25.78 -15.83 30.97
C GLY G 308 -26.07 -15.58 32.42
N HIS G 309 -26.57 -16.57 33.15
CA HIS G 309 -26.85 -16.46 34.57
C HIS G 309 -26.03 -17.46 35.37
N GLN G 310 -24.83 -17.78 34.89
CA GLN G 310 -23.98 -18.80 35.50
C GLN G 310 -23.03 -18.22 36.54
N TYR G 311 -22.45 -17.06 36.27
CA TYR G 311 -21.41 -16.51 37.12
C TYR G 311 -22.00 -15.67 38.24
N ARG G 312 -21.22 -15.52 39.32
CA ARG G 312 -21.64 -14.80 40.51
C ARG G 312 -21.06 -13.38 40.45
N THR G 313 -21.94 -12.38 40.52
CA THR G 313 -21.51 -10.99 40.47
C THR G 313 -21.81 -10.25 41.77
N ASN G 314 -23.06 -10.18 42.20
CA ASN G 314 -23.40 -9.38 43.37
C ASN G 314 -24.39 -10.03 44.32
N TRP G 315 -25.08 -11.09 43.94
CA TRP G 315 -26.17 -11.65 44.73
C TRP G 315 -25.87 -13.07 45.18
N GLY G 316 -24.62 -13.31 45.59
CA GLY G 316 -24.27 -14.57 46.25
C GLY G 316 -24.24 -15.78 45.34
N ILE G 317 -25.37 -16.08 44.70
CA ILE G 317 -25.47 -17.27 43.86
C ILE G 317 -24.66 -17.06 42.58
N GLY G 318 -24.29 -18.18 41.96
CA GLY G 318 -23.51 -18.13 40.74
C GLY G 318 -22.21 -18.92 40.83
N HIS G 319 -21.29 -18.66 39.91
CA HIS G 319 -20.00 -19.32 39.88
C HIS G 319 -18.89 -18.28 39.92
N SER G 320 -17.86 -18.55 40.71
CA SER G 320 -16.66 -17.72 40.75
C SER G 320 -15.60 -18.37 39.87
N ILE G 321 -15.14 -17.64 38.84
CA ILE G 321 -14.26 -18.21 37.83
C ILE G 321 -12.92 -18.63 38.45
N LYS G 322 -12.44 -17.86 39.42
CA LYS G 322 -11.22 -18.23 40.13
C LYS G 322 -11.37 -19.57 40.84
N ASP G 323 -12.52 -19.81 41.50
CA ASP G 323 -12.77 -21.10 42.12
C ASP G 323 -12.87 -22.22 41.10
N ILE G 324 -13.52 -21.98 39.96
CA ILE G 324 -13.66 -23.01 38.92
C ILE G 324 -12.28 -23.38 38.38
N LEU G 325 -11.43 -22.38 38.14
CA LEU G 325 -10.09 -22.65 37.61
C LEU G 325 -9.23 -23.36 38.65
N GLU G 326 -9.22 -22.87 39.89
CA GLU G 326 -8.37 -23.45 40.92
C GLU G 326 -8.85 -24.82 41.39
N SER G 327 -10.11 -25.17 41.13
CA SER G 327 -10.63 -26.45 41.56
C SER G 327 -10.35 -27.59 40.58
N HIS G 328 -10.10 -27.28 39.31
CA HIS G 328 -9.81 -28.30 38.30
C HIS G 328 -8.31 -28.53 38.27
N LYS G 329 -7.84 -29.48 39.08
CA LYS G 329 -6.42 -29.80 39.20
C LYS G 329 -6.24 -31.30 39.04
N GLY G 330 -5.48 -31.71 38.03
CA GLY G 330 -5.27 -33.11 37.76
C GLY G 330 -3.80 -33.51 37.77
N PRO G 331 -3.52 -34.73 38.24
CA PRO G 331 -2.18 -35.06 38.74
C PRO G 331 -1.06 -34.99 37.72
N PHE G 332 -1.34 -35.19 36.43
CA PHE G 332 -0.32 -35.03 35.42
C PHE G 332 -0.07 -33.56 35.08
N THR G 333 -0.85 -32.64 35.64
CA THR G 333 -0.68 -31.22 35.38
C THR G 333 -0.20 -30.44 36.60
N GLY G 334 0.00 -31.07 37.74
CA GLY G 334 0.45 -30.36 38.93
C GLY G 334 -0.63 -29.40 39.40
N ASN G 335 -0.26 -28.13 39.51
CA ASN G 335 -1.26 -27.09 39.78
C ASN G 335 -2.14 -26.90 38.55
N GLY G 336 -3.44 -27.11 38.71
CA GLY G 336 -4.35 -27.09 37.57
C GLY G 336 -5.13 -25.81 37.43
N HIS G 337 -4.81 -25.03 36.39
CA HIS G 337 -5.41 -23.71 36.13
C HIS G 337 -5.34 -22.81 37.37
N ALA G 338 -4.18 -22.80 38.03
CA ALA G 338 -4.08 -22.20 39.36
C ALA G 338 -4.15 -20.68 39.29
N GLY G 339 -3.42 -20.08 38.36
CA GLY G 339 -3.31 -18.63 38.31
C GLY G 339 -3.93 -17.95 37.11
N LEU G 340 -4.58 -18.69 36.21
CA LEU G 340 -5.03 -18.13 34.92
C LEU G 340 -6.05 -17.02 35.09
N TYR G 341 -6.81 -17.04 36.19
CA TYR G 341 -7.73 -15.95 36.48
C TYR G 341 -6.97 -14.65 36.72
N GLU G 342 -5.82 -14.73 37.39
CA GLU G 342 -5.02 -13.54 37.65
C GLU G 342 -4.39 -13.00 36.37
N ILE G 343 -3.94 -13.87 35.48
CA ILE G 343 -3.38 -13.43 34.20
C ILE G 343 -4.46 -12.79 33.33
N LEU G 344 -5.61 -13.47 33.18
CA LEU G 344 -6.61 -13.00 32.24
C LEU G 344 -7.37 -11.78 32.74
N THR G 345 -7.29 -11.46 34.03
CA THR G 345 -7.88 -10.24 34.56
C THR G 345 -6.92 -9.07 34.58
N THR G 346 -5.64 -9.28 34.24
CA THR G 346 -4.64 -8.23 34.28
C THR G 346 -3.90 -8.03 32.96
N SER G 347 -4.02 -8.93 32.00
CA SER G 347 -3.34 -8.81 30.72
C SER G 347 -4.38 -8.63 29.62
N TRP G 348 -4.27 -7.53 28.88
CA TRP G 348 -5.15 -7.32 27.73
C TRP G 348 -4.75 -8.22 26.57
N HIS G 349 -3.46 -8.52 26.43
CA HIS G 349 -2.98 -9.27 25.27
C HIS G 349 -3.35 -10.75 25.36
N ALA G 350 -3.41 -11.31 26.56
CA ALA G 350 -3.83 -12.70 26.71
C ALA G 350 -5.29 -12.88 26.30
N GLN G 351 -6.16 -11.99 26.78
CA GLN G 351 -7.55 -12.01 26.38
C GLN G 351 -7.70 -11.70 24.89
N LEU G 352 -6.84 -10.83 24.36
CA LEU G 352 -6.85 -10.55 22.92
C LEU G 352 -6.50 -11.80 22.13
N ALA G 353 -5.51 -12.56 22.57
CA ALA G 353 -5.13 -13.79 21.90
C ALA G 353 -6.27 -14.81 21.93
N ILE G 354 -6.89 -14.99 23.10
CA ILE G 354 -7.98 -15.96 23.22
C ILE G 354 -9.16 -15.55 22.33
N ASN G 355 -9.56 -14.28 22.41
CA ASN G 355 -10.71 -13.80 21.66
C ASN G 355 -10.44 -13.83 20.16
N LEU G 356 -9.23 -13.46 19.74
CA LEU G 356 -8.91 -13.47 18.32
C LEU G 356 -8.84 -14.89 17.77
N ALA G 357 -8.29 -15.83 18.56
CA ALA G 357 -8.24 -17.21 18.11
C ALA G 357 -9.63 -17.81 17.96
N LEU G 358 -10.49 -17.57 18.94
CA LEU G 358 -11.85 -18.11 18.87
C LEU G 358 -12.67 -17.41 17.80
N PHE G 359 -12.46 -16.10 17.60
CA PHE G 359 -13.13 -15.37 16.54
C PHE G 359 -12.70 -15.87 15.16
N GLY G 360 -11.40 -16.11 14.98
CA GLY G 360 -10.92 -16.60 13.69
C GLY G 360 -11.42 -18.00 13.38
N SER G 361 -11.35 -18.89 14.38
CA SER G 361 -11.89 -20.24 14.20
C SER G 361 -13.38 -20.20 13.93
N LEU G 362 -14.12 -19.33 14.62
CA LEU G 362 -15.57 -19.28 14.42
C LEU G 362 -15.90 -18.67 13.06
N SER G 363 -15.05 -17.77 12.56
CA SER G 363 -15.22 -17.27 11.19
C SER G 363 -14.97 -18.38 10.17
N ILE G 364 -14.01 -19.27 10.46
CA ILE G 364 -13.78 -20.42 9.60
C ILE G 364 -15.01 -21.33 9.58
N ILE G 365 -15.58 -21.57 10.77
CA ILE G 365 -16.82 -22.33 10.87
C ILE G 365 -17.96 -21.63 10.12
N VAL G 366 -17.99 -20.29 10.18
CA VAL G 366 -19.02 -19.53 9.48
C VAL G 366 -18.92 -19.74 7.99
N ALA G 367 -17.70 -19.66 7.44
CA ALA G 367 -17.51 -19.87 6.00
C ALA G 367 -17.89 -21.30 5.60
N HIS G 368 -17.45 -22.29 6.38
CA HIS G 368 -17.77 -23.68 6.06
C HIS G 368 -19.27 -23.96 6.14
N HIS G 369 -19.94 -23.39 7.13
CA HIS G 369 -21.36 -23.67 7.31
C HIS G 369 -22.25 -22.79 6.47
N MET G 370 -21.74 -21.74 5.82
CA MET G 370 -22.50 -21.10 4.75
C MET G 370 -22.30 -21.80 3.41
N TYR G 371 -21.09 -22.28 3.12
CA TYR G 371 -20.93 -23.06 1.90
C TYR G 371 -21.69 -24.38 2.00
N ALA G 372 -21.84 -24.92 3.21
CA ALA G 372 -22.58 -26.16 3.38
C ALA G 372 -24.08 -25.93 3.29
N MET G 373 -24.64 -25.13 4.19
CA MET G 373 -26.07 -24.81 4.18
C MET G 373 -26.23 -23.33 3.89
N PRO G 374 -26.69 -22.95 2.69
CA PRO G 374 -26.92 -21.54 2.40
C PRO G 374 -28.13 -21.02 3.17
N PRO G 375 -27.93 -20.04 4.05
CA PRO G 375 -29.03 -19.54 4.88
C PRO G 375 -29.83 -18.39 4.27
N TYR G 376 -29.66 -18.11 2.99
CA TYR G 376 -30.30 -16.97 2.37
C TYR G 376 -31.02 -17.40 1.10
N PRO G 377 -32.17 -16.79 0.79
CA PRO G 377 -32.88 -17.13 -0.44
C PRO G 377 -32.12 -16.66 -1.67
N TYR G 378 -32.08 -17.53 -2.68
CA TYR G 378 -31.37 -17.28 -3.95
C TYR G 378 -29.89 -16.97 -3.72
N LEU G 379 -29.29 -17.67 -2.76
CA LEU G 379 -27.86 -17.56 -2.48
C LEU G 379 -27.06 -18.74 -3.01
N ALA G 380 -27.63 -19.94 -2.96
CA ALA G 380 -26.94 -21.12 -3.48
C ALA G 380 -26.75 -21.03 -4.99
N THR G 381 -27.77 -20.54 -5.71
CA THR G 381 -27.65 -20.40 -7.15
C THR G 381 -26.73 -19.25 -7.53
N ASP G 382 -26.64 -18.22 -6.69
CA ASP G 382 -25.70 -17.13 -6.89
C ASP G 382 -24.33 -17.63 -6.44
N TYR G 383 -23.60 -18.23 -7.39
CA TYR G 383 -22.31 -18.86 -7.07
C TYR G 383 -21.28 -17.83 -6.64
N GLY G 384 -21.34 -16.63 -7.22
CA GLY G 384 -20.37 -15.60 -6.88
C GLY G 384 -20.45 -15.16 -5.43
N THR G 385 -21.67 -14.97 -4.93
CA THR G 385 -21.85 -14.57 -3.53
C THR G 385 -21.37 -15.65 -2.58
N GLN G 386 -21.67 -16.92 -2.88
CA GLN G 386 -21.25 -18.01 -2.02
C GLN G 386 -19.73 -18.15 -1.99
N LEU G 387 -19.11 -18.10 -3.18
CA LEU G 387 -17.65 -18.20 -3.25
C LEU G 387 -16.98 -17.03 -2.56
N SER G 388 -17.49 -15.81 -2.76
CA SER G 388 -16.93 -14.63 -2.13
C SER G 388 -17.06 -14.68 -0.61
N LEU G 389 -18.23 -15.11 -0.11
CA LEU G 389 -18.44 -15.20 1.32
C LEU G 389 -17.52 -16.23 1.94
N PHE G 390 -17.40 -17.41 1.31
CA PHE G 390 -16.52 -18.46 1.84
C PHE G 390 -15.08 -17.98 1.86
N THR G 391 -14.59 -17.45 0.75
CA THR G 391 -13.20 -17.00 0.67
C THR G 391 -12.92 -15.85 1.63
N HIS G 392 -13.84 -14.89 1.72
CA HIS G 392 -13.61 -13.72 2.56
C HIS G 392 -13.58 -14.09 4.03
N HIS G 393 -14.58 -14.86 4.50
CA HIS G 393 -14.57 -15.23 5.91
C HIS G 393 -13.45 -16.23 6.20
N MET G 394 -13.05 -17.02 5.20
CA MET G 394 -11.88 -17.89 5.30
C MET G 394 -10.64 -17.06 5.66
N TRP G 395 -10.39 -16.01 4.86
CA TRP G 395 -9.21 -15.19 5.05
C TRP G 395 -9.28 -14.37 6.33
N ILE G 396 -10.47 -13.86 6.68
CA ILE G 396 -10.60 -13.09 7.91
C ILE G 396 -10.36 -13.98 9.13
N GLY G 397 -10.86 -15.22 9.09
CA GLY G 397 -10.56 -16.16 10.17
C GLY G 397 -9.09 -16.48 10.28
N GLY G 398 -8.42 -16.68 9.14
CA GLY G 398 -6.98 -16.90 9.18
C GLY G 398 -6.22 -15.73 9.75
N PHE G 399 -6.62 -14.50 9.38
CA PHE G 399 -5.95 -13.31 9.89
C PHE G 399 -6.15 -13.17 11.39
N CYS G 400 -7.37 -13.45 11.87
CA CYS G 400 -7.62 -13.36 13.30
C CYS G 400 -6.83 -14.40 14.07
N VAL G 401 -6.66 -15.60 13.50
CA VAL G 401 -5.86 -16.63 14.17
C VAL G 401 -4.38 -16.23 14.23
N VAL G 402 -3.85 -15.69 13.13
CA VAL G 402 -2.45 -15.26 13.11
C VAL G 402 -2.24 -14.10 14.09
N GLY G 403 -3.18 -13.16 14.14
CA GLY G 403 -3.09 -12.09 15.12
C GLY G 403 -3.22 -12.58 16.54
N ALA G 404 -4.00 -13.64 16.76
CA ALA G 404 -4.06 -14.26 18.07
C ALA G 404 -2.71 -14.81 18.49
N GLY G 405 -2.01 -15.48 17.57
CA GLY G 405 -0.66 -15.93 17.86
C GLY G 405 0.28 -14.78 18.15
N ALA G 406 0.16 -13.70 17.38
CA ALA G 406 1.02 -12.53 17.57
C ALA G 406 0.81 -11.89 18.94
N HIS G 407 -0.45 -11.69 19.32
CA HIS G 407 -0.73 -11.04 20.60
C HIS G 407 -0.50 -11.97 21.78
N ALA G 408 -0.59 -13.29 21.57
CA ALA G 408 -0.12 -14.23 22.58
C ALA G 408 1.38 -14.10 22.81
N ALA G 409 2.15 -13.97 21.71
CA ALA G 409 3.58 -13.76 21.85
C ALA G 409 3.89 -12.44 22.53
N ILE G 410 3.11 -11.41 22.24
CA ILE G 410 3.28 -10.12 22.90
C ILE G 410 3.00 -10.22 24.39
N PHE G 411 1.95 -10.96 24.77
CA PHE G 411 1.68 -11.20 26.19
C PHE G 411 2.84 -11.95 26.84
N MET G 412 3.36 -12.98 26.14
CA MET G 412 4.51 -13.74 26.63
C MET G 412 5.70 -12.83 26.90
N VAL G 413 5.99 -11.91 25.99
CA VAL G 413 7.15 -11.03 26.17
C VAL G 413 6.90 -10.04 27.30
N ARG G 414 5.74 -9.38 27.29
CA ARG G 414 5.52 -8.22 28.15
C ARG G 414 4.82 -8.55 29.47
N ASP G 415 3.61 -9.11 29.40
CA ASP G 415 2.77 -9.24 30.58
C ASP G 415 3.00 -10.52 31.37
N TYR G 416 3.85 -11.42 30.88
CA TYR G 416 4.13 -12.66 31.60
C TYR G 416 5.16 -12.40 32.69
N ASP G 417 4.86 -12.88 33.90
CA ASP G 417 5.78 -12.82 35.02
C ASP G 417 5.84 -14.18 35.70
N PRO G 418 7.01 -14.56 36.24
CA PRO G 418 7.14 -15.89 36.83
C PRO G 418 6.69 -15.97 38.29
N THR G 419 6.24 -14.87 38.89
CA THR G 419 5.90 -14.89 40.31
C THR G 419 4.61 -15.64 40.57
N ASN G 420 3.56 -15.37 39.78
CA ASN G 420 2.26 -15.97 40.06
C ASN G 420 2.20 -17.43 39.62
N ASN G 421 2.98 -17.81 38.62
CA ASN G 421 2.96 -19.17 38.07
C ASN G 421 4.24 -19.88 38.44
N TYR G 422 4.11 -20.99 39.17
CA TYR G 422 5.27 -21.83 39.51
C TYR G 422 5.15 -23.21 38.88
N ASN G 423 4.06 -23.93 39.13
CA ASN G 423 3.87 -25.28 38.59
C ASN G 423 2.50 -25.41 37.93
N ASN G 424 2.00 -24.32 37.35
CA ASN G 424 0.69 -24.35 36.71
C ASN G 424 0.83 -24.87 35.28
N LEU G 425 -0.24 -24.78 34.51
CA LEU G 425 -0.24 -25.29 33.14
C LEU G 425 0.62 -24.46 32.23
N LEU G 426 0.60 -23.13 32.39
CA LEU G 426 1.42 -22.27 31.53
C LEU G 426 2.91 -22.49 31.78
N ASP G 427 3.31 -22.60 33.05
CA ASP G 427 4.71 -22.86 33.37
C ASP G 427 5.15 -24.23 32.87
N ARG G 428 4.29 -25.23 32.96
CA ARG G 428 4.65 -26.56 32.49
C ARG G 428 4.67 -26.63 30.97
N VAL G 429 3.85 -25.82 30.30
CA VAL G 429 3.94 -25.71 28.84
C VAL G 429 5.25 -25.06 28.44
N ILE G 430 5.69 -24.06 29.21
CA ILE G 430 7.02 -23.49 29.02
C ILE G 430 8.10 -24.53 29.28
N ARG G 431 7.88 -25.43 30.25
CA ARG G 431 8.92 -26.38 30.65
C ARG G 431 9.16 -27.42 29.56
N HIS G 432 8.10 -28.01 29.00
CA HIS G 432 8.25 -29.05 27.99
C HIS G 432 8.02 -28.54 26.57
N ARG G 433 8.38 -27.27 26.32
CA ARG G 433 8.17 -26.67 25.01
C ARG G 433 9.02 -27.35 23.93
N ASP G 434 10.21 -27.84 24.28
CA ASP G 434 11.05 -28.52 23.30
C ASP G 434 10.42 -29.82 22.84
N ALA G 435 9.80 -30.56 23.76
CA ALA G 435 9.09 -31.79 23.39
C ALA G 435 7.92 -31.50 22.46
N ILE G 436 7.16 -30.44 22.75
CA ILE G 436 6.03 -30.07 21.91
C ILE G 436 6.50 -29.69 20.51
N ILE G 437 7.57 -28.87 20.44
CA ILE G 437 8.08 -28.42 19.15
C ILE G 437 8.65 -29.58 18.35
N SER G 438 9.35 -30.51 19.02
CA SER G 438 9.93 -31.65 18.32
C SER G 438 8.85 -32.60 17.80
N HIS G 439 7.82 -32.88 18.61
CA HIS G 439 6.75 -33.76 18.15
C HIS G 439 5.93 -33.10 17.04
N LEU G 440 5.72 -31.78 17.14
CA LEU G 440 5.06 -31.06 16.07
C LEU G 440 5.89 -31.06 14.79
N ASN G 441 7.22 -30.97 14.92
CA ASN G 441 8.08 -31.08 13.75
C ASN G 441 8.01 -32.47 13.14
N TRP G 442 7.95 -33.51 13.97
CA TRP G 442 7.84 -34.88 13.44
C TRP G 442 6.54 -35.06 12.68
N VAL G 443 5.41 -34.64 13.27
CA VAL G 443 4.14 -34.80 12.58
C VAL G 443 4.06 -33.87 11.37
N SER G 444 4.80 -32.75 11.41
CA SER G 444 4.90 -31.87 10.26
C SER G 444 5.59 -32.57 9.10
N ILE G 445 6.75 -33.18 9.36
CA ILE G 445 7.49 -33.87 8.32
C ILE G 445 6.70 -35.07 7.79
N PHE G 446 6.04 -35.80 8.70
CA PHE G 446 5.25 -36.97 8.33
C PHE G 446 4.08 -36.59 7.42
N LEU G 447 3.32 -35.57 7.81
CA LEU G 447 2.20 -35.10 6.98
C LEU G 447 2.69 -34.53 5.66
N GLY G 448 3.79 -33.76 5.69
CA GLY G 448 4.32 -33.21 4.45
C GLY G 448 4.74 -34.27 3.47
N PHE G 449 5.44 -35.30 3.95
CA PHE G 449 5.84 -36.38 3.07
C PHE G 449 4.62 -37.14 2.54
N HIS G 450 3.85 -37.78 3.42
CA HIS G 450 2.72 -38.54 2.88
C HIS G 450 1.48 -37.70 2.56
N SER G 451 1.67 -36.42 2.23
CA SER G 451 0.71 -35.74 1.37
C SER G 451 1.38 -35.25 0.08
N PHE G 452 2.41 -34.42 0.21
CA PHE G 452 3.00 -33.82 -0.97
C PHE G 452 3.87 -34.78 -1.76
N GLY G 453 4.59 -35.68 -1.10
CA GLY G 453 5.28 -36.74 -1.82
C GLY G 453 4.32 -37.66 -2.54
N LEU G 454 3.12 -37.87 -1.99
CA LEU G 454 2.09 -38.57 -2.74
C LEU G 454 1.71 -37.80 -3.99
N TYR G 455 1.57 -36.48 -3.87
CA TYR G 455 1.29 -35.65 -5.05
C TYR G 455 2.41 -35.73 -6.08
N ILE G 456 3.67 -35.66 -5.63
CA ILE G 456 4.81 -35.71 -6.55
C ILE G 456 4.92 -37.08 -7.19
N HIS G 457 4.64 -38.14 -6.42
CA HIS G 457 4.66 -39.49 -6.96
C HIS G 457 3.58 -39.69 -8.02
N ASN G 458 2.39 -39.14 -7.77
CA ASN G 458 1.33 -39.20 -8.79
C ASN G 458 1.73 -38.43 -10.04
N ASP G 459 2.36 -37.26 -9.85
CA ASP G 459 2.87 -36.49 -10.98
C ASP G 459 3.92 -37.27 -11.77
N THR G 460 4.80 -37.99 -11.07
CA THR G 460 5.85 -38.75 -11.72
C THR G 460 5.28 -39.94 -12.49
N MET G 461 4.37 -40.70 -11.86
CA MET G 461 3.76 -41.83 -12.54
C MET G 461 2.89 -41.40 -13.71
N SER G 462 2.26 -40.23 -13.64
CA SER G 462 1.62 -39.67 -14.82
C SER G 462 2.65 -39.33 -15.90
N ALA G 463 3.78 -38.74 -15.49
CA ALA G 463 4.81 -38.36 -16.45
C ALA G 463 5.53 -39.58 -17.02
N LEU G 464 5.64 -40.65 -16.26
CA LEU G 464 6.30 -41.87 -16.71
C LEU G 464 5.38 -42.78 -17.51
N GLY G 465 4.16 -42.34 -17.80
CA GLY G 465 3.25 -43.14 -18.60
C GLY G 465 2.68 -44.34 -17.89
N ARG G 466 2.60 -44.29 -16.55
CA ARG G 466 2.09 -45.39 -15.74
C ARG G 466 0.98 -44.86 -14.85
N PRO G 467 -0.23 -44.66 -15.40
CA PRO G 467 -1.34 -44.18 -14.56
C PRO G 467 -1.87 -45.23 -13.60
N GLN G 468 -1.57 -46.51 -13.82
CA GLN G 468 -2.01 -47.56 -12.92
C GLN G 468 -1.20 -47.62 -11.63
N ASP G 469 -0.06 -46.94 -11.57
CA ASP G 469 0.75 -46.85 -10.36
C ASP G 469 0.47 -45.59 -9.56
N MET G 470 -0.49 -44.77 -9.98
CA MET G 470 -0.80 -43.52 -9.31
C MET G 470 -1.66 -43.77 -8.08
N PHE G 471 -1.86 -42.70 -7.30
CA PHE G 471 -2.79 -42.74 -6.17
C PHE G 471 -4.09 -42.05 -6.60
N SER G 472 -4.88 -42.79 -7.39
CA SER G 472 -6.13 -42.29 -7.93
C SER G 472 -7.21 -43.34 -7.71
N ASP G 473 -8.44 -43.00 -8.12
CA ASP G 473 -9.55 -43.93 -7.97
C ASP G 473 -9.44 -45.10 -8.94
N THR G 474 -8.99 -44.83 -10.17
CA THR G 474 -8.79 -45.91 -11.14
C THR G 474 -7.64 -46.83 -10.72
N ALA G 475 -6.56 -46.24 -10.23
CA ALA G 475 -5.41 -46.99 -9.74
C ALA G 475 -5.64 -47.31 -8.25
N ILE G 476 -4.57 -47.69 -7.54
CA ILE G 476 -4.67 -47.90 -6.10
C ILE G 476 -5.08 -46.61 -5.42
N GLN G 477 -6.04 -46.71 -4.51
CA GLN G 477 -6.74 -45.54 -3.98
C GLN G 477 -6.62 -45.47 -2.46
N LEU G 478 -6.73 -44.24 -1.96
CA LEU G 478 -6.83 -43.96 -0.53
C LEU G 478 -8.23 -43.42 -0.28
N GLN G 479 -9.17 -44.33 -0.06
CA GLN G 479 -10.56 -43.92 0.10
C GLN G 479 -10.77 -43.29 1.47
N PRO G 480 -11.29 -42.07 1.55
CA PRO G 480 -11.57 -41.47 2.86
C PRO G 480 -12.78 -42.09 3.53
N VAL G 481 -12.56 -43.24 4.19
CA VAL G 481 -13.66 -44.02 4.74
C VAL G 481 -14.34 -43.30 5.90
N PHE G 482 -13.58 -42.56 6.71
CA PHE G 482 -14.16 -41.90 7.88
C PHE G 482 -15.10 -40.78 7.46
N ALA G 483 -14.68 -39.95 6.52
CA ALA G 483 -15.53 -38.85 6.06
C ALA G 483 -16.77 -39.36 5.36
N GLN G 484 -16.63 -40.40 4.53
CA GLN G 484 -17.79 -40.99 3.86
C GLN G 484 -18.72 -41.65 4.85
N TRP G 485 -18.19 -42.29 5.90
CA TRP G 485 -19.05 -42.85 6.93
C TRP G 485 -19.79 -41.77 7.70
N ILE G 486 -19.12 -40.64 7.97
CA ILE G 486 -19.80 -39.53 8.63
C ILE G 486 -20.90 -38.97 7.73
N GLN G 487 -20.64 -38.91 6.42
CA GLN G 487 -21.64 -38.49 5.45
C GLN G 487 -22.85 -39.43 5.47
N ASN G 488 -22.60 -40.73 5.45
CA ASN G 488 -23.70 -41.70 5.47
C ASN G 488 -24.48 -41.65 6.78
N THR G 489 -23.77 -41.47 7.89
CA THR G 489 -24.44 -41.35 9.19
C THR G 489 -25.33 -40.11 9.24
N HIS G 490 -24.83 -38.98 8.73
CA HIS G 490 -25.62 -37.76 8.74
C HIS G 490 -26.79 -37.85 7.77
N PHE G 491 -26.63 -38.58 6.67
CA PHE G 491 -27.73 -38.82 5.75
C PHE G 491 -28.81 -39.68 6.41
N THR G 492 -28.39 -40.71 7.15
CA THR G 492 -29.33 -41.58 7.86
C THR G 492 -29.61 -41.09 9.27
N ALA G 493 -29.06 -39.95 9.68
CA ALA G 493 -29.39 -39.37 10.98
C ALA G 493 -30.88 -39.03 11.16
N PRO G 494 -31.59 -38.43 10.18
CA PRO G 494 -33.04 -38.22 10.40
C PRO G 494 -33.85 -39.50 10.50
N GLN G 495 -33.33 -40.63 10.02
CA GLN G 495 -34.10 -41.87 10.06
C GLN G 495 -34.22 -42.42 11.47
N LEU G 496 -33.10 -42.45 12.21
CA LEU G 496 -33.07 -43.07 13.53
C LEU G 496 -32.72 -42.11 14.65
N THR G 497 -31.61 -41.40 14.55
CA THR G 497 -31.10 -40.62 15.68
C THR G 497 -31.78 -39.26 15.83
N ALA G 498 -32.38 -38.73 14.76
CA ALA G 498 -33.16 -37.50 14.81
C ALA G 498 -34.47 -37.71 14.06
N PRO G 499 -35.39 -38.50 14.63
CA PRO G 499 -36.59 -38.89 13.87
C PRO G 499 -37.53 -37.73 13.59
N ASN G 500 -37.43 -36.61 14.29
CA ASN G 500 -38.30 -35.47 14.06
C ASN G 500 -37.83 -34.56 12.93
N ALA G 501 -36.65 -34.81 12.37
CA ALA G 501 -36.17 -34.02 11.25
C ALA G 501 -36.80 -34.51 9.95
N LEU G 502 -37.21 -33.56 9.10
CA LEU G 502 -37.84 -33.93 7.85
C LEU G 502 -36.85 -34.57 6.89
N ALA G 503 -35.66 -34.00 6.78
CA ALA G 503 -34.62 -34.53 5.90
C ALA G 503 -33.26 -34.23 6.52
N ALA G 504 -32.20 -34.49 5.76
CA ALA G 504 -30.85 -34.28 6.25
C ALA G 504 -30.57 -32.80 6.46
N THR G 505 -29.68 -32.51 7.42
CA THR G 505 -29.38 -31.13 7.79
C THR G 505 -28.70 -30.36 6.66
N SER G 506 -28.06 -31.06 5.72
CA SER G 506 -27.48 -30.41 4.56
C SER G 506 -27.48 -31.39 3.40
N LEU G 507 -27.38 -30.85 2.19
CA LEU G 507 -27.33 -31.66 0.98
C LEU G 507 -25.90 -32.01 0.58
N THR G 508 -24.94 -31.86 1.49
CA THR G 508 -23.60 -32.39 1.25
C THR G 508 -23.61 -33.91 1.15
N TRP G 509 -24.43 -34.56 1.98
CA TRP G 509 -24.48 -36.01 2.06
C TRP G 509 -25.84 -36.57 1.66
N GLY G 510 -26.68 -35.76 1.02
CA GLY G 510 -28.03 -36.17 0.69
C GLY G 510 -28.10 -37.07 -0.52
N GLY G 511 -29.30 -37.23 -1.04
CA GLY G 511 -29.53 -38.06 -2.21
C GLY G 511 -30.34 -37.35 -3.27
N ASP G 512 -30.75 -36.13 -2.99
CA ASP G 512 -31.53 -35.32 -3.91
C ASP G 512 -30.78 -34.06 -4.32
N VAL G 513 -31.15 -33.51 -5.47
CA VAL G 513 -30.52 -32.31 -6.02
C VAL G 513 -31.58 -31.24 -6.14
N VAL G 514 -31.36 -30.10 -5.51
CA VAL G 514 -32.25 -28.95 -5.61
C VAL G 514 -31.68 -27.99 -6.64
N ALA G 515 -32.58 -27.26 -7.32
CA ALA G 515 -32.16 -26.36 -8.38
C ALA G 515 -33.20 -25.27 -8.53
N VAL G 516 -32.73 -24.02 -8.62
CA VAL G 516 -33.59 -22.86 -8.80
C VAL G 516 -33.17 -22.15 -10.08
N GLY G 517 -34.13 -21.93 -10.98
CA GLY G 517 -33.84 -21.21 -12.20
C GLY G 517 -33.01 -21.97 -13.21
N GLY G 518 -33.02 -23.29 -13.15
CA GLY G 518 -32.25 -24.10 -14.08
C GLY G 518 -30.80 -24.30 -13.71
N LYS G 519 -30.34 -23.74 -12.59
CA LYS G 519 -28.98 -23.92 -12.12
C LYS G 519 -29.00 -24.67 -10.81
N VAL G 520 -27.98 -25.50 -10.60
CA VAL G 520 -27.93 -26.36 -9.41
C VAL G 520 -27.67 -25.50 -8.18
N ALA G 521 -28.56 -25.61 -7.20
CA ALA G 521 -28.41 -24.89 -5.94
C ALA G 521 -27.44 -25.62 -5.01
N MET G 522 -27.75 -26.87 -4.67
CA MET G 522 -26.86 -27.68 -3.85
C MET G 522 -27.14 -29.15 -4.14
N MET G 523 -26.08 -29.93 -4.38
CA MET G 523 -26.18 -31.32 -4.77
C MET G 523 -25.23 -32.13 -3.90
N PRO G 524 -25.45 -33.46 -3.81
CA PRO G 524 -24.56 -34.29 -2.99
C PRO G 524 -23.12 -34.27 -3.47
N ILE G 525 -22.20 -34.34 -2.51
CA ILE G 525 -20.77 -34.21 -2.76
C ILE G 525 -20.12 -35.57 -2.54
N ALA G 526 -19.39 -36.05 -3.54
CA ALA G 526 -18.67 -37.31 -3.46
C ALA G 526 -17.22 -37.07 -3.10
N LEU G 527 -16.69 -37.88 -2.20
CA LEU G 527 -15.32 -37.77 -1.73
C LEU G 527 -14.50 -38.95 -2.23
N GLY G 528 -13.36 -38.66 -2.83
CA GLY G 528 -12.50 -39.71 -3.36
C GLY G 528 -11.06 -39.58 -2.91
N THR G 529 -10.14 -40.15 -3.68
CA THR G 529 -8.72 -40.10 -3.33
C THR G 529 -8.18 -38.68 -3.37
N SER G 530 -8.63 -37.89 -4.36
CA SER G 530 -8.16 -36.52 -4.49
C SER G 530 -8.56 -35.66 -3.29
N ASP G 531 -9.79 -35.84 -2.80
CA ASP G 531 -10.24 -35.12 -1.61
C ASP G 531 -9.44 -35.52 -0.39
N PHE G 532 -9.09 -36.81 -0.29
CA PHE G 532 -8.21 -37.29 0.78
C PHE G 532 -6.85 -36.60 0.72
N LEU G 533 -6.27 -36.52 -0.47
CA LEU G 533 -4.96 -35.88 -0.64
C LEU G 533 -5.01 -34.41 -0.28
N VAL G 534 -6.04 -33.69 -0.74
CA VAL G 534 -6.12 -32.26 -0.46
C VAL G 534 -6.40 -32.01 1.01
N HIS G 535 -7.24 -32.84 1.64
CA HIS G 535 -7.54 -32.64 3.06
C HIS G 535 -6.31 -32.92 3.92
N HIS G 536 -5.52 -33.93 3.58
CA HIS G 536 -4.29 -34.14 4.36
C HIS G 536 -3.22 -33.10 4.04
N ILE G 537 -3.25 -32.54 2.83
CA ILE G 537 -2.40 -31.37 2.53
C ILE G 537 -2.79 -30.20 3.42
N HIS G 538 -4.10 -29.98 3.60
CA HIS G 538 -4.58 -28.92 4.48
C HIS G 538 -4.16 -29.17 5.92
N ALA G 539 -4.28 -30.41 6.38
CA ALA G 539 -3.88 -30.75 7.74
C ALA G 539 -2.39 -30.51 7.94
N PHE G 540 -1.57 -30.90 6.95
CA PHE G 540 -0.14 -30.63 6.99
C PHE G 540 0.14 -29.13 7.08
N THR G 541 -0.53 -28.34 6.24
CA THR G 541 -0.23 -26.91 6.17
C THR G 541 -0.64 -26.20 7.46
N ILE G 542 -1.80 -26.58 8.01
CA ILE G 542 -2.26 -25.99 9.26
C ILE G 542 -1.36 -26.41 10.41
N HIS G 543 -0.86 -27.66 10.40
CA HIS G 543 0.08 -28.10 11.43
C HIS G 543 1.38 -27.31 11.35
N VAL G 544 1.85 -27.01 10.14
CA VAL G 544 3.07 -26.20 10.02
C VAL G 544 2.83 -24.79 10.55
N THR G 545 1.71 -24.16 10.17
CA THR G 545 1.44 -22.79 10.60
C THR G 545 1.28 -22.71 12.12
N VAL G 546 0.58 -23.68 12.71
CA VAL G 546 0.44 -23.69 14.16
C VAL G 546 1.77 -24.01 14.82
N LEU G 547 2.65 -24.77 14.15
CA LEU G 547 3.99 -25.00 14.68
C LEU G 547 4.79 -23.70 14.73
N ILE G 548 4.71 -22.91 13.66
CA ILE G 548 5.45 -21.64 13.62
C ILE G 548 4.93 -20.69 14.69
N LEU G 549 3.60 -20.54 14.78
CA LEU G 549 3.03 -19.62 15.75
C LEU G 549 3.30 -20.07 17.18
N LEU G 550 3.17 -21.37 17.46
CA LEU G 550 3.37 -21.87 18.81
C LEU G 550 4.84 -21.80 19.20
N LYS G 551 5.76 -22.06 18.26
CA LYS G 551 7.18 -21.91 18.55
C LYS G 551 7.54 -20.46 18.81
N GLY G 552 6.96 -19.53 18.03
CA GLY G 552 7.19 -18.12 18.29
C GLY G 552 6.68 -17.68 19.66
N VAL G 553 5.51 -18.18 20.05
CA VAL G 553 4.97 -17.85 21.37
C VAL G 553 5.84 -18.45 22.47
N LEU G 554 6.22 -19.72 22.32
CA LEU G 554 6.93 -20.42 23.40
C LEU G 554 8.36 -19.90 23.58
N PHE G 555 9.05 -19.60 22.48
CA PHE G 555 10.43 -19.17 22.55
C PHE G 555 10.58 -17.66 22.57
N ALA G 556 9.48 -16.92 22.78
CA ALA G 556 9.56 -15.47 22.87
C ALA G 556 10.27 -15.03 24.15
N ARG G 557 10.06 -15.74 25.23
CA ARG G 557 10.66 -15.35 26.50
C ARG G 557 12.12 -15.72 26.55
N SER G 558 12.43 -17.00 26.36
CA SER G 558 13.81 -17.46 26.44
C SER G 558 14.00 -18.63 25.49
N SER G 559 15.26 -18.93 25.21
CA SER G 559 15.61 -20.02 24.30
C SER G 559 17.02 -20.48 24.61
N ARG G 560 17.37 -21.66 24.08
CA ARG G 560 18.73 -22.17 24.21
C ARG G 560 19.72 -21.32 23.42
N LEU G 561 19.26 -20.64 22.37
CA LEU G 561 20.12 -19.74 21.63
C LEU G 561 20.30 -18.42 22.37
N ILE G 562 19.21 -17.73 22.62
CA ILE G 562 19.23 -16.42 23.27
C ILE G 562 18.48 -16.53 24.60
N PRO G 563 19.22 -16.66 25.71
CA PRO G 563 18.54 -16.77 27.01
C PRO G 563 17.85 -15.49 27.45
N ASP G 564 18.34 -14.33 27.02
CA ASP G 564 17.79 -13.04 27.44
C ASP G 564 16.91 -12.41 26.36
N LYS G 565 16.13 -13.23 25.65
CA LYS G 565 15.22 -12.71 24.64
C LYS G 565 14.07 -11.92 25.25
N ALA G 566 13.75 -12.17 26.53
CA ALA G 566 12.69 -11.41 27.20
C ALA G 566 13.06 -9.95 27.36
N ASN G 567 14.31 -9.66 27.70
CA ASN G 567 14.76 -8.29 27.90
C ASN G 567 14.98 -7.54 26.59
N LEU G 568 14.95 -8.24 25.45
CA LEU G 568 15.16 -7.61 24.16
C LEU G 568 13.86 -7.13 23.51
N GLY G 569 12.72 -7.29 24.20
CA GLY G 569 11.45 -6.87 23.67
C GLY G 569 10.81 -7.91 22.78
N PHE G 570 9.58 -7.61 22.35
CA PHE G 570 8.86 -8.51 21.45
C PHE G 570 9.31 -8.34 20.01
N ARG G 571 9.20 -7.11 19.49
CA ARG G 571 9.51 -6.82 18.10
C ARG G 571 10.88 -6.18 18.04
N PHE G 572 11.91 -7.01 17.89
CA PHE G 572 13.26 -6.59 17.61
C PHE G 572 13.78 -7.34 16.41
N PRO G 573 14.64 -6.73 15.60
CA PRO G 573 15.10 -7.40 14.37
C PRO G 573 15.96 -8.64 14.63
N CYS G 574 16.97 -8.51 15.47
CA CYS G 574 17.92 -9.58 15.69
C CYS G 574 18.72 -9.27 16.96
N ASP G 575 19.57 -10.22 17.34
CA ASP G 575 20.58 -10.01 18.38
C ASP G 575 21.98 -9.93 17.80
N GLY G 576 22.10 -9.60 16.51
CA GLY G 576 23.37 -9.51 15.85
C GLY G 576 23.75 -10.79 15.14
N PRO G 577 24.85 -10.76 14.39
CA PRO G 577 25.31 -11.97 13.68
C PRO G 577 25.98 -13.00 14.59
N GLY G 578 25.90 -12.86 15.91
CA GLY G 578 26.48 -13.83 16.80
C GLY G 578 25.74 -15.16 16.76
N ARG G 579 26.42 -16.19 17.26
CA ARG G 579 25.95 -17.57 17.23
C ARG G 579 25.63 -18.03 15.81
N GLY G 580 26.42 -17.55 14.85
CA GLY G 580 26.18 -17.80 13.45
C GLY G 580 25.18 -16.89 12.80
N GLY G 581 24.53 -16.01 13.57
CA GLY G 581 23.51 -15.12 13.03
C GLY G 581 22.14 -15.41 13.59
N THR G 582 21.67 -14.56 14.50
CA THR G 582 20.33 -14.70 15.09
C THR G 582 19.34 -13.76 14.42
N CYS G 583 19.20 -13.91 13.10
CA CYS G 583 18.23 -13.10 12.36
C CYS G 583 16.85 -13.71 12.49
N GLN G 584 15.84 -12.84 12.53
CA GLN G 584 14.42 -13.24 12.61
C GLN G 584 14.14 -14.12 13.83
N VAL G 585 14.89 -13.91 14.91
CA VAL G 585 14.74 -14.74 16.10
C VAL G 585 13.57 -14.29 16.96
N SER G 586 13.09 -13.07 16.77
CA SER G 586 11.97 -12.58 17.57
C SER G 586 10.68 -13.28 17.17
N ALA G 587 9.72 -13.26 18.11
CA ALA G 587 8.40 -13.83 17.85
C ALA G 587 7.64 -13.05 16.79
N TRP G 588 7.93 -11.75 16.64
CA TRP G 588 7.33 -10.96 15.58
C TRP G 588 7.68 -11.52 14.22
N ASP G 589 8.93 -11.95 14.04
CA ASP G 589 9.33 -12.56 12.77
C ASP G 589 8.73 -13.94 12.59
N HIS G 590 8.48 -14.65 13.70
CA HIS G 590 7.74 -15.91 13.62
C HIS G 590 6.33 -15.68 13.09
N VAL G 591 5.67 -14.63 13.57
CA VAL G 591 4.36 -14.26 13.04
C VAL G 591 4.49 -13.80 11.59
N PHE G 592 5.59 -13.13 11.26
CA PHE G 592 5.83 -12.67 9.89
C PHE G 592 5.92 -13.83 8.91
N LEU G 593 6.56 -14.93 9.33
CA LEU G 593 6.59 -16.14 8.49
C LEU G 593 5.25 -16.87 8.52
N GLY G 594 4.59 -16.86 9.68
CA GLY G 594 3.30 -17.53 9.80
C GLY G 594 2.22 -16.88 8.96
N LEU G 595 2.38 -15.58 8.66
CA LEU G 595 1.45 -14.92 7.74
C LEU G 595 1.54 -15.52 6.35
N PHE G 596 2.76 -15.75 5.85
CA PHE G 596 2.92 -16.40 4.55
C PHE G 596 2.41 -17.83 4.57
N TRP G 597 2.66 -18.55 5.68
CA TRP G 597 2.19 -19.93 5.74
C TRP G 597 0.66 -20.00 5.81
N MET G 598 0.05 -19.07 6.54
CA MET G 598 -1.38 -18.86 6.47
C MET G 598 -1.84 -18.59 5.05
N TYR G 599 -1.10 -17.75 4.32
CA TYR G 599 -1.50 -17.40 2.96
C TYR G 599 -1.50 -18.62 2.06
N ASN G 600 -0.45 -19.44 2.15
CA ASN G 600 -0.40 -20.69 1.40
C ASN G 600 -1.54 -21.63 1.79
N SER G 601 -1.79 -21.77 3.10
CA SER G 601 -2.85 -22.66 3.58
C SER G 601 -4.20 -22.25 3.03
N LEU G 602 -4.57 -20.99 3.22
CA LEU G 602 -5.90 -20.55 2.82
C LEU G 602 -6.03 -20.44 1.31
N SER G 603 -4.95 -20.16 0.60
CA SER G 603 -5.00 -20.16 -0.86
C SER G 603 -5.28 -21.56 -1.40
N ILE G 604 -4.59 -22.58 -0.85
CA ILE G 604 -4.85 -23.94 -1.29
C ILE G 604 -6.26 -24.38 -0.87
N VAL G 605 -6.72 -23.92 0.29
CA VAL G 605 -8.06 -24.28 0.77
C VAL G 605 -9.13 -23.72 -0.15
N ILE G 606 -9.01 -22.44 -0.52
CA ILE G 606 -10.02 -21.85 -1.39
C ILE G 606 -9.88 -22.33 -2.83
N PHE G 607 -8.68 -22.73 -3.26
CA PHE G 607 -8.55 -23.38 -4.56
C PHE G 607 -9.29 -24.71 -4.57
N HIS G 608 -9.15 -25.49 -3.50
CA HIS G 608 -9.90 -26.73 -3.36
C HIS G 608 -11.40 -26.47 -3.36
N PHE G 609 -11.83 -25.43 -2.63
CA PHE G 609 -13.25 -25.10 -2.56
C PHE G 609 -13.80 -24.75 -3.94
N SER G 610 -13.12 -23.86 -4.65
CA SER G 610 -13.59 -23.42 -5.96
C SER G 610 -13.60 -24.58 -6.96
N TRP G 611 -12.53 -25.38 -7.00
CA TRP G 611 -12.47 -26.48 -7.94
C TRP G 611 -13.50 -27.56 -7.63
N LYS G 612 -13.62 -27.94 -6.35
CA LYS G 612 -14.57 -28.98 -5.98
C LYS G 612 -16.01 -28.54 -6.22
N MET G 613 -16.32 -27.28 -5.91
CA MET G 613 -17.71 -26.84 -6.05
C MET G 613 -18.06 -26.60 -7.51
N GLN G 614 -17.09 -26.16 -8.33
CA GLN G 614 -17.35 -25.98 -9.75
C GLN G 614 -17.37 -27.31 -10.50
N SER G 615 -16.69 -28.35 -10.00
CA SER G 615 -16.60 -29.61 -10.70
C SER G 615 -17.59 -30.66 -10.20
N ASP G 616 -18.15 -30.49 -9.00
CA ASP G 616 -19.04 -31.49 -8.45
C ASP G 616 -20.31 -30.93 -7.82
N VAL G 617 -20.47 -29.62 -7.69
CA VAL G 617 -21.67 -29.04 -7.10
C VAL G 617 -22.32 -28.06 -8.06
N TRP G 618 -21.60 -27.01 -8.41
CA TRP G 618 -22.17 -25.93 -9.21
C TRP G 618 -22.32 -26.35 -10.67
N GLY G 619 -23.40 -25.89 -11.28
CA GLY G 619 -23.67 -26.18 -12.66
C GLY G 619 -25.11 -25.86 -13.01
N THR G 620 -25.47 -26.20 -14.24
CA THR G 620 -26.82 -25.99 -14.76
C THR G 620 -27.50 -27.33 -14.93
N VAL G 621 -28.68 -27.49 -14.34
CA VAL G 621 -29.42 -28.74 -14.42
C VAL G 621 -30.11 -28.83 -15.78
N THR G 622 -30.11 -30.03 -16.35
CA THR G 622 -30.77 -30.32 -17.60
C THR G 622 -31.79 -31.43 -17.40
N ASP G 623 -32.58 -31.68 -18.46
CA ASP G 623 -33.51 -32.81 -18.41
C ASP G 623 -32.76 -34.14 -18.45
N SER G 624 -31.65 -34.20 -19.18
CA SER G 624 -30.84 -35.42 -19.29
C SER G 624 -29.65 -35.29 -18.32
N GLY G 625 -29.93 -35.55 -17.05
CA GLY G 625 -28.90 -35.51 -16.04
C GLY G 625 -28.55 -34.10 -15.60
N VAL G 626 -27.49 -34.01 -14.81
CA VAL G 626 -27.00 -32.76 -14.24
C VAL G 626 -25.61 -32.51 -14.81
N SER G 627 -25.44 -31.34 -15.43
CA SER G 627 -24.15 -30.93 -15.99
C SER G 627 -23.55 -29.85 -15.11
N HIS G 628 -22.31 -30.04 -14.69
CA HIS G 628 -21.64 -29.09 -13.81
C HIS G 628 -20.97 -27.99 -14.63
N ILE G 629 -20.32 -27.07 -13.94
CA ILE G 629 -19.62 -25.97 -14.61
C ILE G 629 -18.43 -26.50 -15.40
N THR G 630 -17.62 -27.35 -14.78
CA THR G 630 -16.53 -28.00 -15.47
C THR G 630 -17.02 -29.35 -16.00
N GLY G 631 -16.09 -30.20 -16.44
CA GLY G 631 -16.45 -31.50 -16.97
C GLY G 631 -16.41 -32.59 -15.93
N GLY G 632 -16.45 -32.22 -14.66
CA GLY G 632 -16.33 -33.18 -13.57
C GLY G 632 -14.95 -33.82 -13.50
N ASN G 633 -13.90 -33.02 -13.66
CA ASN G 633 -12.54 -33.53 -13.75
C ASN G 633 -11.79 -33.49 -12.43
N PHE G 634 -12.49 -33.21 -11.32
CA PHE G 634 -11.81 -33.17 -10.02
C PHE G 634 -11.38 -34.56 -9.58
N ALA G 635 -12.14 -35.59 -9.92
CA ALA G 635 -11.76 -36.95 -9.56
C ALA G 635 -10.63 -37.49 -10.42
N GLN G 636 -10.26 -36.80 -11.49
CA GLN G 636 -9.23 -37.27 -12.40
C GLN G 636 -8.00 -36.35 -12.48
N SER G 637 -8.11 -35.08 -12.08
CA SER G 637 -7.04 -34.13 -12.27
C SER G 637 -6.51 -33.52 -10.97
N ALA G 638 -7.17 -33.74 -9.84
CA ALA G 638 -6.74 -33.15 -8.58
C ALA G 638 -5.72 -34.01 -7.84
N ASN G 639 -5.30 -35.12 -8.42
CA ASN G 639 -4.30 -36.00 -7.80
C ASN G 639 -2.87 -35.60 -8.13
N THR G 640 -2.66 -34.75 -9.14
CA THR G 640 -1.33 -34.35 -9.56
C THR G 640 -1.21 -32.83 -9.52
N ILE G 641 0.03 -32.37 -9.38
CA ILE G 641 0.28 -30.93 -9.37
C ILE G 641 0.03 -30.33 -10.75
N ASN G 642 0.47 -31.02 -11.81
CA ASN G 642 0.23 -30.51 -13.15
C ASN G 642 -1.24 -30.56 -13.52
N GLY G 643 -1.95 -31.60 -13.06
CA GLY G 643 -3.39 -31.63 -13.24
C GLY G 643 -4.08 -30.48 -12.55
N TRP G 644 -3.68 -30.22 -11.29
CA TRP G 644 -4.19 -29.06 -10.54
C TRP G 644 -3.96 -27.78 -11.32
N LEU G 645 -2.72 -27.57 -11.77
CA LEU G 645 -2.34 -26.35 -12.48
C LEU G 645 -3.15 -26.18 -13.76
N ARG G 646 -3.05 -27.15 -14.67
CA ARG G 646 -3.66 -27.04 -15.99
C ARG G 646 -5.19 -26.96 -15.89
N ASP G 647 -5.81 -27.78 -15.04
CA ASP G 647 -7.26 -27.85 -15.01
C ASP G 647 -7.90 -26.93 -14.00
N PHE G 648 -7.13 -26.15 -13.22
CA PHE G 648 -7.75 -25.15 -12.38
C PHE G 648 -7.24 -23.74 -12.66
N LEU G 649 -5.93 -23.53 -12.72
CA LEU G 649 -5.41 -22.18 -12.93
C LEU G 649 -5.28 -21.82 -14.40
N TRP G 650 -5.25 -22.82 -15.30
CA TRP G 650 -5.17 -22.58 -16.72
C TRP G 650 -6.48 -22.86 -17.45
N ALA G 651 -7.22 -23.89 -17.03
CA ALA G 651 -8.54 -24.11 -17.59
C ALA G 651 -9.48 -22.97 -17.26
N GLN G 652 -9.41 -22.48 -16.02
CA GLN G 652 -10.04 -21.22 -15.66
C GLN G 652 -9.05 -20.09 -15.96
N SER G 653 -9.38 -18.88 -15.54
CA SER G 653 -8.64 -17.63 -15.81
C SER G 653 -8.53 -17.32 -17.29
N SER G 654 -9.24 -18.04 -18.16
CA SER G 654 -9.34 -17.65 -19.55
C SER G 654 -10.30 -16.49 -19.76
N GLN G 655 -11.18 -16.24 -18.79
CA GLN G 655 -12.07 -15.10 -18.83
C GLN G 655 -11.43 -13.84 -18.25
N VAL G 656 -10.43 -14.00 -17.36
CA VAL G 656 -9.75 -12.83 -16.81
C VAL G 656 -8.88 -12.17 -17.88
N ILE G 657 -8.17 -12.98 -18.68
CA ILE G 657 -7.31 -12.43 -19.71
C ILE G 657 -8.12 -11.81 -20.85
N GLN G 658 -9.28 -12.38 -21.16
CA GLN G 658 -10.16 -11.86 -22.20
C GLN G 658 -11.26 -10.97 -21.64
N SER G 659 -11.11 -10.51 -20.40
CA SER G 659 -12.07 -9.60 -19.79
C SER G 659 -12.00 -8.19 -20.35
N TYR G 660 -10.95 -7.86 -21.11
CA TYR G 660 -10.76 -6.50 -21.60
C TYR G 660 -11.83 -6.14 -22.62
N GLY G 661 -12.32 -4.91 -22.53
CA GLY G 661 -13.42 -4.47 -23.37
C GLY G 661 -14.78 -4.89 -22.88
N SER G 662 -14.87 -5.47 -21.68
CA SER G 662 -16.14 -5.97 -21.17
C SER G 662 -16.42 -5.40 -19.78
N ALA G 663 -17.44 -5.94 -19.11
CA ALA G 663 -17.84 -5.42 -17.82
C ALA G 663 -16.82 -5.76 -16.73
N LEU G 664 -16.08 -6.86 -16.92
CA LEU G 664 -15.17 -7.36 -15.89
C LEU G 664 -13.70 -7.08 -16.22
N SER G 665 -13.42 -6.06 -17.04
CA SER G 665 -12.03 -5.71 -17.35
C SER G 665 -11.30 -5.15 -16.14
N ALA G 666 -12.03 -4.51 -15.22
CA ALA G 666 -11.42 -4.04 -13.99
C ALA G 666 -10.89 -5.19 -13.14
N TYR G 667 -11.47 -6.38 -13.26
CA TYR G 667 -10.89 -7.54 -12.59
C TYR G 667 -9.55 -7.94 -13.19
N GLY G 668 -9.39 -7.82 -14.51
CA GLY G 668 -8.09 -8.05 -15.12
C GLY G 668 -7.06 -7.02 -14.71
N LEU G 669 -7.48 -5.74 -14.66
CA LEU G 669 -6.59 -4.68 -14.18
C LEU G 669 -6.18 -4.93 -12.73
N MET G 670 -7.14 -5.33 -11.90
CA MET G 670 -6.85 -5.64 -10.50
C MET G 670 -5.94 -6.86 -10.38
N PHE G 671 -6.13 -7.85 -11.25
CA PHE G 671 -5.26 -9.03 -11.31
C PHE G 671 -3.82 -8.64 -11.60
N LEU G 672 -3.60 -7.79 -12.61
CA LEU G 672 -2.23 -7.42 -12.94
C LEU G 672 -1.62 -6.48 -11.91
N GLY G 673 -2.42 -5.59 -11.32
CA GLY G 673 -1.92 -4.77 -10.22
C GLY G 673 -1.56 -5.59 -9.00
N ALA G 674 -2.33 -6.63 -8.74
CA ALA G 674 -2.02 -7.56 -7.66
C ALA G 674 -0.75 -8.33 -7.94
N HIS G 675 -0.54 -8.72 -9.21
CA HIS G 675 0.73 -9.31 -9.62
C HIS G 675 1.89 -8.36 -9.37
N PHE G 676 1.69 -7.08 -9.69
CA PHE G 676 2.69 -6.05 -9.45
C PHE G 676 3.04 -5.96 -7.97
N VAL G 677 2.03 -5.84 -7.11
CA VAL G 677 2.29 -5.62 -5.68
C VAL G 677 2.88 -6.88 -5.05
N TRP G 678 2.42 -8.06 -5.47
CA TRP G 678 2.99 -9.31 -4.99
C TRP G 678 4.46 -9.43 -5.38
N ALA G 679 4.78 -9.02 -6.61
CA ALA G 679 6.17 -9.06 -7.06
C ALA G 679 7.01 -7.95 -6.46
N PHE G 680 6.41 -6.78 -6.19
CA PHE G 680 7.14 -5.68 -5.59
C PHE G 680 7.54 -5.96 -4.15
N SER G 681 6.83 -6.87 -3.47
CA SER G 681 7.13 -7.17 -2.07
C SER G 681 8.47 -7.86 -1.90
N LEU G 682 8.92 -8.59 -2.93
CA LEU G 682 10.11 -9.42 -2.78
C LEU G 682 11.39 -8.59 -2.66
N MET G 683 11.35 -7.30 -2.98
CA MET G 683 12.43 -6.40 -2.58
C MET G 683 12.55 -6.34 -1.07
N PHE G 684 11.45 -6.07 -0.38
CA PHE G 684 11.49 -5.90 1.06
C PHE G 684 11.66 -7.23 1.79
N LEU G 685 11.56 -8.34 1.07
CA LEU G 685 11.70 -9.67 1.65
C LEU G 685 13.11 -10.23 1.47
N PHE G 686 13.64 -10.20 0.24
CA PHE G 686 14.97 -10.73 0.02
C PHE G 686 16.06 -9.83 0.57
N SER G 687 15.93 -8.52 0.36
CA SER G 687 17.02 -7.59 0.61
C SER G 687 17.17 -7.29 2.09
N GLY G 688 18.14 -6.45 2.41
CA GLY G 688 18.38 -6.01 3.77
C GLY G 688 18.24 -4.51 3.93
N ARG G 689 19.09 -3.90 4.74
CA ARG G 689 19.00 -2.48 5.02
C ARG G 689 20.27 -1.71 4.68
N GLY G 690 21.44 -2.33 4.83
CA GLY G 690 22.70 -1.62 4.63
C GLY G 690 22.90 -1.14 3.21
N TYR G 691 22.54 -1.98 2.22
CA TYR G 691 22.60 -1.57 0.83
C TYR G 691 21.65 -0.41 0.57
N TRP G 692 20.42 -0.50 1.07
CA TRP G 692 19.45 0.57 0.88
C TRP G 692 19.87 1.83 1.61
N GLN G 693 20.48 1.68 2.79
CA GLN G 693 20.98 2.85 3.50
C GLN G 693 22.12 3.53 2.74
N GLU G 694 23.00 2.74 2.13
CA GLU G 694 24.08 3.34 1.34
C GLU G 694 23.56 4.02 0.08
N LEU G 695 22.55 3.42 -0.56
CA LEU G 695 21.91 4.05 -1.70
C LEU G 695 21.24 5.36 -1.30
N ILE G 696 20.60 5.37 -0.13
CA ILE G 696 19.99 6.58 0.40
C ILE G 696 21.06 7.61 0.73
N GLU G 697 22.24 7.17 1.17
CA GLU G 697 23.36 8.09 1.40
C GLU G 697 23.80 8.74 0.10
N SER G 698 23.87 7.97 -0.98
CA SER G 698 24.24 8.53 -2.28
C SER G 698 23.18 9.54 -2.76
N ILE G 699 21.91 9.21 -2.56
CA ILE G 699 20.83 10.14 -2.94
C ILE G 699 20.88 11.39 -2.07
N VAL G 700 21.25 11.23 -0.79
CA VAL G 700 21.42 12.36 0.12
C VAL G 700 22.54 13.26 -0.35
N TRP G 701 23.64 12.66 -0.83
CA TRP G 701 24.72 13.46 -1.41
C TRP G 701 24.24 14.21 -2.65
N ALA G 702 23.43 13.56 -3.48
CA ALA G 702 22.89 14.22 -4.67
C ALA G 702 22.02 15.41 -4.30
N HIS G 703 21.16 15.26 -3.29
CA HIS G 703 20.34 16.36 -2.84
C HIS G 703 21.16 17.41 -2.08
N ASN G 704 22.31 17.02 -1.54
CA ASN G 704 23.20 17.97 -0.86
C ASN G 704 23.98 18.83 -1.84
N LYS G 705 24.23 18.30 -3.05
CA LYS G 705 25.07 19.01 -4.02
C LYS G 705 24.41 20.32 -4.46
N LEU G 706 23.10 20.31 -4.68
CA LEU G 706 22.39 21.51 -5.11
C LEU G 706 21.43 22.03 -4.04
N ARG G 707 21.69 21.71 -2.77
CA ARG G 707 21.06 22.35 -1.60
C ARG G 707 19.55 22.17 -1.58
N VAL G 708 19.10 20.92 -1.65
CA VAL G 708 17.71 20.60 -1.37
C VAL G 708 17.69 19.57 -0.25
N ALA G 709 18.67 19.66 0.64
CA ALA G 709 18.81 18.70 1.73
C ALA G 709 17.65 18.87 2.71
N PRO G 710 16.86 17.83 2.96
CA PRO G 710 15.80 17.95 3.97
C PRO G 710 16.38 18.07 5.37
N SER G 711 15.68 18.81 6.22
CA SER G 711 16.08 18.92 7.61
C SER G 711 15.97 17.57 8.32
N ILE G 712 14.94 16.81 8.00
CA ILE G 712 14.82 15.43 8.47
C ILE G 712 15.77 14.56 7.66
N GLN G 713 16.62 13.81 8.34
CA GLN G 713 17.59 12.96 7.65
C GLN G 713 16.89 11.76 7.02
N PRO G 714 17.03 11.54 5.72
CA PRO G 714 16.43 10.35 5.11
C PRO G 714 17.17 9.08 5.55
N ARG G 715 16.41 8.12 6.05
CA ARG G 715 16.95 6.86 6.52
C ARG G 715 16.20 5.71 5.86
N ALA G 716 16.90 4.59 5.69
CA ALA G 716 16.25 3.38 5.18
C ALA G 716 15.29 2.84 6.23
N LEU G 717 14.34 2.03 5.75
CA LEU G 717 13.39 1.40 6.64
C LEU G 717 14.08 0.42 7.57
N SER G 718 13.53 0.26 8.77
CA SER G 718 14.09 -0.68 9.73
C SER G 718 13.90 -2.11 9.25
N ILE G 719 14.68 -3.02 9.84
CA ILE G 719 14.64 -4.41 9.43
C ILE G 719 13.26 -5.02 9.72
N THR G 720 12.73 -4.76 10.92
CA THR G 720 11.35 -5.13 11.21
C THR G 720 10.38 -4.35 10.34
N GLN G 721 10.67 -3.06 10.10
CA GLN G 721 9.84 -2.27 9.20
C GLN G 721 9.87 -2.83 7.78
N GLY G 722 11.06 -3.21 7.30
CA GLY G 722 11.16 -3.79 5.97
C GLY G 722 10.44 -5.11 5.84
N ARG G 723 10.57 -5.96 6.88
CA ARG G 723 9.84 -7.23 6.88
C ARG G 723 8.33 -7.00 6.90
N ALA G 724 7.87 -6.01 7.67
CA ALA G 724 6.44 -5.69 7.72
C ALA G 724 5.93 -5.20 6.37
N VAL G 725 6.70 -4.33 5.71
CA VAL G 725 6.31 -3.84 4.38
C VAL G 725 6.27 -4.99 3.39
N GLY G 726 7.27 -5.88 3.44
CA GLY G 726 7.30 -7.01 2.53
C GLY G 726 6.13 -7.95 2.71
N VAL G 727 5.83 -8.32 3.96
CA VAL G 727 4.72 -9.24 4.19
C VAL G 727 3.39 -8.57 3.88
N ALA G 728 3.26 -7.26 4.15
CA ALA G 728 2.01 -6.58 3.85
C ALA G 728 1.76 -6.50 2.35
N HIS G 729 2.77 -6.09 1.57
CA HIS G 729 2.63 -6.02 0.12
C HIS G 729 2.42 -7.41 -0.48
N TYR G 730 3.12 -8.43 0.04
CA TYR G 730 2.96 -9.80 -0.45
C TYR G 730 1.55 -10.31 -0.21
N LEU G 731 1.04 -10.14 1.01
CA LEU G 731 -0.30 -10.60 1.33
C LEU G 731 -1.36 -9.84 0.54
N LEU G 732 -1.20 -8.52 0.41
CA LEU G 732 -2.18 -7.72 -0.33
C LEU G 732 -2.20 -8.15 -1.81
N GLY G 733 -1.02 -8.37 -2.39
CA GLY G 733 -0.95 -8.80 -3.77
C GLY G 733 -1.55 -10.18 -3.98
N GLY G 734 -1.24 -11.12 -3.10
CA GLY G 734 -1.79 -12.47 -3.24
C GLY G 734 -3.30 -12.51 -3.04
N ILE G 735 -3.80 -11.78 -2.04
CA ILE G 735 -5.23 -11.73 -1.77
C ILE G 735 -5.96 -11.10 -2.95
N ALA G 736 -5.45 -9.99 -3.48
CA ALA G 736 -6.11 -9.36 -4.61
C ALA G 736 -6.00 -10.19 -5.88
N THR G 737 -4.91 -10.95 -6.03
CA THR G 737 -4.78 -11.86 -7.18
C THR G 737 -5.87 -12.91 -7.16
N THR G 738 -5.99 -13.60 -6.01
CA THR G 738 -7.01 -14.64 -5.90
C THR G 738 -8.41 -14.05 -5.97
N TRP G 739 -8.60 -12.85 -5.41
CA TRP G 739 -9.90 -12.18 -5.45
C TRP G 739 -10.32 -11.87 -6.88
N SER G 740 -9.42 -11.28 -7.66
CA SER G 740 -9.72 -10.92 -9.04
C SER G 740 -9.98 -12.18 -9.88
N PHE G 741 -9.12 -13.20 -9.73
CA PHE G 741 -9.28 -14.41 -10.52
C PHE G 741 -10.59 -15.12 -10.18
N PHE G 742 -10.88 -15.28 -8.88
CA PHE G 742 -12.09 -15.96 -8.45
C PHE G 742 -13.34 -15.21 -8.90
N LEU G 743 -13.36 -13.88 -8.71
CA LEU G 743 -14.54 -13.10 -9.05
C LEU G 743 -14.78 -13.06 -10.56
N ALA G 744 -13.71 -12.89 -11.35
CA ALA G 744 -13.88 -12.87 -12.80
C ALA G 744 -14.33 -14.23 -13.33
N ARG G 745 -13.75 -15.32 -12.81
CA ARG G 745 -14.16 -16.65 -13.24
C ARG G 745 -15.60 -16.95 -12.86
N ILE G 746 -16.00 -16.56 -11.64
CA ILE G 746 -17.35 -16.88 -11.18
C ILE G 746 -18.40 -15.92 -11.74
N ILE G 747 -17.99 -14.76 -12.26
CA ILE G 747 -18.95 -13.84 -12.85
C ILE G 747 -19.13 -14.11 -14.34
N ALA G 748 -18.04 -14.36 -15.07
CA ALA G 748 -18.15 -14.61 -16.50
C ALA G 748 -18.74 -15.97 -16.81
N VAL G 749 -18.70 -16.91 -15.87
CA VAL G 749 -19.25 -18.25 -16.05
C VAL G 749 -20.53 -18.45 -15.25
N GLY G 750 -20.46 -18.29 -13.93
CA GLY G 750 -21.62 -18.47 -13.08
C GLY G 750 -22.58 -17.31 -13.12
N THR H 3 39.60 -31.45 15.82
CA THR H 3 40.44 -31.04 14.71
C THR H 3 40.38 -32.05 13.57
N LYS H 4 39.83 -31.64 12.44
CA LYS H 4 39.72 -32.45 11.24
C LYS H 4 40.80 -32.05 10.24
N LEU H 5 40.74 -32.65 9.05
CA LEU H 5 41.62 -32.23 7.97
C LEU H 5 40.91 -32.19 6.62
N PHE H 6 39.57 -32.29 6.58
CA PHE H 6 38.87 -32.13 5.31
C PHE H 6 39.06 -30.74 4.71
N PRO H 7 38.94 -29.63 5.47
CA PRO H 7 39.55 -28.41 4.89
C PRO H 7 41.06 -28.42 5.15
N LYS H 8 41.82 -28.78 4.13
CA LYS H 8 43.26 -28.81 4.26
C LYS H 8 43.84 -27.43 4.02
N PHE H 9 43.25 -26.69 3.09
CA PHE H 9 43.66 -25.32 2.80
C PHE H 9 43.39 -24.37 3.96
N SER H 10 42.43 -24.69 4.83
CA SER H 10 42.04 -23.82 5.94
C SER H 10 42.07 -24.64 7.23
N GLN H 11 43.09 -24.41 8.06
CA GLN H 11 43.17 -25.08 9.36
C GLN H 11 42.07 -24.60 10.29
N GLY H 12 41.73 -23.32 10.24
CA GLY H 12 40.69 -22.79 11.11
C GLY H 12 39.31 -23.37 10.80
N LEU H 13 39.01 -23.60 9.52
CA LEU H 13 37.75 -24.23 9.16
C LEU H 13 37.70 -25.67 9.64
N ALA H 14 38.84 -26.35 9.72
CA ALA H 14 38.88 -27.71 10.23
C ALA H 14 38.61 -27.77 11.72
N GLN H 15 38.83 -26.68 12.46
CA GLN H 15 38.56 -26.65 13.88
C GLN H 15 37.08 -26.47 14.20
N ASP H 16 36.25 -26.19 13.20
CA ASP H 16 34.83 -26.01 13.42
C ASP H 16 34.17 -27.36 13.68
N PRO H 17 33.54 -27.58 14.84
CA PRO H 17 32.92 -28.87 15.12
C PRO H 17 31.50 -29.03 14.58
N SER H 18 30.94 -27.99 13.97
CA SER H 18 29.57 -28.02 13.51
C SER H 18 29.50 -28.53 12.07
N THR H 19 28.28 -28.59 11.54
CA THR H 19 28.07 -28.95 10.13
C THR H 19 28.45 -27.82 9.18
N ARG H 20 28.74 -26.64 9.69
CA ARG H 20 29.18 -25.51 8.88
C ARG H 20 30.54 -25.76 8.23
N ARG H 21 31.33 -26.67 8.79
CA ARG H 21 32.67 -26.95 8.26
C ARG H 21 32.61 -27.53 6.85
N ILE H 22 31.66 -28.43 6.60
CA ILE H 22 31.55 -29.05 5.28
C ILE H 22 31.12 -28.04 4.23
N TRP H 23 30.10 -27.22 4.55
CA TRP H 23 29.62 -26.22 3.61
C TRP H 23 30.67 -25.17 3.32
N TYR H 24 31.33 -24.66 4.36
CA TYR H 24 32.35 -23.64 4.17
C TYR H 24 33.59 -24.22 3.52
N GLY H 25 33.91 -25.49 3.78
CA GLY H 25 35.00 -26.14 3.09
C GLY H 25 34.71 -26.32 1.61
N LEU H 26 33.45 -26.61 1.27
CA LEU H 26 33.08 -26.75 -0.14
C LEU H 26 33.02 -25.39 -0.83
N ALA H 27 32.64 -24.35 -0.10
CA ALA H 27 32.44 -23.04 -0.72
C ALA H 27 33.76 -22.29 -0.88
N THR H 28 34.65 -22.41 0.10
CA THR H 28 35.98 -21.81 0.01
C THR H 28 37.03 -22.78 -0.50
N ALA H 29 36.62 -23.75 -1.33
CA ALA H 29 37.55 -24.76 -1.81
C ALA H 29 38.58 -24.16 -2.76
N HIS H 30 38.17 -23.23 -3.62
CA HIS H 30 39.07 -22.63 -4.60
C HIS H 30 39.25 -21.13 -4.38
N ASP H 31 38.97 -20.65 -3.17
CA ASP H 31 39.32 -19.28 -2.79
C ASP H 31 40.73 -19.27 -2.22
N PHE H 32 41.69 -19.47 -3.14
CA PHE H 32 43.09 -19.67 -2.76
C PHE H 32 43.72 -18.46 -2.10
N GLU H 33 43.21 -17.25 -2.36
CA GLU H 33 43.82 -16.05 -1.79
C GLU H 33 43.61 -15.98 -0.28
N SER H 34 42.52 -16.57 0.23
CA SER H 34 42.24 -16.60 1.65
C SER H 34 42.72 -17.90 2.31
N HIS H 35 43.40 -18.77 1.56
CA HIS H 35 43.85 -20.03 2.11
C HIS H 35 45.05 -19.82 3.05
N ASP H 36 45.18 -20.73 4.01
CA ASP H 36 46.22 -20.62 5.02
C ASP H 36 47.58 -20.95 4.44
N GLY H 37 48.57 -20.11 4.71
CA GLY H 37 49.94 -20.35 4.30
C GLY H 37 50.17 -20.37 2.81
N MET H 38 49.49 -19.51 2.07
CA MET H 38 49.60 -19.46 0.62
C MET H 38 50.31 -18.18 0.20
N THR H 39 51.38 -18.33 -0.59
CA THR H 39 52.10 -17.20 -1.14
C THR H 39 51.53 -16.82 -2.50
N GLU H 40 52.10 -15.80 -3.13
CA GLU H 40 51.59 -15.35 -4.42
C GLU H 40 51.94 -16.33 -5.53
N GLU H 41 53.19 -16.81 -5.56
CA GLU H 41 53.63 -17.68 -6.64
C GLU H 41 52.90 -19.01 -6.64
N ASN H 42 52.71 -19.60 -5.45
CA ASN H 42 51.98 -20.86 -5.37
C ASN H 42 50.51 -20.66 -5.70
N LEU H 43 49.97 -19.48 -5.37
CA LEU H 43 48.60 -19.14 -5.75
C LEU H 43 48.45 -19.12 -7.27
N TYR H 44 49.39 -18.46 -7.96
CA TYR H 44 49.37 -18.40 -9.41
C TYR H 44 49.55 -19.79 -10.03
N GLN H 45 50.42 -20.61 -9.44
CA GLN H 45 50.61 -21.97 -9.95
C GLN H 45 49.36 -22.82 -9.78
N LYS H 46 48.67 -22.69 -8.64
CA LYS H 46 47.42 -23.40 -8.44
C LYS H 46 46.35 -22.94 -9.42
N ILE H 47 46.33 -21.64 -9.72
CA ILE H 47 45.38 -21.12 -10.72
C ILE H 47 45.71 -21.68 -12.10
N PHE H 48 47.00 -21.80 -12.42
CA PHE H 48 47.40 -22.38 -13.70
C PHE H 48 46.94 -23.83 -13.82
N ALA H 49 47.13 -24.60 -12.74
CA ALA H 49 46.70 -26.00 -12.73
C ALA H 49 45.19 -26.11 -12.84
N SER H 50 44.45 -25.24 -12.15
CA SER H 50 43.00 -25.27 -12.21
C SER H 50 42.48 -24.84 -13.58
N HIS H 51 43.15 -23.89 -14.22
CA HIS H 51 42.78 -23.50 -15.59
C HIS H 51 43.00 -24.65 -16.56
N PHE H 52 44.11 -25.38 -16.41
CA PHE H 52 44.34 -26.57 -17.21
C PHE H 52 43.26 -27.62 -16.96
N GLY H 53 42.85 -27.77 -15.69
CA GLY H 53 41.78 -28.71 -15.37
C GLY H 53 40.45 -28.33 -15.99
N GLN H 54 40.13 -27.04 -15.98
CA GLN H 54 38.90 -26.57 -16.64
C GLN H 54 38.96 -26.79 -18.15
N LEU H 55 40.14 -26.58 -18.75
CA LEU H 55 40.31 -26.86 -20.17
C LEU H 55 40.10 -28.34 -20.48
N ALA H 56 40.66 -29.21 -19.64
CA ALA H 56 40.49 -30.65 -19.82
C ALA H 56 39.04 -31.05 -19.65
N ILE H 57 38.34 -30.44 -18.70
CA ILE H 57 36.92 -30.72 -18.48
C ILE H 57 36.10 -30.30 -19.70
N ILE H 58 36.39 -29.12 -20.25
CA ILE H 58 35.67 -28.62 -21.43
C ILE H 58 35.88 -29.55 -22.62
N PHE H 59 37.13 -29.97 -22.84
CA PHE H 59 37.43 -30.83 -23.98
C PHE H 59 36.85 -32.22 -23.79
N LEU H 60 36.82 -32.73 -22.55
CA LEU H 60 36.17 -34.00 -22.27
C LEU H 60 34.67 -33.92 -22.52
N TRP H 61 34.05 -32.80 -22.13
CA TRP H 61 32.61 -32.62 -22.33
C TRP H 61 32.25 -32.58 -23.81
N THR H 62 33.03 -31.83 -24.60
CA THR H 62 32.71 -31.78 -26.03
C THR H 62 33.06 -33.08 -26.74
N SER H 63 34.10 -33.80 -26.25
CA SER H 63 34.38 -35.13 -26.78
C SER H 63 33.23 -36.09 -26.50
N GLY H 64 32.66 -36.01 -25.31
CA GLY H 64 31.50 -36.83 -25.00
C GLY H 64 30.29 -36.46 -25.83
N ASN H 65 30.11 -35.17 -26.12
CA ASN H 65 29.03 -34.75 -27.01
C ASN H 65 29.20 -35.35 -28.40
N LEU H 66 30.43 -35.31 -28.93
CA LEU H 66 30.72 -35.92 -30.23
C LEU H 66 30.45 -37.42 -30.21
N PHE H 67 30.91 -38.10 -29.16
CA PHE H 67 30.73 -39.56 -29.09
C PHE H 67 29.26 -39.92 -28.98
N HIS H 68 28.50 -39.17 -28.18
CA HIS H 68 27.08 -39.49 -27.98
C HIS H 68 26.27 -39.20 -29.24
N VAL H 69 26.62 -38.14 -29.98
CA VAL H 69 25.96 -37.87 -31.25
C VAL H 69 26.31 -38.95 -32.27
N ALA H 70 27.57 -39.36 -32.33
CA ALA H 70 27.97 -40.39 -33.29
C ALA H 70 27.35 -41.74 -32.96
N TRP H 71 27.13 -42.03 -31.68
CA TRP H 71 26.58 -43.32 -31.28
C TRP H 71 25.06 -43.34 -31.41
N GLN H 72 24.36 -42.50 -30.65
CA GLN H 72 22.91 -42.61 -30.53
C GLN H 72 22.14 -41.57 -31.32
N GLY H 73 22.83 -40.78 -32.15
CA GLY H 73 22.17 -39.77 -32.93
C GLY H 73 21.73 -40.26 -34.30
N ASN H 74 21.20 -39.33 -35.08
CA ASN H 74 20.75 -39.60 -36.44
C ASN H 74 21.43 -38.65 -37.41
N PHE H 75 22.75 -38.53 -37.28
CA PHE H 75 23.48 -37.49 -38.01
C PHE H 75 23.48 -37.78 -39.52
N GLU H 76 23.56 -39.05 -39.91
CA GLU H 76 23.48 -39.39 -41.33
C GLU H 76 22.09 -39.07 -41.90
N GLN H 77 21.04 -39.40 -41.14
CA GLN H 77 19.69 -39.09 -41.58
C GLN H 77 19.44 -37.59 -41.61
N TRP H 78 20.06 -36.85 -40.68
CA TRP H 78 19.98 -35.39 -40.74
C TRP H 78 20.72 -34.84 -41.95
N VAL H 79 21.86 -35.46 -42.31
CA VAL H 79 22.61 -35.04 -43.47
C VAL H 79 21.81 -35.26 -44.75
N THR H 80 21.13 -36.41 -44.85
CA THR H 80 20.33 -36.70 -46.04
C THR H 80 19.13 -35.75 -46.14
N ASP H 81 18.49 -35.43 -45.02
CA ASP H 81 17.34 -34.54 -45.02
C ASP H 81 17.35 -33.68 -43.77
N PRO H 82 17.90 -32.46 -43.85
CA PRO H 82 17.94 -31.60 -42.66
C PRO H 82 16.60 -30.96 -42.34
N ILE H 83 15.79 -30.65 -43.35
CA ILE H 83 14.53 -29.95 -43.10
C ILE H 83 13.49 -30.88 -42.50
N HIS H 84 13.66 -32.19 -42.67
CA HIS H 84 12.66 -33.15 -42.21
C HIS H 84 13.11 -33.88 -40.95
N VAL H 85 14.29 -34.51 -41.01
CA VAL H 85 14.78 -35.30 -39.88
C VAL H 85 15.26 -34.38 -38.78
N ARG H 86 14.83 -34.68 -37.51
CA ARG H 86 15.21 -33.91 -36.34
C ARG H 86 16.53 -34.42 -35.76
N PRO H 87 17.32 -33.52 -35.15
CA PRO H 87 18.53 -33.97 -34.46
C PRO H 87 18.21 -34.76 -33.21
N ILE H 88 19.14 -35.63 -32.83
CA ILE H 88 19.00 -36.47 -31.64
C ILE H 88 20.23 -36.27 -30.76
N ALA H 89 20.01 -35.99 -29.48
CA ALA H 89 21.11 -35.72 -28.57
C ALA H 89 21.68 -37.00 -27.97
N HIS H 90 20.86 -37.73 -27.22
CA HIS H 90 21.30 -38.99 -26.61
C HIS H 90 20.10 -39.88 -26.41
N ALA H 91 20.37 -41.18 -26.30
CA ALA H 91 19.31 -42.13 -26.00
C ALA H 91 18.88 -42.01 -24.55
N ILE H 92 17.64 -42.39 -24.28
CA ILE H 92 17.05 -42.29 -22.95
C ILE H 92 16.91 -43.72 -22.43
N TRP H 93 17.79 -44.11 -21.53
CA TRP H 93 17.66 -45.38 -20.80
C TRP H 93 17.32 -45.04 -19.35
N ASP H 94 16.03 -44.86 -19.09
CA ASP H 94 15.53 -44.66 -17.74
C ASP H 94 14.69 -45.87 -17.36
N PRO H 95 15.15 -46.71 -16.42
CA PRO H 95 14.38 -47.92 -16.08
C PRO H 95 13.04 -47.64 -15.40
N HIS H 96 12.82 -46.43 -14.90
CA HIS H 96 11.52 -46.07 -14.34
C HIS H 96 10.52 -45.65 -15.41
N PHE H 97 10.92 -45.64 -16.68
CA PHE H 97 10.00 -45.33 -17.77
C PHE H 97 8.95 -46.42 -17.91
N GLY H 98 7.74 -46.02 -18.28
CA GLY H 98 6.69 -46.96 -18.58
C GLY H 98 6.68 -47.38 -20.04
N GLN H 99 5.80 -48.33 -20.35
CA GLN H 99 5.67 -48.76 -21.74
C GLN H 99 5.17 -47.66 -22.68
N PRO H 100 4.16 -46.85 -22.36
CA PRO H 100 3.89 -45.67 -23.22
C PRO H 100 5.04 -44.68 -23.23
N ALA H 101 5.83 -44.60 -22.16
CA ALA H 101 6.93 -43.66 -22.11
C ALA H 101 8.05 -44.02 -23.08
N VAL H 102 8.34 -45.31 -23.24
CA VAL H 102 9.35 -45.73 -24.21
C VAL H 102 8.86 -45.47 -25.63
N GLU H 103 7.58 -45.78 -25.91
CA GLU H 103 7.03 -45.61 -27.24
C GLU H 103 6.97 -44.13 -27.64
N ALA H 104 6.61 -43.26 -26.71
CA ALA H 104 6.38 -41.86 -27.03
C ALA H 104 7.65 -41.04 -27.17
N PHE H 105 8.82 -41.67 -27.12
CA PHE H 105 10.08 -40.95 -27.22
C PHE H 105 11.02 -41.54 -28.27
N THR H 106 10.49 -42.28 -29.24
CA THR H 106 11.28 -42.77 -30.36
C THR H 106 11.17 -41.81 -31.56
N ARG H 107 11.51 -40.56 -31.29
CA ARG H 107 11.41 -39.50 -32.27
C ARG H 107 12.60 -39.52 -33.23
N GLY H 108 12.46 -38.80 -34.35
CA GLY H 108 13.53 -38.74 -35.32
C GLY H 108 13.75 -40.01 -36.10
N GLY H 109 12.75 -40.87 -36.18
CA GLY H 109 12.88 -42.14 -36.88
C GLY H 109 13.86 -43.10 -36.25
N ALA H 110 13.83 -43.23 -34.92
CA ALA H 110 14.72 -44.11 -34.19
C ALA H 110 13.94 -45.31 -33.64
N SER H 111 14.68 -46.26 -33.09
CA SER H 111 14.08 -47.46 -32.52
C SER H 111 13.87 -47.34 -31.01
N GLY H 112 14.95 -47.04 -30.28
CA GLY H 112 14.87 -46.89 -28.84
C GLY H 112 14.42 -45.49 -28.45
N PRO H 113 14.25 -45.27 -27.15
CA PRO H 113 13.88 -43.92 -26.67
C PRO H 113 15.06 -42.97 -26.78
N VAL H 114 14.87 -41.88 -27.52
CA VAL H 114 15.93 -40.92 -27.80
C VAL H 114 15.43 -39.52 -27.47
N ASN H 115 16.38 -38.59 -27.35
CA ASN H 115 16.09 -37.23 -26.96
C ASN H 115 16.47 -36.29 -28.09
N ILE H 116 15.58 -35.36 -28.43
CA ILE H 116 15.77 -34.48 -29.57
C ILE H 116 16.78 -33.40 -29.21
N ALA H 117 17.81 -33.25 -30.04
CA ALA H 117 18.88 -32.29 -29.80
C ALA H 117 18.46 -30.89 -30.22
N THR H 118 18.60 -29.94 -29.30
CA THR H 118 18.36 -28.53 -29.60
C THR H 118 19.62 -27.69 -29.46
N SER H 119 20.78 -28.33 -29.30
CA SER H 119 22.04 -27.62 -29.11
C SER H 119 22.57 -26.98 -30.39
N GLY H 120 22.13 -27.45 -31.56
CA GLY H 120 22.57 -26.88 -32.81
C GLY H 120 23.87 -27.43 -33.36
N VAL H 121 24.41 -28.49 -32.76
CA VAL H 121 25.66 -29.05 -33.25
C VAL H 121 25.48 -29.78 -34.57
N TYR H 122 24.26 -30.22 -34.88
CA TYR H 122 24.02 -30.89 -36.17
C TYR H 122 24.20 -29.93 -37.33
N GLN H 123 23.60 -28.74 -37.23
CA GLN H 123 23.76 -27.72 -38.26
C GLN H 123 25.22 -27.28 -38.39
N TRP H 124 25.88 -27.09 -37.25
CA TRP H 124 27.27 -26.66 -37.24
C TRP H 124 28.18 -27.70 -37.87
N TRP H 125 27.99 -28.97 -37.53
CA TRP H 125 28.85 -30.02 -38.07
C TRP H 125 28.54 -30.33 -39.53
N TYR H 126 27.29 -30.14 -39.95
CA TYR H 126 26.99 -30.23 -41.38
C TYR H 126 27.58 -29.06 -42.15
N THR H 127 27.72 -27.90 -41.49
CA THR H 127 28.27 -26.73 -42.17
C THR H 127 29.78 -26.84 -42.33
N ILE H 128 30.48 -27.51 -41.42
CA ILE H 128 31.94 -27.53 -41.43
C ILE H 128 32.45 -28.77 -42.16
N GLY H 129 31.54 -29.55 -42.74
CA GLY H 129 31.92 -30.66 -43.59
C GLY H 129 31.89 -32.03 -42.95
N LEU H 130 31.50 -32.14 -41.69
CA LEU H 130 31.36 -33.45 -41.07
C LEU H 130 30.11 -34.13 -41.61
N ARG H 131 30.30 -35.30 -42.22
CA ARG H 131 29.19 -36.04 -42.82
C ARG H 131 28.95 -37.38 -42.15
N SER H 132 29.97 -38.23 -42.07
CA SER H 132 29.81 -39.57 -41.51
C SER H 132 30.08 -39.57 -40.01
N ASN H 133 29.45 -40.52 -39.32
CA ASN H 133 29.65 -40.66 -37.89
C ASN H 133 31.04 -41.21 -37.54
N GLN H 134 31.74 -41.79 -38.52
CA GLN H 134 33.14 -42.15 -38.32
C GLN H 134 33.99 -40.93 -38.01
N GLU H 135 33.75 -39.83 -38.75
CA GLU H 135 34.47 -38.59 -38.52
C GLU H 135 34.14 -38.02 -37.13
N LEU H 136 32.89 -38.16 -36.70
CA LEU H 136 32.53 -37.72 -35.35
C LEU H 136 33.19 -38.59 -34.30
N TYR H 137 33.34 -39.89 -34.55
CA TYR H 137 34.05 -40.77 -33.63
C TYR H 137 35.51 -40.37 -33.52
N VAL H 138 36.15 -40.07 -34.66
CA VAL H 138 37.53 -39.62 -34.66
C VAL H 138 37.67 -38.29 -33.93
N SER H 139 36.70 -37.40 -34.13
CA SER H 139 36.68 -36.13 -33.42
C SER H 139 36.58 -36.34 -31.91
N SER H 140 35.71 -37.25 -31.48
CA SER H 140 35.52 -37.52 -30.06
C SER H 140 36.79 -38.09 -29.44
N VAL H 141 37.42 -39.05 -30.12
CA VAL H 141 38.63 -39.64 -29.55
C VAL H 141 39.79 -38.65 -29.57
N PHE H 142 39.86 -37.78 -30.58
CA PHE H 142 40.92 -36.77 -30.62
C PHE H 142 40.74 -35.73 -29.51
N LEU H 143 39.49 -35.32 -29.26
CA LEU H 143 39.25 -34.36 -28.19
C LEU H 143 39.47 -35.00 -26.83
N ALA H 144 39.16 -36.28 -26.67
CA ALA H 144 39.50 -36.98 -25.43
C ALA H 144 41.00 -37.05 -25.24
N LEU H 145 41.75 -37.30 -26.32
CA LEU H 145 43.21 -37.31 -26.24
C LEU H 145 43.75 -35.95 -25.86
N VAL H 146 43.21 -34.87 -26.43
CA VAL H 146 43.71 -33.54 -26.11
C VAL H 146 43.29 -33.12 -24.70
N SER H 147 42.15 -33.65 -24.21
CA SER H 147 41.78 -33.41 -22.81
C SER H 147 42.73 -34.11 -21.86
N ALA H 148 43.13 -35.34 -22.21
CA ALA H 148 44.14 -36.04 -21.41
C ALA H 148 45.47 -35.31 -21.45
N VAL H 149 45.84 -34.75 -22.61
CA VAL H 149 47.06 -33.97 -22.74
C VAL H 149 47.01 -32.73 -21.86
N PHE H 150 45.88 -32.04 -21.84
CA PHE H 150 45.73 -30.84 -21.01
C PHE H 150 45.75 -31.19 -19.52
N LEU H 151 45.14 -32.32 -19.15
CA LEU H 151 45.19 -32.77 -17.76
C LEU H 151 46.63 -33.12 -17.35
N PHE H 152 47.37 -33.77 -18.25
CA PHE H 152 48.77 -34.09 -17.98
C PHE H 152 49.61 -32.81 -17.84
N ALA H 153 49.32 -31.82 -18.68
CA ALA H 153 50.04 -30.54 -18.61
C ALA H 153 49.74 -29.81 -17.31
N GLY H 154 48.48 -29.87 -16.85
CA GLY H 154 48.17 -29.33 -15.54
C GLY H 154 48.86 -30.08 -14.42
N TRP H 155 49.01 -31.39 -14.59
CA TRP H 155 49.84 -32.17 -13.67
C TRP H 155 51.32 -31.85 -13.86
N LEU H 156 51.72 -31.45 -15.07
CA LEU H 156 53.12 -31.22 -15.36
C LEU H 156 53.64 -29.96 -14.68
N HIS H 157 52.82 -28.92 -14.60
CA HIS H 157 53.25 -27.62 -14.09
C HIS H 157 53.03 -27.49 -12.59
N LEU H 158 53.03 -28.63 -11.89
CA LEU H 158 52.99 -28.64 -10.44
C LEU H 158 54.18 -29.34 -9.80
N GLN H 159 55.11 -29.86 -10.60
CA GLN H 159 56.27 -30.56 -10.08
C GLN H 159 57.47 -29.62 -9.95
N PRO H 160 58.47 -29.98 -9.15
CA PRO H 160 59.71 -29.19 -9.09
C PRO H 160 60.41 -29.17 -10.45
N ASN H 161 61.11 -28.05 -10.69
CA ASN H 161 61.80 -27.74 -11.95
C ASN H 161 60.83 -27.63 -13.14
N PHE H 162 59.55 -27.46 -12.85
CA PHE H 162 58.54 -27.21 -13.88
C PHE H 162 57.56 -26.13 -13.51
N GLN H 163 57.49 -25.71 -12.25
CA GLN H 163 56.56 -24.68 -11.83
C GLN H 163 57.09 -23.32 -12.27
N PRO H 164 56.35 -22.55 -13.06
CA PRO H 164 56.82 -21.23 -13.49
C PRO H 164 56.86 -20.24 -12.34
N SER H 165 57.74 -19.26 -12.46
CA SER H 165 57.95 -18.28 -11.40
C SER H 165 56.82 -17.26 -11.37
N LEU H 166 56.85 -16.40 -10.35
CA LEU H 166 55.85 -15.35 -10.22
C LEU H 166 55.95 -14.33 -11.35
N SER H 167 57.17 -13.96 -11.73
CA SER H 167 57.35 -12.99 -12.81
C SER H 167 56.97 -13.56 -14.17
N TRP H 168 56.96 -14.88 -14.32
CA TRP H 168 56.50 -15.48 -15.56
C TRP H 168 55.02 -15.23 -15.78
N PHE H 169 54.22 -15.33 -14.71
CA PHE H 169 52.81 -15.00 -14.81
C PHE H 169 52.59 -13.51 -14.97
N LYS H 170 53.47 -12.70 -14.40
CA LYS H 170 53.33 -11.24 -14.44
C LYS H 170 53.89 -10.65 -15.72
N ASP H 171 54.35 -11.47 -16.67
CA ASP H 171 54.83 -10.99 -17.96
C ASP H 171 53.62 -10.52 -18.78
N ALA H 172 53.43 -9.20 -18.85
CA ALA H 172 52.21 -8.65 -19.41
C ALA H 172 52.28 -8.47 -20.92
N GLU H 173 53.38 -7.92 -21.43
CA GLU H 173 53.47 -7.61 -22.85
C GLU H 173 53.61 -8.88 -23.69
N SER H 174 54.46 -9.81 -23.26
CA SER H 174 54.70 -11.01 -24.06
C SER H 174 53.50 -11.95 -24.06
N ARG H 175 52.76 -12.02 -22.94
CA ARG H 175 51.55 -12.84 -22.91
C ARG H 175 50.51 -12.32 -23.89
N LEU H 176 50.32 -10.99 -23.91
CA LEU H 176 49.38 -10.39 -24.85
C LEU H 176 49.83 -10.59 -26.29
N ASN H 177 51.13 -10.40 -26.55
CA ASN H 177 51.67 -10.63 -27.89
C ASN H 177 51.41 -12.04 -28.35
N HIS H 178 51.80 -13.03 -27.54
CA HIS H 178 51.67 -14.43 -27.93
C HIS H 178 50.22 -14.85 -28.07
N HIS H 179 49.35 -14.44 -27.14
CA HIS H 179 47.96 -14.86 -27.22
C HIS H 179 47.26 -14.22 -28.41
N LEU H 180 47.51 -12.93 -28.68
CA LEU H 180 46.91 -12.29 -29.84
C LEU H 180 47.43 -12.88 -31.15
N ALA H 181 48.74 -13.18 -31.22
CA ALA H 181 49.31 -13.68 -32.45
C ALA H 181 48.95 -15.15 -32.70
N GLY H 182 48.97 -15.98 -31.66
CA GLY H 182 48.79 -17.40 -31.82
C GLY H 182 47.43 -17.93 -31.43
N LEU H 183 46.95 -17.55 -30.24
CA LEU H 183 45.68 -18.07 -29.75
C LEU H 183 44.51 -17.56 -30.59
N PHE H 184 44.68 -16.42 -31.26
CA PHE H 184 43.67 -15.86 -32.14
C PHE H 184 44.08 -15.94 -33.60
N GLY H 185 45.28 -15.46 -33.93
CA GLY H 185 45.72 -15.33 -35.31
C GLY H 185 45.88 -16.62 -36.09
N VAL H 186 46.89 -17.43 -35.77
CA VAL H 186 47.12 -18.64 -36.55
C VAL H 186 46.04 -19.67 -36.23
N SER H 187 45.35 -19.55 -35.10
CA SER H 187 44.19 -20.39 -34.85
C SER H 187 43.06 -20.08 -35.83
N SER H 188 42.76 -18.80 -36.06
CA SER H 188 41.77 -18.44 -37.06
C SER H 188 42.25 -18.78 -38.47
N LEU H 189 43.57 -18.68 -38.70
CA LEU H 189 44.14 -19.05 -39.99
C LEU H 189 43.97 -20.54 -40.26
N ALA H 190 44.21 -21.36 -39.24
CA ALA H 190 43.99 -22.80 -39.37
C ALA H 190 42.52 -23.11 -39.54
N TRP H 191 41.64 -22.35 -38.87
CA TRP H 191 40.21 -22.56 -39.04
C TRP H 191 39.75 -22.26 -40.47
N THR H 192 40.19 -21.13 -41.03
CA THR H 192 39.76 -20.82 -42.39
C THR H 192 40.45 -21.73 -43.41
N GLY H 193 41.66 -22.22 -43.11
CA GLY H 193 42.29 -23.22 -43.95
C GLY H 193 41.52 -24.53 -43.96
N HIS H 194 41.07 -24.98 -42.78
CA HIS H 194 40.24 -26.18 -42.70
C HIS H 194 38.92 -25.97 -43.42
N LEU H 195 38.33 -24.78 -43.25
CA LEU H 195 37.06 -24.47 -43.92
C LEU H 195 37.21 -24.57 -45.43
N VAL H 196 38.22 -23.90 -45.99
CA VAL H 196 38.45 -23.90 -47.43
C VAL H 196 38.81 -25.29 -47.93
N HIS H 197 39.57 -26.06 -47.14
CA HIS H 197 40.01 -27.37 -47.61
C HIS H 197 38.88 -28.40 -47.57
N VAL H 198 38.06 -28.37 -46.54
CA VAL H 198 37.08 -29.44 -46.29
C VAL H 198 35.65 -28.96 -46.55
N ALA H 199 35.22 -27.90 -45.86
CA ALA H 199 33.80 -27.55 -45.85
C ALA H 199 33.37 -26.97 -47.19
N ILE H 200 34.24 -26.18 -47.83
CA ILE H 200 33.91 -25.64 -49.15
C ILE H 200 33.74 -26.72 -50.20
N PRO H 201 34.62 -27.73 -50.33
CA PRO H 201 34.29 -28.84 -51.23
C PRO H 201 33.17 -29.74 -50.73
N GLU H 202 33.03 -29.90 -49.40
CA GLU H 202 31.96 -30.77 -48.89
C GLU H 202 30.60 -30.15 -49.10
N SER H 203 30.52 -28.82 -49.18
CA SER H 203 29.27 -28.16 -49.52
C SER H 203 28.96 -28.24 -51.00
N ARG H 204 29.91 -28.69 -51.83
CA ARG H 204 29.73 -28.82 -53.27
C ARG H 204 29.95 -30.26 -53.73
N GLY H 205 29.55 -31.22 -52.90
CA GLY H 205 29.54 -32.61 -53.29
C GLY H 205 30.90 -33.26 -53.46
N GLN H 206 31.95 -32.66 -52.89
CA GLN H 206 33.30 -33.21 -52.99
C GLN H 206 33.75 -33.61 -51.59
N HIS H 207 33.91 -34.92 -51.37
CA HIS H 207 34.31 -35.42 -50.06
C HIS H 207 35.80 -35.20 -49.86
N VAL H 208 36.15 -34.49 -48.80
CA VAL H 208 37.55 -34.22 -48.45
C VAL H 208 37.81 -34.83 -47.07
N GLY H 209 38.79 -35.73 -47.01
CA GLY H 209 39.15 -36.36 -45.76
C GLY H 209 40.66 -36.48 -45.60
N TRP H 210 41.10 -37.14 -44.53
CA TRP H 210 42.52 -37.31 -44.29
C TRP H 210 43.20 -38.21 -45.32
N ASP H 211 42.42 -39.00 -46.05
CA ASP H 211 43.01 -39.90 -47.04
C ASP H 211 43.28 -39.21 -48.37
N ASN H 212 42.56 -38.13 -48.68
CA ASN H 212 42.66 -37.55 -50.01
C ASN H 212 42.70 -36.02 -50.03
N PHE H 213 42.94 -35.35 -48.90
CA PHE H 213 43.02 -33.90 -48.93
C PHE H 213 44.33 -33.40 -49.54
N LEU H 214 45.36 -34.23 -49.57
CA LEU H 214 46.59 -33.88 -50.28
C LEU H 214 46.52 -34.18 -51.77
N SER H 215 45.48 -34.88 -52.22
CA SER H 215 45.30 -35.17 -53.64
C SER H 215 44.29 -34.24 -54.31
N VAL H 216 43.43 -33.59 -53.53
CA VAL H 216 42.48 -32.63 -54.07
C VAL H 216 43.03 -31.23 -53.86
N LEU H 217 42.44 -30.26 -54.54
CA LEU H 217 42.89 -28.89 -54.45
C LEU H 217 41.74 -27.96 -54.09
N PRO H 218 41.97 -26.99 -53.21
CA PRO H 218 40.89 -26.07 -52.81
C PRO H 218 40.41 -25.20 -53.96
N HIS H 219 41.34 -24.51 -54.61
CA HIS H 219 41.05 -23.68 -55.76
C HIS H 219 41.77 -24.21 -56.99
N PRO H 220 41.14 -24.16 -58.17
CA PRO H 220 41.81 -24.65 -59.38
C PRO H 220 43.06 -23.88 -59.76
N GLN H 221 43.22 -22.64 -59.28
CA GLN H 221 44.43 -21.87 -59.59
C GLN H 221 45.63 -22.39 -58.81
N GLY H 222 45.40 -22.98 -57.64
CA GLY H 222 46.46 -23.65 -56.90
C GLY H 222 47.55 -22.76 -56.33
N LEU H 223 47.18 -21.86 -55.42
CA LEU H 223 48.05 -20.94 -54.68
C LEU H 223 48.83 -19.98 -55.57
N THR H 224 48.57 -19.94 -56.88
CA THR H 224 49.16 -18.90 -57.72
C THR H 224 48.63 -17.50 -57.39
N PRO H 225 47.36 -17.28 -57.01
CA PRO H 225 46.98 -15.95 -56.52
C PRO H 225 47.74 -15.47 -55.30
N PHE H 226 48.14 -16.35 -54.39
CA PHE H 226 48.73 -15.88 -53.14
C PHE H 226 50.14 -15.36 -53.35
N TRP H 227 50.98 -16.10 -54.08
CA TRP H 227 52.34 -15.64 -54.31
C TRP H 227 52.38 -14.47 -55.28
N SER H 228 51.41 -14.40 -56.19
CA SER H 228 51.20 -13.21 -56.99
C SER H 228 50.30 -12.26 -56.22
N GLY H 229 49.77 -11.25 -56.89
CA GLY H 229 48.81 -10.37 -56.27
C GLY H 229 47.37 -10.64 -56.62
N ASN H 230 47.11 -11.60 -57.50
CA ASN H 230 45.79 -11.76 -58.13
C ASN H 230 44.82 -12.52 -57.21
N TRP H 231 44.57 -11.94 -56.03
CA TRP H 231 43.62 -12.53 -55.09
C TRP H 231 42.18 -12.48 -55.58
N ALA H 232 41.89 -11.71 -56.63
CA ALA H 232 40.54 -11.66 -57.19
C ALA H 232 40.16 -12.96 -57.90
N ALA H 233 41.13 -13.83 -58.18
CA ALA H 233 40.81 -15.12 -58.78
C ALA H 233 40.05 -16.00 -57.80
N TYR H 234 40.28 -15.81 -56.49
CA TYR H 234 39.55 -16.59 -55.49
C TYR H 234 38.08 -16.21 -55.44
N ALA H 235 37.75 -14.98 -55.82
CA ALA H 235 36.36 -14.58 -56.01
C ALA H 235 36.09 -14.29 -57.48
N GLN H 236 35.87 -15.37 -58.23
CA GLN H 236 35.57 -15.27 -59.65
C GLN H 236 34.31 -16.02 -60.04
N ASN H 237 34.06 -17.17 -59.43
CA ASN H 237 32.89 -18.01 -59.73
C ASN H 237 32.29 -18.49 -58.42
N PRO H 238 31.53 -17.65 -57.73
CA PRO H 238 30.93 -18.05 -56.46
C PRO H 238 29.72 -18.95 -56.68
N ASP H 239 29.20 -19.48 -55.58
CA ASP H 239 28.03 -20.34 -55.63
C ASP H 239 26.80 -19.53 -56.03
N THR H 240 26.00 -20.11 -56.93
CA THR H 240 24.82 -19.42 -57.41
C THR H 240 23.66 -19.55 -56.41
N ALA H 241 22.56 -18.86 -56.72
CA ALA H 241 21.39 -18.92 -55.87
C ALA H 241 20.76 -20.31 -55.87
N SER H 242 20.68 -20.93 -57.04
CA SER H 242 20.11 -22.29 -57.16
C SER H 242 21.22 -23.32 -56.92
N HIS H 243 21.55 -23.50 -55.64
CA HIS H 243 22.59 -24.41 -55.22
C HIS H 243 22.16 -25.14 -53.95
N ALA H 244 22.44 -26.44 -53.90
CA ALA H 244 22.15 -27.25 -52.73
C ALA H 244 23.43 -27.50 -51.95
N PHE H 245 23.30 -27.53 -50.62
CA PHE H 245 24.48 -27.68 -49.76
C PHE H 245 25.03 -29.10 -49.76
N GLY H 246 24.24 -30.09 -50.22
CA GLY H 246 24.74 -31.45 -50.25
C GLY H 246 25.30 -31.88 -51.58
N THR H 247 25.06 -31.10 -52.63
CA THR H 247 25.51 -31.47 -53.97
C THR H 247 26.19 -30.29 -54.66
N ALA H 248 26.47 -30.43 -55.95
CA ALA H 248 27.13 -29.41 -56.75
C ALA H 248 26.26 -28.93 -57.91
N ASP H 249 24.97 -28.75 -57.64
CA ASP H 249 24.03 -28.29 -58.68
C ASP H 249 24.18 -26.77 -58.87
N GLY H 250 24.73 -26.38 -60.01
CA GLY H 250 24.95 -24.98 -60.31
C GLY H 250 25.93 -24.30 -59.36
N SER H 251 26.99 -24.98 -58.99
CA SER H 251 27.97 -24.45 -58.06
C SER H 251 29.16 -23.88 -58.82
N GLY H 252 30.07 -23.23 -58.07
CA GLY H 252 31.25 -22.64 -58.65
C GLY H 252 32.49 -22.99 -57.85
N THR H 253 33.64 -22.64 -58.41
CA THR H 253 34.93 -22.90 -57.78
C THR H 253 35.47 -21.59 -57.23
N ALA H 254 35.08 -21.28 -55.99
CA ALA H 254 35.51 -20.08 -55.30
C ALA H 254 35.64 -20.38 -53.83
N ILE H 255 36.73 -19.92 -53.22
CA ILE H 255 37.04 -20.29 -51.84
C ILE H 255 36.93 -19.08 -50.91
N LEU H 256 37.14 -17.88 -51.46
CA LEU H 256 37.01 -16.64 -50.70
C LEU H 256 36.18 -15.66 -51.50
N THR H 257 34.95 -15.41 -51.04
CA THR H 257 34.06 -14.43 -51.65
C THR H 257 33.43 -13.58 -50.56
N PHE H 258 32.76 -12.51 -50.97
CA PHE H 258 32.08 -11.59 -50.07
C PHE H 258 30.74 -11.14 -50.64
N LEU H 259 29.88 -12.08 -51.07
CA LEU H 259 28.57 -11.69 -51.59
C LEU H 259 27.71 -11.02 -50.52
N GLY H 260 27.76 -11.54 -49.30
CA GLY H 260 26.93 -11.03 -48.24
C GLY H 260 25.53 -11.61 -48.29
N GLY H 261 24.77 -11.35 -47.22
CA GLY H 261 23.43 -11.88 -47.17
C GLY H 261 23.40 -13.30 -46.66
N PHE H 262 22.45 -14.08 -47.18
CA PHE H 262 22.26 -15.46 -46.75
C PHE H 262 22.15 -16.36 -47.97
N HIS H 263 22.41 -17.65 -47.74
CA HIS H 263 22.19 -18.66 -48.77
C HIS H 263 20.70 -18.79 -49.05
N PRO H 264 20.28 -18.81 -50.32
CA PRO H 264 18.83 -18.93 -50.60
C PRO H 264 18.21 -20.23 -50.12
N GLN H 265 18.98 -21.32 -50.05
CA GLN H 265 18.43 -22.61 -49.67
C GLN H 265 18.58 -22.87 -48.18
N THR H 266 19.79 -22.71 -47.64
CA THR H 266 20.07 -23.04 -46.25
C THR H 266 19.71 -21.92 -45.28
N GLN H 267 19.38 -20.73 -45.79
CA GLN H 267 19.07 -19.54 -44.97
C GLN H 267 20.21 -19.22 -44.00
N SER H 268 21.44 -19.25 -44.51
CA SER H 268 22.63 -19.05 -43.69
C SER H 268 23.67 -18.29 -44.50
N LEU H 269 24.65 -17.74 -43.78
CA LEU H 269 25.72 -16.99 -44.42
C LEU H 269 26.56 -17.91 -45.31
N TRP H 270 27.09 -17.32 -46.38
CA TRP H 270 27.89 -18.08 -47.34
C TRP H 270 29.19 -18.55 -46.70
N LEU H 271 29.61 -19.76 -47.09
CA LEU H 271 30.81 -20.36 -46.53
C LEU H 271 32.07 -19.59 -46.91
N SER H 272 32.14 -19.12 -48.16
CA SER H 272 33.29 -18.34 -48.60
C SER H 272 33.34 -16.97 -47.92
N ASP H 273 32.17 -16.42 -47.56
CA ASP H 273 32.14 -15.18 -46.77
C ASP H 273 32.86 -15.37 -45.45
N MET H 274 32.52 -16.44 -44.74
CA MET H 274 33.18 -16.76 -43.47
C MET H 274 34.65 -17.15 -43.68
N ALA H 275 34.99 -17.73 -44.83
CA ALA H 275 36.39 -18.06 -45.11
C ALA H 275 37.24 -16.80 -45.24
N HIS H 276 36.80 -15.84 -46.07
CA HIS H 276 37.52 -14.57 -46.15
C HIS H 276 37.47 -13.82 -44.82
N HIS H 277 36.37 -13.97 -44.06
CA HIS H 277 36.27 -13.30 -42.78
C HIS H 277 37.33 -13.80 -41.80
N HIS H 278 37.41 -15.12 -41.62
CA HIS H 278 38.41 -15.66 -40.70
C HIS H 278 39.82 -15.49 -41.21
N LEU H 279 40.01 -15.47 -42.54
CA LEU H 279 41.34 -15.19 -43.08
C LEU H 279 41.77 -13.76 -42.79
N ALA H 280 40.88 -12.79 -43.01
CA ALA H 280 41.19 -11.40 -42.72
C ALA H 280 41.41 -11.17 -41.24
N ILE H 281 40.58 -11.81 -40.40
CA ILE H 281 40.74 -11.69 -38.95
C ILE H 281 42.06 -12.31 -38.52
N ALA H 282 42.44 -13.43 -39.11
CA ALA H 282 43.72 -14.08 -38.80
C ALA H 282 44.89 -13.18 -39.18
N VAL H 283 44.85 -12.58 -40.37
CA VAL H 283 45.94 -11.73 -40.82
C VAL H 283 46.05 -10.50 -39.92
N LEU H 284 44.91 -9.88 -39.61
CA LEU H 284 44.90 -8.68 -38.77
C LEU H 284 45.36 -9.00 -37.35
N PHE H 285 44.97 -10.16 -36.82
CA PHE H 285 45.38 -10.51 -35.47
C PHE H 285 46.86 -10.91 -35.39
N ILE H 286 47.39 -11.54 -36.44
CA ILE H 286 48.82 -11.82 -36.48
C ILE H 286 49.61 -10.52 -36.58
N VAL H 287 49.10 -9.56 -37.35
CA VAL H 287 49.75 -8.25 -37.46
C VAL H 287 49.72 -7.53 -36.12
N ALA H 288 48.56 -7.52 -35.46
CA ALA H 288 48.42 -6.84 -34.17
C ALA H 288 49.15 -7.56 -33.04
N GLY H 289 49.43 -8.85 -33.21
CA GLY H 289 50.18 -9.58 -32.20
C GLY H 289 51.66 -9.29 -32.16
N HIS H 290 52.17 -8.61 -33.18
CA HIS H 290 53.56 -8.14 -33.20
C HIS H 290 53.66 -6.69 -32.73
N MET H 291 53.08 -6.37 -31.58
CA MET H 291 53.01 -4.99 -31.15
C MET H 291 53.70 -4.72 -29.82
N TYR H 292 53.42 -5.50 -28.79
CA TYR H 292 53.97 -5.23 -27.46
C TYR H 292 55.44 -5.60 -27.40
N ARG H 293 56.13 -5.08 -26.39
CA ARG H 293 57.58 -5.22 -26.30
C ARG H 293 57.97 -6.57 -25.72
N THR H 294 58.96 -7.20 -26.34
CA THR H 294 59.50 -8.48 -25.89
C THR H 294 61.02 -8.31 -25.78
N ASN H 295 61.73 -9.44 -25.72
CA ASN H 295 63.18 -9.43 -25.59
C ASN H 295 63.88 -8.63 -26.70
N PHE H 296 63.26 -8.57 -27.89
CA PHE H 296 63.83 -7.77 -28.96
C PHE H 296 63.64 -6.28 -28.69
N GLY H 297 64.38 -5.46 -29.44
CA GLY H 297 64.45 -4.04 -29.16
C GLY H 297 63.21 -3.26 -29.57
N ILE H 298 62.31 -3.88 -30.33
CA ILE H 298 61.11 -3.19 -30.78
C ILE H 298 59.93 -3.60 -29.92
N GLY H 299 58.87 -2.80 -29.96
CA GLY H 299 57.62 -3.12 -29.30
C GLY H 299 57.11 -1.98 -28.45
N HIS H 300 55.99 -2.24 -27.79
CA HIS H 300 55.30 -1.27 -26.94
C HIS H 300 55.28 -1.79 -25.50
N ARG H 301 55.50 -0.88 -24.54
CA ARG H 301 55.39 -1.20 -23.13
C ARG H 301 54.08 -0.66 -22.58
N LEU H 302 53.37 -1.48 -21.82
CA LEU H 302 52.04 -1.11 -21.34
C LEU H 302 52.09 0.02 -20.33
N GLU H 303 53.06 0.01 -19.42
CA GLU H 303 53.16 1.09 -18.44
C GLU H 303 53.54 2.41 -19.10
N ALA H 304 54.35 2.37 -20.16
CA ALA H 304 54.69 3.59 -20.88
C ALA H 304 53.47 4.21 -21.53
N ILE H 305 52.62 3.40 -22.16
CA ILE H 305 51.40 3.91 -22.78
C ILE H 305 50.43 4.40 -21.71
N LEU H 306 50.36 3.71 -20.58
CA LEU H 306 49.44 4.11 -19.52
C LEU H 306 49.85 5.44 -18.88
N GLU H 307 51.15 5.59 -18.57
CA GLU H 307 51.61 6.81 -17.94
C GLU H 307 51.70 7.96 -18.95
N ALA H 308 51.86 7.67 -20.23
CA ALA H 308 51.91 8.72 -21.24
C ALA H 308 50.53 9.32 -21.50
N HIS H 309 49.48 8.50 -21.41
CA HIS H 309 48.12 8.96 -21.72
C HIS H 309 47.52 9.67 -20.51
N THR H 310 48.07 10.85 -20.23
CA THR H 310 47.54 11.74 -19.21
C THR H 310 47.21 13.08 -19.86
N PRO H 311 45.92 13.42 -20.02
CA PRO H 311 45.60 14.68 -20.70
C PRO H 311 45.99 15.86 -19.84
N PRO H 312 46.35 16.99 -20.47
CA PRO H 312 46.78 18.15 -19.69
C PRO H 312 45.61 18.89 -19.03
N ALA H 313 45.93 19.97 -18.32
CA ALA H 313 44.98 20.84 -17.61
C ALA H 313 44.18 20.08 -16.55
N GLY H 314 44.69 18.95 -16.07
CA GLY H 314 44.01 18.19 -15.04
C GLY H 314 42.68 17.61 -15.46
N GLY H 315 42.57 17.18 -16.72
CA GLY H 315 41.32 16.60 -17.19
C GLY H 315 40.99 15.29 -16.50
N LEU H 316 41.99 14.40 -16.38
CA LEU H 316 41.83 13.13 -15.69
C LEU H 316 42.77 13.03 -14.50
N GLY H 317 43.21 14.17 -13.98
CA GLY H 317 44.14 14.20 -12.86
C GLY H 317 45.51 13.69 -13.23
N ALA H 318 45.89 12.54 -12.69
CA ALA H 318 47.14 11.88 -13.05
C ALA H 318 47.00 11.01 -14.28
N GLY H 319 45.81 10.92 -14.87
CA GLY H 319 45.63 10.10 -16.05
C GLY H 319 45.57 8.64 -15.67
N HIS H 320 46.20 7.80 -16.50
CA HIS H 320 46.29 6.36 -16.25
C HIS H 320 47.62 5.98 -15.62
N LYS H 321 48.26 6.90 -14.92
CA LYS H 321 49.54 6.61 -14.28
C LYS H 321 49.34 5.69 -13.08
N GLY H 322 50.33 4.85 -12.82
CA GLY H 322 50.27 3.90 -11.72
C GLY H 322 49.26 2.79 -11.88
N LEU H 323 48.73 2.61 -13.10
CA LEU H 323 47.67 1.62 -13.33
C LEU H 323 48.21 0.27 -13.80
N PHE H 324 49.42 0.22 -14.35
CA PHE H 324 49.98 -1.04 -14.83
C PHE H 324 50.19 -2.02 -13.67
N HIS H 325 50.75 -1.53 -12.56
CA HIS H 325 50.94 -2.39 -11.40
C HIS H 325 49.64 -2.73 -10.72
N THR H 326 48.62 -1.85 -10.83
CA THR H 326 47.32 -2.17 -10.27
C THR H 326 46.67 -3.34 -10.99
N VAL H 327 46.73 -3.36 -12.32
CA VAL H 327 46.16 -4.47 -13.07
C VAL H 327 47.01 -5.72 -12.92
N ASN H 328 48.34 -5.56 -12.89
CA ASN H 328 49.22 -6.73 -12.85
C ASN H 328 49.20 -7.40 -11.49
N ASN H 329 49.28 -6.62 -10.41
CA ASN H 329 49.35 -7.22 -9.07
C ASN H 329 48.00 -7.79 -8.64
N SER H 330 46.91 -7.13 -9.00
CA SER H 330 45.58 -7.58 -8.61
C SER H 330 45.05 -8.54 -9.67
N LEU H 331 44.85 -9.80 -9.27
CA LEU H 331 44.29 -10.79 -10.19
C LEU H 331 42.79 -10.57 -10.37
N HIS H 332 42.14 -9.96 -9.39
CA HIS H 332 40.70 -9.72 -9.52
C HIS H 332 40.38 -8.65 -10.55
N PHE H 333 41.28 -7.67 -10.74
CA PHE H 333 41.10 -6.69 -11.80
C PHE H 333 41.15 -7.37 -13.17
N GLN H 334 42.15 -8.23 -13.39
CA GLN H 334 42.25 -8.95 -14.65
C GLN H 334 41.06 -9.89 -14.85
N LEU H 335 40.62 -10.56 -13.78
CA LEU H 335 39.47 -11.45 -13.88
C LEU H 335 38.20 -10.67 -14.21
N GLY H 336 38.01 -9.50 -13.59
CA GLY H 336 36.84 -8.69 -13.89
C GLY H 336 36.85 -8.14 -15.30
N LEU H 337 38.02 -7.70 -15.77
CA LEU H 337 38.13 -7.21 -17.15
C LEU H 337 37.87 -8.34 -18.14
N ALA H 338 38.47 -9.51 -17.90
CA ALA H 338 38.27 -10.66 -18.77
C ALA H 338 36.81 -11.09 -18.79
N LEU H 339 36.17 -11.11 -17.63
CA LEU H 339 34.78 -11.53 -17.55
C LEU H 339 33.85 -10.49 -18.18
N ALA H 340 34.18 -9.20 -18.04
CA ALA H 340 33.39 -8.17 -18.71
C ALA H 340 33.46 -8.31 -20.22
N SER H 341 34.67 -8.52 -20.75
CA SER H 341 34.81 -8.69 -22.18
C SER H 341 34.16 -9.98 -22.66
N VAL H 342 34.26 -11.06 -21.87
CA VAL H 342 33.67 -12.33 -22.25
C VAL H 342 32.15 -12.23 -22.27
N GLY H 343 31.56 -11.56 -21.28
CA GLY H 343 30.12 -11.36 -21.27
C GLY H 343 29.65 -10.47 -22.39
N THR H 344 30.41 -9.42 -22.70
CA THR H 344 30.04 -8.54 -23.82
C THR H 344 30.11 -9.29 -25.14
N ILE H 345 31.15 -10.11 -25.33
CA ILE H 345 31.27 -10.90 -26.56
C ILE H 345 30.18 -11.96 -26.63
N THR H 346 29.81 -12.54 -25.49
CA THR H 346 28.73 -13.53 -25.49
C THR H 346 27.39 -12.89 -25.84
N SER H 347 27.13 -11.69 -25.31
CA SER H 347 25.93 -10.96 -25.69
C SER H 347 25.94 -10.59 -27.18
N LEU H 348 27.10 -10.18 -27.69
CA LEU H 348 27.24 -9.89 -29.11
C LEU H 348 26.98 -11.14 -29.95
N VAL H 349 27.49 -12.28 -29.50
CA VAL H 349 27.27 -13.55 -30.19
C VAL H 349 25.77 -13.87 -30.22
N ALA H 350 25.10 -13.74 -29.07
CA ALA H 350 23.67 -14.00 -29.02
C ALA H 350 22.90 -13.08 -29.96
N GLN H 351 23.23 -11.80 -29.96
CA GLN H 351 22.56 -10.86 -30.85
C GLN H 351 22.96 -11.01 -32.31
N HIS H 352 24.01 -11.78 -32.62
CA HIS H 352 24.47 -11.87 -34.00
C HIS H 352 24.26 -13.22 -34.69
N MET H 353 24.18 -14.33 -33.96
CA MET H 353 23.86 -15.60 -34.62
C MET H 353 22.41 -15.66 -35.07
N TYR H 354 21.49 -15.05 -34.32
CA TYR H 354 20.08 -15.20 -34.65
C TYR H 354 19.74 -14.41 -35.92
N SER H 355 20.28 -13.20 -36.06
CA SER H 355 20.03 -12.41 -37.25
C SER H 355 20.86 -12.88 -38.43
N LEU H 356 22.09 -13.34 -38.18
CA LEU H 356 22.98 -13.86 -39.20
C LEU H 356 23.32 -15.30 -38.84
N PRO H 357 22.54 -16.26 -39.32
CA PRO H 357 22.81 -17.67 -39.00
C PRO H 357 24.07 -18.16 -39.71
N PRO H 358 25.06 -18.62 -38.97
CA PRO H 358 26.30 -19.11 -39.60
C PRO H 358 26.28 -20.59 -39.96
N TYR H 359 25.21 -21.32 -39.66
CA TYR H 359 25.14 -22.75 -39.93
C TYR H 359 23.98 -23.05 -40.87
N ALA H 360 24.21 -23.99 -41.78
CA ALA H 360 23.18 -24.37 -42.74
C ALA H 360 22.00 -25.01 -42.04
N TYR H 361 20.79 -24.60 -42.48
CA TYR H 361 19.50 -25.06 -41.95
C TYR H 361 19.33 -24.77 -40.46
N LEU H 362 20.07 -23.78 -39.92
CA LEU H 362 19.88 -23.39 -38.54
C LEU H 362 18.64 -22.52 -38.38
N ALA H 363 18.36 -21.66 -39.36
CA ALA H 363 17.20 -20.79 -39.29
C ALA H 363 15.90 -21.57 -39.41
N VAL H 364 15.93 -22.72 -40.08
CA VAL H 364 14.74 -23.56 -40.18
C VAL H 364 14.39 -24.16 -38.82
N ASP H 365 15.39 -24.55 -38.05
CA ASP H 365 15.18 -25.12 -36.72
C ASP H 365 14.93 -23.98 -35.75
N PHE H 366 13.66 -23.72 -35.45
CA PHE H 366 13.29 -22.55 -34.65
C PHE H 366 13.66 -22.75 -33.19
N THR H 367 13.35 -23.92 -32.63
CA THR H 367 13.63 -24.17 -31.22
C THR H 367 15.13 -24.22 -30.93
N THR H 368 15.91 -24.69 -31.90
CA THR H 368 17.37 -24.66 -31.77
C THR H 368 17.89 -23.24 -31.63
N GLN H 369 17.44 -22.34 -32.52
CA GLN H 369 17.87 -20.96 -32.47
C GLN H 369 17.42 -20.28 -31.18
N ALA H 370 16.18 -20.55 -30.76
CA ALA H 370 15.67 -19.95 -29.53
C ALA H 370 16.45 -20.42 -28.31
N SER H 371 16.72 -21.73 -28.22
CA SER H 371 17.48 -22.26 -27.09
C SER H 371 18.90 -21.72 -27.09
N LEU H 372 19.53 -21.63 -28.26
CA LEU H 372 20.89 -21.10 -28.34
C LEU H 372 20.95 -19.64 -27.90
N TYR H 373 20.01 -18.82 -28.38
CA TYR H 373 19.95 -17.41 -27.99
C TYR H 373 19.75 -17.27 -26.49
N THR H 374 18.77 -17.98 -25.93
CA THR H 374 18.45 -17.83 -24.51
C THR H 374 19.60 -18.34 -23.64
N HIS H 375 20.22 -19.45 -24.04
CA HIS H 375 21.35 -20.00 -23.30
C HIS H 375 22.51 -19.03 -23.26
N HIS H 376 22.92 -18.51 -24.43
CA HIS H 376 24.08 -17.64 -24.43
C HIS H 376 23.77 -16.28 -23.82
N GLN H 377 22.52 -15.83 -23.86
CA GLN H 377 22.16 -14.60 -23.17
C GLN H 377 22.24 -14.75 -21.65
N TYR H 378 21.74 -15.87 -21.12
CA TYR H 378 21.84 -16.08 -19.67
C TYR H 378 23.28 -16.30 -19.24
N ILE H 379 24.08 -16.97 -20.07
CA ILE H 379 25.50 -17.14 -19.79
C ILE H 379 26.19 -15.77 -19.76
N ALA H 380 25.87 -14.92 -20.74
CA ALA H 380 26.45 -13.58 -20.79
C ALA H 380 26.07 -12.75 -19.57
N GLY H 381 24.82 -12.83 -19.15
CA GLY H 381 24.39 -12.07 -17.99
C GLY H 381 25.03 -12.54 -16.69
N PHE H 382 25.13 -13.87 -16.50
CA PHE H 382 25.80 -14.39 -15.32
C PHE H 382 27.28 -14.00 -15.33
N ILE H 383 27.90 -13.99 -16.50
CA ILE H 383 29.29 -13.59 -16.60
C ILE H 383 29.45 -12.08 -16.33
N MET H 384 28.45 -11.28 -16.73
CA MET H 384 28.41 -9.87 -16.33
C MET H 384 28.37 -9.69 -14.82
N CYS H 385 27.48 -10.43 -14.15
CA CYS H 385 27.37 -10.34 -12.71
C CYS H 385 28.67 -10.76 -12.03
N GLY H 386 29.31 -11.81 -12.56
CA GLY H 386 30.60 -12.23 -12.04
C GLY H 386 31.68 -11.19 -12.26
N ALA H 387 31.65 -10.52 -13.41
CA ALA H 387 32.63 -9.47 -13.70
C ALA H 387 32.51 -8.32 -12.71
N PHE H 388 31.28 -7.88 -12.44
CA PHE H 388 31.09 -6.79 -11.49
C PHE H 388 31.42 -7.22 -10.07
N ALA H 389 31.06 -8.45 -9.70
CA ALA H 389 31.38 -8.95 -8.37
C ALA H 389 32.88 -9.05 -8.16
N HIS H 390 33.62 -9.53 -9.16
CA HIS H 390 35.06 -9.65 -9.03
C HIS H 390 35.76 -8.29 -9.11
N GLY H 391 35.13 -7.32 -9.80
CA GLY H 391 35.61 -5.95 -9.70
C GLY H 391 35.46 -5.37 -8.30
N ALA H 392 34.33 -5.67 -7.66
CA ALA H 392 34.16 -5.29 -6.25
C ALA H 392 35.19 -5.99 -5.37
N ILE H 393 35.49 -7.26 -5.67
CA ILE H 393 36.51 -8.01 -4.93
C ILE H 393 37.87 -7.35 -5.10
N PHE H 394 38.17 -6.87 -6.31
CA PHE H 394 39.38 -6.07 -6.52
C PHE H 394 39.37 -4.82 -5.65
N PHE H 395 38.24 -4.12 -5.61
CA PHE H 395 38.18 -2.86 -4.87
C PHE H 395 38.35 -3.06 -3.38
N ILE H 396 37.92 -4.20 -2.83
CA ILE H 396 38.05 -4.40 -1.40
C ILE H 396 39.36 -5.09 -1.03
N ARG H 397 39.79 -6.08 -1.80
CA ARG H 397 40.95 -6.89 -1.42
C ARG H 397 42.27 -6.19 -1.76
N ASP H 398 42.52 -5.96 -3.04
CA ASP H 398 43.81 -5.42 -3.46
C ASP H 398 43.65 -4.12 -4.24
N TYR H 399 43.59 -3.01 -3.52
CA TYR H 399 43.53 -1.68 -4.10
C TYR H 399 44.26 -0.69 -3.20
N ASP H 400 45.36 -0.13 -3.72
CA ASP H 400 46.17 0.81 -2.96
C ASP H 400 45.97 2.22 -3.49
N PRO H 401 45.25 3.08 -2.77
CA PRO H 401 45.11 4.48 -3.22
C PRO H 401 46.43 5.23 -3.23
N GLU H 402 47.37 4.87 -2.37
CA GLU H 402 48.68 5.52 -2.37
C GLU H 402 49.49 5.16 -3.60
N GLN H 403 49.32 3.93 -4.13
CA GLN H 403 50.02 3.53 -5.33
C GLN H 403 49.52 4.32 -6.54
N ASN H 404 48.20 4.45 -6.68
CA ASN H 404 47.59 5.23 -7.75
C ASN H 404 46.78 6.38 -7.15
N LYS H 405 47.47 7.48 -6.87
CA LYS H 405 46.85 8.66 -6.27
C LYS H 405 46.60 9.72 -7.33
N GLY H 406 45.35 10.15 -7.44
CA GLY H 406 44.98 11.15 -8.42
C GLY H 406 44.76 10.63 -9.81
N ASN H 407 44.79 9.31 -10.01
CA ASN H 407 44.60 8.74 -11.34
C ASN H 407 43.11 8.60 -11.64
N VAL H 408 42.78 7.89 -12.73
CA VAL H 408 41.38 7.72 -13.10
C VAL H 408 40.63 6.87 -12.09
N LEU H 409 41.29 5.87 -11.50
CA LEU H 409 40.64 5.02 -10.52
C LEU H 409 40.33 5.79 -9.24
N ALA H 410 41.31 6.54 -8.73
CA ALA H 410 41.09 7.34 -7.53
C ALA H 410 40.08 8.45 -7.76
N ARG H 411 40.04 9.02 -8.96
CA ARG H 411 39.07 10.07 -9.24
C ARG H 411 37.67 9.51 -9.42
N VAL H 412 37.56 8.29 -9.98
CA VAL H 412 36.26 7.63 -10.07
C VAL H 412 35.75 7.29 -8.66
N LEU H 413 36.65 6.82 -7.80
CA LEU H 413 36.30 6.62 -6.40
C LEU H 413 36.05 7.94 -5.68
N ASP H 414 36.54 9.06 -6.23
CA ASP H 414 36.40 10.34 -5.55
C ASP H 414 34.96 10.85 -5.62
N HIS H 415 34.33 10.74 -6.79
CA HIS H 415 32.94 11.17 -6.97
C HIS H 415 32.00 9.99 -7.19
N LYS H 416 32.20 8.90 -6.45
CA LYS H 416 31.38 7.71 -6.64
C LYS H 416 29.91 7.96 -6.29
N GLU H 417 29.65 8.89 -5.36
CA GLU H 417 28.28 9.23 -5.01
C GLU H 417 27.53 9.85 -6.18
N ALA H 418 28.22 10.68 -6.97
CA ALA H 418 27.61 11.26 -8.16
C ALA H 418 27.24 10.18 -9.18
N ILE H 419 28.13 9.21 -9.39
CA ILE H 419 27.88 8.15 -10.35
C ILE H 419 26.69 7.30 -9.90
N ILE H 420 26.69 6.92 -8.61
CA ILE H 420 25.60 6.09 -8.08
C ILE H 420 24.28 6.85 -8.13
N SER H 421 24.30 8.14 -7.80
CA SER H 421 23.08 8.94 -7.80
C SER H 421 22.53 9.12 -9.21
N HIS H 422 23.40 9.34 -10.20
CA HIS H 422 22.93 9.50 -11.57
C HIS H 422 22.40 8.18 -12.13
N LEU H 423 23.06 7.07 -11.78
CA LEU H 423 22.54 5.75 -12.18
C LEU H 423 21.18 5.48 -11.54
N SER H 424 21.02 5.86 -10.27
CA SER H 424 19.73 5.71 -9.61
C SER H 424 18.67 6.61 -10.24
N TRP H 425 19.07 7.82 -10.64
CA TRP H 425 18.12 8.73 -11.28
C TRP H 425 17.64 8.18 -12.61
N VAL H 426 18.56 7.71 -13.45
CA VAL H 426 18.17 7.23 -14.77
C VAL H 426 17.37 5.93 -14.64
N SER H 427 17.73 5.07 -13.69
CA SER H 427 16.95 3.85 -13.47
C SER H 427 15.54 4.16 -12.98
N LEU H 428 15.41 5.09 -12.02
CA LEU H 428 14.11 5.48 -11.51
C LEU H 428 13.27 6.13 -12.60
N PHE H 429 13.88 6.96 -13.42
CA PHE H 429 13.17 7.68 -14.47
C PHE H 429 12.68 6.72 -15.55
N LEU H 430 13.54 5.80 -15.99
CA LEU H 430 13.14 4.80 -16.97
C LEU H 430 12.03 3.91 -16.44
N GLY H 431 12.17 3.43 -15.20
CA GLY H 431 11.15 2.57 -14.63
C GLY H 431 9.83 3.27 -14.45
N PHE H 432 9.87 4.50 -13.91
CA PHE H 432 8.68 5.30 -13.70
C PHE H 432 7.91 5.51 -14.99
N HIS H 433 8.59 6.01 -16.02
CA HIS H 433 7.87 6.33 -17.24
C HIS H 433 7.46 5.08 -18.02
N THR H 434 8.33 4.07 -18.09
CA THR H 434 7.99 2.85 -18.81
C THR H 434 6.81 2.14 -18.17
N LEU H 435 6.80 2.01 -16.84
CA LEU H 435 5.65 1.43 -16.17
C LEU H 435 4.41 2.31 -16.31
N GLY H 436 4.60 3.63 -16.36
CA GLY H 436 3.47 4.52 -16.56
C GLY H 436 2.76 4.29 -17.89
N LEU H 437 3.53 4.23 -18.99
CA LEU H 437 2.88 3.93 -20.26
C LEU H 437 2.40 2.49 -20.35
N TYR H 438 3.08 1.53 -19.72
CA TYR H 438 2.60 0.15 -19.79
C TYR H 438 1.26 -0.01 -19.08
N VAL H 439 1.13 0.58 -17.88
CA VAL H 439 -0.12 0.56 -17.15
C VAL H 439 -1.18 1.37 -17.88
N HIS H 440 -0.79 2.50 -18.47
CA HIS H 440 -1.72 3.34 -19.23
C HIS H 440 -2.29 2.60 -20.43
N ASN H 441 -1.45 1.88 -21.16
CA ASN H 441 -1.93 1.12 -22.31
C ASN H 441 -2.69 -0.13 -21.87
N ASP H 442 -2.40 -0.63 -20.66
CA ASP H 442 -3.18 -1.73 -20.12
C ASP H 442 -4.60 -1.31 -19.83
N VAL H 443 -4.77 -0.21 -19.09
CA VAL H 443 -6.12 0.25 -18.75
C VAL H 443 -6.87 0.80 -19.96
N VAL H 444 -6.17 1.47 -20.87
CA VAL H 444 -6.82 1.98 -22.09
C VAL H 444 -7.35 0.82 -22.93
N GLN H 445 -6.59 -0.27 -23.03
CA GLN H 445 -7.07 -1.46 -23.71
C GLN H 445 -8.23 -2.10 -22.95
N ALA H 446 -8.25 -1.96 -21.62
CA ALA H 446 -9.30 -2.61 -20.82
C ALA H 446 -10.65 -1.93 -21.03
N PHE H 447 -10.67 -0.63 -21.33
CA PHE H 447 -11.92 0.09 -21.52
C PHE H 447 -12.49 -0.04 -22.92
N GLY H 448 -12.05 -1.03 -23.69
CA GLY H 448 -12.60 -1.28 -25.01
C GLY H 448 -12.25 -0.24 -26.06
N THR H 449 -11.17 0.50 -25.89
CA THR H 449 -10.76 1.54 -26.82
C THR H 449 -9.25 1.57 -26.95
N PRO H 450 -8.69 0.69 -27.78
CA PRO H 450 -7.22 0.58 -27.86
C PRO H 450 -6.54 1.68 -28.67
N GLU H 451 -7.29 2.59 -29.29
CA GLU H 451 -6.66 3.67 -30.04
C GLU H 451 -6.15 4.78 -29.14
N LYS H 452 -6.57 4.81 -27.88
CA LYS H 452 -6.16 5.85 -26.95
C LYS H 452 -4.82 5.56 -26.29
N GLN H 453 -4.23 4.41 -26.56
CA GLN H 453 -2.95 4.06 -25.94
C GLN H 453 -1.81 4.83 -26.59
N ILE H 454 -0.78 5.10 -25.81
CA ILE H 454 0.33 5.93 -26.28
C ILE H 454 1.29 5.04 -27.05
N LEU H 455 1.27 5.14 -28.37
CA LEU H 455 2.16 4.38 -29.25
C LEU H 455 3.24 5.31 -29.74
N ILE H 456 4.36 5.34 -29.04
CA ILE H 456 5.52 6.13 -29.45
C ILE H 456 6.30 5.33 -30.48
N GLU H 457 6.23 5.73 -31.74
CA GLU H 457 6.90 5.00 -32.81
C GLU H 457 8.41 5.12 -32.65
N PRO H 458 9.16 4.02 -32.73
CA PRO H 458 10.61 4.12 -32.64
C PRO H 458 11.21 4.74 -33.87
N VAL H 459 11.61 6.01 -33.78
CA VAL H 459 12.07 6.71 -34.98
C VAL H 459 13.59 6.60 -35.13
N PHE H 460 14.31 6.53 -34.01
CA PHE H 460 15.77 6.45 -34.08
C PHE H 460 16.23 5.11 -34.64
N ALA H 461 15.68 4.02 -34.13
CA ALA H 461 16.10 2.70 -34.58
C ALA H 461 15.61 2.39 -35.99
N GLN H 462 14.40 2.84 -36.34
CA GLN H 462 13.95 2.67 -37.72
C GLN H 462 14.75 3.56 -38.67
N TRP H 463 15.19 4.73 -38.20
CA TRP H 463 16.09 5.58 -38.98
C TRP H 463 17.42 4.88 -39.21
N ILE H 464 17.93 4.19 -38.18
CA ILE H 464 19.16 3.40 -38.32
C ILE H 464 18.95 2.26 -39.31
N GLN H 465 17.80 1.57 -39.21
CA GLN H 465 17.49 0.46 -40.13
C GLN H 465 17.39 0.95 -41.57
N ALA H 466 16.82 2.14 -41.77
CA ALA H 466 16.84 2.76 -43.09
C ALA H 466 18.25 3.09 -43.53
N ALA H 467 19.11 3.53 -42.61
CA ALA H 467 20.52 3.72 -42.93
C ALA H 467 21.24 2.41 -43.20
N GLN H 468 20.74 1.30 -42.66
CA GLN H 468 21.32 -0.01 -42.89
C GLN H 468 20.70 -0.74 -44.07
N GLY H 469 19.72 -0.15 -44.74
CA GLY H 469 19.18 -0.70 -45.97
C GLY H 469 17.73 -1.10 -45.95
N LYS H 470 17.02 -0.99 -44.82
CA LYS H 470 15.61 -1.35 -44.77
C LYS H 470 14.80 -0.23 -45.41
N SER H 471 14.20 -0.51 -46.56
CA SER H 471 13.43 0.47 -47.32
C SER H 471 11.95 0.47 -46.97
N LEU H 472 11.55 -0.30 -45.93
CA LEU H 472 10.14 -0.37 -45.57
C LEU H 472 9.65 0.96 -44.98
N TYR H 473 10.51 1.64 -44.22
CA TYR H 473 10.12 2.89 -43.57
C TYR H 473 10.14 4.08 -44.51
N GLY H 474 10.78 3.97 -45.67
CA GLY H 474 10.72 5.02 -46.67
C GLY H 474 11.55 6.24 -46.38
N PHE H 475 12.51 6.16 -45.46
CA PHE H 475 13.38 7.30 -45.17
C PHE H 475 14.39 7.47 -46.30
N ASP H 476 14.51 8.70 -46.80
CA ASP H 476 15.51 9.02 -47.81
C ASP H 476 16.85 9.19 -47.11
N LEU H 477 17.65 8.12 -47.10
CA LEU H 477 18.87 8.09 -46.32
C LEU H 477 20.00 7.52 -47.16
N LEU H 478 21.21 7.60 -46.62
CA LEU H 478 22.37 7.02 -47.26
C LEU H 478 22.29 5.49 -47.25
N LEU H 479 22.82 4.89 -48.32
CA LEU H 479 22.87 3.46 -48.63
C LEU H 479 21.49 2.90 -48.96
N ALA H 480 20.42 3.67 -48.79
CA ALA H 480 19.10 3.32 -49.27
C ALA H 480 18.75 4.00 -50.59
N SER H 481 19.23 5.22 -50.79
CA SER H 481 19.10 5.91 -52.07
C SER H 481 20.27 5.55 -52.97
N SER H 482 20.00 5.52 -54.28
CA SER H 482 21.02 5.14 -55.25
C SER H 482 22.05 6.22 -55.48
N SER H 483 21.76 7.47 -55.11
CA SER H 483 22.67 8.58 -55.31
C SER H 483 23.62 8.82 -54.15
N SER H 484 23.45 8.09 -53.05
CA SER H 484 24.30 8.27 -51.88
C SER H 484 25.69 7.66 -52.12
N PRO H 485 26.73 8.29 -51.58
CA PRO H 485 28.07 7.71 -51.74
C PRO H 485 28.26 6.41 -50.97
N ALA H 486 27.51 6.20 -49.89
CA ALA H 486 27.61 4.96 -49.14
C ALA H 486 27.08 3.78 -49.94
N TYR H 487 26.00 3.98 -50.70
CA TYR H 487 25.47 2.91 -51.55
C TYR H 487 26.40 2.61 -52.70
N SER H 488 27.00 3.65 -53.29
CA SER H 488 27.89 3.45 -54.42
C SER H 488 29.18 2.74 -53.99
N ALA H 489 29.65 3.00 -52.77
CA ALA H 489 30.80 2.29 -52.25
C ALA H 489 30.38 0.89 -51.83
N GLY H 490 30.94 -0.12 -52.50
CA GLY H 490 30.54 -1.49 -52.23
C GLY H 490 29.29 -1.92 -52.95
N GLN H 491 28.86 -1.16 -53.96
CA GLN H 491 27.64 -1.51 -54.71
C GLN H 491 27.79 -2.84 -55.43
N SER H 492 28.99 -3.16 -55.90
CA SER H 492 29.26 -4.42 -56.55
C SER H 492 29.96 -5.43 -55.65
N LEU H 493 30.18 -5.10 -54.38
CA LEU H 493 30.89 -6.00 -53.47
C LEU H 493 29.93 -6.86 -52.67
N TRP H 494 29.13 -6.25 -51.79
CA TRP H 494 28.17 -7.00 -50.99
C TRP H 494 26.83 -6.30 -50.84
N LEU H 495 26.62 -5.16 -51.49
CA LEU H 495 25.35 -4.45 -51.39
C LEU H 495 24.14 -5.24 -51.90
N PRO H 496 24.13 -5.86 -53.09
CA PRO H 496 22.90 -6.54 -53.52
C PRO H 496 22.56 -7.80 -52.74
N GLY H 497 23.51 -8.35 -51.99
CA GLY H 497 23.19 -9.47 -51.12
C GLY H 497 22.63 -9.01 -49.79
N TRP H 498 23.28 -8.01 -49.19
CA TRP H 498 22.84 -7.49 -47.90
C TRP H 498 21.48 -6.80 -48.02
N LEU H 499 21.27 -6.07 -49.11
CA LEU H 499 19.97 -5.41 -49.32
C LEU H 499 18.87 -6.42 -49.54
N GLU H 500 19.14 -7.49 -50.29
CA GLU H 500 18.14 -8.52 -50.52
C GLU H 500 17.83 -9.28 -49.25
N ALA H 501 18.85 -9.49 -48.40
CA ALA H 501 18.62 -10.18 -47.14
C ALA H 501 17.90 -9.31 -46.12
N ILE H 502 18.17 -8.01 -46.12
CA ILE H 502 17.57 -7.13 -45.11
C ILE H 502 16.18 -6.66 -45.51
N ASN H 503 15.82 -6.73 -46.79
CA ASN H 503 14.47 -6.36 -47.22
C ASN H 503 13.51 -7.54 -47.23
N ASN H 504 14.00 -8.75 -46.96
CA ASN H 504 13.15 -9.93 -46.84
C ASN H 504 12.73 -10.09 -45.39
N ASN H 505 11.43 -10.04 -45.15
CA ASN H 505 10.91 -10.15 -43.79
C ASN H 505 10.81 -11.59 -43.30
N GLN H 506 11.09 -12.57 -44.16
CA GLN H 506 10.97 -13.96 -43.76
C GLN H 506 12.12 -14.39 -42.86
N ASN H 507 13.27 -13.71 -42.95
CA ASN H 507 14.41 -14.07 -42.13
C ASN H 507 14.40 -13.25 -40.84
N SER H 508 15.44 -13.46 -40.03
CA SER H 508 15.57 -12.79 -38.74
C SER H 508 16.49 -11.57 -38.81
N LEU H 509 16.80 -11.10 -40.01
CA LEU H 509 17.74 -9.99 -40.20
C LEU H 509 16.98 -8.68 -40.15
N PHE H 510 17.11 -7.95 -39.03
CA PHE H 510 16.59 -6.58 -38.86
C PHE H 510 15.07 -6.54 -39.05
N LEU H 511 14.38 -7.20 -38.12
CA LEU H 511 12.93 -7.25 -38.15
C LEU H 511 12.32 -5.87 -37.97
N THR H 512 11.11 -5.70 -38.50
CA THR H 512 10.36 -4.46 -38.32
C THR H 512 9.97 -4.30 -36.86
N ILE H 513 10.04 -3.07 -36.37
CA ILE H 513 9.84 -2.77 -34.95
C ILE H 513 8.72 -1.75 -34.82
N GLY H 514 7.79 -2.01 -33.90
CA GLY H 514 6.70 -1.12 -33.65
C GLY H 514 6.85 -0.39 -32.33
N PRO H 515 5.80 0.28 -31.88
CA PRO H 515 5.85 0.96 -30.58
C PRO H 515 6.02 0.02 -29.40
N GLY H 516 5.44 -1.17 -29.46
CA GLY H 516 5.66 -2.14 -28.40
C GLY H 516 7.10 -2.63 -28.37
N ASP H 517 7.72 -2.74 -29.54
CA ASP H 517 9.14 -3.06 -29.62
C ASP H 517 9.98 -1.98 -28.96
N PHE H 518 9.62 -0.72 -29.19
CA PHE H 518 10.32 0.40 -28.57
C PHE H 518 10.15 0.38 -27.05
N LEU H 519 8.93 0.12 -26.57
CA LEU H 519 8.67 0.07 -25.14
C LEU H 519 9.44 -1.07 -24.47
N VAL H 520 9.47 -2.24 -25.11
CA VAL H 520 10.21 -3.35 -24.52
C VAL H 520 11.72 -3.12 -24.60
N HIS H 521 12.19 -2.40 -25.63
CA HIS H 521 13.59 -2.03 -25.69
C HIS H 521 13.97 -1.08 -24.55
N HIS H 522 13.11 -0.12 -24.25
CA HIS H 522 13.42 0.79 -23.15
C HIS H 522 13.25 0.11 -21.80
N ALA H 523 12.38 -0.90 -21.70
CA ALA H 523 12.34 -1.72 -20.49
C ALA H 523 13.61 -2.53 -20.32
N ILE H 524 14.16 -3.04 -21.43
CA ILE H 524 15.45 -3.74 -21.38
C ILE H 524 16.56 -2.79 -20.94
N ALA H 525 16.54 -1.56 -21.47
CA ALA H 525 17.50 -0.55 -21.05
C ALA H 525 17.36 -0.23 -19.57
N LEU H 526 16.11 -0.20 -19.09
CA LEU H 526 15.87 0.00 -17.66
C LEU H 526 16.47 -1.14 -16.84
N GLY H 527 16.30 -2.38 -17.29
CA GLY H 527 16.87 -3.51 -16.57
C GLY H 527 18.39 -3.46 -16.52
N LEU H 528 19.02 -3.18 -17.67
CA LEU H 528 20.47 -3.03 -17.72
C LEU H 528 20.93 -1.89 -16.84
N HIS H 529 20.20 -0.76 -16.85
CA HIS H 529 20.57 0.40 -16.07
C HIS H 529 20.47 0.12 -14.57
N THR H 530 19.42 -0.57 -14.14
CA THR H 530 19.27 -0.84 -12.71
C THR H 530 20.30 -1.85 -12.23
N THR H 531 20.56 -2.89 -13.03
CA THR H 531 21.60 -3.86 -12.69
C THR H 531 22.98 -3.20 -12.64
N THR H 532 23.25 -2.30 -13.60
CA THR H 532 24.48 -1.52 -13.57
C THR H 532 24.55 -0.65 -12.33
N LEU H 533 23.43 -0.03 -11.96
CA LEU H 533 23.39 0.84 -10.78
C LEU H 533 23.77 0.07 -9.52
N ILE H 534 23.14 -1.09 -9.31
CA ILE H 534 23.40 -1.82 -8.07
C ILE H 534 24.81 -2.39 -8.07
N LEU H 535 25.26 -2.95 -9.20
CA LEU H 535 26.59 -3.53 -9.25
C LEU H 535 27.68 -2.48 -9.09
N VAL H 536 27.51 -1.31 -9.74
CA VAL H 536 28.47 -0.22 -9.63
C VAL H 536 28.49 0.34 -8.22
N LYS H 537 27.32 0.48 -7.60
CA LYS H 537 27.26 0.98 -6.22
C LYS H 537 27.90 0.00 -5.25
N GLY H 538 27.68 -1.29 -5.44
CA GLY H 538 28.33 -2.29 -4.60
C GLY H 538 29.83 -2.32 -4.78
N ALA H 539 30.29 -2.11 -6.01
CA ALA H 539 31.73 -2.06 -6.27
C ALA H 539 32.37 -0.83 -5.64
N LEU H 540 31.73 0.32 -5.75
CA LEU H 540 32.31 1.55 -5.20
C LEU H 540 32.19 1.60 -3.69
N ASP H 541 31.13 1.02 -3.12
CA ASP H 541 30.97 0.95 -1.67
C ASP H 541 31.54 -0.33 -1.09
N ALA H 542 32.41 -1.03 -1.83
CA ALA H 542 32.93 -2.30 -1.35
C ALA H 542 33.95 -2.11 -0.22
N ARG H 543 34.69 -1.02 -0.23
CA ARG H 543 35.71 -0.78 0.77
C ARG H 543 35.31 0.23 1.84
N GLY H 544 34.37 1.12 1.55
CA GLY H 544 33.98 2.13 2.51
C GLY H 544 32.61 2.70 2.20
N SER H 545 31.92 3.14 3.24
CA SER H 545 30.62 3.78 3.13
C SER H 545 30.42 4.63 4.37
N LYS H 546 29.43 5.54 4.30
CA LYS H 546 29.16 6.41 5.45
C LYS H 546 28.57 5.62 6.61
N LEU H 547 27.81 4.57 6.33
CA LEU H 547 27.29 3.74 7.42
C LEU H 547 28.39 2.85 8.00
N MET H 548 29.37 2.46 7.18
CA MET H 548 30.43 1.56 7.62
C MET H 548 31.70 1.83 6.81
N PRO H 549 32.56 2.73 7.27
CA PRO H 549 33.82 3.00 6.57
C PRO H 549 34.76 1.81 6.46
N ASP H 550 34.82 0.96 7.48
CA ASP H 550 35.78 -0.15 7.51
C ASP H 550 35.21 -1.43 6.91
N LYS H 551 34.63 -1.35 5.71
CA LYS H 551 34.13 -2.55 5.05
C LYS H 551 35.27 -3.41 4.51
N LYS H 552 36.42 -2.79 4.21
CA LYS H 552 37.57 -3.55 3.72
C LYS H 552 38.16 -4.48 4.77
N ASP H 553 37.94 -4.18 6.05
CA ASP H 553 38.48 -5.01 7.12
C ASP H 553 37.61 -6.23 7.43
N PHE H 554 36.38 -6.28 6.93
CA PHE H 554 35.47 -7.38 7.22
C PHE H 554 35.42 -8.43 6.11
N GLY H 555 36.27 -8.31 5.10
CA GLY H 555 36.26 -9.24 3.99
C GLY H 555 35.16 -8.92 2.98
N TYR H 556 35.25 -9.58 1.82
CA TYR H 556 34.28 -9.31 0.77
C TYR H 556 32.91 -9.90 1.09
N SER H 557 32.87 -11.13 1.58
CA SER H 557 31.62 -11.84 1.83
C SER H 557 31.48 -12.03 3.35
N PHE H 558 30.83 -11.06 3.99
CA PHE H 558 30.49 -11.13 5.40
C PHE H 558 29.01 -10.85 5.58
N PRO H 559 28.36 -11.45 6.60
CA PRO H 559 26.90 -11.31 6.74
C PRO H 559 26.40 -9.89 6.93
N CYS H 560 26.86 -9.23 7.99
CA CYS H 560 26.36 -7.91 8.36
C CYS H 560 27.30 -7.32 9.42
N ASP H 561 26.91 -6.19 9.98
CA ASP H 561 27.60 -5.60 11.12
C ASP H 561 26.79 -5.65 12.41
N GLY H 562 25.50 -5.98 12.32
CA GLY H 562 24.66 -6.06 13.49
C GLY H 562 23.42 -5.19 13.39
N PRO H 563 22.62 -5.17 14.45
CA PRO H 563 21.44 -4.28 14.47
C PRO H 563 21.75 -2.85 14.85
N GLY H 564 23.00 -2.55 15.20
CA GLY H 564 23.36 -1.19 15.55
C GLY H 564 23.42 -0.28 14.34
N ARG H 565 23.42 1.03 14.63
CA ARG H 565 23.38 2.09 13.62
C ARG H 565 22.17 1.93 12.69
N GLY H 566 21.03 1.56 13.26
CA GLY H 566 19.80 1.42 12.54
C GLY H 566 19.59 0.07 11.88
N GLY H 567 20.65 -0.70 11.67
CA GLY H 567 20.53 -1.98 10.97
C GLY H 567 21.45 -1.98 9.76
N THR H 568 22.24 -3.04 9.64
CA THR H 568 23.25 -3.16 8.60
C THR H 568 23.08 -4.45 7.82
N CYS H 569 21.83 -4.82 7.54
CA CYS H 569 21.58 -6.03 6.78
C CYS H 569 21.94 -5.83 5.30
N ASP H 570 22.57 -6.85 4.72
CA ASP H 570 22.98 -6.86 3.31
C ASP H 570 23.85 -5.67 2.95
N ILE H 571 24.85 -5.39 3.80
CA ILE H 571 25.73 -4.24 3.59
C ILE H 571 26.95 -4.56 2.75
N SER H 572 27.27 -5.85 2.56
CA SER H 572 28.48 -6.22 1.84
C SER H 572 28.27 -6.07 0.33
N ALA H 573 29.39 -5.98 -0.39
CA ALA H 573 29.34 -5.96 -1.85
C ALA H 573 28.92 -7.32 -2.41
N TYR H 574 29.22 -8.39 -1.67
CA TYR H 574 28.67 -9.70 -2.02
C TYR H 574 27.15 -9.68 -1.97
N ASP H 575 26.58 -9.02 -0.97
CA ASP H 575 25.13 -8.87 -0.90
C ASP H 575 24.60 -8.01 -2.04
N ALA H 576 25.37 -7.01 -2.47
CA ALA H 576 24.98 -6.24 -3.66
C ALA H 576 24.95 -7.12 -4.90
N PHE H 577 25.94 -8.00 -5.06
CA PHE H 577 25.91 -8.95 -6.16
C PHE H 577 24.70 -9.88 -6.06
N TYR H 578 24.42 -10.38 -4.85
CA TYR H 578 23.34 -11.33 -4.64
C TYR H 578 21.98 -10.69 -4.94
N LEU H 579 21.80 -9.43 -4.57
CA LEU H 579 20.58 -8.72 -4.97
C LEU H 579 20.57 -8.42 -6.47
N ALA H 580 21.74 -8.21 -7.09
CA ALA H 580 21.78 -7.90 -8.50
C ALA H 580 21.50 -9.10 -9.39
N VAL H 581 21.71 -10.32 -8.88
CA VAL H 581 21.43 -11.50 -9.69
C VAL H 581 19.94 -11.63 -9.99
N PHE H 582 19.09 -11.22 -9.05
CA PHE H 582 17.64 -11.24 -9.30
C PHE H 582 17.27 -10.29 -10.43
N TRP H 583 17.84 -9.08 -10.43
CA TRP H 583 17.57 -8.13 -11.49
C TRP H 583 18.16 -8.58 -12.81
N MET H 584 19.31 -9.25 -12.77
CA MET H 584 19.88 -9.87 -13.96
C MET H 584 18.95 -10.94 -14.52
N LEU H 585 18.37 -11.76 -13.65
CA LEU H 585 17.46 -12.80 -14.10
C LEU H 585 16.21 -12.20 -14.71
N ASN H 586 15.68 -11.14 -14.09
CA ASN H 586 14.50 -10.47 -14.64
C ASN H 586 14.81 -9.81 -15.98
N THR H 587 15.99 -9.21 -16.12
CA THR H 587 16.34 -8.51 -17.36
C THR H 587 16.53 -9.50 -18.51
N ILE H 588 17.26 -10.60 -18.26
CA ILE H 588 17.44 -11.59 -19.31
C ILE H 588 16.12 -12.30 -19.59
N GLY H 589 15.28 -12.47 -18.58
CA GLY H 589 13.93 -12.97 -18.84
C GLY H 589 13.14 -12.04 -19.74
N TRP H 590 13.30 -10.73 -19.55
CA TRP H 590 12.64 -9.75 -20.42
C TRP H 590 13.14 -9.86 -21.85
N VAL H 591 14.46 -9.92 -22.03
CA VAL H 591 15.01 -9.96 -23.40
C VAL H 591 14.65 -11.28 -24.08
N THR H 592 14.62 -12.39 -23.34
CA THR H 592 14.27 -13.67 -23.95
C THR H 592 12.77 -13.79 -24.18
N PHE H 593 11.94 -13.18 -23.32
CA PHE H 593 10.51 -13.08 -23.59
C PHE H 593 10.25 -12.34 -24.88
N TYR H 594 10.92 -11.19 -25.04
CA TYR H 594 10.78 -10.39 -26.26
C TYR H 594 11.22 -11.19 -27.49
N TRP H 595 12.41 -11.82 -27.41
CA TRP H 595 12.93 -12.58 -28.54
C TRP H 595 12.00 -13.73 -28.90
N HIS H 596 11.60 -14.53 -27.89
CA HIS H 596 10.79 -15.70 -28.14
C HIS H 596 9.42 -15.33 -28.68
N TRP H 597 8.78 -14.29 -28.14
CA TRP H 597 7.45 -13.94 -28.62
C TRP H 597 7.50 -13.34 -30.03
N LYS H 598 8.46 -12.45 -30.29
CA LYS H 598 8.56 -11.86 -31.62
C LYS H 598 8.89 -12.92 -32.67
N HIS H 599 9.83 -13.82 -32.36
CA HIS H 599 10.19 -14.85 -33.31
C HIS H 599 9.08 -15.89 -33.47
N LEU H 600 8.35 -16.19 -32.40
CA LEU H 600 7.23 -17.13 -32.51
C LEU H 600 6.13 -16.56 -33.37
N THR H 601 5.83 -15.27 -33.22
CA THR H 601 4.83 -14.64 -34.09
C THR H 601 5.33 -14.51 -35.52
N LEU H 602 6.66 -14.38 -35.71
CA LEU H 602 7.20 -14.40 -37.06
C LEU H 602 7.06 -15.77 -37.71
N TRP H 603 7.36 -16.84 -36.96
CA TRP H 603 7.28 -18.19 -37.50
C TRP H 603 5.83 -18.59 -37.76
N GLN H 604 4.91 -18.20 -36.87
CA GLN H 604 3.50 -18.50 -37.10
C GLN H 604 2.88 -17.62 -38.17
N GLY H 605 3.55 -16.53 -38.54
CA GLY H 605 3.09 -15.66 -39.61
C GLY H 605 2.22 -14.51 -39.17
N ASN H 606 1.79 -14.48 -37.91
CA ASN H 606 0.95 -13.39 -37.41
C ASN H 606 1.80 -12.39 -36.63
N VAL H 607 2.49 -11.54 -37.38
CA VAL H 607 3.30 -10.49 -36.76
C VAL H 607 2.43 -9.33 -36.31
N SER H 608 1.24 -9.18 -36.89
CA SER H 608 0.32 -8.13 -36.45
C SER H 608 -0.17 -8.38 -35.04
N GLN H 609 -0.32 -9.65 -34.64
CA GLN H 609 -0.72 -9.97 -33.27
C GLN H 609 0.34 -9.50 -32.28
N PHE H 610 1.62 -9.71 -32.59
CA PHE H 610 2.68 -9.21 -31.72
C PHE H 610 2.76 -7.69 -31.76
N ASP H 611 2.53 -7.09 -32.94
CA ASP H 611 2.63 -5.64 -33.06
C ASP H 611 1.54 -4.93 -32.26
N GLU H 612 0.33 -5.49 -32.24
CA GLU H 612 -0.78 -4.89 -31.53
C GLU H 612 -0.97 -5.44 -30.11
N SER H 613 -0.21 -6.46 -29.72
CA SER H 613 -0.37 -7.08 -28.42
C SER H 613 0.81 -6.89 -27.48
N SER H 614 1.98 -6.52 -28.00
CA SER H 614 3.13 -6.29 -27.14
C SER H 614 3.12 -4.90 -26.51
N THR H 615 2.16 -4.06 -26.87
CA THR H 615 2.07 -2.72 -26.29
C THR H 615 1.60 -2.79 -24.83
N TYR H 616 0.59 -3.60 -24.55
CA TYR H 616 -0.02 -3.68 -23.24
C TYR H 616 0.31 -5.01 -22.59
N LEU H 617 0.53 -4.98 -21.27
CA LEU H 617 1.10 -6.14 -20.56
C LEU H 617 0.11 -7.28 -20.44
N MET H 618 -1.20 -6.99 -20.41
CA MET H 618 -2.18 -8.07 -20.35
C MET H 618 -2.14 -8.91 -21.62
N GLY H 619 -1.99 -8.26 -22.77
CA GLY H 619 -1.82 -9.00 -24.01
C GLY H 619 -0.52 -9.78 -24.05
N TRP H 620 0.54 -9.20 -23.48
CA TRP H 620 1.81 -9.90 -23.33
C TRP H 620 1.61 -11.21 -22.57
N LEU H 621 0.96 -11.13 -21.40
CA LEU H 621 0.71 -12.31 -20.59
C LEU H 621 -0.17 -13.32 -21.32
N ARG H 622 -1.30 -12.85 -21.85
CA ARG H 622 -2.30 -13.74 -22.45
C ARG H 622 -1.76 -14.45 -23.69
N ASP H 623 -1.04 -13.74 -24.55
CA ASP H 623 -0.57 -14.33 -25.79
C ASP H 623 0.85 -14.86 -25.73
N TYR H 624 1.54 -14.76 -24.57
CA TYR H 624 2.82 -15.41 -24.43
C TYR H 624 2.82 -16.49 -23.35
N LEU H 625 2.46 -16.14 -22.12
CA LEU H 625 2.55 -17.10 -21.02
C LEU H 625 1.36 -18.04 -20.93
N TRP H 626 0.24 -17.68 -21.54
CA TRP H 626 -0.96 -18.51 -21.50
C TRP H 626 -1.22 -19.25 -22.80
N LEU H 627 -1.06 -18.57 -23.95
CA LEU H 627 -1.37 -19.19 -25.23
C LEU H 627 -0.33 -20.24 -25.60
N ASN H 628 0.95 -19.95 -25.40
CA ASN H 628 2.01 -20.88 -25.78
C ASN H 628 2.21 -22.01 -24.77
N SER H 629 1.58 -21.92 -23.60
CA SER H 629 1.71 -22.95 -22.58
C SER H 629 0.65 -24.02 -22.68
N SER H 630 -0.20 -23.98 -23.71
CA SER H 630 -1.24 -24.99 -23.87
C SER H 630 -0.64 -26.36 -24.18
N GLN H 631 0.36 -26.41 -25.07
CA GLN H 631 1.02 -27.66 -25.38
C GLN H 631 1.97 -28.10 -24.26
N LEU H 632 2.47 -27.16 -23.46
CA LEU H 632 3.42 -27.49 -22.40
C LEU H 632 2.76 -28.34 -21.32
N ILE H 633 1.61 -27.90 -20.80
CA ILE H 633 0.99 -28.58 -19.67
C ILE H 633 0.25 -29.85 -20.06
N ASN H 634 0.12 -30.13 -21.36
CA ASN H 634 -0.51 -31.35 -21.84
C ASN H 634 0.52 -32.46 -22.09
N GLY H 635 1.66 -32.42 -21.42
CA GLY H 635 2.68 -33.44 -21.62
C GLY H 635 2.25 -34.81 -21.13
N TYR H 636 1.64 -34.87 -19.95
CA TYR H 636 1.19 -36.14 -19.37
C TYR H 636 -0.22 -36.00 -18.82
N ASN H 637 -1.12 -35.49 -19.65
CA ASN H 637 -2.53 -35.40 -19.30
C ASN H 637 -3.09 -36.79 -19.01
N PRO H 638 -4.02 -36.91 -18.05
CA PRO H 638 -4.59 -38.23 -17.74
C PRO H 638 -5.26 -38.92 -18.91
N PHE H 639 -5.83 -38.17 -19.85
CA PHE H 639 -6.41 -38.80 -21.04
C PHE H 639 -5.32 -39.31 -21.98
N GLY H 640 -4.29 -38.52 -22.22
CA GLY H 640 -3.22 -38.91 -23.12
C GLY H 640 -1.91 -38.24 -22.75
N MET H 641 -0.82 -38.95 -23.02
CA MET H 641 0.52 -38.49 -22.70
C MET H 641 1.37 -38.55 -23.96
N ASN H 642 2.25 -37.57 -24.15
CA ASN H 642 3.06 -37.49 -25.34
C ASN H 642 4.50 -37.11 -24.95
N SER H 643 5.30 -36.75 -25.95
CA SER H 643 6.73 -36.54 -25.77
C SER H 643 7.06 -35.28 -24.98
N LEU H 644 6.09 -34.41 -24.72
CA LEU H 644 6.32 -33.21 -23.92
C LEU H 644 6.20 -33.47 -22.42
N SER H 645 6.32 -34.73 -21.99
CA SER H 645 6.20 -35.06 -20.58
C SER H 645 7.40 -34.57 -19.77
N VAL H 646 8.60 -34.63 -20.35
CA VAL H 646 9.78 -34.15 -19.65
C VAL H 646 9.71 -32.63 -19.49
N TRP H 647 9.08 -31.95 -20.44
CA TRP H 647 9.06 -30.49 -20.40
C TRP H 647 8.07 -29.97 -19.37
N ALA H 648 6.90 -30.59 -19.24
CA ALA H 648 5.98 -30.19 -18.17
C ALA H 648 6.53 -30.55 -16.79
N TRP H 649 7.17 -31.72 -16.70
CA TRP H 649 7.79 -32.13 -15.44
C TRP H 649 8.94 -31.19 -15.07
N THR H 650 9.73 -30.77 -16.05
CA THR H 650 10.81 -29.82 -15.80
C THR H 650 10.27 -28.43 -15.48
N PHE H 651 9.14 -28.05 -16.07
CA PHE H 651 8.47 -26.79 -15.75
C PHE H 651 8.06 -26.76 -14.29
N LEU H 652 7.37 -27.83 -13.84
CA LEU H 652 6.98 -27.91 -12.44
C LEU H 652 8.19 -28.08 -11.52
N PHE H 653 9.24 -28.75 -11.99
CA PHE H 653 10.48 -28.85 -11.23
C PHE H 653 11.10 -27.49 -11.00
N GLY H 654 11.12 -26.65 -12.05
CA GLY H 654 11.63 -25.31 -11.90
C GLY H 654 10.79 -24.48 -10.97
N HIS H 655 9.46 -24.66 -11.00
CA HIS H 655 8.59 -24.00 -10.04
C HIS H 655 8.92 -24.43 -8.61
N LEU H 656 9.14 -25.73 -8.40
CA LEU H 656 9.42 -26.23 -7.05
C LEU H 656 10.78 -25.73 -6.54
N VAL H 657 11.80 -25.71 -7.41
CA VAL H 657 13.12 -25.24 -6.97
C VAL H 657 13.10 -23.73 -6.76
N TYR H 658 12.32 -23.00 -7.56
CA TYR H 658 12.09 -21.57 -7.33
C TYR H 658 11.45 -21.34 -5.97
N ALA H 659 10.47 -22.17 -5.62
CA ALA H 659 9.80 -22.04 -4.33
C ALA H 659 10.71 -22.42 -3.17
N THR H 660 11.60 -23.40 -3.37
CA THR H 660 12.60 -23.71 -2.34
C THR H 660 13.60 -22.57 -2.18
N GLY H 661 13.93 -21.90 -3.28
CA GLY H 661 14.70 -20.67 -3.18
C GLY H 661 13.98 -19.62 -2.36
N PHE H 662 12.68 -19.50 -2.54
CA PHE H 662 11.88 -18.60 -1.69
C PHE H 662 11.94 -19.04 -0.23
N MET H 663 11.94 -20.35 0.03
CA MET H 663 12.06 -20.87 1.39
C MET H 663 13.36 -20.42 2.04
N PHE H 664 14.47 -20.48 1.29
CA PHE H 664 15.73 -19.99 1.83
C PHE H 664 15.82 -18.47 1.86
N LEU H 665 15.04 -17.78 1.02
CA LEU H 665 15.22 -16.34 0.87
C LEU H 665 14.40 -15.54 1.89
N ILE H 666 13.16 -15.94 2.16
CA ILE H 666 12.33 -15.18 3.09
C ILE H 666 12.81 -15.39 4.52
N SER H 667 12.78 -16.63 4.99
CA SER H 667 13.19 -16.93 6.35
C SER H 667 14.71 -16.82 6.49
N TRP H 668 15.16 -16.37 7.64
CA TRP H 668 16.57 -16.14 7.91
C TRP H 668 17.01 -16.98 9.11
N ARG H 669 18.32 -17.14 9.25
CA ARG H 669 18.87 -17.98 10.31
C ARG H 669 18.69 -17.31 11.67
N GLY H 670 18.16 -18.07 12.63
CA GLY H 670 17.92 -17.57 13.96
C GLY H 670 16.60 -18.12 14.49
N TYR H 671 15.65 -18.32 13.59
CA TYR H 671 14.51 -19.16 13.90
C TYR H 671 14.84 -20.62 13.60
N TRP H 672 15.69 -20.84 12.60
CA TRP H 672 16.08 -22.20 12.23
C TRP H 672 17.04 -22.81 13.24
N GLN H 673 17.85 -21.98 13.90
CA GLN H 673 18.77 -22.50 14.90
C GLN H 673 18.03 -23.07 16.10
N GLU H 674 16.95 -22.40 16.53
CA GLU H 674 16.17 -22.92 17.64
C GLU H 674 15.42 -24.18 17.26
N LEU H 675 14.90 -24.24 16.03
CA LEU H 675 14.24 -25.46 15.55
C LEU H 675 15.22 -26.61 15.46
N ILE H 676 16.44 -26.35 14.98
CA ILE H 676 17.47 -27.38 14.92
C ILE H 676 17.90 -27.79 16.31
N GLU H 677 17.91 -26.86 17.27
CA GLU H 677 18.18 -27.21 18.67
C GLU H 677 17.10 -28.14 19.23
N THR H 678 15.83 -27.87 18.90
CA THR H 678 14.76 -28.76 19.32
C THR H 678 14.89 -30.14 18.67
N LEU H 679 15.30 -30.18 17.39
CA LEU H 679 15.55 -31.47 16.75
C LEU H 679 16.75 -32.18 17.35
N VAL H 680 17.75 -31.42 17.82
CA VAL H 680 18.89 -32.00 18.52
C VAL H 680 18.43 -32.63 19.82
N TRP H 681 17.57 -31.94 20.55
CA TRP H 681 17.00 -32.52 21.77
C TRP H 681 16.13 -33.73 21.44
N ALA H 682 15.48 -33.71 20.28
CA ALA H 682 14.66 -34.85 19.87
C ALA H 682 15.53 -36.09 19.61
N HIS H 683 16.61 -35.94 18.85
CA HIS H 683 17.44 -37.09 18.54
C HIS H 683 18.25 -37.57 19.73
N GLU H 684 18.86 -36.65 20.47
CA GLU H 684 19.75 -37.00 21.57
C GLU H 684 18.99 -37.65 22.73
N LYS H 685 17.70 -37.31 22.89
CA LYS H 685 16.91 -37.68 24.05
C LYS H 685 15.71 -38.56 23.68
N THR H 686 15.95 -39.58 22.84
CA THR H 686 14.92 -40.54 22.48
C THR H 686 15.47 -41.96 22.57
N PRO H 687 14.62 -42.93 22.90
CA PRO H 687 15.08 -44.33 22.88
C PRO H 687 15.35 -44.83 21.47
N LEU H 688 16.24 -45.83 21.39
CA LEU H 688 16.59 -46.57 20.17
C LEU H 688 17.24 -45.71 19.08
N ALA H 689 17.49 -44.43 19.37
CA ALA H 689 18.20 -43.56 18.44
C ALA H 689 19.22 -42.67 19.11
N ASN H 690 19.33 -42.69 20.44
CA ASN H 690 20.39 -41.94 21.12
C ASN H 690 21.75 -42.64 20.97
N LEU H 691 21.75 -43.92 20.62
CA LEU H 691 23.00 -44.62 20.35
C LEU H 691 23.68 -44.06 19.11
N VAL H 692 22.90 -43.74 18.08
CA VAL H 692 23.44 -43.10 16.88
C VAL H 692 23.58 -41.60 17.16
N TYR H 693 24.81 -41.09 17.06
CA TYR H 693 25.08 -39.70 17.38
C TYR H 693 25.93 -39.09 16.26
N TRP H 694 25.64 -37.83 15.94
CA TRP H 694 26.38 -37.12 14.90
C TRP H 694 27.79 -36.82 15.35
N LYS H 695 28.70 -36.70 14.39
CA LYS H 695 30.05 -36.22 14.64
C LYS H 695 30.21 -34.74 14.31
N ASP H 696 29.58 -34.27 13.25
CA ASP H 696 29.46 -32.84 12.99
C ASP H 696 28.17 -32.33 13.63
N LYS H 697 28.28 -31.29 14.42
CA LYS H 697 27.12 -30.77 15.13
C LYS H 697 26.17 -30.09 14.15
N PRO H 698 24.89 -30.47 14.12
CA PRO H 698 23.94 -29.83 13.19
C PRO H 698 23.70 -28.38 13.59
N VAL H 699 24.09 -27.47 12.70
CA VAL H 699 23.90 -26.04 12.90
C VAL H 699 23.15 -25.50 11.69
N ALA H 700 22.48 -24.36 11.88
CA ALA H 700 21.72 -23.78 10.79
C ALA H 700 22.66 -23.16 9.76
N LEU H 701 22.12 -22.98 8.56
CA LEU H 701 22.89 -22.38 7.47
C LEU H 701 23.20 -20.93 7.78
N SER H 702 24.46 -20.54 7.57
CA SER H 702 24.86 -19.17 7.84
C SER H 702 24.20 -18.21 6.85
N ILE H 703 24.18 -16.93 7.24
CA ILE H 703 23.40 -15.93 6.50
C ILE H 703 23.93 -15.75 5.09
N VAL H 704 25.26 -15.67 4.94
CA VAL H 704 25.86 -15.65 3.60
C VAL H 704 25.57 -16.94 2.86
N GLN H 705 25.69 -18.07 3.55
CA GLN H 705 25.34 -19.37 2.95
C GLN H 705 23.85 -19.43 2.62
N ALA H 706 23.01 -18.84 3.48
CA ALA H 706 21.58 -18.82 3.22
C ALA H 706 21.25 -18.04 1.96
N ARG H 707 21.86 -16.86 1.80
CA ARG H 707 21.65 -16.08 0.58
C ARG H 707 22.17 -16.82 -0.64
N LEU H 708 23.31 -17.51 -0.49
CA LEU H 708 23.89 -18.22 -1.63
C LEU H 708 23.00 -19.38 -2.06
N VAL H 709 22.49 -20.17 -1.10
CA VAL H 709 21.66 -21.31 -1.49
C VAL H 709 20.29 -20.86 -1.97
N GLY H 710 19.77 -19.76 -1.42
CA GLY H 710 18.52 -19.21 -1.94
C GLY H 710 18.67 -18.72 -3.36
N LEU H 711 19.78 -18.03 -3.65
CA LEU H 711 20.06 -17.59 -5.01
C LEU H 711 20.28 -18.77 -5.93
N ALA H 712 20.92 -19.84 -5.44
CA ALA H 712 21.19 -21.02 -6.25
C ALA H 712 19.89 -21.72 -6.63
N HIS H 713 19.02 -22.00 -5.65
CA HIS H 713 17.73 -22.60 -5.96
C HIS H 713 16.88 -21.68 -6.83
N PHE H 714 16.91 -20.37 -6.56
CA PHE H 714 16.18 -19.40 -7.36
C PHE H 714 16.58 -19.46 -8.82
N SER H 715 17.89 -19.38 -9.09
CA SER H 715 18.38 -19.36 -10.47
C SER H 715 18.20 -20.71 -11.14
N VAL H 716 18.39 -21.81 -10.41
CA VAL H 716 18.22 -23.14 -10.99
C VAL H 716 16.77 -23.36 -11.41
N GLY H 717 15.84 -23.03 -10.52
CA GLY H 717 14.42 -23.15 -10.85
C GLY H 717 14.01 -22.23 -11.98
N TYR H 718 14.51 -20.98 -11.95
CA TYR H 718 14.24 -20.02 -13.02
C TYR H 718 14.68 -20.55 -14.37
N ILE H 719 15.93 -21.00 -14.45
CA ILE H 719 16.50 -21.48 -15.71
C ILE H 719 15.77 -22.73 -16.20
N PHE H 720 15.52 -23.68 -15.29
CA PHE H 720 14.89 -24.93 -15.71
C PHE H 720 13.45 -24.71 -16.17
N THR H 721 12.68 -23.91 -15.44
CA THR H 721 11.30 -23.69 -15.84
C THR H 721 11.20 -22.87 -17.12
N TYR H 722 12.12 -21.92 -17.33
CA TYR H 722 12.05 -21.15 -18.57
C TYR H 722 12.52 -21.98 -19.77
N ALA H 723 13.56 -22.80 -19.59
CA ALA H 723 14.00 -23.68 -20.67
C ALA H 723 12.91 -24.68 -21.03
N ALA H 724 12.23 -25.24 -20.02
CA ALA H 724 11.15 -26.17 -20.27
C ALA H 724 10.01 -25.52 -21.04
N PHE H 725 9.56 -24.34 -20.58
CA PHE H 725 8.47 -23.66 -21.26
C PHE H 725 8.86 -23.27 -22.68
N LEU H 726 10.07 -22.73 -22.86
CA LEU H 726 10.48 -22.26 -24.18
C LEU H 726 10.58 -23.41 -25.17
N ILE H 727 11.26 -24.49 -24.78
CA ILE H 727 11.42 -25.62 -25.67
C ILE H 727 10.08 -26.29 -25.97
N ALA H 728 9.24 -26.47 -24.95
CA ALA H 728 7.94 -27.10 -25.18
C ALA H 728 7.05 -26.25 -26.08
N SER H 729 6.99 -24.95 -25.83
CA SER H 729 6.16 -24.06 -26.64
C SER H 729 6.64 -23.97 -28.07
N THR H 730 7.96 -23.95 -28.30
CA THR H 730 8.44 -23.84 -29.66
C THR H 730 8.33 -25.18 -30.40
N ALA H 731 8.50 -26.30 -29.69
CA ALA H 731 8.54 -27.60 -30.34
C ALA H 731 7.17 -28.26 -30.47
N GLY H 732 6.17 -27.82 -29.70
CA GLY H 732 4.84 -28.40 -29.84
C GLY H 732 4.19 -28.06 -31.17
N ARG H 733 4.37 -26.81 -31.62
CA ARG H 733 3.84 -26.40 -32.92
C ARG H 733 4.82 -26.69 -34.05
N PHE H 734 6.10 -26.41 -33.84
CA PHE H 734 7.12 -26.68 -34.85
C PHE H 734 8.48 -26.90 -34.22
N ALA I 2 38.61 -18.17 17.88
CA ALA I 2 37.28 -17.56 17.88
C ALA I 2 37.30 -16.22 17.16
N HIS I 3 36.38 -15.33 17.53
CA HIS I 3 36.30 -14.02 16.91
C HIS I 3 37.31 -13.06 17.52
N VAL I 4 37.62 -12.01 16.78
CA VAL I 4 38.59 -10.99 17.18
C VAL I 4 37.83 -9.74 17.56
N VAL I 5 38.03 -9.29 18.80
CA VAL I 5 37.40 -8.07 19.32
C VAL I 5 38.52 -7.08 19.60
N LYS I 6 38.44 -5.90 18.99
CA LYS I 6 39.47 -4.88 19.12
C LYS I 6 38.84 -3.59 19.62
N ILE I 7 39.55 -2.91 20.53
CA ILE I 7 39.12 -1.63 21.09
C ILE I 7 40.16 -0.59 20.72
N TYR I 8 39.71 0.51 20.13
CA TYR I 8 40.60 1.57 19.67
C TYR I 8 40.68 2.67 20.73
N ASP I 9 41.53 3.66 20.47
CA ASP I 9 41.79 4.73 21.41
C ASP I 9 40.66 5.76 21.48
N THR I 10 39.65 5.66 20.61
CA THR I 10 38.52 6.57 20.64
C THR I 10 37.61 6.33 21.83
N CYS I 11 37.81 5.26 22.59
CA CYS I 11 37.00 4.99 23.77
C CYS I 11 37.23 6.05 24.84
N ILE I 12 36.14 6.48 25.48
CA ILE I 12 36.18 7.46 26.55
C ILE I 12 35.51 6.99 27.82
N GLY I 13 35.01 5.75 27.86
CA GLY I 13 34.63 5.14 29.12
C GLY I 13 33.31 5.52 29.73
N CYS I 14 32.19 5.17 29.07
CA CYS I 14 30.88 5.26 29.70
C CYS I 14 30.52 4.00 30.46
N THR I 15 31.43 3.02 30.52
CA THR I 15 31.28 1.67 31.09
C THR I 15 29.87 1.10 30.85
N GLN I 16 29.44 1.15 29.59
CA GLN I 16 28.16 0.59 29.18
C GLN I 16 28.29 -0.50 28.13
N CYS I 17 29.43 -0.59 27.43
CA CYS I 17 29.62 -1.66 26.48
C CYS I 17 29.85 -3.00 27.17
N VAL I 18 30.30 -2.98 28.43
CA VAL I 18 30.48 -4.22 29.18
C VAL I 18 29.15 -4.71 29.77
N ARG I 19 28.17 -3.83 29.94
CA ARG I 19 26.87 -4.26 30.44
C ARG I 19 26.01 -4.88 29.35
N ALA I 20 26.17 -4.42 28.11
CA ALA I 20 25.37 -4.93 27.00
C ALA I 20 25.85 -6.29 26.50
N CYS I 21 27.00 -6.77 26.96
CA CYS I 21 27.54 -8.04 26.49
C CYS I 21 27.17 -9.14 27.48
N PRO I 22 26.26 -10.05 27.13
CA PRO I 22 25.93 -11.13 28.07
C PRO I 22 26.84 -12.34 27.93
N LEU I 23 28.14 -12.10 27.81
CA LEU I 23 29.10 -13.20 27.71
C LEU I 23 30.41 -12.94 28.44
N ASP I 24 30.55 -11.81 29.15
CA ASP I 24 31.73 -11.48 29.96
C ASP I 24 32.99 -11.44 29.11
N VAL I 25 32.88 -10.91 27.90
CA VAL I 25 34.03 -10.80 27.02
C VAL I 25 34.83 -9.55 27.32
N LEU I 26 34.15 -8.44 27.60
CA LEU I 26 34.81 -7.16 27.76
C LEU I 26 35.08 -6.84 29.23
N GLU I 27 36.20 -6.17 29.46
CA GLU I 27 36.58 -5.71 30.79
C GLU I 27 37.12 -4.30 30.67
N MET I 28 37.15 -3.58 31.78
CA MET I 28 37.53 -2.17 31.80
C MET I 28 38.84 -2.00 32.57
N VAL I 29 39.83 -1.42 31.92
CA VAL I 29 41.14 -1.21 32.52
C VAL I 29 41.34 0.29 32.70
N PRO I 30 42.17 0.70 33.66
CA PRO I 30 42.50 2.11 33.79
C PRO I 30 43.32 2.61 32.60
N TRP I 31 43.17 3.90 32.31
CA TRP I 31 43.82 4.51 31.16
C TRP I 31 44.08 5.98 31.50
N ASP I 32 44.69 6.69 30.54
CA ASP I 32 44.96 8.10 30.71
C ASP I 32 44.61 8.95 29.49
N GLY I 33 44.09 8.35 28.42
CA GLY I 33 43.75 9.06 27.20
C GLY I 33 42.33 9.58 27.13
N CYS I 34 41.60 9.57 28.25
CA CYS I 34 40.22 10.06 28.27
C CYS I 34 39.95 10.72 29.61
N LYS I 35 38.80 11.40 29.69
CA LYS I 35 38.42 12.09 30.92
C LYS I 35 38.09 11.08 32.02
N ALA I 36 37.44 9.97 31.67
CA ALA I 36 37.04 8.98 32.66
C ALA I 36 38.19 8.07 33.09
N ALA I 37 39.36 8.18 32.44
CA ALA I 37 40.54 7.37 32.75
C ALA I 37 40.25 5.88 32.68
N GLN I 38 39.46 5.48 31.68
CA GLN I 38 39.07 4.09 31.49
C GLN I 38 39.19 3.73 30.03
N MET I 39 39.38 2.43 29.76
CA MET I 39 39.48 1.92 28.41
C MET I 39 39.02 0.48 28.39
N ALA I 40 38.20 0.13 27.40
CA ALA I 40 37.67 -1.22 27.28
C ALA I 40 38.78 -2.18 26.85
N SER I 41 38.73 -3.39 27.40
CA SER I 41 39.65 -4.46 27.05
C SER I 41 38.87 -5.76 26.92
N SER I 42 39.42 -6.70 26.16
CA SER I 42 38.76 -7.97 25.89
C SER I 42 39.70 -9.12 26.29
N PRO I 43 39.74 -9.49 27.57
CA PRO I 43 40.60 -10.62 27.97
C PRO I 43 40.08 -11.96 27.50
N ARG I 44 38.78 -12.22 27.65
CA ARG I 44 38.19 -13.49 27.23
C ARG I 44 37.58 -13.36 25.84
N THR I 45 38.44 -13.00 24.88
CA THR I 45 37.99 -12.83 23.50
C THR I 45 37.68 -14.15 22.81
N GLU I 46 38.07 -15.28 23.40
CA GLU I 46 37.72 -16.59 22.86
C GLU I 46 36.29 -17.00 23.21
N ASP I 47 35.64 -16.29 24.14
CA ASP I 47 34.27 -16.59 24.54
C ASP I 47 33.24 -15.71 23.83
N CYS I 48 33.66 -14.91 22.86
CA CYS I 48 32.75 -14.02 22.15
C CYS I 48 32.11 -14.72 20.96
N VAL I 49 30.82 -14.45 20.76
CA VAL I 49 30.08 -15.01 19.64
C VAL I 49 29.93 -14.05 18.48
N GLY I 50 30.17 -12.76 18.68
CA GLY I 50 29.98 -11.79 17.62
C GLY I 50 28.59 -11.20 17.55
N CYS I 51 27.89 -11.07 18.68
CA CYS I 51 26.53 -10.57 18.68
C CYS I 51 26.44 -9.06 18.49
N LYS I 52 27.57 -8.35 18.57
CA LYS I 52 27.68 -6.91 18.28
C LYS I 52 26.79 -6.05 19.16
N ARG I 53 26.43 -6.53 20.36
CA ARG I 53 25.68 -5.69 21.29
C ARG I 53 26.54 -4.57 21.84
N CYS I 54 27.85 -4.81 22.00
CA CYS I 54 28.76 -3.74 22.35
C CYS I 54 28.82 -2.66 21.27
N GLU I 55 28.66 -3.06 20.00
CA GLU I 55 28.59 -2.09 18.93
C GLU I 55 27.30 -1.26 18.99
N THR I 56 26.19 -1.89 19.37
CA THR I 56 24.96 -1.12 19.58
C THR I 56 25.10 -0.17 20.75
N ALA I 57 25.82 -0.58 21.80
CA ALA I 57 26.02 0.26 22.97
C ALA I 57 27.11 1.31 22.78
N CYS I 58 27.87 1.26 21.69
CA CYS I 58 28.98 2.19 21.51
C CYS I 58 28.47 3.53 21.01
N PRO I 59 28.73 4.63 21.73
CA PRO I 59 28.22 5.94 21.28
C PRO I 59 29.19 6.73 20.41
N THR I 60 30.44 6.32 20.31
CA THR I 60 31.40 7.07 19.50
C THR I 60 31.18 6.81 18.02
N ASP I 61 31.53 7.80 17.21
CA ASP I 61 31.44 7.74 15.76
C ASP I 61 32.81 8.09 15.18
N PHE I 62 33.52 7.08 14.67
CA PHE I 62 33.08 5.69 14.58
C PHE I 62 33.31 4.92 15.89
N LEU I 63 32.88 3.66 15.92
CA LEU I 63 32.84 2.91 17.16
C LEU I 63 34.24 2.59 17.66
N SER I 64 34.40 2.67 18.99
CA SER I 64 35.69 2.36 19.59
C SER I 64 35.94 0.86 19.63
N VAL I 65 34.91 0.06 19.89
CA VAL I 65 35.02 -1.39 19.95
C VAL I 65 34.52 -1.97 18.64
N ARG I 66 35.29 -2.90 18.08
CA ARG I 66 34.95 -3.53 16.82
C ARG I 66 35.07 -5.04 16.98
N VAL I 67 34.06 -5.76 16.48
CA VAL I 67 34.03 -7.22 16.54
C VAL I 67 34.07 -7.76 15.12
N TYR I 68 35.01 -8.65 14.85
CA TYR I 68 35.24 -9.19 13.52
C TYR I 68 34.91 -10.68 13.52
N LEU I 69 34.07 -11.09 12.58
CA LEU I 69 33.64 -12.48 12.52
C LEU I 69 34.71 -13.34 11.84
N GLY I 70 34.57 -14.65 12.02
CA GLY I 70 35.48 -15.61 11.40
C GLY I 70 36.04 -16.58 12.42
N ASN I 71 36.44 -17.76 11.92
CA ASN I 71 37.06 -18.82 12.70
C ASN I 71 36.15 -19.26 13.86
N GLU I 72 34.98 -19.76 13.51
CA GLU I 72 33.96 -20.06 14.50
C GLU I 72 34.29 -21.38 15.21
N SER I 73 33.86 -21.47 16.47
CA SER I 73 34.13 -22.64 17.29
C SER I 73 32.85 -23.04 18.00
N THR I 74 32.96 -24.02 18.91
CA THR I 74 31.78 -24.52 19.62
C THR I 74 31.23 -23.53 20.64
N ARG I 75 32.06 -22.60 21.11
CA ARG I 75 31.58 -21.58 22.05
C ARG I 75 31.15 -20.30 21.35
N SER I 76 31.80 -19.94 20.25
CA SER I 76 31.43 -18.77 19.48
C SER I 76 30.18 -19.00 18.63
N LEU I 77 29.77 -20.25 18.44
CA LEU I 77 28.56 -20.56 17.69
C LEU I 77 27.31 -20.64 18.55
N GLY I 78 27.46 -20.58 19.88
CA GLY I 78 26.31 -20.58 20.77
C GLY I 78 25.52 -21.87 20.79
N LEU I 79 26.18 -23.01 20.65
CA LEU I 79 25.53 -24.31 20.77
C LEU I 79 25.68 -24.81 22.20
N ALA I 80 24.57 -25.22 22.79
CA ALA I 80 24.57 -25.95 24.05
C ALA I 80 24.69 -27.46 23.85
N TYR I 81 24.83 -27.91 22.60
CA TYR I 81 24.98 -29.33 22.30
C TYR I 81 26.33 -29.61 21.65
N PRO J 60 38.47 -11.91 43.15
CA PRO J 60 38.31 -11.05 44.33
C PRO J 60 39.57 -11.00 45.18
N TRP J 61 39.40 -10.79 46.49
CA TRP J 61 40.54 -10.86 47.40
C TRP J 61 41.14 -12.26 47.42
N LYS J 62 40.28 -13.28 47.45
CA LYS J 62 40.71 -14.66 47.29
C LYS J 62 39.73 -15.35 46.34
N GLN J 63 40.26 -16.16 45.44
CA GLN J 63 39.41 -16.83 44.47
C GLN J 63 38.57 -17.91 45.15
N PRO J 64 37.24 -17.85 45.09
CA PRO J 64 36.42 -18.85 45.79
C PRO J 64 36.19 -20.11 44.97
N GLU J 65 36.22 -21.23 45.67
CA GLU J 65 35.96 -22.54 45.08
C GLU J 65 34.56 -23.00 45.48
N LEU J 66 33.78 -23.42 44.50
CA LEU J 66 32.42 -23.86 44.79
C LEU J 66 32.43 -25.17 45.58
N ASP J 67 31.49 -25.28 46.45
CA ASP J 67 31.22 -26.34 47.41
C ASP J 67 30.25 -27.35 46.81
N PRO J 68 30.55 -28.65 46.87
CA PRO J 68 29.60 -29.65 46.37
C PRO J 68 28.34 -29.77 47.22
N ASP J 69 28.40 -29.34 48.48
CA ASP J 69 27.34 -29.58 49.45
C ASP J 69 26.15 -28.64 49.24
N THR J 70 26.34 -27.51 48.53
CA THR J 70 25.33 -26.45 48.48
C THR J 70 24.03 -26.94 47.83
N PRO J 71 22.89 -26.51 48.33
CA PRO J 71 21.60 -26.98 47.79
C PRO J 71 21.30 -26.32 46.45
N SER J 72 20.20 -26.77 45.84
CA SER J 72 19.70 -26.25 44.58
C SER J 72 18.23 -25.88 44.74
N PRO J 73 17.77 -24.88 43.98
CA PRO J 73 16.35 -24.50 44.04
C PRO J 73 15.42 -25.62 43.60
N ILE J 74 14.23 -25.63 44.19
CA ILE J 74 13.20 -26.59 43.79
C ILE J 74 12.71 -26.22 42.40
N PHE J 75 12.66 -27.20 41.51
CA PHE J 75 12.21 -26.97 40.15
C PHE J 75 11.61 -28.27 39.62
N GLY J 76 10.71 -28.14 38.65
CA GLY J 76 10.16 -29.28 37.94
C GLY J 76 11.00 -29.64 36.73
N GLY J 77 10.60 -30.73 36.08
CA GLY J 77 11.33 -31.21 34.92
C GLY J 77 11.15 -30.27 33.74
N SER J 78 12.26 -29.72 33.23
CA SER J 78 12.24 -28.84 32.09
C SER J 78 13.03 -29.48 30.96
N THR J 79 12.45 -29.46 29.75
CA THR J 79 13.16 -29.99 28.59
C THR J 79 14.40 -29.17 28.26
N GLY J 80 14.31 -27.85 28.38
CA GLY J 80 15.47 -27.00 28.21
C GLY J 80 16.41 -27.10 29.38
N GLY J 81 17.59 -27.69 29.15
CA GLY J 81 18.56 -27.85 30.22
C GLY J 81 19.88 -28.41 29.74
N LEU J 82 20.51 -29.26 30.55
CA LEU J 82 21.80 -29.82 30.20
C LEU J 82 21.62 -30.89 29.11
N LEU J 83 22.58 -30.91 28.19
CA LEU J 83 22.56 -31.81 27.05
C LEU J 83 23.78 -32.74 27.11
N ARG J 84 24.01 -33.48 26.02
CA ARG J 84 25.19 -34.35 25.94
C ARG J 84 26.49 -33.56 25.88
N LYS J 85 26.42 -32.26 25.56
CA LYS J 85 27.62 -31.43 25.62
C LYS J 85 28.12 -31.27 27.04
N ALA J 86 27.24 -31.39 28.03
CA ALA J 86 27.69 -31.41 29.43
C ALA J 86 28.56 -32.63 29.70
N GLN J 87 28.20 -33.77 29.12
CA GLN J 87 29.00 -34.98 29.30
C GLN J 87 30.30 -34.91 28.49
N VAL J 88 30.20 -34.61 27.20
CA VAL J 88 31.37 -34.66 26.33
C VAL J 88 32.28 -33.46 26.59
N GLU J 89 31.75 -32.26 26.43
CA GLU J 89 32.50 -31.03 26.60
C GLU J 89 32.24 -30.45 28.00
N GLU J 90 32.66 -29.20 28.19
CA GLU J 90 32.50 -28.54 29.48
C GLU J 90 31.07 -28.06 29.69
N PHE J 91 30.75 -27.74 30.94
CA PHE J 91 29.49 -27.13 31.31
C PHE J 91 29.75 -26.10 32.41
N TYR J 92 28.77 -25.23 32.64
CA TYR J 92 28.93 -24.07 33.50
C TYR J 92 28.08 -24.20 34.75
N VAL J 93 28.59 -23.68 35.86
CA VAL J 93 27.95 -23.79 37.17
C VAL J 93 27.90 -22.40 37.80
N THR J 94 26.71 -22.01 38.27
CA THR J 94 26.49 -20.69 38.87
C THR J 94 26.13 -20.84 40.35
N THR J 95 26.76 -20.01 41.19
CA THR J 95 26.56 -20.04 42.63
C THR J 95 26.14 -18.66 43.14
N TRP J 96 25.30 -18.64 44.17
CA TRP J 96 24.97 -17.41 44.88
C TRP J 96 24.47 -17.75 46.27
N GLU J 97 24.48 -16.74 47.15
CA GLU J 97 24.04 -16.87 48.54
C GLU J 97 22.79 -16.01 48.71
N SER J 98 21.69 -16.60 49.19
CA SER J 98 20.40 -15.93 49.22
C SER J 98 20.04 -15.44 50.62
N PRO J 99 19.33 -14.31 50.71
CA PRO J 99 18.82 -13.85 52.01
C PRO J 99 17.50 -14.52 52.41
N LYS J 100 16.68 -14.89 51.42
CA LYS J 100 15.38 -15.49 51.70
C LYS J 100 14.93 -16.27 50.47
N GLU J 101 13.71 -16.80 50.55
CA GLU J 101 13.14 -17.64 49.49
C GLU J 101 12.39 -16.74 48.51
N GLN J 102 12.93 -16.58 47.31
CA GLN J 102 12.31 -15.77 46.26
C GLN J 102 12.15 -16.60 44.99
N ILE J 103 11.30 -16.09 44.10
CA ILE J 103 10.98 -16.77 42.84
C ILE J 103 11.71 -16.07 41.71
N PHE J 104 12.51 -16.82 40.97
CA PHE J 104 13.21 -16.34 39.79
C PHE J 104 12.89 -17.23 38.60
N GLU J 105 13.23 -16.76 37.41
CA GLU J 105 13.03 -17.50 36.18
C GLU J 105 14.37 -17.93 35.62
N MET J 106 14.52 -19.23 35.39
CA MET J 106 15.76 -19.74 34.81
C MET J 106 15.85 -19.34 33.34
N PRO J 107 17.07 -19.09 32.84
CA PRO J 107 17.21 -18.70 31.43
C PRO J 107 16.87 -19.79 30.44
N THR J 108 16.79 -21.04 30.87
CA THR J 108 16.46 -22.15 29.98
C THR J 108 15.16 -22.85 30.33
N GLY J 109 14.51 -22.48 31.43
CA GLY J 109 13.28 -23.14 31.83
C GLY J 109 12.19 -22.18 32.27
N GLY J 110 11.40 -22.60 33.25
CA GLY J 110 10.31 -21.78 33.75
C GLY J 110 10.67 -21.01 35.01
N ALA J 111 9.87 -21.17 36.07
CA ALA J 111 10.08 -20.48 37.32
C ALA J 111 10.46 -21.48 38.41
N ALA J 112 11.42 -21.10 39.25
CA ALA J 112 11.90 -21.96 40.32
C ALA J 112 12.05 -21.14 41.60
N ILE J 113 11.57 -21.70 42.70
CA ILE J 113 11.72 -21.11 44.02
C ILE J 113 13.09 -21.50 44.57
N MET J 114 13.88 -20.49 44.95
CA MET J 114 15.25 -20.70 45.39
C MET J 114 15.32 -20.81 46.91
N ARG J 115 16.45 -21.31 47.40
CA ARG J 115 16.63 -21.68 48.79
C ARG J 115 17.29 -20.55 49.58
N LYS J 116 16.85 -20.37 50.82
CA LYS J 116 17.43 -19.39 51.73
C LYS J 116 18.84 -19.83 52.09
N GLY J 117 19.83 -19.14 51.54
CA GLY J 117 21.21 -19.51 51.75
C GLY J 117 21.94 -19.72 50.44
N PRO J 118 22.87 -20.66 50.42
CA PRO J 118 23.61 -20.94 49.18
C PRO J 118 22.73 -21.65 48.16
N ASN J 119 23.10 -21.47 46.89
CA ASN J 119 22.34 -22.05 45.79
C ASN J 119 23.30 -22.47 44.68
N LEU J 120 22.81 -23.33 43.80
CA LEU J 120 23.63 -23.88 42.73
C LEU J 120 22.79 -24.06 41.47
N LEU J 121 23.27 -23.50 40.36
CA LEU J 121 22.66 -23.67 39.05
C LEU J 121 23.69 -24.20 38.07
N LYS J 122 23.26 -25.13 37.21
CA LYS J 122 24.09 -25.67 36.15
C LYS J 122 23.51 -25.24 34.81
N LEU J 123 24.31 -24.55 34.01
CA LEU J 123 23.86 -24.05 32.71
C LEU J 123 24.77 -24.60 31.63
N ALA J 124 24.17 -24.95 30.50
CA ALA J 124 24.93 -25.55 29.41
C ALA J 124 25.77 -24.52 28.67
N ARG J 125 25.47 -23.24 28.83
CA ARG J 125 26.19 -22.17 28.14
C ARG J 125 26.51 -21.05 29.10
N LYS J 126 27.60 -20.33 28.80
CA LYS J 126 27.97 -19.17 29.59
C LYS J 126 27.00 -18.02 29.42
N GLU J 127 26.36 -17.93 28.25
CA GLU J 127 25.38 -16.88 28.01
C GLU J 127 24.17 -17.03 28.93
N HIS J 128 23.75 -18.28 29.17
CA HIS J 128 22.70 -18.54 30.14
C HIS J 128 23.12 -18.09 31.54
N CYS J 129 24.38 -18.36 31.91
CA CYS J 129 24.88 -17.98 33.22
C CYS J 129 24.88 -16.47 33.40
N LEU J 130 25.35 -15.73 32.39
CA LEU J 130 25.36 -14.28 32.53
C LEU J 130 23.97 -13.66 32.39
N ALA J 131 23.07 -14.31 31.64
CA ALA J 131 21.68 -13.85 31.62
C ALA J 131 21.03 -14.00 32.98
N LEU J 132 21.28 -15.13 33.65
CA LEU J 132 20.78 -15.33 35.01
C LEU J 132 21.43 -14.34 35.97
N THR J 133 22.72 -14.07 35.79
CA THR J 133 23.42 -13.10 36.64
C THR J 133 22.83 -11.70 36.49
N THR J 134 22.59 -11.27 35.25
CA THR J 134 22.02 -9.95 35.01
C THR J 134 20.59 -9.86 35.53
N GLN J 135 19.81 -10.93 35.35
CA GLN J 135 18.45 -10.97 35.89
C GLN J 135 18.46 -10.83 37.41
N LEU J 136 19.34 -11.59 38.09
CA LEU J 136 19.42 -11.51 39.55
C LEU J 136 19.90 -10.15 40.02
N ARG J 137 20.92 -9.57 39.37
CA ARG J 137 21.43 -8.27 39.76
C ARG J 137 20.41 -7.16 39.53
N THR J 138 19.64 -7.25 38.45
CA THR J 138 18.63 -6.23 38.19
C THR J 138 17.44 -6.37 39.14
N LYS J 139 16.95 -7.59 39.34
CA LYS J 139 15.73 -7.77 40.12
C LYS J 139 15.97 -7.61 41.62
N PHE J 140 17.06 -8.18 42.16
CA PHE J 140 17.24 -8.24 43.60
C PHE J 140 18.55 -7.64 44.10
N ARG J 141 19.34 -7.01 43.24
CA ARG J 141 20.71 -6.56 43.58
C ARG J 141 21.52 -7.70 44.17
N MET J 142 21.56 -8.82 43.45
CA MET J 142 21.95 -10.10 44.02
C MET J 142 23.46 -10.31 44.00
N SER J 143 24.12 -9.90 42.92
CA SER J 143 25.55 -10.06 42.65
C SER J 143 26.01 -11.50 42.76
N PRO J 144 25.62 -12.39 41.82
CA PRO J 144 26.12 -13.77 41.86
C PRO J 144 27.40 -13.96 41.05
N CYS J 145 27.88 -15.20 40.98
CA CYS J 145 29.04 -15.54 40.17
C CYS J 145 28.86 -16.94 39.61
N PHE J 146 29.41 -17.17 38.41
CA PHE J 146 29.35 -18.47 37.78
C PHE J 146 30.75 -18.98 37.45
N TYR J 147 30.83 -20.28 37.19
CA TYR J 147 32.07 -20.98 36.93
C TYR J 147 31.93 -21.81 35.66
N ARG J 148 32.99 -22.56 35.34
CA ARG J 148 32.96 -23.52 34.24
C ARG J 148 33.60 -24.82 34.73
N VAL J 149 32.93 -25.93 34.49
CA VAL J 149 33.43 -27.24 34.88
C VAL J 149 33.70 -28.03 33.61
N TYR J 150 34.95 -28.48 33.45
CA TYR J 150 35.36 -29.18 32.24
C TYR J 150 34.98 -30.65 32.31
N ALA J 151 35.31 -31.38 31.25
CA ALA J 151 34.97 -32.81 31.18
C ALA J 151 35.82 -33.63 32.14
N ASP J 152 37.08 -33.26 32.34
CA ASP J 152 37.97 -33.98 33.23
C ASP J 152 37.83 -33.56 34.69
N GLY J 153 36.96 -32.61 34.99
CA GLY J 153 36.79 -32.12 36.34
C GLY J 153 37.48 -30.80 36.63
N LYS J 154 38.13 -30.20 35.64
CA LYS J 154 38.79 -28.91 35.84
C LYS J 154 37.75 -27.82 36.04
N VAL J 155 38.01 -26.93 37.00
CA VAL J 155 37.10 -25.84 37.33
C VAL J 155 37.75 -24.52 36.94
N GLU J 156 37.00 -23.68 36.22
CA GLU J 156 37.48 -22.39 35.77
C GLU J 156 36.60 -21.27 36.32
N TYR J 157 37.22 -20.12 36.54
CA TYR J 157 36.54 -18.93 37.06
C TYR J 157 36.56 -17.85 35.98
N LEU J 158 35.39 -17.58 35.40
CA LEU J 158 35.27 -16.59 34.33
C LEU J 158 34.64 -15.28 34.79
N HIS J 159 33.65 -15.34 35.70
CA HIS J 159 33.06 -14.17 36.31
C HIS J 159 34.16 -13.53 37.16
N PRO J 160 34.19 -12.15 37.30
CA PRO J 160 35.45 -11.41 37.47
C PRO J 160 36.53 -12.00 38.35
N LYS J 161 37.71 -12.19 37.75
CA LYS J 161 38.88 -12.64 38.51
C LYS J 161 39.33 -11.55 39.47
N ASP J 162 39.10 -10.29 39.12
CA ASP J 162 39.31 -9.19 40.05
C ASP J 162 38.20 -9.07 41.09
N GLY J 163 36.99 -9.54 40.77
CA GLY J 163 35.92 -9.67 41.73
C GLY J 163 34.99 -8.48 41.85
N VAL J 164 35.32 -7.34 41.26
CA VAL J 164 34.49 -6.14 41.42
C VAL J 164 33.91 -5.78 40.06
N TYR J 165 33.69 -6.79 39.21
CA TYR J 165 32.94 -6.76 37.96
C TYR J 165 33.61 -5.96 36.84
N PRO J 166 33.35 -6.31 35.58
CA PRO J 166 33.92 -5.53 34.46
C PRO J 166 33.47 -4.09 34.41
N GLU J 167 32.36 -3.72 35.06
CA GLU J 167 31.91 -2.34 35.07
C GLU J 167 32.91 -1.42 35.77
N LYS J 168 33.63 -1.94 36.76
CA LYS J 168 34.69 -1.20 37.43
C LYS J 168 36.04 -1.51 36.78
N VAL J 169 37.10 -0.91 37.32
CA VAL J 169 38.44 -1.04 36.77
C VAL J 169 39.38 -1.75 37.73
N ASN J 170 39.39 -1.35 39.00
CA ASN J 170 40.14 -1.91 40.12
C ASN J 170 41.66 -1.70 40.02
N ALA J 171 42.15 -1.14 38.92
CA ALA J 171 43.59 -0.88 38.69
C ALA J 171 44.43 -2.13 38.87
N GLY J 172 43.94 -3.25 38.36
CA GLY J 172 44.62 -4.52 38.55
C GLY J 172 44.60 -5.43 37.34
N ARG J 173 44.15 -4.92 36.20
CA ARG J 173 44.08 -5.69 34.97
C ARG J 173 44.79 -4.94 33.85
N VAL J 174 45.37 -5.70 32.93
CA VAL J 174 46.19 -5.14 31.87
C VAL J 174 45.38 -5.08 30.58
N GLY J 175 45.48 -3.94 29.89
CA GLY J 175 44.81 -3.76 28.61
C GLY J 175 45.28 -4.74 27.54
N VAL J 176 44.34 -5.46 26.94
CA VAL J 176 44.63 -6.51 25.98
C VAL J 176 43.72 -6.30 24.77
N ASN J 177 44.26 -6.53 23.58
CA ASN J 177 43.57 -6.30 22.30
C ASN J 177 43.12 -4.85 22.18
N GLN J 178 44.03 -3.93 22.48
CA GLN J 178 43.77 -2.50 22.40
C GLN J 178 44.70 -1.87 21.39
N ASN J 179 44.14 -1.10 20.46
CA ASN J 179 44.91 -0.42 19.43
C ASN J 179 45.00 1.07 19.77
N MET J 180 46.21 1.60 19.80
CA MET J 180 46.41 3.01 20.08
C MET J 180 46.07 3.90 18.89
N ARG J 181 45.89 3.32 17.71
CA ARG J 181 45.47 4.09 16.54
C ARG J 181 43.95 4.19 16.49
N SER J 182 43.49 5.18 15.74
CA SER J 182 42.05 5.38 15.59
C SER J 182 41.45 4.33 14.66
N ILE J 183 40.15 4.10 14.83
CA ILE J 183 39.42 3.22 13.92
C ILE J 183 39.33 3.89 12.56
N GLY J 184 39.66 3.14 11.51
CA GLY J 184 39.76 3.70 10.17
C GLY J 184 41.15 4.13 9.76
N LYS J 185 42.08 4.23 10.71
CA LYS J 185 43.48 4.47 10.41
C LYS J 185 44.24 3.18 10.09
N ASN J 186 43.56 2.04 10.12
CA ASN J 186 44.19 0.77 9.81
C ASN J 186 44.55 0.71 8.33
N VAL J 187 45.59 -0.09 8.03
CA VAL J 187 46.05 -0.19 6.65
C VAL J 187 45.08 -1.02 5.82
N ASP J 188 45.21 -0.89 4.51
CA ASP J 188 44.38 -1.64 3.57
C ASP J 188 44.80 -3.11 3.55
N PRO J 189 43.88 -4.01 3.17
CA PRO J 189 44.24 -5.44 3.12
C PRO J 189 45.32 -5.78 2.10
N ILE J 190 45.56 -4.91 1.11
CA ILE J 190 46.64 -5.18 0.15
C ILE J 190 48.00 -5.08 0.83
N LYS J 191 48.14 -4.14 1.77
CA LYS J 191 49.41 -3.98 2.49
C LYS J 191 49.72 -5.16 3.41
N VAL J 192 48.73 -5.94 3.79
CA VAL J 192 48.93 -7.12 4.63
C VAL J 192 48.57 -8.40 3.89
N LYS J 193 48.54 -8.35 2.56
CA LYS J 193 48.20 -9.53 1.77
C LYS J 193 49.31 -10.57 1.83
N PHE J 194 48.91 -11.84 1.88
CA PHE J 194 49.82 -12.99 1.92
C PHE J 194 50.76 -12.93 3.12
N THR J 195 50.26 -12.41 4.24
CA THR J 195 51.02 -12.34 5.47
C THR J 195 50.39 -13.08 6.64
N GLY J 196 49.09 -13.38 6.58
CA GLY J 196 48.41 -14.06 7.65
C GLY J 196 47.91 -13.17 8.76
N SER J 197 48.20 -11.88 8.71
CA SER J 197 47.78 -10.94 9.74
C SER J 197 46.77 -9.97 9.16
N GLU J 198 45.63 -9.84 9.83
CA GLU J 198 44.58 -8.93 9.42
C GLU J 198 44.98 -7.49 9.77
N PRO J 199 44.41 -6.49 9.07
CA PRO J 199 44.71 -5.09 9.42
C PRO J 199 44.33 -4.71 10.84
N PHE J 200 43.25 -5.29 11.38
CA PHE J 200 42.86 -4.99 12.75
C PHE J 200 43.65 -5.79 13.78
N GLU J 201 44.35 -6.84 13.35
CA GLU J 201 45.16 -7.64 14.26
C GLU J 201 46.54 -7.04 14.50
N ILE J 202 46.90 -5.99 13.77
CA ILE J 202 48.20 -5.35 13.95
C ILE J 202 48.22 -4.52 15.23
N GLU K 60 41.74 26.30 26.19
CA GLU K 60 42.81 27.24 25.87
C GLU K 60 43.64 26.76 24.68
N ILE K 61 43.85 25.44 24.61
CA ILE K 61 44.65 24.89 23.52
C ILE K 61 43.80 24.58 22.29
N GLY K 62 42.49 24.63 22.40
CA GLY K 62 41.61 24.33 21.29
C GLY K 62 40.81 25.54 20.84
N PRO K 63 39.75 25.29 20.08
CA PRO K 63 38.89 26.39 19.63
C PRO K 63 38.04 26.94 20.76
N LYS K 64 37.41 28.08 20.48
CA LYS K 64 36.55 28.72 21.47
C LYS K 64 35.30 27.89 21.73
N ARG K 65 34.83 27.95 22.97
CA ARG K 65 33.63 27.20 23.35
C ARG K 65 32.40 27.85 22.74
N GLY K 66 31.57 27.03 22.07
CA GLY K 66 30.38 27.53 21.40
C GLY K 66 30.60 27.93 19.95
N SER K 67 31.84 27.94 19.48
CA SER K 67 32.11 28.33 18.10
C SER K 67 31.79 27.19 17.15
N LEU K 68 31.34 27.56 15.94
CA LEU K 68 31.05 26.58 14.91
C LEU K 68 32.35 26.10 14.27
N VAL K 69 32.51 24.78 14.16
CA VAL K 69 33.73 24.19 13.64
C VAL K 69 33.37 23.15 12.58
N LYS K 70 34.37 22.78 11.79
CA LYS K 70 34.23 21.78 10.75
C LYS K 70 35.07 20.56 11.08
N VAL K 71 34.49 19.38 10.89
CA VAL K 71 35.14 18.11 11.20
C VAL K 71 35.62 17.48 9.90
N LEU K 72 36.90 17.12 9.85
CA LEU K 72 37.50 16.48 8.68
C LEU K 72 37.87 15.03 8.94
N ARG K 73 37.28 14.41 9.95
CA ARG K 73 37.52 12.99 10.19
C ARG K 73 36.85 12.16 9.10
N PRO K 74 37.59 11.31 8.40
CA PRO K 74 37.00 10.58 7.26
C PRO K 74 35.96 9.54 7.68
N GLU K 75 36.30 8.72 8.68
CA GLU K 75 35.40 7.66 9.10
C GLU K 75 34.22 8.15 9.92
N SER K 76 34.23 9.41 10.35
CA SER K 76 33.11 9.95 11.11
C SER K 76 31.90 10.16 10.21
N TYR K 77 30.71 10.09 10.82
CA TYR K 77 29.48 10.36 10.09
C TYR K 77 29.38 11.83 9.69
N TRP K 78 29.98 12.72 10.46
CA TRP K 78 29.90 14.16 10.25
C TRP K 78 31.10 14.70 9.49
N TYR K 79 31.63 13.93 8.54
CA TYR K 79 32.71 14.42 7.69
C TYR K 79 32.23 15.58 6.84
N ASN K 80 33.03 16.65 6.81
CA ASN K 80 32.70 17.90 6.10
C ASN K 80 31.35 18.46 6.55
N GLN K 81 31.11 18.44 7.86
CA GLN K 81 29.90 19.01 8.45
C GLN K 81 30.28 20.11 9.44
N VAL K 82 29.26 20.78 9.96
CA VAL K 82 29.44 21.91 10.87
C VAL K 82 28.83 21.53 12.22
N GLY K 83 29.65 21.62 13.27
CA GLY K 83 29.18 21.32 14.61
C GLY K 83 29.53 22.45 15.56
N LYS K 84 28.94 22.38 16.75
CA LYS K 84 29.12 23.39 17.78
C LYS K 84 29.94 22.82 18.92
N VAL K 85 30.98 23.54 19.33
CA VAL K 85 31.84 23.09 20.42
C VAL K 85 31.09 23.25 21.74
N VAL K 86 31.03 22.17 22.51
CA VAL K 86 30.36 22.17 23.80
C VAL K 86 31.36 22.14 24.95
N SER K 87 32.56 21.60 24.72
CA SER K 87 33.60 21.50 25.73
C SER K 87 34.90 21.07 25.06
N VAL K 88 36.01 21.62 25.55
CA VAL K 88 37.34 21.22 25.12
C VAL K 88 38.15 20.91 26.38
N ASP K 89 38.63 19.68 26.48
CA ASP K 89 39.34 19.23 27.68
C ASP K 89 40.76 19.80 27.70
N GLN K 90 41.22 20.17 28.90
CA GLN K 90 42.55 20.73 29.08
C GLN K 90 43.49 19.76 29.78
N SER K 91 43.09 18.50 29.94
CA SER K 91 43.89 17.51 30.65
C SER K 91 44.90 16.80 29.75
N GLY K 92 44.89 17.07 28.46
CA GLY K 92 45.82 16.44 27.54
C GLY K 92 45.44 15.00 27.21
N ILE K 93 44.24 14.83 26.64
CA ILE K 93 43.74 13.52 26.26
C ILE K 93 43.81 13.40 24.74
N ARG K 94 43.50 12.19 24.24
CA ARG K 94 43.62 11.89 22.82
C ARG K 94 42.69 12.77 21.98
N TYR K 95 41.43 12.88 22.40
CA TYR K 95 40.41 13.63 21.67
C TYR K 95 39.71 14.58 22.63
N PRO K 96 40.32 15.73 22.93
CA PRO K 96 39.71 16.65 23.91
C PRO K 96 38.62 17.54 23.34
N VAL K 97 38.60 17.79 22.04
CA VAL K 97 37.62 18.70 21.44
C VAL K 97 36.31 17.94 21.32
N VAL K 98 35.35 18.25 22.19
CA VAL K 98 34.04 17.62 22.18
C VAL K 98 33.04 18.58 21.54
N VAL K 99 32.32 18.10 20.53
CA VAL K 99 31.40 18.93 19.76
C VAL K 99 30.02 18.26 19.74
N ARG K 100 29.01 19.09 19.52
CA ARG K 100 27.62 18.64 19.45
C ARG K 100 27.07 19.01 18.08
N PHE K 101 26.36 18.07 17.45
CA PHE K 101 25.82 18.25 16.13
C PHE K 101 24.30 18.31 16.18
N GLU K 102 23.70 19.05 15.25
CA GLU K 102 22.26 19.21 15.20
C GLU K 102 21.55 17.97 14.68
N ASN K 103 22.23 17.15 13.87
CA ASN K 103 21.63 15.98 13.26
C ASN K 103 22.25 14.71 13.84
N GLN K 104 21.41 13.75 14.17
CA GLN K 104 21.86 12.49 14.76
C GLN K 104 22.56 11.63 13.73
N ASN K 105 23.34 10.67 14.22
CA ASN K 105 23.95 9.66 13.36
C ASN K 105 22.98 8.49 13.21
N TYR K 106 23.45 7.38 12.66
CA TYR K 106 22.60 6.22 12.51
C TYR K 106 22.38 5.49 13.83
N ALA K 107 23.35 5.58 14.75
CA ALA K 107 23.16 5.00 16.07
C ALA K 107 22.11 5.77 16.86
N GLY K 108 22.17 7.11 16.82
CA GLY K 108 21.19 7.91 17.51
C GLY K 108 21.80 9.06 18.29
N VAL K 109 23.12 9.04 18.48
CA VAL K 109 23.78 10.07 19.25
C VAL K 109 23.93 11.34 18.41
N SER K 110 24.19 12.45 19.08
CA SER K 110 24.34 13.74 18.41
C SER K 110 25.64 14.46 18.77
N THR K 111 26.46 13.90 19.66
CA THR K 111 27.70 14.52 20.07
C THR K 111 28.86 13.55 19.88
N ASN K 112 30.04 14.11 19.61
CA ASN K 112 31.23 13.30 19.39
C ASN K 112 32.45 14.13 19.76
N ASN K 113 33.58 13.44 19.94
CA ASN K 113 34.84 14.07 20.29
C ASN K 113 35.87 13.81 19.18
N TYR K 114 36.72 14.80 18.93
CA TYR K 114 37.72 14.73 17.88
C TYR K 114 39.02 15.33 18.38
N ALA K 115 40.10 15.05 17.65
CA ALA K 115 41.41 15.57 17.99
C ALA K 115 41.56 17.01 17.49
N LEU K 116 42.74 17.59 17.73
CA LEU K 116 42.99 18.96 17.33
C LEU K 116 43.12 19.09 15.82
N ASP K 117 43.76 18.11 15.18
CA ASP K 117 43.98 18.17 13.73
C ASP K 117 42.73 17.89 12.92
N GLU K 118 41.67 17.37 13.55
CA GLU K 118 40.42 17.07 12.86
C GLU K 118 39.41 18.22 12.92
N VAL K 119 39.78 19.33 13.54
CA VAL K 119 38.86 20.44 13.76
C VAL K 119 39.47 21.72 13.20
N THR K 120 38.82 22.29 12.18
CA THR K 120 39.17 23.61 11.66
C THR K 120 37.89 24.43 11.50
N ASP K 121 38.07 25.74 11.42
CA ASP K 121 36.93 26.63 11.26
C ASP K 121 36.37 26.52 9.84
N PRO K 122 35.06 26.41 9.68
CA PRO K 122 34.48 26.32 8.33
C PRO K 122 34.49 27.67 7.64
N PRO K 123 34.53 27.69 6.30
CA PRO K 123 34.50 28.97 5.58
C PRO K 123 33.08 29.48 5.36
N ASP L 68 3.45 11.05 -43.67
CA ASP L 68 3.69 9.66 -44.05
C ASP L 68 5.16 9.28 -43.82
N ILE L 69 5.56 9.24 -42.56
CA ILE L 69 6.92 8.91 -42.17
C ILE L 69 6.92 7.56 -41.49
N ALA L 70 8.02 6.81 -41.68
CA ALA L 70 8.23 5.48 -41.10
C ALA L 70 7.15 4.50 -41.54
N GLY L 71 6.59 4.68 -42.74
CA GLY L 71 5.57 3.79 -43.26
C GLY L 71 4.27 3.80 -42.50
N LEU L 72 3.87 4.97 -41.99
CA LEU L 72 2.63 5.11 -41.24
C LEU L 72 1.68 6.01 -42.01
N THR L 73 0.52 5.48 -42.36
CA THR L 73 -0.49 6.26 -43.05
C THR L 73 -1.18 7.22 -42.08
N PRO L 74 -1.69 8.34 -42.56
CA PRO L 74 -2.46 9.23 -41.68
C PRO L 74 -3.75 8.57 -41.22
N CYS L 75 -4.21 8.99 -40.04
CA CYS L 75 -5.39 8.38 -39.44
C CYS L 75 -6.66 8.69 -40.22
N SER L 76 -6.66 9.77 -40.99
CA SER L 76 -7.85 10.11 -41.79
C SER L 76 -8.00 9.19 -42.99
N GLU L 77 -6.90 8.63 -43.48
CA GLU L 77 -6.91 7.78 -44.67
C GLU L 77 -6.42 6.36 -44.35
N SER L 78 -6.79 5.83 -43.19
CA SER L 78 -6.40 4.50 -42.77
C SER L 78 -7.64 3.61 -42.71
N LYS L 79 -7.57 2.45 -43.37
CA LYS L 79 -8.71 1.54 -43.39
C LYS L 79 -8.87 0.83 -42.05
N ALA L 80 -7.76 0.45 -41.42
CA ALA L 80 -7.85 -0.24 -40.13
C ALA L 80 -8.33 0.67 -39.03
N TYR L 81 -8.06 1.97 -39.13
CA TYR L 81 -8.59 2.94 -38.17
C TYR L 81 -10.11 3.02 -38.26
N ASN L 82 -10.65 3.01 -39.48
CA ASN L 82 -12.10 3.08 -39.65
C ASN L 82 -12.76 1.75 -39.30
N LYS L 83 -12.06 0.63 -39.56
CA LYS L 83 -12.58 -0.67 -39.18
C LYS L 83 -12.63 -0.82 -37.66
N LEU L 84 -11.64 -0.27 -36.96
CA LEU L 84 -11.68 -0.26 -35.51
C LEU L 84 -12.83 0.60 -34.99
N GLU L 85 -13.07 1.73 -35.65
CA GLU L 85 -14.19 2.60 -35.27
C GLU L 85 -15.53 1.91 -35.50
N ARG L 86 -15.66 1.19 -36.62
CA ARG L 86 -16.90 0.46 -36.89
C ARG L 86 -17.10 -0.69 -35.90
N LYS L 87 -16.01 -1.36 -35.51
CA LYS L 87 -16.12 -2.44 -34.54
C LYS L 87 -16.53 -1.93 -33.18
N GLU L 88 -15.98 -0.79 -32.76
CA GLU L 88 -16.36 -0.21 -31.47
C GLU L 88 -17.78 0.30 -31.48
N LEU L 89 -18.24 0.84 -32.61
CA LEU L 89 -19.63 1.29 -32.70
C LEU L 89 -20.59 0.11 -32.69
N LYS L 90 -20.15 -1.04 -33.21
CA LYS L 90 -21.01 -2.22 -33.26
C LYS L 90 -21.23 -2.80 -31.88
N VAL L 91 -20.16 -2.96 -31.10
CA VAL L 91 -20.28 -3.51 -29.75
C VAL L 91 -21.00 -2.53 -28.82
N LEU L 92 -20.80 -1.23 -29.00
CA LEU L 92 -21.50 -0.24 -28.19
C LEU L 92 -22.99 -0.21 -28.49
N ASP L 93 -23.36 -0.38 -29.77
CA ASP L 93 -24.76 -0.48 -30.14
C ASP L 93 -25.37 -1.84 -29.81
N LYS L 94 -24.54 -2.85 -29.55
CA LYS L 94 -25.06 -4.15 -29.12
C LYS L 94 -25.74 -4.03 -27.76
N ARG L 95 -25.15 -3.28 -26.84
CA ARG L 95 -25.76 -3.04 -25.54
C ARG L 95 -26.94 -2.10 -25.61
N LEU L 96 -27.09 -1.33 -26.70
CA LEU L 96 -28.20 -0.39 -26.82
C LEU L 96 -29.54 -1.09 -27.03
N LYS L 97 -29.54 -2.32 -27.54
CA LYS L 97 -30.78 -3.03 -27.83
C LYS L 97 -31.43 -3.62 -26.58
N LYS L 98 -30.75 -3.62 -25.45
CA LYS L 98 -31.28 -4.20 -24.23
C LYS L 98 -31.95 -3.16 -23.33
N TYR L 99 -32.03 -1.91 -23.75
CA TYR L 99 -32.63 -0.85 -22.95
C TYR L 99 -33.59 -0.03 -23.80
N GLU L 100 -34.63 0.48 -23.14
CA GLU L 100 -35.55 1.40 -23.81
C GLU L 100 -34.84 2.73 -24.06
N PRO L 101 -35.19 3.43 -25.16
CA PRO L 101 -34.50 4.69 -25.46
C PRO L 101 -34.74 5.80 -24.45
N GLY L 102 -35.79 5.71 -23.64
CA GLY L 102 -36.09 6.75 -22.67
C GLY L 102 -35.52 6.49 -21.30
N SER L 103 -34.55 5.59 -21.19
CA SER L 103 -33.97 5.22 -19.91
C SER L 103 -32.66 5.96 -19.68
N ALA L 104 -32.25 6.01 -18.42
CA ALA L 104 -30.97 6.65 -18.09
C ALA L 104 -29.74 5.83 -18.49
N PRO L 105 -29.73 4.48 -18.42
CA PRO L 105 -28.62 3.75 -19.06
C PRO L 105 -28.52 3.99 -20.55
N TYR L 106 -29.64 4.22 -21.24
CA TYR L 106 -29.59 4.54 -22.66
C TYR L 106 -28.92 5.88 -22.90
N LEU L 107 -29.19 6.87 -22.03
CA LEU L 107 -28.56 8.17 -22.17
C LEU L 107 -27.06 8.10 -21.91
N ALA L 108 -26.66 7.28 -20.91
CA ALA L 108 -25.24 7.11 -20.64
C ALA L 108 -24.53 6.39 -21.79
N LEU L 109 -25.19 5.39 -22.37
CA LEU L 109 -24.61 4.71 -23.52
C LEU L 109 -24.55 5.61 -24.74
N GLN L 110 -25.57 6.46 -24.91
CA GLN L 110 -25.55 7.43 -26.00
C GLN L 110 -24.44 8.46 -25.82
N ALA L 111 -24.22 8.90 -24.58
CA ALA L 111 -23.13 9.83 -24.32
C ALA L 111 -21.77 9.18 -24.52
N THR L 112 -21.66 7.89 -24.18
CA THR L 112 -20.42 7.15 -24.42
C THR L 112 -20.15 7.02 -25.92
N LYS L 113 -21.19 6.73 -26.70
CA LYS L 113 -21.05 6.65 -28.16
C LYS L 113 -20.69 8.00 -28.76
N GLU L 114 -21.30 9.08 -28.23
CA GLU L 114 -20.94 10.42 -28.70
C GLU L 114 -19.50 10.77 -28.35
N ARG L 115 -19.05 10.37 -27.16
CA ARG L 115 -17.66 10.59 -26.79
C ARG L 115 -16.71 9.75 -27.64
N THR L 116 -17.14 8.55 -28.02
CA THR L 116 -16.34 7.71 -28.91
C THR L 116 -16.23 8.34 -30.30
N GLU L 117 -17.34 8.83 -30.84
CA GLU L 117 -17.33 9.45 -32.16
C GLU L 117 -16.53 10.75 -32.15
N ASN L 118 -16.64 11.53 -31.07
CA ASN L 118 -15.87 12.77 -30.97
C ASN L 118 -14.38 12.49 -30.85
N ARG L 119 -14.01 11.43 -30.13
CA ARG L 119 -12.60 11.09 -29.98
C ARG L 119 -12.00 10.61 -31.30
N PHE L 120 -12.74 9.77 -32.04
CA PHE L 120 -12.26 9.30 -33.33
C PHE L 120 -12.15 10.44 -34.33
N LYS L 121 -13.08 11.40 -34.29
CA LYS L 121 -13.01 12.54 -35.20
C LYS L 121 -11.85 13.46 -34.84
N THR L 122 -11.65 13.72 -33.54
CA THR L 122 -10.60 14.65 -33.12
C THR L 122 -9.22 14.04 -33.26
N TYR L 123 -9.09 12.71 -33.10
CA TYR L 123 -7.80 12.06 -33.29
C TYR L 123 -7.38 12.11 -34.75
N ALA L 124 -8.34 12.01 -35.67
CA ALA L 124 -8.06 12.24 -37.07
C ALA L 124 -7.93 13.73 -37.36
N LYS L 125 -7.57 14.05 -38.60
CA LYS L 125 -7.40 15.40 -39.16
C LYS L 125 -6.55 16.33 -38.29
N GLN L 126 -5.69 15.77 -37.45
CA GLN L 126 -4.84 16.52 -36.55
C GLN L 126 -3.36 16.23 -36.79
N GLY L 127 -3.03 15.62 -37.92
CA GLY L 127 -1.67 15.22 -38.20
C GLY L 127 -1.29 13.85 -37.65
N LEU L 128 -2.18 13.20 -36.91
CA LEU L 128 -1.89 11.91 -36.32
C LEU L 128 -1.83 10.82 -37.40
N LEU L 129 -0.96 9.85 -37.19
CA LEU L 129 -0.76 8.78 -38.15
C LEU L 129 -0.73 7.43 -37.44
N CYS L 130 -0.92 6.38 -38.23
CA CYS L 130 -0.95 5.02 -37.70
C CYS L 130 -0.45 4.06 -38.78
N GLY L 131 -0.03 2.87 -38.36
CA GLY L 131 0.46 1.90 -39.32
C GLY L 131 0.15 0.45 -39.00
N ASN L 132 -0.56 -0.21 -39.92
CA ASN L 132 -0.84 -1.64 -39.93
C ASN L 132 -1.57 -2.14 -38.69
N ASP L 133 -2.10 -1.25 -37.84
CA ASP L 133 -2.84 -1.69 -36.66
C ASP L 133 -4.15 -0.95 -36.44
N GLY L 134 -4.34 0.23 -37.02
CA GLY L 134 -5.49 1.04 -36.71
C GLY L 134 -5.39 1.83 -35.44
N LEU L 135 -4.23 1.79 -34.77
CA LEU L 135 -4.00 2.52 -33.53
C LEU L 135 -3.00 3.62 -33.78
N PRO L 136 -3.32 4.87 -33.42
CA PRO L 136 -2.46 6.00 -33.79
C PRO L 136 -1.08 5.93 -33.14
N HIS L 137 -0.09 6.43 -33.87
CA HIS L 137 1.30 6.40 -33.44
C HIS L 137 1.79 7.82 -33.14
N LEU L 138 2.83 7.90 -32.32
CA LEU L 138 3.42 9.18 -31.91
C LEU L 138 4.84 9.26 -32.43
N ILE L 139 5.20 10.43 -32.95
CA ILE L 139 6.54 10.69 -33.47
C ILE L 139 7.34 11.41 -32.39
N SER L 140 8.51 10.86 -32.06
CA SER L 140 9.29 11.35 -30.93
C SER L 140 10.51 12.18 -31.31
N ASP L 141 11.01 12.06 -32.53
CA ASP L 141 12.23 12.77 -32.90
C ASP L 141 11.94 14.26 -33.11
N PRO L 142 12.64 15.15 -32.42
CA PRO L 142 12.48 16.58 -32.72
C PRO L 142 13.09 16.93 -34.06
N GLY L 143 12.51 17.94 -34.70
CA GLY L 143 12.86 18.27 -36.06
C GLY L 143 11.97 17.55 -37.05
N LEU L 144 11.96 16.21 -36.98
CA LEU L 144 10.99 15.43 -37.75
C LEU L 144 9.57 15.72 -37.28
N ALA L 145 9.38 15.91 -35.98
CA ALA L 145 8.10 16.36 -35.44
C ALA L 145 7.90 17.86 -35.56
N LEU L 146 8.89 18.58 -36.08
CA LEU L 146 8.77 20.02 -36.33
C LEU L 146 8.60 20.35 -37.80
N ARG L 147 9.32 19.67 -38.69
CA ARG L 147 9.10 19.85 -40.12
C ARG L 147 7.74 19.31 -40.52
N PHE L 148 7.41 18.11 -40.08
CA PHE L 148 6.05 17.58 -40.19
C PHE L 148 5.27 17.99 -38.96
N ASN L 149 3.96 18.17 -39.11
CA ASN L 149 3.12 18.67 -38.03
C ASN L 149 2.88 17.55 -37.01
N HIS L 150 3.88 17.36 -36.15
CA HIS L 150 3.79 16.35 -35.10
C HIS L 150 4.35 16.84 -33.76
N ALA L 151 4.51 18.15 -33.59
CA ALA L 151 5.06 18.68 -32.35
C ALA L 151 4.11 18.54 -31.17
N GLY L 152 2.81 18.44 -31.43
CA GLY L 152 1.84 18.31 -30.35
C GLY L 152 1.85 16.98 -29.66
N GLU L 153 2.46 15.96 -30.25
CA GLU L 153 2.48 14.63 -29.64
C GLU L 153 3.36 14.60 -28.40
N VAL L 154 4.66 14.84 -28.56
CA VAL L 154 5.58 14.79 -27.43
C VAL L 154 6.46 16.03 -27.31
N PHE L 155 6.62 16.84 -28.35
CA PHE L 155 7.58 17.94 -28.30
C PHE L 155 7.12 19.05 -27.37
N ILE L 156 5.87 19.48 -27.51
CA ILE L 156 5.30 20.51 -26.64
C ILE L 156 4.90 19.94 -25.28
N PRO L 157 4.38 18.70 -25.17
CA PRO L 157 4.26 18.10 -23.83
C PRO L 157 5.57 17.95 -23.08
N THR L 158 6.71 17.87 -23.77
CA THR L 158 8.00 17.81 -23.08
C THR L 158 8.25 19.08 -22.28
N PHE L 159 8.12 20.24 -22.92
CA PHE L 159 8.27 21.50 -22.19
C PHE L 159 7.09 21.76 -21.27
N GLY L 160 5.92 21.19 -21.59
CA GLY L 160 4.78 21.34 -20.70
C GLY L 160 4.97 20.62 -19.38
N PHE L 161 5.54 19.42 -19.41
CA PHE L 161 5.82 18.70 -18.17
C PHE L 161 6.99 19.33 -17.42
N LEU L 162 8.03 19.71 -18.15
CA LEU L 162 9.24 20.24 -17.52
C LEU L 162 8.97 21.54 -16.76
N TYR L 163 8.03 22.35 -17.26
CA TYR L 163 7.64 23.55 -16.55
C TYR L 163 7.03 23.23 -15.19
N VAL L 164 6.13 22.25 -15.16
CA VAL L 164 5.52 21.86 -13.89
C VAL L 164 6.51 21.08 -13.03
N ALA L 165 7.35 20.25 -13.65
CA ALA L 165 8.36 19.51 -12.91
C ALA L 165 9.37 20.45 -12.26
N GLY L 166 9.79 21.49 -12.99
CA GLY L 166 10.64 22.50 -12.40
C GLY L 166 9.91 23.38 -11.41
N TYR L 167 8.59 23.49 -11.54
CA TYR L 167 7.80 24.24 -10.57
C TYR L 167 7.84 23.55 -9.20
N ILE L 168 7.63 22.24 -9.16
CA ILE L 168 7.62 21.51 -7.90
C ILE L 168 9.01 21.49 -7.28
N GLY L 169 10.05 21.31 -8.11
CA GLY L 169 11.41 21.30 -7.59
C GLY L 169 11.85 22.64 -7.04
N HIS L 170 11.38 23.73 -7.65
CA HIS L 170 11.78 25.06 -7.19
C HIS L 170 11.10 25.42 -5.88
N VAL L 171 9.79 25.15 -5.76
CA VAL L 171 9.07 25.50 -4.54
C VAL L 171 9.50 24.60 -3.39
N GLY L 172 9.89 23.36 -3.68
CA GLY L 172 10.46 22.50 -2.65
C GLY L 172 11.82 23.00 -2.18
N ARG L 173 12.62 23.51 -3.11
CA ARG L 173 13.93 24.05 -2.74
C ARG L 173 13.79 25.32 -1.91
N GLN L 174 12.90 26.22 -2.29
CA GLN L 174 12.72 27.47 -1.54
C GLN L 174 12.15 27.20 -0.15
N TYR L 175 11.24 26.23 -0.04
CA TYR L 175 10.72 25.87 1.27
C TYR L 175 11.79 25.21 2.14
N ILE L 176 12.65 24.39 1.52
CA ILE L 176 13.74 23.76 2.27
C ILE L 176 14.73 24.82 2.75
N ILE L 177 15.07 25.77 1.89
CA ILE L 177 16.01 26.83 2.26
C ILE L 177 15.41 27.71 3.34
N LEU L 178 14.14 28.10 3.19
CA LEU L 178 13.49 28.96 4.18
C LEU L 178 13.33 28.28 5.52
N SER L 179 13.02 26.98 5.53
CA SER L 179 12.84 26.27 6.79
C SER L 179 14.16 25.99 7.50
N LYS L 180 15.26 25.84 6.74
CA LYS L 180 16.54 25.51 7.35
C LYS L 180 17.12 26.67 8.14
N GLU L 181 16.77 27.91 7.80
CA GLU L 181 17.18 29.06 8.59
C GLU L 181 16.16 29.38 9.69
N ASP L 182 15.87 28.38 10.50
CA ASP L 182 14.86 28.51 11.55
C ASP L 182 15.21 27.49 12.61
N ALA L 183 14.88 27.81 13.87
CA ALA L 183 15.16 26.91 14.98
C ALA L 183 14.35 25.63 14.83
N LYS L 184 14.98 24.49 15.20
CA LYS L 184 14.56 23.11 15.02
C LYS L 184 13.85 22.91 13.67
N PRO L 185 14.59 22.95 12.56
CA PRO L 185 13.96 22.87 11.24
C PRO L 185 13.35 21.51 10.91
N THR L 186 13.66 20.46 11.68
CA THR L 186 13.08 19.16 11.42
C THR L 186 11.58 19.14 11.70
N ASP L 187 11.12 20.02 12.59
CA ASP L 187 9.68 20.08 12.89
C ASP L 187 8.89 20.68 11.73
N LYS L 188 9.51 21.56 10.95
CA LYS L 188 8.81 22.22 9.85
C LYS L 188 8.43 21.27 8.73
N GLU L 189 9.13 20.13 8.61
CA GLU L 189 8.78 19.15 7.58
C GLU L 189 7.51 18.39 7.92
N ILE L 190 7.29 18.12 9.21
CA ILE L 190 6.07 17.47 9.65
C ILE L 190 5.00 18.44 10.13
N ILE L 191 5.38 19.67 10.45
CA ILE L 191 4.42 20.73 10.77
C ILE L 191 4.58 21.78 9.68
N LEU L 192 3.81 21.63 8.61
CA LEU L 192 3.84 22.60 7.52
C LEU L 192 3.22 23.91 7.98
N ASP L 193 3.72 25.00 7.41
CA ASP L 193 3.07 26.30 7.55
C ASP L 193 2.39 26.67 6.24
N VAL L 194 1.13 27.05 6.33
CA VAL L 194 0.30 27.30 5.15
C VAL L 194 0.65 28.63 4.48
N PRO L 195 0.72 29.79 5.17
CA PRO L 195 0.91 31.04 4.42
C PRO L 195 2.22 31.16 3.67
N LEU L 196 3.31 30.59 4.20
CA LEU L 196 4.58 30.67 3.48
C LEU L 196 4.62 29.66 2.34
N ALA L 197 4.08 28.46 2.55
CA ALA L 197 4.06 27.47 1.47
C ALA L 197 3.15 27.90 0.33
N LEU L 198 1.99 28.48 0.66
CA LEU L 198 1.09 28.95 -0.39
C LEU L 198 1.63 30.19 -1.09
N LYS L 199 2.35 31.06 -0.37
CA LYS L 199 3.01 32.19 -1.01
C LYS L 199 4.08 31.71 -1.97
N LEU L 200 4.88 30.72 -1.56
CA LEU L 200 5.87 30.16 -2.46
C LEU L 200 5.23 29.36 -3.59
N ALA L 201 4.06 28.79 -3.34
CA ALA L 201 3.34 28.06 -4.38
C ALA L 201 2.89 29.00 -5.50
N PHE L 202 2.48 30.21 -5.14
CA PHE L 202 2.07 31.20 -6.12
C PHE L 202 3.20 32.13 -6.54
N GLN L 203 4.41 31.90 -6.04
CA GLN L 203 5.60 32.64 -6.46
C GLN L 203 6.62 31.71 -7.10
N GLY L 204 6.12 30.74 -7.88
CA GLY L 204 6.99 29.78 -8.53
C GLY L 204 6.72 29.65 -10.01
N TRP L 205 5.95 30.60 -10.57
CA TRP L 205 5.68 30.60 -12.01
C TRP L 205 6.96 30.83 -12.79
N ALA L 206 7.82 31.73 -12.32
CA ALA L 206 9.11 31.98 -12.95
C ALA L 206 10.21 31.12 -12.33
N TRP L 207 9.95 29.81 -12.26
CA TRP L 207 10.99 28.90 -11.76
C TRP L 207 12.25 28.84 -12.63
N PRO L 208 12.23 28.79 -13.98
CA PRO L 208 13.51 28.70 -14.69
C PRO L 208 14.29 29.99 -14.63
N LEU L 209 13.62 31.12 -14.41
CA LEU L 209 14.32 32.38 -14.28
C LEU L 209 15.04 32.47 -12.93
N ALA L 210 14.44 31.90 -11.89
CA ALA L 210 15.12 31.83 -10.59
C ALA L 210 16.21 30.76 -10.61
N SER L 211 16.02 29.71 -11.40
CA SER L 211 17.00 28.62 -11.43
C SER L 211 18.28 29.03 -12.14
N ILE L 212 18.16 29.82 -13.21
CA ILE L 212 19.34 30.21 -13.99
C ILE L 212 20.20 31.19 -13.20
N GLN L 213 19.57 32.16 -12.54
CA GLN L 213 20.34 33.16 -11.80
C GLN L 213 21.05 32.56 -10.59
N GLU L 214 20.45 31.55 -9.96
CA GLU L 214 21.11 30.89 -8.84
C GLU L 214 22.22 29.96 -9.32
N LEU L 215 22.14 29.47 -10.56
CA LEU L 215 23.15 28.57 -11.08
C LEU L 215 24.49 29.29 -11.27
N ARG L 216 24.45 30.51 -11.82
CA ARG L 216 25.67 31.25 -12.09
C ARG L 216 26.39 31.68 -10.81
N ASN L 217 25.64 31.98 -9.74
CA ASN L 217 26.25 32.69 -8.61
C ASN L 217 26.57 31.78 -7.43
N GLY L 218 26.28 30.49 -7.53
CA GLY L 218 26.65 29.55 -6.49
C GLY L 218 25.62 29.34 -5.41
N SER L 219 24.51 30.08 -5.42
CA SER L 219 23.46 29.84 -4.44
C SER L 219 22.67 28.57 -4.74
N LEU L 220 22.59 28.17 -6.01
CA LEU L 220 21.93 26.91 -6.35
C LEU L 220 22.76 25.72 -5.87
N LEU L 221 24.05 25.72 -6.17
CA LEU L 221 24.91 24.59 -5.87
C LEU L 221 25.62 24.81 -4.54
N GLU L 222 26.48 23.85 -4.18
CA GLU L 222 27.27 23.93 -2.96
C GLU L 222 28.59 23.20 -3.18
N LYS L 223 29.68 23.85 -2.82
CA LYS L 223 31.00 23.22 -2.88
C LYS L 223 31.05 22.08 -1.87
N ASP L 224 31.80 21.02 -2.23
CA ASP L 224 31.77 19.78 -1.47
C ASP L 224 32.57 19.82 -0.18
N GLU L 225 33.12 20.97 0.20
CA GLU L 225 33.83 21.07 1.48
C GLU L 225 32.87 21.13 2.66
N ASN L 226 31.59 21.42 2.44
CA ASN L 226 30.56 21.32 3.47
C ASN L 226 29.52 20.27 3.11
N ILE L 227 29.91 19.28 2.31
CA ILE L 227 29.02 18.22 1.86
C ILE L 227 29.56 16.90 2.39
N THR L 228 28.71 16.13 3.06
CA THR L 228 29.10 14.82 3.58
C THR L 228 29.45 13.89 2.43
N VAL L 229 30.68 13.38 2.43
CA VAL L 229 31.20 12.55 1.36
C VAL L 229 31.64 11.22 1.94
N SER L 230 31.60 10.17 1.11
CA SER L 230 31.89 8.83 1.58
C SER L 230 33.36 8.70 1.98
N PRO L 231 33.68 7.82 2.94
CA PRO L 231 35.08 7.64 3.34
C PRO L 231 35.84 6.60 2.52
N ARG L 232 35.23 6.04 1.47
CA ARG L 232 35.78 4.98 0.59
C ARG L 232 36.72 3.97 1.25
N LEU M 37 47.30 -5.62 -63.51
CA LEU M 37 47.27 -6.29 -62.21
C LEU M 37 48.54 -5.99 -61.41
N ILE M 38 49.49 -5.34 -62.09
CA ILE M 38 50.84 -5.02 -61.60
C ILE M 38 51.64 -6.29 -61.36
N ALA M 39 52.85 -6.34 -61.91
CA ALA M 39 53.71 -7.50 -61.70
C ALA M 39 54.16 -7.57 -60.25
N ALA M 40 54.03 -8.76 -59.65
CA ALA M 40 54.35 -8.93 -58.24
C ALA M 40 55.80 -8.65 -57.86
N PRO M 41 56.85 -9.13 -58.57
CA PRO M 41 58.21 -8.90 -58.06
C PRO M 41 58.64 -7.44 -58.02
N VAL M 42 58.37 -6.68 -59.08
CA VAL M 42 58.81 -5.28 -59.12
C VAL M 42 58.06 -4.47 -58.06
N ALA M 43 56.75 -4.69 -57.91
CA ALA M 43 55.97 -3.96 -56.93
C ALA M 43 56.39 -4.30 -55.51
N ILE M 44 56.59 -5.60 -55.22
CA ILE M 44 56.99 -6.02 -53.88
C ILE M 44 58.38 -5.48 -53.55
N GLY M 45 59.31 -5.57 -54.50
CA GLY M 45 60.66 -5.08 -54.26
C GLY M 45 60.71 -3.57 -54.09
N GLY M 46 59.94 -2.84 -54.89
CA GLY M 46 59.90 -1.39 -54.74
C GLY M 46 59.29 -0.97 -53.42
N SER M 47 58.20 -1.62 -53.01
CA SER M 47 57.57 -1.29 -51.73
C SER M 47 58.49 -1.58 -50.56
N THR M 48 59.15 -2.75 -50.57
CA THR M 48 60.02 -3.09 -49.45
C THR M 48 61.30 -2.26 -49.45
N ALA M 49 61.81 -1.87 -50.63
CA ALA M 49 62.97 -1.00 -50.67
C ALA M 49 62.63 0.40 -50.18
N ALA M 50 61.46 0.92 -50.56
CA ALA M 50 61.02 2.21 -50.06
C ALA M 50 60.81 2.18 -48.55
N LEU M 51 60.24 1.09 -48.03
CA LEU M 51 59.99 1.02 -46.59
C LEU M 51 61.29 0.87 -45.82
N LEU M 52 62.25 0.11 -46.34
CA LEU M 52 63.55 -0.01 -45.68
C LEU M 52 64.31 1.31 -45.71
N ALA M 53 64.24 2.03 -46.84
CA ALA M 53 64.88 3.34 -46.93
C ALA M 53 64.24 4.34 -45.97
N LEU M 54 62.91 4.28 -45.82
CA LEU M 54 62.24 5.15 -44.84
C LEU M 54 62.63 4.78 -43.43
N GLY M 55 62.76 3.48 -43.14
CA GLY M 55 63.14 3.05 -41.80
C GLY M 55 64.56 3.46 -41.44
N ARG M 56 65.48 3.39 -42.40
CA ARG M 56 66.88 3.69 -42.08
C ARG M 56 67.19 5.19 -42.17
N PHE M 57 66.85 5.81 -43.30
CA PHE M 57 67.27 7.18 -43.54
C PHE M 57 66.29 8.22 -43.01
N VAL M 58 65.07 7.84 -42.65
CA VAL M 58 64.06 8.82 -42.26
C VAL M 58 63.52 8.52 -40.87
N PHE M 59 63.04 7.30 -40.66
CA PHE M 59 62.36 6.96 -39.42
C PHE M 59 63.31 6.54 -38.31
N LEU M 60 64.60 6.35 -38.59
CA LEU M 60 65.56 5.98 -37.57
C LEU M 60 65.89 7.10 -36.58
N PRO M 61 66.10 8.37 -37.00
CA PRO M 61 66.29 9.41 -35.97
C PRO M 61 65.07 9.64 -35.11
N TYR M 62 63.86 9.44 -35.63
CA TYR M 62 62.69 9.46 -34.76
C TYR M 62 62.61 8.19 -33.92
N GLN M 63 63.15 7.09 -34.42
CA GLN M 63 63.35 5.92 -33.58
C GLN M 63 64.50 6.17 -32.60
N ARG M 64 64.61 5.29 -31.61
CA ARG M 64 65.57 5.43 -30.50
C ARG M 64 65.40 6.73 -29.73
N ARG M 65 64.25 7.37 -29.85
CA ARG M 65 63.83 8.50 -29.04
C ARG M 65 62.48 8.25 -28.40
N ARG M 66 61.55 7.63 -29.13
CA ARG M 66 60.33 7.13 -28.50
C ARG M 66 60.64 6.02 -27.51
N THR M 67 61.58 5.14 -27.85
CA THR M 67 61.99 4.10 -26.93
C THR M 67 62.82 4.64 -25.77
N ASP M 68 63.57 5.73 -25.99
CA ASP M 68 64.34 6.32 -24.90
C ASP M 68 63.45 6.93 -23.85
N MET M 69 62.24 7.40 -24.21
CA MET M 69 61.25 7.80 -23.23
C MET M 69 60.29 6.65 -22.91
N GLU M 70 60.65 5.42 -23.26
CA GLU M 70 59.89 4.23 -22.92
C GLU M 70 60.66 3.27 -22.04
N VAL M 71 61.88 2.90 -22.44
CA VAL M 71 62.70 1.97 -21.67
C VAL M 71 64.03 2.61 -21.33
N GLY M 72 64.03 3.93 -21.09
CA GLY M 72 65.22 4.67 -20.76
C GLY M 72 65.72 4.42 -19.36
N PRO M 73 66.74 5.18 -18.93
CA PRO M 73 67.40 4.91 -17.65
C PRO M 73 66.54 5.20 -16.43
N GLY M 74 65.98 6.41 -16.34
CA GLY M 74 65.20 6.77 -15.16
C GLY M 74 63.80 6.22 -15.14
N ARG M 75 63.27 5.86 -16.30
CA ARG M 75 61.93 5.32 -16.44
C ARG M 75 61.98 3.79 -16.36
N LEU M 76 60.94 3.12 -16.87
CA LEU M 76 60.64 1.70 -16.68
C LEU M 76 61.86 0.78 -16.77
N GLY M 77 62.53 0.78 -17.92
CA GLY M 77 63.70 -0.06 -18.12
C GLY M 77 63.39 -1.55 -18.06
N PRO M 78 64.05 -2.26 -17.13
CA PRO M 78 63.84 -3.71 -17.03
C PRO M 78 62.65 -4.08 -16.16
N LYS M 79 61.74 -4.90 -16.71
CA LYS M 79 60.59 -5.35 -15.95
C LYS M 79 60.91 -6.48 -14.98
N THR M 80 62.03 -7.18 -15.18
CA THR M 80 62.45 -8.28 -14.34
C THR M 80 63.86 -8.05 -13.83
N THR M 81 64.30 -8.94 -12.95
CA THR M 81 65.64 -8.90 -12.36
C THR M 81 66.52 -10.03 -12.88
N GLY M 82 66.03 -11.26 -12.82
CA GLY M 82 66.73 -12.42 -13.32
C GLY M 82 67.27 -13.31 -12.21
N ASP M 83 66.50 -14.33 -11.82
CA ASP M 83 66.98 -15.29 -10.83
C ASP M 83 66.81 -16.73 -11.32
N THR M 84 65.69 -17.03 -11.97
CA THR M 84 65.31 -18.38 -12.34
C THR M 84 65.17 -18.51 -13.85
N PHE M 85 64.92 -19.74 -14.30
CA PHE M 85 64.79 -20.00 -15.73
C PHE M 85 63.53 -19.36 -16.31
N PHE M 86 62.40 -19.48 -15.61
CA PHE M 86 61.15 -18.88 -16.08
C PHE M 86 61.16 -17.36 -16.01
N ASP M 87 62.15 -16.78 -15.34
CA ASP M 87 62.25 -15.33 -15.17
C ASP M 87 63.31 -14.76 -16.12
N ARG M 88 64.31 -15.55 -16.52
CA ARG M 88 65.27 -15.12 -17.53
C ARG M 88 64.71 -15.13 -18.96
N LEU M 89 63.52 -15.71 -19.18
CA LEU M 89 62.96 -15.70 -20.52
C LEU M 89 62.50 -14.30 -20.93
N GLN M 90 62.10 -13.47 -19.97
CA GLN M 90 61.70 -12.10 -20.25
C GLN M 90 62.89 -11.16 -20.35
N LYS M 91 64.11 -11.63 -20.09
CA LYS M 91 65.30 -10.83 -20.31
C LYS M 91 65.52 -10.61 -21.81
N PRO M 92 66.17 -9.52 -22.20
CA PRO M 92 66.39 -9.27 -23.64
C PRO M 92 67.31 -10.32 -24.25
N ALA M 93 67.12 -10.53 -25.55
CA ALA M 93 67.87 -11.54 -26.28
C ALA M 93 69.35 -11.18 -26.39
N SER M 94 70.13 -12.10 -26.93
CA SER M 94 71.58 -11.91 -26.98
C SER M 94 72.02 -11.22 -28.26
N PHE M 95 71.18 -11.22 -29.29
CA PHE M 95 71.59 -10.73 -30.61
C PHE M 95 70.98 -9.38 -30.97
N VAL M 96 70.30 -8.70 -30.03
CA VAL M 96 69.61 -7.46 -30.34
C VAL M 96 70.28 -6.24 -29.74
N GLU M 97 71.38 -6.41 -29.01
CA GLU M 97 72.02 -5.26 -28.36
C GLU M 97 73.53 -5.30 -28.47
N THR M 98 74.07 -6.13 -29.36
CA THR M 98 75.51 -6.33 -29.44
C THR M 98 76.25 -5.06 -29.86
N LYS M 99 76.06 -4.63 -31.09
CA LYS M 99 76.59 -3.37 -31.64
C LYS M 99 75.91 -3.15 -32.97
N SER M 100 76.37 -2.13 -33.71
CA SER M 100 75.70 -1.66 -34.92
C SER M 100 76.68 -1.75 -36.07
N LYS M 101 76.59 -2.85 -36.83
CA LYS M 101 77.41 -2.98 -38.03
C LYS M 101 77.02 -1.95 -39.10
N ASP M 102 75.74 -1.61 -39.19
CA ASP M 102 75.33 -0.52 -40.07
C ASP M 102 75.82 0.80 -39.49
N PRO M 103 76.05 1.81 -40.34
CA PRO M 103 76.43 3.14 -39.81
C PRO M 103 75.39 3.73 -38.87
N SER M 104 74.10 3.50 -39.13
CA SER M 104 73.05 3.91 -38.22
C SER M 104 72.75 2.76 -37.27
N GLY M 105 71.67 2.89 -36.50
CA GLY M 105 71.26 1.85 -35.58
C GLY M 105 70.40 0.76 -36.17
N PHE M 106 70.30 0.69 -37.49
CA PHE M 106 69.41 -0.26 -38.16
C PHE M 106 69.97 -1.67 -37.99
N GLY M 107 69.36 -2.45 -37.09
CA GLY M 107 69.78 -3.80 -36.83
C GLY M 107 68.98 -4.83 -37.60
N LEU M 108 69.21 -6.10 -37.25
CA LEU M 108 68.51 -7.20 -37.92
C LEU M 108 67.01 -7.18 -37.62
N ILE M 109 66.65 -6.88 -36.37
CA ILE M 109 65.23 -6.83 -35.99
C ILE M 109 64.51 -5.72 -36.73
N ASP M 110 65.15 -4.54 -36.83
CA ASP M 110 64.58 -3.44 -37.61
C ASP M 110 64.48 -3.78 -39.08
N VAL M 111 65.49 -4.49 -39.61
CA VAL M 111 65.46 -4.95 -41.00
C VAL M 111 64.25 -5.85 -41.23
N LEU M 112 64.03 -6.80 -40.32
CA LEU M 112 62.91 -7.72 -40.45
C LEU M 112 61.57 -6.99 -40.35
N GLY M 113 61.45 -6.07 -39.39
CA GLY M 113 60.19 -5.36 -39.23
C GLY M 113 59.86 -4.45 -40.40
N TRP M 114 60.83 -3.70 -40.90
CA TRP M 114 60.56 -2.82 -42.02
C TRP M 114 60.38 -3.60 -43.32
N GLY M 115 61.05 -4.75 -43.46
CA GLY M 115 60.77 -5.62 -44.59
C GLY M 115 59.38 -6.21 -44.54
N ALA M 116 58.91 -6.54 -43.34
CA ALA M 116 57.54 -7.01 -43.18
C ALA M 116 56.54 -5.91 -43.55
N LEU M 117 56.82 -4.68 -43.14
CA LEU M 117 55.98 -3.55 -43.54
C LEU M 117 55.97 -3.36 -45.06
N GLY M 118 57.14 -3.50 -45.69
CA GLY M 118 57.21 -3.37 -47.13
C GLY M 118 56.47 -4.47 -47.86
N HIS M 119 56.59 -5.72 -47.38
CA HIS M 119 55.82 -6.82 -47.96
C HIS M 119 54.33 -6.60 -47.78
N VAL M 120 53.92 -6.06 -46.62
CA VAL M 120 52.50 -5.78 -46.37
C VAL M 120 51.98 -4.73 -47.34
N PHE M 121 52.74 -3.64 -47.52
CA PHE M 121 52.31 -2.56 -48.42
C PHE M 121 52.28 -3.02 -49.87
N GLY M 122 53.27 -3.81 -50.29
CA GLY M 122 53.27 -4.34 -51.64
C GLY M 122 52.12 -5.28 -51.90
N TYR M 123 51.80 -6.14 -50.93
CA TYR M 123 50.66 -7.03 -51.07
C TYR M 123 49.34 -6.27 -51.07
N PHE M 124 49.25 -5.19 -50.29
CA PHE M 124 48.06 -4.35 -50.32
C PHE M 124 47.86 -3.70 -51.69
N LEU M 125 48.94 -3.17 -52.26
CA LEU M 125 48.85 -2.56 -53.60
C LEU M 125 48.50 -3.60 -54.65
N LEU M 126 49.10 -4.79 -54.57
CA LEU M 126 48.81 -5.86 -55.52
C LEU M 126 47.37 -6.33 -55.38
N ALA M 127 46.86 -6.40 -54.15
CA ALA M 127 45.46 -6.79 -53.93
C ALA M 127 44.49 -5.77 -54.51
N CYS M 128 44.79 -4.48 -54.33
CA CYS M 128 43.95 -3.44 -54.92
C CYS M 128 43.98 -3.50 -56.45
N SER M 129 45.17 -3.72 -57.03
CA SER M 129 45.28 -3.84 -58.47
C SER M 129 44.52 -5.06 -58.99
N SER M 130 44.56 -6.17 -58.24
CA SER M 130 43.83 -7.36 -58.64
C SER M 130 42.33 -7.14 -58.58
N LEU M 131 41.85 -6.46 -57.54
CA LEU M 131 40.42 -6.16 -57.45
C LEU M 131 39.98 -5.23 -58.57
N GLN M 132 40.84 -4.28 -58.96
CA GLN M 132 40.50 -3.42 -60.09
C GLN M 132 40.49 -4.20 -61.40
N ASP M 133 41.42 -5.16 -61.57
CA ASP M 133 41.51 -5.91 -62.81
C ASP M 133 40.39 -6.93 -62.99
N ALA M 134 39.61 -7.21 -61.95
CA ALA M 134 38.49 -8.14 -62.05
C ALA M 134 37.21 -7.48 -62.52
N GLY M 135 37.24 -6.18 -62.81
CA GLY M 135 36.05 -5.45 -63.18
C GLY M 135 35.23 -4.94 -62.01
N ILE M 136 35.67 -5.17 -60.78
CA ILE M 136 34.96 -4.75 -59.59
C ILE M 136 35.55 -3.44 -59.11
N GLU M 137 34.70 -2.45 -58.85
CA GLU M 137 35.17 -1.13 -58.44
C GLU M 137 34.90 -0.94 -56.95
N PRO M 138 35.91 -1.01 -56.08
CA PRO M 138 35.67 -0.79 -54.66
C PRO M 138 35.36 0.65 -54.30
N PHE M 139 35.83 1.62 -55.09
CA PHE M 139 35.64 3.02 -54.75
C PHE M 139 34.19 3.44 -54.95
N PRO M 140 33.71 4.41 -54.17
CA PRO M 140 32.39 4.98 -54.44
C PRO M 140 32.33 5.66 -55.79
N ARG M 141 31.18 5.54 -56.45
CA ARG M 141 31.00 6.09 -57.79
C ARG M 141 30.32 7.46 -57.73
N TYR N 36 25.35 -37.87 46.13
CA TYR N 36 24.45 -37.37 45.10
C TYR N 36 22.99 -37.47 45.52
N GLY N 37 22.29 -36.34 45.49
CA GLY N 37 20.88 -36.31 45.83
C GLY N 37 20.60 -36.62 47.29
N GLU N 38 21.39 -36.07 48.21
CA GLU N 38 21.17 -36.32 49.63
C GLU N 38 19.90 -35.62 50.11
N GLN N 39 19.89 -34.29 50.10
CA GLN N 39 18.65 -33.56 50.35
C GLN N 39 18.31 -32.57 49.24
N SER N 40 19.30 -31.86 48.68
CA SER N 40 19.03 -30.97 47.56
C SER N 40 20.16 -30.90 46.54
N LYS N 41 21.30 -31.55 46.77
CA LYS N 41 22.45 -31.35 45.91
C LYS N 41 22.41 -32.26 44.69
N TYR N 42 22.87 -31.73 43.56
CA TYR N 42 22.92 -32.47 42.31
C TYR N 42 24.29 -32.44 41.66
N PHE N 43 25.34 -32.15 42.43
CA PHE N 43 26.69 -32.04 41.89
C PHE N 43 27.68 -32.34 43.01
N ASP N 44 28.71 -33.13 42.68
CA ASP N 44 29.71 -33.50 43.68
C ASP N 44 31.17 -33.43 43.21
N LEU N 45 31.44 -33.42 41.89
CA LEU N 45 32.74 -33.24 41.26
C LEU N 45 33.69 -34.43 41.39
N GLN N 46 33.30 -35.46 42.14
CA GLN N 46 34.03 -36.73 42.11
C GLN N 46 33.23 -37.84 41.45
N ASP N 47 31.93 -37.66 41.28
CA ASP N 47 31.07 -38.57 40.54
C ASP N 47 30.32 -37.72 39.49
N LEU N 48 31.11 -37.01 38.70
CA LEU N 48 30.58 -36.15 37.65
C LEU N 48 29.88 -36.93 36.54
N GLU N 49 30.09 -38.25 36.50
CA GLU N 49 29.28 -39.11 35.64
C GLU N 49 27.79 -39.01 35.99
N ASN N 50 27.48 -38.75 37.26
CA ASN N 50 26.12 -38.50 37.71
C ASN N 50 25.73 -37.02 37.61
N THR N 51 26.71 -36.11 37.64
CA THR N 51 26.39 -34.69 37.68
C THR N 51 25.87 -34.19 36.34
N THR N 52 26.53 -34.57 35.23
CA THR N 52 26.15 -34.06 33.92
C THR N 52 24.83 -34.62 33.42
N GLY N 53 24.31 -35.66 34.06
CA GLY N 53 23.06 -36.26 33.65
C GLY N 53 23.18 -37.42 32.69
N ALA N 54 24.38 -37.97 32.51
CA ALA N 54 24.59 -39.14 31.67
C ALA N 54 23.99 -40.35 32.38
N TRP N 55 22.80 -40.76 31.96
CA TRP N 55 22.12 -41.90 32.54
C TRP N 55 21.55 -42.77 31.44
N ASP N 56 21.80 -44.07 31.52
CA ASP N 56 21.18 -45.04 30.62
C ASP N 56 19.85 -45.44 31.25
N LEU N 57 18.74 -44.87 30.74
CA LEU N 57 17.43 -45.16 31.30
C LEU N 57 17.01 -46.60 31.05
N TYR N 58 17.47 -47.19 29.94
CA TYR N 58 17.16 -48.57 29.58
C TYR N 58 18.48 -49.28 29.29
N GLY N 59 19.06 -49.88 30.33
CA GLY N 59 20.32 -50.58 30.17
C GLY N 59 20.48 -51.73 31.16
N VAL N 60 20.80 -52.92 30.64
CA VAL N 60 20.97 -54.11 31.45
C VAL N 60 22.26 -54.82 31.03
N ASP N 61 22.75 -55.68 31.92
CA ASP N 61 24.01 -56.39 31.74
C ASP N 61 23.82 -57.90 31.89
N GLU N 62 22.80 -58.43 31.22
CA GLU N 62 22.51 -59.85 31.24
C GLU N 62 23.13 -60.44 29.99
N LYS N 63 24.02 -61.42 30.16
CA LYS N 63 24.87 -61.92 29.10
C LYS N 63 24.34 -63.23 28.54
N LYS N 64 24.30 -63.32 27.20
CA LYS N 64 23.94 -64.53 26.45
C LYS N 64 22.50 -64.98 26.77
N ARG N 65 21.55 -64.09 26.45
CA ARG N 65 20.14 -64.40 26.68
C ARG N 65 19.63 -65.47 25.74
N TYR N 66 20.14 -65.51 24.51
CA TYR N 66 19.76 -66.55 23.57
C TYR N 66 20.40 -67.89 23.98
N PRO N 67 19.83 -69.01 23.54
CA PRO N 67 20.41 -70.32 23.92
C PRO N 67 21.81 -70.51 23.35
N GLY N 68 22.60 -71.32 24.06
CA GLY N 68 24.04 -71.40 23.81
C GLY N 68 24.42 -71.95 22.44
N LEU N 69 23.65 -72.93 21.94
CA LEU N 69 23.97 -73.50 20.64
C LEU N 69 23.67 -72.54 19.50
N GLN N 70 22.89 -71.49 19.76
CA GLN N 70 22.46 -70.57 18.71
C GLN N 70 23.54 -69.56 18.33
N GLU N 71 24.45 -69.23 19.25
CA GLU N 71 25.42 -68.16 18.99
C GLU N 71 26.44 -68.56 17.94
N GLU N 72 27.03 -69.76 18.07
CA GLU N 72 28.16 -70.13 17.23
C GLU N 72 27.76 -70.32 15.77
N PHE N 73 26.49 -70.55 15.49
CA PHE N 73 26.02 -70.56 14.10
C PHE N 73 26.14 -69.17 13.49
N PHE N 74 25.79 -68.13 14.26
CA PHE N 74 25.87 -66.75 13.80
C PHE N 74 27.21 -66.10 14.14
N GLN N 75 27.90 -66.59 15.18
CA GLN N 75 29.23 -66.07 15.49
C GLN N 75 30.21 -66.42 14.38
N ARG N 76 30.10 -67.63 13.83
CA ARG N 76 30.91 -67.99 12.67
C ARG N 76 30.40 -67.31 11.41
N ALA N 77 29.14 -66.85 11.41
CA ALA N 77 28.64 -66.11 10.26
C ALA N 77 29.30 -64.75 10.15
N THR N 78 29.55 -64.10 11.29
CA THR N 78 30.06 -62.74 11.30
C THR N 78 31.57 -62.66 11.21
N ASP N 79 32.30 -63.69 11.66
CA ASP N 79 33.76 -63.57 11.84
C ASP N 79 34.49 -63.35 10.51
N ALA N 80 33.95 -63.84 9.41
CA ALA N 80 34.54 -63.59 8.11
C ALA N 80 34.17 -62.22 7.55
N VAL N 81 33.24 -61.52 8.19
CA VAL N 81 32.77 -60.23 7.69
C VAL N 81 32.74 -59.23 8.86
N SER N 82 33.35 -59.62 9.98
CA SER N 82 33.39 -58.76 11.16
C SER N 82 34.21 -57.51 10.92
N ARG N 83 35.33 -57.65 10.19
CA ARG N 83 36.15 -56.48 9.86
C ARG N 83 35.37 -55.56 8.92
N ARG N 84 35.54 -54.25 9.14
CA ARG N 84 34.85 -53.27 8.29
C ARG N 84 35.40 -53.29 6.88
N GLU N 85 36.65 -53.72 6.70
CA GLU N 85 37.20 -53.88 5.35
C GLU N 85 36.52 -55.03 4.62
N ALA N 86 36.26 -56.13 5.33
CA ALA N 86 35.58 -57.27 4.72
C ALA N 86 34.13 -56.97 4.46
N LEU N 87 33.52 -56.11 5.28
CA LEU N 87 32.10 -55.82 5.11
C LEU N 87 31.87 -54.77 4.03
N ASN N 88 32.74 -53.75 3.97
CA ASN N 88 32.63 -52.75 2.91
C ASN N 88 32.90 -53.36 1.55
N GLY N 89 33.84 -54.30 1.49
CA GLY N 89 34.08 -55.01 0.23
C GLY N 89 32.92 -55.89 -0.17
N PHE N 90 32.36 -56.64 0.79
CA PHE N 90 31.26 -57.56 0.48
C PHE N 90 30.01 -56.83 0.02
N VAL N 91 29.69 -55.71 0.66
CA VAL N 91 28.55 -54.90 0.23
C VAL N 91 28.81 -54.34 -1.16
N ALA N 92 30.04 -53.88 -1.42
CA ALA N 92 30.39 -53.41 -2.74
C ALA N 92 30.47 -54.56 -3.75
N LEU N 93 30.88 -55.74 -3.30
CA LEU N 93 30.92 -56.91 -4.19
C LEU N 93 29.52 -57.30 -4.62
N THR N 94 28.58 -57.36 -3.67
CA THR N 94 27.20 -57.62 -4.02
C THR N 94 26.54 -56.40 -4.63
N GLY N 95 27.15 -55.22 -4.44
CA GLY N 95 26.61 -54.01 -5.03
C GLY N 95 26.86 -53.92 -6.52
N VAL N 96 28.13 -53.86 -6.92
CA VAL N 96 28.48 -53.65 -8.32
C VAL N 96 28.07 -54.83 -9.18
N ALA N 97 28.16 -56.05 -8.65
CA ALA N 97 27.80 -57.23 -9.44
C ALA N 97 26.31 -57.30 -9.72
N SER N 98 25.48 -57.02 -8.71
CA SER N 98 24.03 -57.08 -8.92
C SER N 98 23.53 -55.89 -9.71
N ILE N 99 24.18 -54.73 -9.56
CA ILE N 99 23.86 -53.58 -10.41
C ILE N 99 24.22 -53.88 -11.86
N ALA N 100 25.38 -54.47 -12.10
CA ALA N 100 25.74 -54.89 -13.44
C ALA N 100 24.85 -56.02 -13.93
N LEU N 101 24.35 -56.86 -13.02
CA LEU N 101 23.40 -57.89 -13.40
C LEU N 101 22.08 -57.28 -13.86
N PHE N 102 21.63 -56.23 -13.19
CA PHE N 102 20.43 -55.51 -13.64
C PHE N 102 20.73 -54.76 -14.94
N GLY N 103 19.78 -54.83 -15.87
CA GLY N 103 19.98 -54.23 -17.17
C GLY N 103 20.57 -55.21 -18.17
N LEU N 104 21.73 -55.77 -17.83
CA LEU N 104 22.34 -56.79 -18.69
C LEU N 104 21.56 -58.09 -18.64
N LYS N 105 21.19 -58.53 -17.44
CA LYS N 105 20.43 -59.77 -17.27
C LYS N 105 19.19 -59.51 -16.42
N GLY N 106 19.28 -58.56 -15.51
CA GLY N 106 18.14 -58.25 -14.65
C GLY N 106 16.94 -57.71 -15.41
N ALA N 107 17.18 -56.83 -16.39
CA ALA N 107 16.12 -56.39 -17.28
C ALA N 107 15.87 -57.43 -18.35
N SER N 108 14.71 -57.32 -19.00
CA SER N 108 14.20 -58.16 -20.09
C SER N 108 13.80 -59.56 -19.63
N THR N 109 14.07 -59.92 -18.37
CA THR N 109 13.50 -61.12 -17.77
C THR N 109 12.30 -60.80 -16.91
N LEU N 110 12.31 -59.65 -16.25
CA LEU N 110 11.14 -59.10 -15.57
C LEU N 110 10.21 -58.37 -16.51
N GLU N 111 10.60 -58.22 -17.78
CA GLU N 111 9.89 -57.42 -18.78
C GLU N 111 9.70 -55.99 -18.30
N LEU N 112 10.80 -55.37 -17.87
CA LEU N 112 10.78 -53.95 -17.53
C LEU N 112 10.48 -53.13 -18.77
N PRO N 113 9.62 -52.12 -18.68
CA PRO N 113 9.25 -51.32 -19.86
C PRO N 113 10.31 -50.27 -20.22
N ILE N 114 11.56 -50.72 -20.31
CA ILE N 114 12.64 -49.90 -20.88
C ILE N 114 13.41 -50.63 -21.97
N THR N 115 13.47 -51.97 -21.95
CA THR N 115 14.16 -52.74 -22.98
C THR N 115 13.18 -53.56 -23.82
N LYS N 116 11.95 -53.07 -23.99
CA LYS N 116 10.92 -53.78 -24.73
C LYS N 116 10.75 -53.27 -26.15
N GLY N 117 10.81 -51.96 -26.35
CA GLY N 117 10.68 -51.38 -27.66
C GLY N 117 9.27 -50.88 -27.94
N PRO N 118 9.13 -50.02 -28.95
CA PRO N 118 7.83 -49.46 -29.29
C PRO N 118 7.10 -50.32 -30.33
N ARG N 119 5.81 -50.03 -30.47
CA ARG N 119 5.00 -50.71 -31.50
C ARG N 119 4.98 -49.85 -32.76
N MET N 120 4.32 -48.69 -32.70
CA MET N 120 4.57 -47.57 -33.61
C MET N 120 4.03 -46.30 -32.95
N GLU N 121 4.91 -45.54 -32.30
CA GLU N 121 4.51 -44.28 -31.69
C GLU N 121 5.56 -43.22 -32.00
N LYS N 122 5.09 -41.98 -32.20
CA LYS N 122 5.90 -40.76 -32.13
C LYS N 122 7.05 -40.77 -33.15
N THR N 123 6.67 -40.79 -34.43
CA THR N 123 7.59 -40.49 -35.51
C THR N 123 7.50 -39.03 -35.94
N GLU N 124 6.30 -38.48 -36.03
CA GLU N 124 6.08 -37.09 -36.40
C GLU N 124 5.97 -36.24 -35.15
N ASN N 125 6.26 -34.95 -35.28
CA ASN N 125 6.13 -34.00 -34.18
C ASN N 125 5.82 -32.62 -34.75
N GLY N 126 4.96 -31.90 -34.04
CA GLY N 126 4.58 -30.56 -34.45
C GLY N 126 3.13 -30.44 -34.88
N LYS N 127 2.28 -29.95 -33.98
CA LYS N 127 0.87 -29.78 -34.28
C LYS N 127 0.57 -28.51 -35.04
N GLY N 128 1.51 -27.57 -35.08
CA GLY N 128 1.33 -26.33 -35.81
C GLY N 128 1.92 -26.39 -37.20
N GLY N 129 2.05 -27.60 -37.73
CA GLY N 129 2.60 -27.78 -39.06
C GLY N 129 4.01 -28.34 -39.04
N ILE N 130 4.72 -28.08 -40.15
CA ILE N 130 6.13 -28.39 -40.40
C ILE N 130 6.39 -29.90 -40.44
N LEU N 131 5.82 -30.67 -39.51
CA LEU N 131 5.78 -32.14 -39.52
C LEU N 131 7.17 -32.76 -39.72
N ARG N 132 8.06 -32.49 -38.75
CA ARG N 132 9.41 -33.03 -38.84
C ARG N 132 9.43 -34.51 -38.53
N SER N 133 10.39 -35.20 -39.16
CA SER N 133 10.62 -36.64 -38.99
C SER N 133 9.38 -37.49 -39.28
N MET O 1 -9.27 28.08 17.79
CA MET O 1 -9.04 27.88 16.36
C MET O 1 -7.57 27.62 16.07
N LYS O 2 -6.69 28.32 16.81
CA LYS O 2 -5.25 28.16 16.65
C LYS O 2 -4.83 26.73 16.97
N ASP O 3 -5.36 26.19 18.07
CA ASP O 3 -4.98 24.84 18.50
C ASP O 3 -5.43 23.80 17.48
N PHE O 4 -6.61 23.99 16.88
CA PHE O 4 -7.08 23.05 15.86
C PHE O 4 -6.39 23.28 14.52
N THR O 5 -6.13 24.54 14.15
CA THR O 5 -5.50 24.80 12.86
C THR O 5 -4.02 24.45 12.86
N THR O 6 -3.41 24.29 14.03
CA THR O 6 -2.06 23.73 14.06
C THR O 6 -2.07 22.26 13.65
N TYR O 7 -3.07 21.51 14.12
CA TYR O 7 -3.27 20.13 13.64
C TYR O 7 -3.64 20.12 12.17
N LEU O 8 -4.43 21.11 11.74
CA LEU O 8 -4.85 21.17 10.34
C LEU O 8 -3.67 21.38 9.41
N SER O 9 -2.57 21.95 9.92
CA SER O 9 -1.41 22.26 9.10
C SER O 9 -0.42 21.12 9.00
N THR O 10 -0.60 20.03 9.74
CA THR O 10 0.33 18.92 9.66
C THR O 10 0.13 18.13 8.38
N ALA O 11 1.12 17.30 8.08
CA ALA O 11 1.32 16.59 6.81
C ALA O 11 0.15 15.71 6.33
N PRO O 12 -0.54 14.92 7.19
CA PRO O 12 -1.69 14.14 6.66
C PRO O 12 -2.78 14.97 6.01
N VAL O 13 -3.09 16.14 6.59
CA VAL O 13 -4.08 17.02 5.98
C VAL O 13 -3.53 17.63 4.70
N VAL O 14 -2.23 17.97 4.70
CA VAL O 14 -1.56 18.42 3.49
C VAL O 14 -1.50 17.28 2.49
N GLY O 15 -1.41 16.04 2.99
CA GLY O 15 -1.45 14.86 2.14
C GLY O 15 -2.82 14.66 1.51
N LEU O 16 -3.85 15.31 2.05
CA LEU O 16 -5.18 15.33 1.44
C LEU O 16 -5.41 16.55 0.57
N GLY O 17 -5.07 17.74 1.06
CA GLY O 17 -5.42 18.96 0.36
C GLY O 17 -4.81 19.06 -1.03
N TRP O 18 -3.50 18.76 -1.13
CA TRP O 18 -2.88 18.65 -2.44
C TRP O 18 -3.50 17.54 -3.26
N ALA O 19 -3.78 16.39 -2.61
CA ALA O 19 -4.35 15.26 -3.31
C ALA O 19 -5.75 15.57 -3.83
N ILE O 20 -6.60 16.16 -2.98
CA ILE O 20 -7.94 16.54 -3.41
C ILE O 20 -7.88 17.57 -4.53
N PHE O 21 -7.00 18.58 -4.38
CA PHE O 21 -6.92 19.64 -5.38
C PHE O 21 -6.47 19.10 -6.73
N THR O 22 -5.35 18.36 -6.76
CA THR O 22 -4.83 17.85 -8.03
C THR O 22 -5.76 16.81 -8.64
N SER O 23 -6.31 15.91 -7.81
CA SER O 23 -7.21 14.90 -8.30
C SER O 23 -8.46 15.53 -8.91
N GLY O 24 -9.10 16.46 -8.20
CA GLY O 24 -10.28 17.10 -8.72
C GLY O 24 -10.01 17.92 -9.96
N LEU O 25 -8.84 18.57 -10.02
CA LEU O 25 -8.44 19.31 -11.22
C LEU O 25 -8.36 18.38 -12.42
N LEU O 26 -7.72 17.21 -12.24
CA LEU O 26 -7.61 16.28 -13.36
C LEU O 26 -8.95 15.66 -13.72
N ILE O 27 -9.83 15.42 -12.74
CA ILE O 27 -11.18 14.94 -13.03
C ILE O 27 -11.95 15.96 -13.87
N GLU O 28 -11.89 17.24 -13.49
CA GLU O 28 -12.63 18.24 -14.25
C GLU O 28 -12.06 18.43 -15.65
N ILE O 29 -10.75 18.35 -15.82
CA ILE O 29 -10.16 18.44 -17.16
C ILE O 29 -10.57 17.24 -18.00
N ASN O 30 -10.50 16.03 -17.44
CA ASN O 30 -10.91 14.86 -18.19
C ASN O 30 -12.42 14.74 -18.37
N ARG O 31 -13.20 15.53 -17.64
CA ARG O 31 -14.66 15.50 -17.73
C ARG O 31 -15.18 16.50 -18.75
N PHE O 32 -14.88 17.79 -18.56
CA PHE O 32 -15.39 18.79 -19.48
C PHE O 32 -14.74 18.67 -20.86
N PHE O 33 -13.46 18.34 -20.89
CA PHE O 33 -12.81 18.10 -22.17
C PHE O 33 -12.71 16.60 -22.42
N PRO O 34 -12.80 16.13 -23.68
CA PRO O 34 -12.73 14.69 -23.94
C PRO O 34 -11.31 14.17 -23.80
N ASP O 35 -11.06 12.92 -24.18
CA ASP O 35 -9.74 12.30 -24.02
C ASP O 35 -8.87 12.59 -25.24
N PRO O 36 -7.85 13.47 -25.13
CA PRO O 36 -7.03 13.81 -26.28
C PRO O 36 -5.71 13.04 -26.32
N LEU O 37 -4.96 13.18 -27.41
CA LEU O 37 -3.66 12.54 -27.53
C LEU O 37 -2.61 13.54 -28.00
N VAL O 38 -3.02 14.55 -28.75
CA VAL O 38 -2.10 15.51 -29.37
C VAL O 38 -2.39 16.90 -28.83
N PHE O 39 -1.34 17.63 -28.48
CA PHE O 39 -1.44 19.03 -28.10
C PHE O 39 -1.32 19.93 -29.32
N SER O 40 -2.24 19.73 -30.26
CA SER O 40 -2.35 20.59 -31.44
C SER O 40 -3.38 21.69 -31.22
N PHE O 41 -3.24 22.42 -30.11
CA PHE O 41 -4.12 23.51 -29.70
C PHE O 41 -5.60 23.09 -29.65
N LYS P 44 -1.36 -35.35 49.75
CA LYS P 44 -1.21 -36.38 48.73
C LYS P 44 -1.58 -35.85 47.35
N PRO P 45 -0.63 -35.20 46.68
CA PRO P 45 -0.90 -34.63 45.35
C PRO P 45 -0.71 -35.59 44.18
N GLN P 46 0.00 -36.71 44.38
CA GLN P 46 0.39 -37.64 43.33
C GLN P 46 1.08 -36.91 42.17
N GLN P 47 2.25 -36.33 42.45
CA GLN P 47 2.98 -35.63 41.41
C GLN P 47 3.61 -36.64 40.46
N VAL P 48 2.82 -37.08 39.47
CA VAL P 48 3.28 -38.08 38.52
C VAL P 48 4.45 -37.53 37.70
N ILE P 49 4.34 -36.28 37.27
CA ILE P 49 5.34 -35.66 36.42
C ILE P 49 6.46 -35.11 37.30
N GLN P 50 7.63 -35.71 37.21
CA GLN P 50 8.79 -35.30 38.00
C GLN P 50 10.03 -35.42 37.12
N PRO P 51 11.09 -34.69 37.43
CA PRO P 51 12.34 -34.84 36.67
C PRO P 51 13.02 -36.17 36.97
N ILE P 52 13.94 -36.55 36.08
CA ILE P 52 14.63 -37.83 36.20
C ILE P 52 15.63 -37.78 37.35
N ASN P 53 15.60 -38.82 38.19
CA ASN P 53 16.47 -38.96 39.36
C ASN P 53 16.33 -37.79 40.31
N GLY P 54 15.15 -37.15 40.28
CA GLY P 54 14.93 -35.92 41.02
C GLY P 54 15.79 -34.75 40.57
N ASP P 55 16.26 -34.76 39.32
CA ASP P 55 17.19 -33.73 38.85
C ASP P 55 16.48 -32.84 37.82
N PRO P 56 16.04 -31.64 38.20
CA PRO P 56 15.33 -30.77 37.27
C PRO P 56 16.21 -29.99 36.31
N PHE P 57 17.46 -30.40 36.13
CA PHE P 57 18.42 -29.59 35.41
C PHE P 57 18.69 -30.12 34.00
N VAL P 58 18.54 -31.43 33.82
CA VAL P 58 18.81 -32.12 32.55
C VAL P 58 17.57 -32.20 31.67
N GLY P 59 17.72 -32.80 30.48
CA GLY P 59 16.68 -32.90 29.47
C GLY P 59 15.38 -33.60 29.83
N MET P 60 15.40 -34.92 30.07
CA MET P 60 14.19 -35.65 30.47
C MET P 60 13.60 -35.18 31.77
N LEU P 61 12.30 -35.41 31.88
CA LEU P 61 11.57 -35.51 33.13
C LEU P 61 10.87 -36.86 33.13
N GLU P 62 10.91 -37.57 34.26
CA GLU P 62 10.30 -38.89 34.33
C GLU P 62 8.79 -38.77 34.15
N THR P 63 8.30 -39.36 33.08
CA THR P 63 6.93 -39.28 32.62
C THR P 63 6.38 -40.68 32.47
N PRO P 64 5.06 -40.86 32.55
CA PRO P 64 4.48 -42.21 32.42
C PRO P 64 4.73 -42.86 31.07
N VAL P 65 5.06 -42.09 30.02
CA VAL P 65 5.53 -42.70 28.79
C VAL P 65 6.88 -43.37 29.01
N THR P 66 7.71 -42.78 29.87
CA THR P 66 9.04 -43.34 30.16
C THR P 66 9.04 -44.22 31.41
N SER P 67 8.34 -43.81 32.46
CA SER P 67 8.42 -44.45 33.76
C SER P 67 7.49 -45.64 33.93
N ALA P 68 6.73 -45.99 32.89
CA ALA P 68 5.85 -47.15 32.97
C ALA P 68 6.68 -48.42 33.09
N PRO P 69 6.36 -49.32 34.02
CA PRO P 69 7.13 -50.56 34.14
C PRO P 69 7.08 -51.44 32.89
N ILE P 70 5.93 -51.45 32.20
CA ILE P 70 5.81 -52.24 30.98
C ILE P 70 6.69 -51.66 29.88
N VAL P 71 6.68 -50.33 29.72
CA VAL P 71 7.49 -49.69 28.68
C VAL P 71 8.98 -49.82 29.01
N ALA P 72 9.35 -49.62 30.28
CA ALA P 72 10.76 -49.75 30.67
C ALA P 72 11.25 -51.18 30.50
N ASN P 73 10.42 -52.16 30.86
CA ASN P 73 10.80 -53.56 30.68
C ASN P 73 10.89 -53.95 29.22
N TYR P 74 10.00 -53.41 28.38
CA TYR P 74 10.04 -53.73 26.95
C TYR P 74 11.25 -53.09 26.27
N LEU P 75 11.57 -51.84 26.63
CA LEU P 75 12.73 -51.17 26.05
C LEU P 75 14.05 -51.75 26.55
N SER P 76 14.12 -52.10 27.83
CA SER P 76 15.36 -52.67 28.37
C SER P 76 15.62 -54.08 27.84
N ASN P 77 14.56 -54.77 27.39
CA ASN P 77 14.71 -56.10 26.82
C ASN P 77 14.88 -56.09 25.31
N LEU P 78 14.86 -54.91 24.69
CA LEU P 78 15.18 -54.82 23.28
C LEU P 78 16.66 -55.10 23.05
N PRO P 79 17.02 -55.68 21.90
CA PRO P 79 18.42 -56.09 21.69
C PRO P 79 19.43 -54.95 21.74
N ALA P 80 19.04 -53.74 21.32
CA ALA P 80 19.99 -52.63 21.30
C ALA P 80 20.39 -52.16 22.69
N TYR P 81 19.69 -52.61 23.73
CA TYR P 81 20.00 -52.21 25.10
C TYR P 81 20.50 -53.37 25.94
N ARG P 82 20.81 -54.51 25.32
CA ARG P 82 21.41 -55.65 26.01
C ARG P 82 22.92 -55.47 25.95
N THR P 83 23.47 -54.78 26.95
CA THR P 83 24.86 -54.35 26.90
C THR P 83 25.82 -55.52 27.05
N GLY P 84 25.46 -56.54 27.83
CA GLY P 84 26.34 -57.68 28.02
C GLY P 84 26.43 -58.59 26.82
N VAL P 85 25.46 -58.52 25.92
CA VAL P 85 25.45 -59.37 24.73
C VAL P 85 26.38 -58.76 23.67
N ALA P 86 27.04 -59.63 22.92
CA ALA P 86 27.97 -59.20 21.87
C ALA P 86 27.22 -58.41 20.79
N PRO P 87 27.86 -57.38 20.21
CA PRO P 87 27.15 -56.55 19.22
C PRO P 87 26.76 -57.28 17.95
N ASN P 88 27.48 -58.36 17.59
CA ASN P 88 27.06 -59.14 16.43
C ASN P 88 25.76 -59.88 16.70
N LEU P 89 25.57 -60.37 17.93
CA LEU P 89 24.32 -61.01 18.30
C LEU P 89 23.19 -59.99 18.41
N ARG P 90 23.52 -58.74 18.77
CA ARG P 90 22.55 -57.64 18.65
C ARG P 90 22.13 -57.46 17.20
N GLY P 91 23.12 -57.34 16.31
CA GLY P 91 22.85 -57.06 14.92
C GLY P 91 22.10 -58.17 14.22
N VAL P 92 22.30 -59.41 14.64
CA VAL P 92 21.58 -60.53 14.03
C VAL P 92 20.07 -60.37 14.23
N GLU P 93 19.64 -60.12 15.47
CA GLU P 93 18.21 -59.96 15.74
C GLU P 93 17.67 -58.67 15.13
N ILE P 94 18.43 -57.58 15.22
CA ILE P 94 17.97 -56.30 14.67
C ILE P 94 17.81 -56.38 13.16
N GLY P 95 18.81 -56.94 12.48
CA GLY P 95 18.73 -57.10 11.04
C GLY P 95 17.66 -58.07 10.60
N LEU P 96 17.45 -59.14 11.38
CA LEU P 96 16.38 -60.09 11.07
C LEU P 96 15.02 -59.41 11.12
N ALA P 97 14.76 -58.66 12.20
CA ALA P 97 13.47 -57.97 12.33
C ALA P 97 13.29 -56.93 11.23
N HIS P 98 14.33 -56.12 10.97
CA HIS P 98 14.18 -55.04 10.00
C HIS P 98 14.11 -55.57 8.57
N GLY P 99 14.86 -56.62 8.24
CA GLY P 99 14.76 -57.20 6.92
C GLY P 99 13.48 -57.99 6.70
N PHE P 100 12.89 -58.50 7.78
CA PHE P 100 11.59 -59.14 7.64
C PHE P 100 10.49 -58.10 7.42
N LEU P 101 10.60 -56.94 8.10
CA LEU P 101 9.57 -55.92 7.89
C LEU P 101 9.75 -55.17 6.57
N LEU P 102 10.98 -54.98 6.10
CA LEU P 102 11.21 -54.16 4.91
C LEU P 102 10.82 -54.86 3.62
N ALA P 103 10.59 -56.17 3.64
CA ALA P 103 10.22 -56.88 2.42
C ALA P 103 8.78 -56.57 2.02
N GLY P 104 7.91 -56.34 3.01
CA GLY P 104 6.49 -56.20 2.79
C GLY P 104 6.04 -55.10 1.83
N PRO P 105 6.43 -53.84 2.10
CA PRO P 105 6.06 -52.75 1.17
C PRO P 105 6.60 -52.92 -0.23
N PHE P 106 7.77 -53.57 -0.40
CA PHE P 106 8.32 -53.74 -1.73
C PHE P 106 7.51 -54.76 -2.54
N ILE P 107 7.06 -55.84 -1.91
CA ILE P 107 6.22 -56.82 -2.60
C ILE P 107 4.84 -56.23 -2.85
N LYS P 108 4.26 -55.57 -1.86
CA LYS P 108 2.86 -55.16 -1.97
C LYS P 108 2.67 -53.97 -2.89
N LEU P 109 3.59 -53.00 -2.86
CA LEU P 109 3.42 -51.77 -3.62
C LEU P 109 4.51 -51.56 -4.67
N GLY P 110 5.17 -52.65 -5.09
CA GLY P 110 6.22 -52.55 -6.09
C GLY P 110 5.66 -52.28 -7.48
N PRO P 111 6.54 -51.92 -8.41
CA PRO P 111 6.09 -51.68 -9.80
C PRO P 111 5.52 -52.91 -10.47
N LEU P 112 5.98 -54.11 -10.10
CA LEU P 112 5.49 -55.35 -10.68
C LEU P 112 4.52 -56.07 -9.76
N ARG P 113 3.77 -55.33 -8.94
CA ARG P 113 2.85 -55.96 -7.99
C ARG P 113 1.69 -56.65 -8.69
N ASP P 114 1.30 -56.19 -9.88
CA ASP P 114 0.19 -56.79 -10.59
C ASP P 114 0.61 -58.06 -11.34
N VAL P 115 1.90 -58.29 -11.52
CA VAL P 115 2.38 -59.50 -12.19
C VAL P 115 2.43 -60.62 -11.15
N PRO P 116 1.69 -61.72 -11.36
CA PRO P 116 1.67 -62.79 -10.36
C PRO P 116 2.94 -63.63 -10.42
N GLY P 117 3.42 -64.06 -9.25
CA GLY P 117 4.58 -64.91 -9.14
C GLY P 117 5.91 -64.18 -9.15
N THR P 118 5.99 -63.01 -9.80
CA THR P 118 7.24 -62.27 -9.89
C THR P 118 7.35 -61.11 -8.90
N ALA P 119 6.22 -60.63 -8.38
CA ALA P 119 6.27 -59.56 -7.39
C ALA P 119 6.95 -60.02 -6.11
N GLU P 120 6.69 -61.27 -5.71
CA GLU P 120 7.24 -61.80 -4.46
C GLU P 120 8.74 -62.04 -4.54
N VAL P 121 9.32 -62.08 -5.73
CA VAL P 121 10.78 -62.19 -5.84
C VAL P 121 11.42 -60.81 -6.02
N VAL P 122 10.74 -59.91 -6.73
CA VAL P 122 11.29 -58.57 -6.98
C VAL P 122 11.30 -57.76 -5.69
N GLY P 123 10.21 -57.85 -4.92
CA GLY P 123 10.17 -57.18 -3.63
C GLY P 123 11.25 -57.68 -2.69
N CYS P 124 11.51 -58.99 -2.71
CA CYS P 124 12.50 -59.56 -1.79
C CYS P 124 13.91 -59.17 -2.18
N MET P 125 14.25 -59.22 -3.47
CA MET P 125 15.61 -58.79 -3.84
C MET P 125 15.79 -57.29 -3.71
N SER P 126 14.75 -56.49 -3.91
CA SER P 126 14.88 -55.06 -3.63
C SER P 126 15.03 -54.80 -2.13
N ALA P 127 14.35 -55.57 -1.29
CA ALA P 127 14.55 -55.46 0.15
C ALA P 127 15.97 -55.85 0.53
N ALA P 128 16.52 -56.88 -0.11
CA ALA P 128 17.90 -57.27 0.16
C ALA P 128 18.88 -56.18 -0.27
N GLY P 129 18.61 -55.53 -1.41
CA GLY P 129 19.43 -54.40 -1.81
C GLY P 129 19.34 -53.23 -0.83
N LEU P 130 18.15 -52.97 -0.30
CA LEU P 130 17.99 -51.93 0.71
C LEU P 130 18.75 -52.29 1.99
N VAL P 131 18.72 -53.57 2.37
CA VAL P 131 19.49 -54.02 3.53
C VAL P 131 20.99 -53.83 3.30
N LEU P 132 21.45 -54.11 2.08
CA LEU P 132 22.87 -53.88 1.76
C LEU P 132 23.23 -52.40 1.83
N ILE P 133 22.33 -51.53 1.35
CA ILE P 133 22.57 -50.09 1.43
C ILE P 133 22.63 -49.63 2.88
N LEU P 134 21.71 -50.12 3.71
CA LEU P 134 21.72 -49.77 5.13
C LEU P 134 22.94 -50.35 5.84
N ALA P 135 23.43 -51.51 5.41
CA ALA P 135 24.65 -52.06 5.98
C ALA P 135 25.87 -51.21 5.61
N LEU P 136 25.91 -50.73 4.37
CA LEU P 136 26.99 -49.84 3.95
C LEU P 136 26.99 -48.55 4.76
N CYS P 137 25.80 -47.96 4.95
CA CYS P 137 25.71 -46.74 5.74
C CYS P 137 26.02 -46.99 7.21
N LEU P 138 25.66 -48.18 7.72
CA LEU P 138 26.01 -48.55 9.09
C LEU P 138 27.52 -48.68 9.27
N SER P 139 28.19 -49.30 8.29
CA SER P 139 29.65 -49.40 8.35
C SER P 139 30.31 -48.03 8.25
N LEU P 140 29.75 -47.14 7.42
CA LEU P 140 30.29 -45.79 7.32
C LEU P 140 30.11 -45.03 8.63
N TYR P 141 28.97 -45.21 9.30
CA TYR P 141 28.78 -44.60 10.61
C TYR P 141 29.75 -45.17 11.64
N GLY P 142 30.00 -46.48 11.56
CA GLY P 142 30.96 -47.08 12.49
C GLY P 142 32.37 -46.57 12.28
N ASN P 143 32.75 -46.32 11.03
CA ASN P 143 34.02 -45.67 10.75
C ASN P 143 34.04 -44.24 11.29
N ALA P 144 32.94 -43.50 11.08
CA ALA P 144 32.93 -42.08 11.38
C ALA P 144 32.92 -41.80 12.88
N ALA P 145 32.02 -42.46 13.61
CA ALA P 145 31.76 -42.09 15.00
C ALA P 145 32.69 -42.73 15.99
N PHE P 146 33.53 -43.68 15.57
CA PHE P 146 34.40 -44.40 16.49
C PHE P 146 35.84 -44.35 16.02
N GLN P 147 36.22 -43.25 15.36
CA GLN P 147 37.62 -42.97 15.10
C GLN P 147 38.33 -42.41 16.33
N ASN P 148 37.57 -41.94 17.31
CA ASN P 148 38.09 -41.50 18.60
C ASN P 148 37.74 -42.55 19.65
N GLN P 149 38.05 -42.24 20.90
CA GLN P 149 37.76 -43.12 22.02
C GLN P 149 36.90 -42.39 23.05
N PRO P 150 35.75 -42.95 23.44
CA PRO P 150 34.99 -42.33 24.52
C PRO P 150 35.69 -42.51 25.86
N SER P 151 35.49 -41.53 26.73
CA SER P 151 36.15 -41.50 28.03
C SER P 151 35.18 -41.45 29.20
N MET P 152 33.89 -41.29 28.94
CA MET P 152 32.90 -41.08 29.98
C MET P 152 31.82 -42.15 29.90
N GLY P 153 31.50 -42.74 31.05
CA GLY P 153 30.59 -43.87 31.08
C GLY P 153 29.14 -43.47 30.96
N LYS P 154 28.28 -44.49 31.01
CA LYS P 154 26.85 -44.27 30.83
C LYS P 154 26.09 -44.10 32.14
N LYS P 155 26.57 -44.69 33.23
CA LYS P 155 26.03 -44.51 34.58
C LYS P 155 24.55 -44.87 34.66
N THR P 156 24.25 -46.18 34.62
CA THR P 156 22.91 -46.68 34.90
C THR P 156 22.41 -46.21 36.26
N LEU P 157 21.10 -46.32 36.49
CA LEU P 157 20.47 -45.74 37.67
C LEU P 157 20.99 -46.38 38.94
N SER P 158 21.22 -45.53 39.96
CA SER P 158 21.85 -45.91 41.23
C SER P 158 23.24 -46.53 41.00
N GLY P 159 23.98 -45.99 40.04
CA GLY P 159 25.35 -46.41 39.82
C GLY P 159 25.52 -47.72 39.06
N ARG P 160 26.37 -48.59 39.61
CA ARG P 160 26.80 -49.83 38.98
C ARG P 160 26.97 -49.83 37.45
N PRO P 161 27.90 -49.03 36.91
CA PRO P 161 28.14 -49.06 35.47
C PRO P 161 29.24 -50.05 35.08
N LEU P 162 29.03 -50.69 33.93
CA LEU P 162 30.06 -51.56 33.38
C LEU P 162 31.17 -50.70 32.76
N PRO P 163 32.39 -51.27 32.59
CA PRO P 163 33.50 -50.52 31.98
C PRO P 163 33.20 -49.84 30.66
N GLN P 164 32.75 -50.59 29.66
CA GLN P 164 32.50 -50.01 28.36
C GLN P 164 31.53 -50.89 27.57
N ASP P 165 30.57 -50.25 26.92
CA ASP P 165 29.71 -50.93 25.96
C ASP P 165 30.54 -51.35 24.76
N PRO P 166 30.58 -52.64 24.41
CA PRO P 166 31.27 -53.05 23.17
C PRO P 166 30.62 -52.49 21.92
N LEU P 167 29.35 -52.07 21.99
CA LEU P 167 28.71 -51.45 20.83
C LEU P 167 29.30 -50.09 20.54
N MET P 168 29.73 -49.36 21.58
CA MET P 168 30.34 -48.04 21.44
C MET P 168 31.80 -48.08 20.96
N SER P 169 32.29 -49.20 20.46
CA SER P 169 33.65 -49.30 19.96
C SER P 169 33.65 -49.41 18.44
N GLU P 170 34.85 -49.34 17.86
CA GLU P 170 34.98 -49.39 16.41
C GLU P 170 34.75 -50.80 15.88
N GLU P 171 35.56 -51.76 16.35
CA GLU P 171 35.39 -53.14 15.91
C GLU P 171 34.09 -53.74 16.44
N GLY P 172 33.60 -53.25 17.58
CA GLY P 172 32.31 -53.70 18.06
C GLY P 172 31.16 -53.27 17.16
N TRP P 173 31.19 -52.02 16.69
CA TRP P 173 30.17 -51.56 15.77
C TRP P 173 30.34 -52.20 14.39
N ALA P 174 31.58 -52.54 14.00
CA ALA P 174 31.79 -53.29 12.77
C ALA P 174 31.16 -54.68 12.86
N LYS P 175 31.35 -55.35 14.00
CA LYS P 175 30.69 -56.64 14.23
C LYS P 175 29.17 -56.49 14.27
N PHE P 176 28.69 -55.38 14.83
CA PHE P 176 27.25 -55.11 14.86
C PHE P 176 26.69 -54.94 13.45
N ALA P 177 27.40 -54.22 12.59
CA ALA P 177 26.95 -54.05 11.21
C ALA P 177 27.04 -55.35 10.43
N ALA P 178 28.05 -56.18 10.72
CA ALA P 178 28.12 -57.51 10.12
C ALA P 178 26.93 -58.37 10.53
N GLY P 179 26.60 -58.37 11.82
CA GLY P 179 25.41 -59.07 12.26
C GLY P 179 24.14 -58.50 11.65
N PHE P 180 24.12 -57.18 11.44
CA PHE P 180 22.95 -56.54 10.83
C PHE P 180 22.76 -57.00 9.39
N THR P 181 23.83 -57.06 8.60
CA THR P 181 23.65 -57.47 7.20
C THR P 181 23.37 -58.97 7.09
N VAL P 182 23.97 -59.80 7.95
CA VAL P 182 23.64 -61.22 7.94
C VAL P 182 22.19 -61.45 8.34
N GLY P 183 21.75 -60.75 9.39
CA GLY P 183 20.36 -60.86 9.81
C GLY P 183 19.38 -60.35 8.78
N GLY P 184 19.74 -59.25 8.10
CA GLY P 184 18.87 -58.73 7.07
C GLY P 184 18.75 -59.67 5.87
N LEU P 185 19.86 -60.26 5.44
CA LEU P 185 19.81 -61.21 4.34
C LEU P 185 18.99 -62.45 4.72
N SER P 186 19.19 -62.97 5.94
CA SER P 186 18.43 -64.13 6.37
C SER P 186 16.95 -63.82 6.54
N GLY P 187 16.62 -62.62 7.03
CA GLY P 187 15.23 -62.22 7.14
C GLY P 187 14.56 -62.02 5.79
N VAL P 188 15.31 -61.49 4.82
CA VAL P 188 14.79 -61.33 3.47
C VAL P 188 14.51 -62.71 2.85
N ALA P 189 15.43 -63.66 3.04
CA ALA P 189 15.22 -65.01 2.52
C ALA P 189 14.05 -65.70 3.23
N TRP P 190 13.89 -65.44 4.53
CA TRP P 190 12.78 -66.05 5.27
C TRP P 190 11.44 -65.48 4.82
N ALA P 191 11.37 -64.16 4.61
CA ALA P 191 10.15 -63.56 4.09
C ALA P 191 9.89 -64.01 2.65
N TYR P 192 10.95 -64.35 1.92
CA TYR P 192 10.77 -64.92 0.59
C TYR P 192 10.14 -66.31 0.65
N ILE P 193 10.64 -67.19 1.52
CA ILE P 193 10.11 -68.54 1.56
C ILE P 193 8.75 -68.57 2.24
N LEU P 194 8.46 -67.57 3.08
CA LEU P 194 7.11 -67.45 3.64
C LEU P 194 6.10 -66.99 2.61
N THR P 195 6.55 -66.38 1.52
CA THR P 195 5.66 -66.04 0.41
C THR P 195 5.50 -67.18 -0.57
N GLN P 196 6.28 -68.25 -0.44
CA GLN P 196 6.16 -69.43 -1.29
C GLN P 196 5.25 -70.48 -0.66
N ILE P 197 5.54 -70.90 0.57
CA ILE P 197 4.63 -71.75 1.32
C ILE P 197 3.77 -70.87 2.22
N LEU P 198 2.45 -71.10 2.17
CA LEU P 198 1.49 -70.21 2.80
C LEU P 198 0.11 -70.87 2.89
N PRO P 199 -0.61 -70.68 3.99
CA PRO P 199 -2.03 -71.02 4.00
C PRO P 199 -2.93 -69.83 3.73
N TYR P 200 -2.36 -68.63 3.73
CA TYR P 200 -3.15 -67.39 3.68
C TYR P 200 -2.36 -66.31 2.96
N TYR P 201 -2.97 -65.70 1.94
CA TYR P 201 -2.48 -64.51 1.27
C TYR P 201 -1.08 -64.69 0.67
N SER P 202 -0.07 -64.14 1.35
CA SER P 202 1.31 -64.24 0.88
C SER P 202 2.25 -64.53 2.03
N ASN Q 42 10.35 -45.79 39.76
CA ASN Q 42 9.56 -44.58 39.97
C ASN Q 42 8.15 -44.88 40.45
N TRP Q 43 8.04 -45.52 41.63
CA TRP Q 43 6.76 -45.78 42.31
C TRP Q 43 5.77 -46.44 41.36
N LEU Q 44 6.02 -47.71 41.01
CA LEU Q 44 5.39 -48.38 39.86
C LEU Q 44 3.86 -48.49 39.94
N ARG Q 45 3.26 -47.92 40.98
CA ARG Q 45 1.82 -47.77 41.17
C ARG Q 45 1.20 -46.72 40.23
N VAL Q 46 2.00 -46.05 39.39
CA VAL Q 46 1.48 -45.09 38.42
C VAL Q 46 0.45 -45.75 37.52
N ASP Q 47 -0.65 -45.03 37.26
CA ASP Q 47 -1.91 -45.55 36.73
C ASP Q 47 -2.33 -46.74 37.57
N PRO Q 48 -2.84 -46.51 38.79
CA PRO Q 48 -3.05 -47.61 39.75
C PRO Q 48 -4.10 -48.60 39.27
N ILE Q 49 -3.65 -49.84 39.07
CA ILE Q 49 -4.52 -50.91 38.58
C ILE Q 49 -5.27 -51.44 39.79
N VAL Q 50 -6.50 -50.97 39.96
CA VAL Q 50 -7.38 -51.40 41.05
C VAL Q 50 -8.62 -52.03 40.42
N PRO Q 51 -9.05 -53.22 40.89
CA PRO Q 51 -10.23 -53.86 40.28
C PRO Q 51 -11.54 -53.16 40.60
N ALA Q 52 -11.55 -52.15 41.47
CA ALA Q 52 -12.79 -51.44 41.78
C ALA Q 52 -13.31 -50.62 40.61
N ILE Q 53 -12.41 -50.06 39.79
CA ILE Q 53 -12.85 -49.26 38.64
C ILE Q 53 -13.22 -50.12 37.43
N SER Q 54 -12.97 -51.43 37.48
CA SER Q 54 -13.53 -52.32 36.47
C SER Q 54 -14.98 -52.67 36.75
N PHE Q 55 -15.47 -52.39 37.96
CA PHE Q 55 -16.88 -52.61 38.26
C PHE Q 55 -17.76 -51.59 37.55
N VAL Q 56 -17.25 -50.37 37.36
CA VAL Q 56 -18.03 -49.32 36.70
C VAL Q 56 -18.18 -49.59 35.22
N GLY Q 57 -17.35 -50.47 34.65
CA GLY Q 57 -17.55 -50.91 33.29
C GLY Q 57 -18.68 -51.89 33.11
N TRP Q 58 -19.22 -52.42 34.21
CA TRP Q 58 -20.37 -53.32 34.16
C TRP Q 58 -21.70 -52.60 34.38
N THR Q 59 -21.68 -51.36 34.87
CA THR Q 59 -22.92 -50.63 35.08
C THR Q 59 -23.50 -50.08 33.77
N LEU Q 60 -22.64 -49.66 32.85
CA LEU Q 60 -23.13 -49.15 31.56
C LEU Q 60 -23.87 -50.18 30.72
N PRO Q 61 -23.44 -51.45 30.59
CA PRO Q 61 -24.33 -52.43 29.93
C PRO Q 61 -25.62 -52.68 30.67
N SER Q 62 -25.66 -52.40 31.99
CA SER Q 62 -26.91 -52.49 32.73
C SER Q 62 -27.74 -51.21 32.56
N ASN Q 63 -27.08 -50.07 32.43
CA ASN Q 63 -27.81 -48.80 32.32
C ASN Q 63 -28.36 -48.61 30.91
N ILE Q 64 -27.48 -48.62 29.90
CA ILE Q 64 -27.91 -48.45 28.52
C ILE Q 64 -28.72 -49.65 28.05
N GLY Q 65 -28.24 -50.86 28.34
CA GLY Q 65 -28.96 -52.05 27.95
C GLY Q 65 -30.25 -52.23 28.72
N THR Q 66 -31.15 -53.02 28.11
CA THR Q 66 -32.52 -53.33 28.54
C THR Q 66 -33.26 -52.14 29.16
N SER Q 67 -33.09 -50.96 28.57
CA SER Q 67 -33.71 -49.73 29.03
C SER Q 67 -34.69 -49.15 28.02
N ALA Q 68 -35.36 -50.03 27.27
CA ALA Q 68 -36.39 -49.69 26.29
C ALA Q 68 -35.89 -48.71 25.22
N LEU Q 69 -36.43 -47.50 25.23
CA LEU Q 69 -36.15 -46.42 24.26
C LEU Q 69 -36.48 -46.94 22.86
N ASN Q 70 -35.75 -46.48 21.84
CA ASN Q 70 -36.01 -46.89 20.47
C ASN Q 70 -35.56 -48.33 20.26
N GLY Q 71 -36.43 -49.12 19.64
CA GLY Q 71 -36.13 -50.52 19.41
C GLY Q 71 -36.11 -51.33 20.69
N GLN Q 72 -34.94 -51.82 21.07
CA GLN Q 72 -34.77 -52.56 22.31
C GLN Q 72 -33.82 -51.89 23.28
N SER Q 73 -32.65 -51.44 22.82
CA SER Q 73 -31.63 -50.73 23.57
C SER Q 73 -30.54 -50.33 22.60
N LEU Q 74 -29.72 -49.36 23.01
CA LEU Q 74 -28.51 -49.06 22.24
C LEU Q 74 -27.52 -50.19 22.36
N PHE Q 75 -27.32 -50.72 23.56
CA PHE Q 75 -26.47 -51.90 23.73
C PHE Q 75 -27.11 -53.14 23.13
N GLY Q 76 -28.45 -53.21 23.14
CA GLY Q 76 -29.12 -54.31 22.44
C GLY Q 76 -28.94 -54.25 20.94
N ALA Q 77 -29.02 -53.05 20.37
CA ALA Q 77 -28.74 -52.88 18.95
C ALA Q 77 -27.29 -53.19 18.64
N PHE Q 78 -26.37 -52.84 19.54
CA PHE Q 78 -24.97 -53.18 19.38
C PHE Q 78 -24.76 -54.70 19.42
N TYR Q 79 -25.49 -55.39 20.30
CA TYR Q 79 -25.43 -56.84 20.37
C TYR Q 79 -25.95 -57.47 19.09
N GLU Q 80 -27.06 -56.94 18.55
CA GLU Q 80 -27.58 -57.45 17.29
C GLU Q 80 -26.60 -57.18 16.14
N SER Q 81 -25.92 -56.04 16.20
CA SER Q 81 -24.99 -55.69 15.13
C SER Q 81 -23.75 -56.57 15.14
N ILE Q 82 -23.18 -56.80 16.33
CA ILE Q 82 -22.06 -57.74 16.43
C ILE Q 82 -22.52 -59.16 16.15
N GLY Q 83 -23.80 -59.47 16.37
CA GLY Q 83 -24.32 -60.76 15.98
C GLY Q 83 -24.34 -60.97 14.47
N GLN Q 84 -24.86 -59.99 13.73
CA GLN Q 84 -24.93 -60.20 12.28
C GLN Q 84 -23.59 -59.94 11.58
N ASN Q 85 -22.69 -59.18 12.22
CA ASN Q 85 -21.38 -58.94 11.62
C ASN Q 85 -20.48 -60.17 11.65
N LEU Q 86 -20.70 -61.09 12.60
CA LEU Q 86 -19.88 -62.28 12.70
C LEU Q 86 -20.17 -63.31 11.62
N ALA Q 87 -21.26 -63.14 10.86
CA ALA Q 87 -21.56 -64.08 9.79
C ALA Q 87 -20.57 -63.96 8.64
N HIS Q 88 -20.24 -62.73 8.23
CA HIS Q 88 -19.30 -62.49 7.14
C HIS Q 88 -17.91 -62.25 7.73
N TRP Q 89 -17.33 -63.33 8.26
CA TRP Q 89 -15.99 -63.32 8.84
C TRP Q 89 -14.87 -62.96 7.84
N PRO Q 90 -14.82 -63.50 6.61
CA PRO Q 90 -13.74 -63.06 5.69
C PRO Q 90 -13.79 -61.58 5.35
N THR Q 91 -14.98 -60.99 5.28
CA THR Q 91 -15.13 -59.57 5.02
C THR Q 91 -15.30 -58.83 6.34
N GLY Q 92 -15.63 -57.54 6.26
CA GLY Q 92 -15.92 -56.74 7.43
C GLY Q 92 -17.20 -55.96 7.25
N PRO Q 93 -17.53 -55.12 8.22
CA PRO Q 93 -18.70 -54.23 8.06
C PRO Q 93 -18.45 -53.23 6.94
N ALA Q 94 -19.52 -52.86 6.25
CA ALA Q 94 -19.43 -51.97 5.10
C ALA Q 94 -19.70 -50.53 5.52
N LEU Q 95 -19.62 -49.62 4.55
CA LEU Q 95 -19.87 -48.20 4.82
C LEU Q 95 -21.33 -47.95 5.17
N ASP Q 96 -22.25 -48.69 4.55
CA ASP Q 96 -23.67 -48.49 4.80
C ASP Q 96 -24.13 -49.15 6.10
N ASP Q 97 -23.27 -49.93 6.75
CA ASP Q 97 -23.65 -50.63 7.98
C ASP Q 97 -23.82 -49.66 9.13
N LYS Q 98 -24.70 -50.02 10.05
CA LYS Q 98 -25.00 -49.21 11.23
C LYS Q 98 -24.14 -49.59 12.43
N PHE Q 99 -23.22 -50.55 12.25
CA PHE Q 99 -22.43 -51.07 13.36
C PHE Q 99 -21.51 -50.02 13.95
N TRP Q 100 -20.91 -49.18 13.10
CA TRP Q 100 -19.93 -48.20 13.56
C TRP Q 100 -20.56 -47.16 14.47
N LEU Q 101 -21.81 -46.76 14.21
CA LEU Q 101 -22.48 -45.76 15.04
C LEU Q 101 -22.66 -46.27 16.47
N TYR Q 102 -23.23 -47.47 16.62
CA TYR Q 102 -23.41 -48.03 17.95
C TYR Q 102 -22.08 -48.29 18.63
N MET Q 103 -21.09 -48.80 17.88
CA MET Q 103 -19.79 -49.09 18.47
C MET Q 103 -19.12 -47.82 18.99
N VAL Q 104 -19.10 -46.77 18.18
CA VAL Q 104 -18.44 -45.52 18.58
C VAL Q 104 -19.18 -44.87 19.74
N THR Q 105 -20.51 -44.78 19.66
CA THR Q 105 -21.26 -44.12 20.73
C THR Q 105 -21.12 -44.86 22.05
N TRP Q 106 -21.24 -46.19 22.01
CA TRP Q 106 -21.11 -47.00 23.22
C TRP Q 106 -19.70 -46.92 23.78
N HIS Q 107 -18.68 -46.88 22.92
CA HIS Q 107 -17.31 -46.89 23.42
C HIS Q 107 -16.87 -45.53 23.97
N THR Q 108 -17.33 -44.42 23.37
CA THR Q 108 -17.06 -43.14 24.03
C THR Q 108 -17.85 -42.99 25.32
N GLY Q 109 -19.07 -43.52 25.40
CA GLY Q 109 -19.77 -43.55 26.68
C GLY Q 109 -19.01 -44.34 27.73
N LEU Q 110 -18.50 -45.51 27.34
CA LEU Q 110 -17.71 -46.32 28.26
C LEU Q 110 -16.44 -45.61 28.69
N PHE Q 111 -15.71 -45.00 27.75
CA PHE Q 111 -14.47 -44.33 28.09
C PHE Q 111 -14.73 -43.15 29.03
N ILE Q 112 -15.83 -42.43 28.79
CA ILE Q 112 -16.22 -41.34 29.66
C ILE Q 112 -16.52 -41.84 31.07
N VAL Q 113 -17.25 -42.97 31.19
CA VAL Q 113 -17.67 -43.39 32.52
C VAL Q 113 -16.49 -43.97 33.31
N MET Q 114 -15.57 -44.70 32.64
CA MET Q 114 -14.40 -45.17 33.39
C MET Q 114 -13.44 -44.03 33.72
N LEU Q 115 -13.31 -43.03 32.84
CA LEU Q 115 -12.47 -41.88 33.17
C LEU Q 115 -13.02 -41.14 34.38
N LEU Q 116 -14.34 -40.90 34.41
CA LEU Q 116 -14.95 -40.19 35.52
C LEU Q 116 -14.91 -41.01 36.81
N GLY Q 117 -15.10 -42.33 36.70
CA GLY Q 117 -15.00 -43.17 37.89
C GLY Q 117 -13.60 -43.23 38.45
N GLN Q 118 -12.58 -43.31 37.58
CA GLN Q 118 -11.20 -43.28 38.03
C GLN Q 118 -10.88 -41.95 38.70
N VAL Q 119 -11.32 -40.84 38.09
CA VAL Q 119 -11.06 -39.52 38.66
C VAL Q 119 -11.71 -39.38 40.03
N GLY Q 120 -12.98 -39.82 40.16
CA GLY Q 120 -13.65 -39.72 41.43
C GLY Q 120 -13.03 -40.60 42.51
N VAL Q 121 -12.74 -41.86 42.17
CA VAL Q 121 -12.23 -42.78 43.17
C VAL Q 121 -10.79 -42.46 43.56
N GLN Q 122 -10.05 -41.73 42.72
CA GLN Q 122 -8.72 -41.31 43.14
C GLN Q 122 -8.74 -39.98 43.86
N GLY Q 123 -9.62 -39.05 43.47
CA GLY Q 123 -9.79 -37.84 44.24
C GLY Q 123 -10.33 -38.08 45.64
N LYS Q 124 -11.11 -39.16 45.82
CA LYS Q 124 -11.51 -39.55 47.17
C LYS Q 124 -10.31 -39.97 48.01
N LYS Q 125 -9.39 -40.75 47.43
CA LYS Q 125 -8.24 -41.26 48.18
C LYS Q 125 -7.23 -40.15 48.48
N GLN Q 126 -6.88 -39.36 47.48
CA GLN Q 126 -5.83 -38.36 47.65
C GLN Q 126 -6.32 -37.18 48.49
N GLY Q 127 -7.57 -36.77 48.31
CA GLY Q 127 -8.09 -35.61 49.00
C GLY Q 127 -8.51 -34.53 48.03
N TYR Q 128 -8.64 -34.90 46.76
CA TYR Q 128 -9.05 -33.98 45.70
C TYR Q 128 -10.56 -33.91 45.54
N TRP Q 129 -11.26 -34.98 45.93
CA TRP Q 129 -12.71 -35.13 45.79
C TRP Q 129 -13.17 -34.90 44.34
N THR R 32 -15.11 85.46 -2.41
CA THR R 32 -15.19 85.63 -3.86
C THR R 32 -15.94 84.46 -4.51
N ARG R 33 -16.71 83.75 -3.69
CA ARG R 33 -17.53 82.65 -4.20
C ARG R 33 -18.61 83.18 -5.14
N ALA R 34 -18.83 82.45 -6.24
CA ALA R 34 -19.82 82.82 -7.23
C ALA R 34 -21.21 82.32 -6.90
N GLY R 35 -21.38 81.65 -5.77
CA GLY R 35 -22.66 81.08 -5.37
C GLY R 35 -22.49 79.71 -4.73
N ASN R 36 -23.61 79.20 -4.24
CA ASN R 36 -23.65 77.89 -3.60
C ASN R 36 -24.43 76.93 -4.46
N PHE R 37 -23.83 75.76 -4.73
CA PHE R 37 -24.51 74.72 -5.49
C PHE R 37 -25.67 74.10 -4.70
N ALA R 38 -25.63 74.23 -3.37
CA ALA R 38 -26.72 73.81 -2.51
C ALA R 38 -26.86 74.91 -1.45
N PRO R 39 -28.07 75.41 -1.23
CA PRO R 39 -28.25 76.49 -0.23
C PRO R 39 -28.02 75.98 1.18
N GLY R 40 -26.91 76.40 1.79
CA GLY R 40 -26.50 75.87 3.07
C GLY R 40 -25.51 74.73 2.99
N SER R 41 -24.72 74.66 1.93
CA SER R 41 -23.79 73.56 1.76
C SER R 41 -22.60 73.70 2.70
N GLU R 42 -22.03 72.57 3.07
CA GLU R 42 -20.84 72.55 3.91
C GLU R 42 -19.66 73.05 3.11
N PRO R 43 -18.98 74.13 3.54
CA PRO R 43 -17.93 74.72 2.70
C PRO R 43 -16.65 73.91 2.77
N LYS R 44 -16.03 73.70 1.60
CA LYS R 44 -14.74 73.05 1.53
C LYS R 44 -13.63 74.07 1.68
N ASP R 45 -12.50 73.61 2.21
CA ASP R 45 -11.36 74.47 2.50
C ASP R 45 -10.46 74.71 1.28
N TYR R 46 -10.78 74.13 0.12
CA TYR R 46 -9.94 74.28 -1.05
C TYR R 46 -10.56 75.09 -2.18
N LEU R 47 -11.89 75.14 -2.26
CA LEU R 47 -12.55 75.88 -3.35
C LEU R 47 -12.91 77.28 -2.89
N GLU R 48 -11.89 78.12 -2.75
CA GLU R 48 -12.06 79.53 -2.47
C GLU R 48 -11.49 80.44 -3.55
N GLY R 49 -10.22 80.26 -3.90
CA GLY R 49 -9.57 81.16 -4.84
C GLY R 49 -9.50 80.61 -6.25
N LEU R 50 -10.58 79.95 -6.69
CA LEU R 50 -10.63 79.38 -8.02
C LEU R 50 -11.81 79.96 -8.79
N PRO R 51 -11.66 80.20 -10.09
CA PRO R 51 -12.80 80.67 -10.89
C PRO R 51 -13.85 79.59 -11.05
N GLY R 52 -15.09 80.03 -11.22
CA GLY R 52 -16.21 79.09 -11.29
C GLY R 52 -16.45 78.34 -10.00
N ASN R 53 -16.23 78.98 -8.86
CA ASN R 53 -16.35 78.33 -7.58
C ASN R 53 -17.81 78.32 -7.12
N TYR R 54 -18.37 77.12 -6.96
CA TYR R 54 -19.71 76.95 -6.42
C TYR R 54 -19.74 75.96 -5.26
N ASN R 55 -18.57 75.52 -4.78
CA ASN R 55 -18.43 74.51 -3.73
C ASN R 55 -19.17 73.22 -4.10
N PHE R 56 -19.15 72.89 -5.39
CA PHE R 56 -19.99 71.83 -5.92
C PHE R 56 -19.53 70.44 -5.48
N ASP R 57 -18.21 70.24 -5.34
CA ASP R 57 -17.59 68.94 -5.11
C ASP R 57 -18.14 68.24 -3.89
N PRO R 58 -18.92 67.18 -4.07
CA PRO R 58 -19.59 66.55 -2.92
C PRO R 58 -18.73 65.49 -2.23
N LEU R 59 -17.81 64.88 -2.98
CA LEU R 59 -17.12 63.67 -2.52
C LEU R 59 -15.63 63.88 -2.32
N GLU R 60 -15.21 65.11 -2.00
CA GLU R 60 -13.82 65.45 -1.65
C GLU R 60 -12.85 65.07 -2.76
N LEU R 61 -13.27 65.24 -4.01
CA LEU R 61 -12.41 64.96 -5.15
C LEU R 61 -11.34 66.05 -5.28
N GLY R 62 -10.11 65.62 -5.57
CA GLY R 62 -9.01 66.56 -5.67
C GLY R 62 -8.64 67.24 -4.37
N LYS R 63 -8.54 66.45 -3.29
CA LYS R 63 -8.26 67.03 -1.97
C LYS R 63 -6.85 67.61 -1.93
N GLU R 64 -5.90 66.97 -2.60
CA GLU R 64 -4.56 67.52 -2.76
C GLU R 64 -4.52 68.58 -3.86
N LYS R 65 -3.66 69.59 -3.65
CA LYS R 65 -3.57 70.69 -4.61
C LYS R 65 -2.95 70.24 -5.93
N GLY R 66 -2.00 69.30 -5.86
CA GLY R 66 -1.36 68.83 -7.09
C GLY R 66 -2.32 68.12 -8.03
N THR R 67 -3.27 67.37 -7.46
CA THR R 67 -4.34 66.83 -8.27
C THR R 67 -5.38 67.89 -8.59
N LEU R 68 -5.56 68.89 -7.72
CA LEU R 68 -6.57 69.92 -7.94
C LEU R 68 -6.24 70.79 -9.14
N GLN R 69 -4.97 71.17 -9.29
CA GLN R 69 -4.54 71.98 -10.43
C GLN R 69 -4.68 71.21 -11.73
N ARG R 70 -4.32 69.92 -11.72
CA ARG R 70 -4.48 69.08 -12.90
C ARG R 70 -5.97 68.91 -13.25
N TYR R 71 -6.82 68.77 -12.23
CA TYR R 71 -8.25 68.66 -12.47
C TYR R 71 -8.82 69.95 -13.04
N ARG R 72 -8.35 71.10 -12.54
CA ARG R 72 -8.78 72.39 -13.10
C ARG R 72 -8.36 72.52 -14.56
N GLU R 73 -7.13 72.16 -14.88
CA GLU R 73 -6.66 72.23 -16.26
C GLU R 73 -7.45 71.28 -17.16
N ALA R 74 -7.70 70.06 -16.69
CA ALA R 74 -8.43 69.09 -17.49
C ALA R 74 -9.88 69.50 -17.69
N GLU R 75 -10.51 70.09 -16.66
CA GLU R 75 -11.87 70.59 -16.82
C GLU R 75 -11.92 71.76 -17.78
N LEU R 76 -10.88 72.61 -17.76
CA LEU R 76 -10.80 73.69 -18.73
C LEU R 76 -10.68 73.15 -20.16
N ILE R 77 -9.88 72.11 -20.34
CA ILE R 77 -9.69 71.55 -21.68
C ILE R 77 -10.96 70.86 -22.17
N HIS R 78 -11.64 70.10 -21.30
CA HIS R 78 -12.93 69.52 -21.67
C HIS R 78 -13.96 70.60 -21.98
N CYS R 79 -13.99 71.69 -21.22
CA CYS R 79 -14.98 72.74 -21.47
C CYS R 79 -14.71 73.44 -22.79
N ARG R 80 -13.43 73.70 -23.11
CA ARG R 80 -13.11 74.32 -24.40
C ARG R 80 -13.45 73.41 -25.57
N TRP R 81 -13.10 72.12 -25.46
CA TRP R 81 -13.47 71.17 -26.51
C TRP R 81 -14.98 71.01 -26.61
N ALA R 82 -15.69 71.19 -25.50
CA ALA R 82 -17.15 71.14 -25.53
C ALA R 82 -17.73 72.36 -26.24
N MET R 83 -17.13 73.53 -26.05
CA MET R 83 -17.54 74.70 -26.84
C MET R 83 -17.32 74.44 -28.32
N LEU R 84 -16.17 73.87 -28.68
CA LEU R 84 -15.89 73.55 -30.07
C LEU R 84 -16.91 72.56 -30.64
N GLY R 85 -17.23 71.52 -29.86
CA GLY R 85 -18.21 70.53 -30.31
C GLY R 85 -19.61 71.08 -30.42
N ALA R 86 -20.02 71.91 -29.47
CA ALA R 86 -21.34 72.53 -29.52
C ALA R 86 -21.46 73.48 -30.71
N ALA R 87 -20.40 74.23 -31.00
CA ALA R 87 -20.41 75.10 -32.18
C ALA R 87 -20.49 74.28 -33.46
N GLY R 88 -19.74 73.18 -33.52
CA GLY R 88 -19.79 72.32 -34.70
C GLY R 88 -21.14 71.67 -34.90
N CYS R 89 -21.81 71.30 -33.80
CA CYS R 89 -23.11 70.65 -33.91
C CYS R 89 -24.24 71.66 -34.07
N LEU R 90 -24.00 72.94 -33.79
CA LEU R 90 -25.05 73.95 -33.91
C LEU R 90 -24.97 74.73 -35.21
N ALA R 91 -23.77 75.09 -35.67
CA ALA R 91 -23.65 75.83 -36.91
C ALA R 91 -23.96 74.97 -38.12
N VAL R 92 -23.84 73.65 -37.97
CA VAL R 92 -24.21 72.72 -39.04
C VAL R 92 -25.72 72.58 -39.17
N GLU R 93 -26.48 73.06 -38.20
CA GLU R 93 -27.93 72.87 -38.17
C GLU R 93 -28.70 74.17 -38.26
N VAL R 94 -28.17 75.28 -37.73
CA VAL R 94 -28.83 76.57 -37.91
C VAL R 94 -28.64 77.08 -39.34
N LEU R 95 -27.63 76.59 -40.05
CA LEU R 95 -27.44 76.92 -41.46
C LEU R 95 -28.03 75.87 -42.40
N GLY R 96 -28.58 74.78 -41.86
CA GLY R 96 -29.21 73.75 -42.67
C GLY R 96 -28.27 73.00 -43.59
N LEU R 97 -27.09 72.62 -43.09
CA LEU R 97 -26.09 71.93 -43.90
C LEU R 97 -26.01 70.44 -43.58
N GLY R 98 -26.84 69.93 -42.67
CA GLY R 98 -26.87 68.52 -42.37
C GLY R 98 -26.83 68.25 -40.88
N ASN R 99 -26.80 66.97 -40.54
CA ASN R 99 -26.77 66.51 -39.17
C ASN R 99 -25.33 66.20 -38.77
N TRP R 100 -25.01 66.43 -37.48
CA TRP R 100 -23.65 66.21 -36.99
C TRP R 100 -23.28 64.74 -37.02
N TYR R 101 -24.23 63.84 -36.73
CA TYR R 101 -23.94 62.42 -36.81
C TYR R 101 -23.82 61.94 -38.25
N ASP R 102 -24.53 62.58 -39.17
CA ASP R 102 -24.45 62.22 -40.58
C ASP R 102 -23.23 62.82 -41.27
N ALA R 103 -22.54 63.76 -40.64
CA ALA R 103 -21.34 64.34 -41.23
C ALA R 103 -20.19 63.35 -41.43
N PRO R 104 -19.80 62.51 -40.47
CA PRO R 104 -18.72 61.56 -40.75
C PRO R 104 -19.15 60.32 -41.53
N LEU R 105 -20.38 60.28 -42.05
CA LEU R 105 -20.82 59.16 -42.86
C LEU R 105 -20.20 59.16 -44.25
N TRP R 106 -19.54 60.24 -44.65
CA TRP R 106 -18.89 60.29 -45.96
C TRP R 106 -17.71 59.34 -46.03
N ALA R 107 -17.11 59.00 -44.89
CA ALA R 107 -16.04 58.01 -44.88
C ALA R 107 -16.57 56.60 -45.12
N VAL R 108 -17.86 56.38 -44.85
CA VAL R 108 -18.45 55.06 -45.06
C VAL R 108 -18.91 54.90 -46.50
N THR R 109 -19.71 55.84 -47.00
CA THR R 109 -20.20 55.76 -48.37
C THR R 109 -19.08 56.01 -49.38
N GLY R 110 -18.23 56.99 -49.12
CA GLY R 110 -17.10 57.26 -50.00
C GLY R 110 -17.39 58.27 -51.09
N ASP R 111 -17.89 59.44 -50.70
CA ASP R 111 -18.15 60.53 -51.63
C ASP R 111 -17.29 61.74 -51.26
N LYS R 112 -17.53 62.86 -51.94
CA LYS R 112 -16.74 64.06 -51.70
C LYS R 112 -17.18 64.74 -50.41
N PRO R 113 -16.28 64.96 -49.45
CA PRO R 113 -16.65 65.69 -48.23
C PRO R 113 -16.94 67.15 -48.54
N THR R 114 -17.80 67.75 -47.72
CA THR R 114 -18.26 69.11 -47.94
C THR R 114 -18.15 69.91 -46.65
N TRP R 115 -17.46 71.04 -46.71
CA TRP R 115 -17.41 72.01 -45.62
C TRP R 115 -17.84 73.36 -46.17
N PHE R 116 -19.00 73.84 -45.72
CA PHE R 116 -19.56 75.14 -46.10
C PHE R 116 -19.77 75.25 -47.61
N GLY R 117 -20.08 74.14 -48.27
CA GLY R 117 -20.31 74.14 -49.70
C GLY R 117 -19.09 74.44 -50.55
N ILE R 118 -17.92 73.96 -50.15
CA ILE R 118 -16.69 74.16 -50.90
C ILE R 118 -16.18 72.86 -51.54
N GLU R 119 -16.56 71.70 -51.00
CA GLU R 119 -16.19 70.37 -51.51
C GLU R 119 -14.67 70.20 -51.53
N VAL R 120 -14.11 70.14 -50.33
CA VAL R 120 -12.67 69.89 -50.16
C VAL R 120 -12.33 68.51 -50.72
N PRO R 121 -11.29 68.37 -51.54
CA PRO R 121 -10.98 67.07 -52.16
C PRO R 121 -9.98 66.21 -51.40
N PHE R 122 -9.69 66.51 -50.13
CA PHE R 122 -8.71 65.73 -49.39
C PHE R 122 -9.28 64.36 -49.02
N ASP R 123 -8.41 63.36 -49.03
CA ASP R 123 -8.79 62.00 -48.68
C ASP R 123 -8.94 61.86 -47.16
N ILE R 124 -9.69 60.84 -46.75
CA ILE R 124 -9.94 60.60 -45.33
C ILE R 124 -8.66 60.20 -44.60
N ALA R 125 -7.84 59.37 -45.23
CA ALA R 125 -6.56 59.00 -44.64
C ALA R 125 -5.64 60.21 -44.52
N THR R 126 -5.65 61.09 -45.53
CA THR R 126 -4.80 62.27 -45.49
C THR R 126 -5.19 63.22 -44.38
N ILE R 127 -6.51 63.48 -44.22
CA ILE R 127 -6.93 64.40 -43.17
C ILE R 127 -6.70 63.80 -41.79
N LEU R 128 -6.91 62.48 -41.63
CA LEU R 128 -6.62 61.86 -40.35
C LEU R 128 -5.12 61.92 -40.03
N GLY R 129 -4.28 61.64 -41.03
CA GLY R 129 -2.84 61.66 -40.81
C GLY R 129 -2.29 63.05 -40.52
N VAL R 130 -2.86 64.08 -41.15
CA VAL R 130 -2.39 65.42 -40.81
C VAL R 130 -2.99 65.88 -39.47
N GLU R 131 -4.20 65.43 -39.13
CA GLU R 131 -4.82 65.79 -37.86
C GLU R 131 -4.02 65.26 -36.69
N VAL R 132 -3.62 63.98 -36.75
CA VAL R 132 -2.95 63.37 -35.61
C VAL R 132 -1.61 64.05 -35.34
N VAL R 133 -0.82 64.31 -36.39
CA VAL R 133 0.47 64.96 -36.18
C VAL R 133 0.29 66.43 -35.78
N ALA R 134 -0.71 67.12 -36.35
CA ALA R 134 -0.88 68.54 -36.06
C ALA R 134 -1.28 68.77 -34.61
N MET R 135 -2.31 68.08 -34.13
CA MET R 135 -2.64 68.31 -32.73
C MET R 135 -1.73 67.55 -31.79
N ALA R 136 -0.94 66.58 -32.28
CA ALA R 136 0.13 66.02 -31.47
C ALA R 136 1.19 67.07 -31.16
N VAL R 137 1.60 67.83 -32.17
CA VAL R 137 2.52 68.93 -31.95
C VAL R 137 1.88 70.02 -31.08
N ALA R 138 0.58 70.27 -31.29
CA ALA R 138 -0.13 71.29 -30.50
C ALA R 138 -0.17 70.92 -29.01
N GLU R 139 -0.53 69.67 -28.70
CA GLU R 139 -0.54 69.25 -27.31
C GLU R 139 0.87 69.01 -26.78
N GLY R 140 1.86 68.82 -27.66
CA GLY R 140 3.24 68.80 -27.21
C GLY R 140 3.70 70.15 -26.72
N LEU R 141 3.40 71.22 -27.47
CA LEU R 141 3.73 72.56 -26.97
C LEU R 141 2.84 72.97 -25.81
N ARG R 142 1.63 72.41 -25.71
CA ARG R 142 0.81 72.63 -24.53
C ARG R 142 1.38 71.93 -23.31
N ASN R 143 2.04 70.78 -23.49
CA ASN R 143 2.42 69.93 -22.37
C ASN R 143 3.72 70.34 -21.71
N GLU R 144 4.61 71.06 -22.41
CA GLU R 144 5.92 71.41 -21.87
C GLU R 144 5.92 72.74 -21.11
N ASN R 145 4.76 73.15 -20.59
CA ASN R 145 4.65 74.44 -19.92
C ASN R 145 5.41 74.47 -18.60
N GLN R 146 5.25 73.43 -17.77
CA GLN R 146 5.88 73.27 -16.46
C GLN R 146 5.47 74.34 -15.44
N ASP R 147 4.57 75.25 -15.83
CA ASP R 147 4.01 76.26 -14.93
C ASP R 147 2.53 75.91 -14.72
N MET R 148 2.12 75.83 -13.46
CA MET R 148 0.74 75.45 -13.16
C MET R 148 -0.25 76.51 -13.61
N GLU R 149 0.14 77.79 -13.53
CA GLU R 149 -0.77 78.86 -13.95
C GLU R 149 -0.80 78.98 -15.47
N LYS R 150 0.18 78.39 -16.16
CA LYS R 150 0.22 78.49 -17.61
C LYS R 150 -0.59 77.38 -18.27
N ARG R 151 -1.04 76.40 -17.49
CA ARG R 151 -1.79 75.27 -18.01
C ARG R 151 -3.28 75.55 -18.03
N LEU R 152 -3.68 76.78 -17.67
CA LEU R 152 -5.07 77.18 -17.69
C LEU R 152 -5.35 78.21 -18.76
N TYR R 153 -4.65 79.33 -18.77
CA TYR R 153 -4.85 80.41 -19.75
C TYR R 153 -3.48 80.87 -20.22
N PRO R 154 -3.08 80.56 -21.46
CA PRO R 154 -1.76 80.98 -21.95
C PRO R 154 -1.55 82.49 -22.02
N GLY R 155 -2.42 83.19 -22.75
CA GLY R 155 -2.22 84.60 -23.00
C GLY R 155 -1.15 84.84 -24.05
N GLY R 156 -0.87 86.12 -24.29
CA GLY R 156 0.14 86.50 -25.25
C GLY R 156 -0.21 86.17 -26.69
N ALA R 157 0.44 85.15 -27.23
CA ALA R 157 0.20 84.76 -28.62
C ALA R 157 -1.20 84.20 -28.83
N PHE R 158 -1.75 83.50 -27.83
CA PHE R 158 -3.10 82.99 -27.94
C PHE R 158 -4.16 84.03 -27.63
N ASP R 159 -3.76 85.25 -27.25
CA ASP R 159 -4.69 86.34 -26.95
C ASP R 159 -4.29 87.54 -27.80
N PRO R 160 -4.65 87.54 -29.08
CA PRO R 160 -4.24 88.67 -29.94
C PRO R 160 -5.03 89.94 -29.69
N LEU R 161 -6.35 89.83 -29.46
CA LEU R 161 -7.15 91.02 -29.20
C LEU R 161 -6.89 91.57 -27.81
N GLY R 162 -6.81 90.70 -26.80
CA GLY R 162 -6.36 91.11 -25.48
C GLY R 162 -7.29 91.99 -24.68
N PHE R 163 -8.42 91.42 -24.22
CA PHE R 163 -9.26 92.09 -23.24
C PHE R 163 -8.96 91.67 -21.81
N SER R 164 -7.77 91.12 -21.55
CA SER R 164 -7.41 90.60 -20.24
C SER R 164 -6.41 91.48 -19.51
N LYS R 165 -6.28 92.75 -19.91
CA LYS R 165 -5.33 93.65 -19.23
C LYS R 165 -5.82 94.04 -17.85
N ASP R 166 -7.14 94.20 -17.67
CA ASP R 166 -7.58 94.53 -16.33
C ASP R 166 -8.07 93.27 -15.60
N PRO R 167 -7.83 93.18 -14.28
CA PRO R 167 -8.12 91.92 -13.57
C PRO R 167 -9.59 91.67 -13.31
N LYS R 168 -10.38 92.75 -13.18
CA LYS R 168 -11.81 92.59 -12.94
C LYS R 168 -12.51 91.93 -14.11
N SER R 169 -12.29 92.47 -15.32
CA SER R 169 -12.84 91.85 -16.52
C SER R 169 -12.23 90.48 -16.77
N PHE R 170 -10.96 90.28 -16.35
CA PHE R 170 -10.32 88.97 -16.51
C PHE R 170 -11.04 87.90 -15.69
N GLU R 171 -11.31 88.21 -14.41
CA GLU R 171 -12.05 87.27 -13.56
C GLU R 171 -13.48 87.08 -14.04
N ASP R 172 -14.12 88.17 -14.49
CA ASP R 172 -15.50 88.08 -15.00
C ASP R 172 -15.53 87.15 -16.22
N LYS R 173 -14.59 87.33 -17.16
CA LYS R 173 -14.56 86.51 -18.35
C LYS R 173 -14.16 85.07 -18.04
N LYS R 174 -13.35 84.86 -17.00
CA LYS R 174 -13.06 83.50 -16.54
C LYS R 174 -14.32 82.80 -16.07
N LEU R 175 -15.12 83.50 -15.25
CA LEU R 175 -16.38 82.94 -14.77
C LEU R 175 -17.33 82.64 -15.93
N LYS R 176 -17.44 83.58 -16.89
CA LYS R 176 -18.33 83.38 -18.02
C LYS R 176 -17.87 82.22 -18.90
N GLU R 177 -16.56 82.12 -19.13
CA GLU R 177 -16.01 81.01 -19.90
C GLU R 177 -16.30 79.69 -19.25
N LEU R 178 -16.09 79.59 -17.93
CA LEU R 178 -16.31 78.32 -17.24
C LEU R 178 -17.78 77.93 -17.21
N LYS R 179 -18.69 78.91 -17.03
CA LYS R 179 -20.10 78.57 -16.99
C LYS R 179 -20.62 78.15 -18.37
N ASN R 180 -20.29 78.94 -19.40
CA ASN R 180 -20.73 78.58 -20.75
C ASN R 180 -20.08 77.27 -21.20
N GLY R 181 -18.85 76.99 -20.77
CA GLY R 181 -18.23 75.70 -21.06
C GLY R 181 -18.86 74.53 -20.35
N ARG R 182 -19.28 74.71 -19.09
CA ARG R 182 -19.97 73.64 -18.38
C ARG R 182 -21.30 73.31 -19.03
N LEU R 183 -22.06 74.33 -19.43
CA LEU R 183 -23.31 74.03 -20.12
C LEU R 183 -23.06 73.47 -21.53
N ALA R 184 -21.94 73.84 -22.16
CA ALA R 184 -21.56 73.20 -23.41
C ALA R 184 -21.24 71.73 -23.21
N MET R 185 -20.59 71.39 -22.10
CA MET R 185 -20.26 70.00 -21.79
C MET R 185 -21.52 69.17 -21.58
N VAL R 186 -22.44 69.67 -20.75
CA VAL R 186 -23.68 68.93 -20.56
C VAL R 186 -24.54 68.92 -21.82
N ALA R 187 -24.39 69.92 -22.69
CA ALA R 187 -25.13 69.92 -23.96
C ALA R 187 -24.55 68.89 -24.92
N CYS R 188 -23.23 68.71 -24.93
CA CYS R 188 -22.63 67.67 -25.76
C CYS R 188 -23.04 66.29 -25.28
N LEU R 189 -23.08 66.08 -23.96
CA LEU R 189 -23.53 64.79 -23.45
C LEU R 189 -25.01 64.59 -23.73
N GLY R 190 -25.79 65.68 -23.70
CA GLY R 190 -27.19 65.59 -24.10
C GLY R 190 -27.37 65.27 -25.57
N PHE R 191 -26.49 65.81 -26.42
CA PHE R 191 -26.49 65.45 -27.84
C PHE R 191 -26.24 63.95 -28.02
N ALA R 192 -25.24 63.43 -27.31
CA ALA R 192 -24.91 62.01 -27.42
C ALA R 192 -26.07 61.14 -26.94
N GLY R 193 -26.66 61.49 -25.79
CA GLY R 193 -27.78 60.71 -25.28
C GLY R 193 -29.02 60.80 -26.15
N GLN R 194 -29.33 62.00 -26.66
CA GLN R 194 -30.51 62.20 -27.49
C GLN R 194 -30.37 61.46 -28.82
N HIS R 195 -29.18 61.44 -29.41
CA HIS R 195 -29.00 60.64 -30.62
C HIS R 195 -28.96 59.15 -30.30
N ALA R 196 -28.56 58.78 -29.09
CA ALA R 196 -28.62 57.38 -28.70
C ALA R 196 -30.07 56.91 -28.58
N ALA R 197 -30.96 57.78 -28.10
CA ALA R 197 -32.36 57.41 -27.95
C ALA R 197 -33.11 57.53 -29.27
N THR R 198 -33.16 58.73 -29.84
CA THR R 198 -33.92 59.00 -31.05
C THR R 198 -33.00 59.44 -32.18
N GLY R 199 -33.42 59.17 -33.41
CA GLY R 199 -32.64 59.58 -34.56
C GLY R 199 -32.77 61.03 -34.96
N LYS R 200 -33.68 61.76 -34.33
CA LYS R 200 -33.87 63.16 -34.68
C LYS R 200 -32.75 64.03 -34.09
N PRO R 201 -32.40 65.13 -34.77
CA PRO R 201 -31.34 66.01 -34.26
C PRO R 201 -31.79 66.92 -33.12
N ILE R 202 -30.92 67.84 -32.72
CA ILE R 202 -31.22 68.76 -31.62
C ILE R 202 -32.35 69.72 -31.99
N LEU R 203 -32.35 70.22 -33.24
CA LEU R 203 -33.39 71.15 -33.65
C LEU R 203 -34.75 70.48 -33.75
N ALA R 204 -34.79 69.23 -34.23
CA ALA R 204 -36.06 68.49 -34.25
C ALA R 204 -36.53 68.17 -32.83
N ALA R 205 -35.59 67.91 -31.92
CA ALA R 205 -35.96 67.71 -30.52
C ALA R 205 -36.52 68.98 -29.90
N LEU R 206 -35.93 70.14 -30.25
CA LEU R 206 -36.46 71.41 -29.77
C LEU R 206 -37.85 71.67 -30.32
N GLY R 207 -38.07 71.36 -31.60
CA GLY R 207 -39.40 71.47 -32.16
C GLY R 207 -40.40 70.53 -31.51
N ASP R 208 -39.97 69.32 -31.17
CA ASP R 208 -40.83 68.36 -30.48
C ASP R 208 -41.20 68.87 -29.08
N HIS R 209 -40.24 69.44 -28.36
CA HIS R 209 -40.54 69.98 -27.04
C HIS R 209 -41.40 71.23 -27.11
N LEU R 210 -41.22 72.05 -28.14
CA LEU R 210 -42.05 73.25 -28.29
C LEU R 210 -43.45 72.93 -28.77
N SER R 211 -43.62 71.81 -29.50
CA SER R 211 -44.95 71.44 -30.00
C SER R 211 -45.70 70.61 -28.97
N SER R 212 -45.13 69.49 -28.56
CA SER R 212 -45.74 68.57 -27.60
C SER R 212 -44.75 68.27 -26.48
N PRO R 213 -44.66 69.15 -25.48
CA PRO R 213 -43.75 68.87 -24.36
C PRO R 213 -44.23 67.76 -23.46
N PHE R 214 -45.51 67.75 -23.11
CA PHE R 214 -46.05 66.73 -22.22
C PHE R 214 -46.21 65.38 -22.89
N PHE R 215 -46.43 65.36 -24.22
CA PHE R 215 -46.71 64.12 -24.93
C PHE R 215 -45.48 63.52 -25.61
N ASN R 216 -44.41 64.29 -25.80
CA ASN R 216 -43.20 63.77 -26.45
C ASN R 216 -42.01 64.41 -25.75
N ASN R 217 -41.33 63.64 -24.92
CA ASN R 217 -40.16 64.11 -24.19
C ASN R 217 -39.21 62.93 -24.01
N PHE R 218 -38.26 63.07 -23.07
CA PHE R 218 -37.33 61.98 -22.81
C PHE R 218 -38.02 60.79 -22.15
N ALA R 219 -39.12 61.01 -21.44
CA ALA R 219 -39.81 59.93 -20.76
C ALA R 219 -40.62 59.07 -21.73
N THR R 220 -41.05 59.63 -22.86
CA THR R 220 -41.86 58.91 -23.83
C THR R 220 -41.04 58.07 -24.78
N ASN R 221 -39.70 58.13 -24.70
CA ASN R 221 -38.86 57.35 -25.60
C ASN R 221 -38.94 55.85 -25.28
N GLY R 222 -38.89 55.51 -23.99
CA GLY R 222 -38.89 54.13 -23.58
C GLY R 222 -37.53 53.45 -23.59
N VAL R 223 -36.48 54.14 -23.99
CA VAL R 223 -35.13 53.58 -24.05
C VAL R 223 -34.22 54.35 -23.11
N SER R 224 -34.56 55.62 -22.85
CA SER R 224 -33.81 56.40 -21.87
C SER R 224 -34.06 55.88 -20.46
N VAL R 225 -35.30 55.53 -20.15
CA VAL R 225 -35.66 54.94 -18.87
C VAL R 225 -36.32 53.59 -19.15
N PRO R 226 -36.17 52.61 -18.26
CA PRO R 226 -36.90 51.34 -18.43
C PRO R 226 -38.38 51.53 -18.17
N GLY R 227 -39.19 50.71 -18.83
CA GLY R 227 -40.63 50.76 -18.67
C GLY R 227 -41.29 51.86 -19.48
N MET S 29 -47.24 69.53 28.08
CA MET S 29 -48.09 68.34 28.11
C MET S 29 -49.57 68.68 28.19
N GLN S 30 -50.37 67.99 27.38
CA GLN S 30 -51.83 68.09 27.45
C GLN S 30 -52.42 66.73 27.12
N GLY S 31 -53.41 66.32 27.91
CA GLY S 31 -54.07 65.05 27.70
C GLY S 31 -53.15 63.85 27.89
N ASN S 32 -53.59 62.71 27.35
CA ASN S 32 -52.81 61.48 27.37
C ASN S 32 -53.39 60.54 26.32
N TRP S 33 -52.51 59.85 25.59
CA TRP S 33 -52.96 58.84 24.66
C TRP S 33 -53.61 57.66 25.38
N LEU S 34 -53.17 57.39 26.60
CA LEU S 34 -53.69 56.30 27.41
C LEU S 34 -53.53 56.71 28.86
N PRO S 35 -54.61 57.15 29.52
CA PRO S 35 -54.50 57.62 30.91
C PRO S 35 -54.15 56.48 31.85
N GLY S 36 -53.21 56.76 32.75
CA GLY S 36 -52.70 55.77 33.67
C GLY S 36 -51.51 54.99 33.19
N SER S 37 -51.11 55.15 31.92
CA SER S 37 -49.96 54.43 31.40
C SER S 37 -48.66 55.14 31.79
N GLN S 38 -47.59 54.35 31.87
CA GLN S 38 -46.29 54.90 32.20
C GLN S 38 -45.74 55.72 31.03
N THR S 39 -45.29 56.92 31.33
CA THR S 39 -44.82 57.85 30.31
C THR S 39 -43.32 57.69 30.09
N PRO S 40 -42.86 57.61 28.85
CA PRO S 40 -41.41 57.60 28.59
C PRO S 40 -40.77 58.90 29.01
N ALA S 41 -39.49 58.81 29.39
CA ALA S 41 -38.80 59.95 29.99
C ALA S 41 -38.45 61.03 28.97
N HIS S 42 -38.47 60.72 27.67
CA HIS S 42 -38.10 61.69 26.65
C HIS S 42 -39.28 62.52 26.16
N LEU S 43 -40.47 62.31 26.72
CA LEU S 43 -41.65 63.10 26.35
C LEU S 43 -42.26 63.84 27.53
N LYS S 44 -41.70 63.71 28.73
CA LYS S 44 -42.29 64.34 29.91
C LYS S 44 -42.15 65.86 29.86
N ASP S 45 -40.96 66.35 29.54
CA ASP S 45 -40.67 67.78 29.52
C ASP S 45 -40.47 68.31 28.10
N LEU S 46 -40.96 67.59 27.10
CA LEU S 46 -40.79 68.00 25.71
C LEU S 46 -41.85 69.03 25.33
N LYS S 47 -41.39 70.15 24.75
CA LYS S 47 -42.29 71.20 24.29
C LYS S 47 -42.58 70.95 22.81
N MET S 48 -43.72 70.34 22.52
CA MET S 48 -44.11 70.05 21.16
C MET S 48 -45.63 69.90 21.13
N ALA S 49 -46.25 70.39 20.07
CA ALA S 49 -47.71 70.33 19.95
C ALA S 49 -48.18 68.90 19.75
N GLY S 50 -49.28 68.56 20.42
CA GLY S 50 -49.85 67.23 20.30
C GLY S 50 -49.03 66.10 20.89
N ASN S 51 -48.38 66.34 22.03
CA ASN S 51 -47.64 65.30 22.71
C ASN S 51 -48.56 64.61 23.72
N PHE S 52 -48.76 63.31 23.55
CA PHE S 52 -49.62 62.54 24.43
C PHE S 52 -48.91 61.34 25.04
N GLY S 53 -47.58 61.25 24.89
CA GLY S 53 -46.84 60.14 25.43
C GLY S 53 -46.99 58.83 24.67
N PHE S 54 -47.43 58.90 23.42
CA PHE S 54 -47.66 57.69 22.62
C PHE S 54 -46.34 57.25 21.98
N ASP S 55 -45.53 56.55 22.78
CA ASP S 55 -44.31 55.92 22.29
C ASP S 55 -43.97 54.73 23.16
N PRO S 56 -44.71 53.61 23.02
CA PRO S 56 -44.33 52.41 23.77
C PRO S 56 -43.06 51.75 23.27
N LEU S 57 -42.68 51.97 22.01
CA LEU S 57 -41.47 51.39 21.46
C LEU S 57 -40.24 52.25 21.67
N ASN S 58 -40.41 53.47 22.20
CA ASN S 58 -39.31 54.41 22.49
C ASN S 58 -38.45 54.69 21.25
N LEU S 59 -39.12 54.90 20.10
CA LEU S 59 -38.39 55.17 18.87
C LEU S 59 -37.86 56.59 18.81
N GLY S 60 -38.34 57.48 19.68
CA GLY S 60 -37.93 58.87 19.63
C GLY S 60 -37.12 59.32 20.84
N ALA S 61 -36.38 58.38 21.44
CA ALA S 61 -35.53 58.75 22.57
C ALA S 61 -34.40 59.68 22.14
N GLU S 62 -33.81 59.43 20.98
CA GLU S 62 -32.77 60.30 20.47
C GLU S 62 -33.37 61.62 19.99
N PRO S 63 -32.83 62.77 20.40
CA PRO S 63 -33.40 64.06 19.96
C PRO S 63 -33.33 64.28 18.45
N GLN S 64 -32.27 63.82 17.79
CA GLN S 64 -32.19 63.91 16.34
C GLN S 64 -33.23 63.00 15.69
N ALA S 65 -33.42 61.80 16.25
CA ALA S 65 -34.49 60.93 15.77
C ALA S 65 -35.85 61.55 16.00
N LEU S 66 -36.04 62.24 17.14
CA LEU S 66 -37.28 62.93 17.41
C LEU S 66 -37.55 64.03 16.37
N ARG S 67 -36.51 64.81 16.04
CA ARG S 67 -36.67 65.87 15.04
C ARG S 67 -36.99 65.30 13.66
N TRP S 68 -36.27 64.24 13.26
CA TRP S 68 -36.51 63.63 11.96
C TRP S 68 -37.90 63.01 11.87
N TYR S 69 -38.33 62.34 12.94
CA TYR S 69 -39.65 61.72 12.94
C TYR S 69 -40.76 62.77 13.02
N GLN S 70 -40.50 63.89 13.69
CA GLN S 70 -41.46 64.99 13.68
C GLN S 70 -41.64 65.57 12.29
N GLN S 71 -40.53 65.77 11.57
CA GLN S 71 -40.62 66.26 10.19
C GLN S 71 -41.32 65.25 9.29
N ALA S 72 -41.00 63.96 9.46
CA ALA S 72 -41.63 62.92 8.64
C ALA S 72 -43.12 62.84 8.90
N GLU S 73 -43.54 62.91 10.17
CA GLU S 73 -44.96 62.87 10.49
C GLU S 73 -45.66 64.12 9.98
N LEU S 74 -44.98 65.27 10.01
CA LEU S 74 -45.56 66.51 9.51
C LEU S 74 -45.81 66.43 8.01
N VAL S 75 -44.84 65.95 7.24
CA VAL S 75 -45.03 65.90 5.79
C VAL S 75 -46.01 64.79 5.41
N HIS S 76 -46.00 63.66 6.13
CA HIS S 76 -47.00 62.62 5.92
C HIS S 76 -48.40 63.15 6.17
N SER S 77 -48.57 63.93 7.24
CA SER S 77 -49.88 64.51 7.56
C SER S 77 -50.32 65.51 6.51
N ARG S 78 -49.39 66.34 6.01
CA ARG S 78 -49.76 67.35 5.03
C ARG S 78 -50.18 66.72 3.70
N THR S 79 -49.39 65.74 3.22
CA THR S 79 -49.78 65.04 2.02
C THR S 79 -51.06 64.25 2.20
N ALA S 80 -51.30 63.70 3.40
CA ALA S 80 -52.57 63.01 3.66
C ALA S 80 -53.73 64.00 3.74
N MET S 81 -53.48 65.23 4.14
CA MET S 81 -54.55 66.22 4.20
C MET S 81 -55.01 66.62 2.81
N MET S 82 -54.05 66.90 1.91
CA MET S 82 -54.41 67.01 0.48
C MET S 82 -55.04 65.75 -0.07
N GLY S 83 -54.58 64.56 0.35
CA GLY S 83 -55.15 63.33 -0.17
C GLY S 83 -56.61 63.14 0.20
N VAL S 84 -56.92 63.28 1.49
CA VAL S 84 -58.30 63.13 1.92
C VAL S 84 -59.16 64.31 1.49
N ALA S 85 -58.58 65.49 1.26
CA ALA S 85 -59.37 66.58 0.69
C ALA S 85 -59.79 66.25 -0.73
N GLY S 86 -58.84 65.84 -1.57
CA GLY S 86 -59.14 65.45 -2.94
C GLY S 86 -59.97 64.17 -3.04
N ILE S 87 -60.03 63.39 -1.98
CA ILE S 87 -60.92 62.23 -1.94
C ILE S 87 -62.34 62.63 -1.51
N LEU S 88 -62.45 63.44 -0.46
CA LEU S 88 -63.75 63.71 0.15
C LEU S 88 -64.52 64.80 -0.59
N ILE S 89 -63.91 65.98 -0.78
CA ILE S 89 -64.66 67.11 -1.34
C ILE S 89 -65.17 66.84 -2.76
N PRO S 90 -64.38 66.31 -3.70
CA PRO S 90 -64.99 65.86 -4.97
C PRO S 90 -66.01 64.75 -4.79
N GLY S 91 -65.82 63.87 -3.79
CA GLY S 91 -66.84 62.86 -3.52
C GLY S 91 -68.15 63.46 -3.02
N ILE S 92 -68.05 64.47 -2.14
CA ILE S 92 -69.24 65.16 -1.67
C ILE S 92 -69.94 65.89 -2.82
N PHE S 93 -69.16 66.51 -3.71
CA PHE S 93 -69.76 67.18 -4.86
C PHE S 93 -70.38 66.19 -5.83
N THR S 94 -69.81 64.98 -5.95
CA THR S 94 -70.44 63.93 -6.73
C THR S 94 -71.76 63.49 -6.12
N LYS S 95 -71.79 63.34 -4.79
CA LYS S 95 -73.02 62.98 -4.11
C LYS S 95 -74.09 64.07 -4.26
N LEU S 96 -73.68 65.34 -4.24
CA LEU S 96 -74.62 66.42 -4.48
C LEU S 96 -74.98 66.55 -5.96
N GLY S 97 -74.20 65.95 -6.85
CA GLY S 97 -74.48 66.00 -8.27
C GLY S 97 -74.01 67.24 -8.99
N ALA S 98 -73.19 68.08 -8.34
CA ALA S 98 -72.71 69.30 -8.99
C ALA S 98 -71.68 68.98 -10.07
N LEU S 99 -70.81 68.01 -9.83
CA LEU S 99 -69.77 67.64 -10.77
C LEU S 99 -69.86 66.15 -11.09
N ASN S 100 -69.37 65.78 -12.27
CA ASN S 100 -69.31 64.39 -12.70
C ASN S 100 -67.93 63.78 -12.46
N VAL S 101 -67.24 64.23 -11.42
CA VAL S 101 -65.90 63.71 -11.11
C VAL S 101 -66.01 62.28 -10.59
N PRO S 102 -65.09 61.38 -10.98
CA PRO S 102 -65.20 59.99 -10.50
C PRO S 102 -64.53 59.76 -9.16
N GLN S 103 -64.52 58.51 -8.71
CA GLN S 103 -63.93 58.13 -7.44
C GLN S 103 -62.41 58.19 -7.50
N TRP S 104 -61.78 58.16 -6.33
CA TRP S 104 -60.34 58.33 -6.25
C TRP S 104 -59.59 57.09 -6.69
N TYR S 105 -60.12 55.89 -6.42
CA TYR S 105 -59.40 54.67 -6.73
C TYR S 105 -59.38 54.37 -8.23
N GLU S 106 -60.32 54.93 -8.99
CA GLU S 106 -60.38 54.73 -10.43
C GLU S 106 -60.04 55.99 -11.21
N ALA S 107 -59.69 57.08 -10.52
CA ALA S 107 -59.38 58.34 -11.20
C ALA S 107 -58.13 58.22 -12.06
N GLY S 108 -57.18 57.40 -11.64
CA GLY S 108 -55.96 57.21 -12.42
C GLY S 108 -56.23 56.62 -13.79
N LYS S 109 -57.05 55.57 -13.85
CA LYS S 109 -57.34 54.94 -15.14
C LYS S 109 -58.17 55.84 -16.04
N VAL S 110 -59.11 56.61 -15.48
CA VAL S 110 -59.92 57.48 -16.31
C VAL S 110 -59.14 58.72 -16.75
N TYR S 111 -58.04 59.05 -16.06
CA TYR S 111 -57.17 60.09 -16.61
C TYR S 111 -56.21 59.52 -17.64
N ILE S 112 -55.71 58.30 -17.42
CA ILE S 112 -54.82 57.66 -18.37
C ILE S 112 -55.53 57.43 -19.71
N GLU S 113 -56.81 57.02 -19.65
CA GLU S 113 -57.56 56.71 -20.86
C GLU S 113 -58.12 57.95 -21.56
N GLY S 114 -57.99 59.13 -20.97
CA GLY S 114 -58.52 60.34 -21.57
C GLY S 114 -57.76 60.79 -22.81
N GLU S 115 -58.38 61.70 -23.56
CA GLU S 115 -57.79 62.26 -24.77
C GLU S 115 -56.72 63.30 -24.47
N GLY S 116 -56.84 64.04 -23.37
CA GLY S 116 -55.85 65.02 -22.99
C GLY S 116 -54.92 64.47 -21.93
N ALA S 117 -54.50 63.22 -22.11
CA ALA S 117 -53.75 62.49 -21.10
C ALA S 117 -52.26 62.73 -21.30
N ILE S 118 -51.62 63.38 -20.34
CA ILE S 118 -50.17 63.30 -20.25
C ILE S 118 -49.77 61.87 -19.91
N PRO S 119 -48.78 61.29 -20.58
CA PRO S 119 -48.44 59.88 -20.32
C PRO S 119 -47.94 59.65 -18.90
N PHE S 120 -48.15 58.41 -18.44
CA PHE S 120 -47.84 58.05 -17.06
C PHE S 120 -46.35 58.17 -16.77
N GLY S 121 -45.51 57.79 -17.74
CA GLY S 121 -44.08 57.95 -17.58
C GLY S 121 -43.66 59.40 -17.42
N THR S 122 -44.19 60.28 -18.27
CA THR S 122 -43.92 61.70 -18.17
C THR S 122 -44.43 62.27 -16.85
N LEU S 123 -45.61 61.82 -16.42
CA LEU S 123 -46.20 62.33 -15.19
C LEU S 123 -45.36 61.97 -13.97
N LEU S 124 -44.94 60.71 -13.85
CA LEU S 124 -44.19 60.37 -12.64
C LEU S 124 -42.75 60.88 -12.72
N MET S 125 -42.18 61.02 -13.93
CA MET S 125 -40.89 61.72 -14.04
C MET S 125 -40.98 63.18 -13.60
N THR S 126 -42.03 63.89 -14.02
CA THR S 126 -42.22 65.28 -13.60
C THR S 126 -42.44 65.37 -12.09
N THR S 127 -43.28 64.48 -11.55
CA THR S 127 -43.56 64.48 -10.12
C THR S 127 -42.31 64.18 -9.30
N LEU S 128 -41.54 63.17 -9.70
CA LEU S 128 -40.32 62.83 -9.00
C LEU S 128 -39.29 63.96 -9.08
N PHE S 129 -39.14 64.59 -10.25
CA PHE S 129 -38.17 65.66 -10.36
C PHE S 129 -38.56 66.88 -9.52
N SER S 130 -39.83 67.28 -9.58
CA SER S 130 -40.27 68.46 -8.83
C SER S 130 -40.20 68.21 -7.32
N TYR S 131 -40.69 67.05 -6.88
CA TYR S 131 -40.66 66.78 -5.45
C TYR S 131 -39.25 66.47 -4.95
N ALA S 132 -38.37 65.98 -5.82
CA ALA S 132 -36.96 65.84 -5.44
C ALA S 132 -36.31 67.20 -5.27
N PHE S 133 -36.63 68.16 -6.15
CA PHE S 133 -36.12 69.51 -5.98
C PHE S 133 -36.63 70.14 -4.69
N VAL S 134 -37.90 69.88 -4.34
CA VAL S 134 -38.44 70.41 -3.09
C VAL S 134 -37.78 69.75 -1.88
N GLU S 135 -37.68 68.41 -1.90
CA GLU S 135 -37.19 67.68 -0.75
C GLU S 135 -35.67 67.79 -0.58
N GLY S 136 -34.94 68.13 -1.64
CA GLY S 136 -33.54 68.47 -1.45
C GLY S 136 -33.36 69.74 -0.66
N LYS S 137 -34.17 70.75 -0.95
CA LYS S 137 -34.19 71.97 -0.13
C LYS S 137 -34.61 71.66 1.30
N ARG S 138 -35.62 70.79 1.45
CA ARG S 138 -36.09 70.41 2.79
C ARG S 138 -34.99 69.70 3.58
N TRP S 139 -34.28 68.76 2.96
CA TRP S 139 -33.21 68.04 3.63
C TRP S 139 -32.05 68.96 3.97
N GLN S 140 -31.66 69.84 3.03
CA GLN S 140 -30.55 70.74 3.27
C GLN S 140 -30.88 71.77 4.36
N ASP S 141 -32.16 72.14 4.48
CA ASP S 141 -32.57 72.98 5.60
C ASP S 141 -32.65 72.20 6.91
N PHE S 142 -33.00 70.91 6.85
CA PHE S 142 -33.02 70.10 8.07
C PHE S 142 -31.61 69.86 8.60
N ARG S 143 -30.62 69.76 7.72
CA ARG S 143 -29.24 69.57 8.16
C ARG S 143 -28.75 70.79 8.95
N LYS S 144 -28.89 71.98 8.37
CA LYS S 144 -28.56 73.23 9.05
C LYS S 144 -29.77 74.14 9.00
N PRO S 145 -30.42 74.44 10.12
CA PRO S 145 -31.62 75.29 10.07
C PRO S 145 -31.28 76.74 9.77
N GLY S 146 -32.08 77.34 8.91
CA GLY S 146 -31.86 78.72 8.53
C GLY S 146 -30.70 78.96 7.59
N SER S 147 -30.11 77.90 7.03
CA SER S 147 -28.96 78.03 6.15
C SER S 147 -29.35 78.26 4.70
N GLN S 148 -30.64 78.27 4.39
CA GLN S 148 -31.10 78.49 3.02
C GLN S 148 -31.25 79.96 2.67
N ALA S 149 -30.93 80.87 3.59
CA ALA S 149 -31.03 82.29 3.36
C ALA S 149 -29.71 82.90 2.89
N GLU S 150 -28.84 82.11 2.26
CA GLU S 150 -27.60 82.64 1.71
C GLU S 150 -27.92 83.53 0.51
N PRO S 151 -27.41 84.76 0.47
CA PRO S 151 -27.80 85.69 -0.59
C PRO S 151 -27.31 85.25 -1.97
N GLY S 152 -28.08 85.63 -2.98
CA GLY S 152 -27.75 85.29 -4.36
C GLY S 152 -27.85 83.83 -4.69
N THR S 153 -28.85 83.13 -4.15
CA THR S 153 -29.04 81.71 -4.43
C THR S 153 -30.33 81.43 -5.19
N PHE S 154 -31.48 81.70 -4.59
CA PHE S 154 -32.77 81.57 -5.28
C PHE S 154 -33.24 82.90 -5.84
N PHE S 155 -32.40 83.52 -6.68
CA PHE S 155 -32.74 84.72 -7.44
C PHE S 155 -33.16 85.89 -6.55
N GLY S 156 -32.62 85.98 -5.34
CA GLY S 156 -32.84 87.11 -4.46
C GLY S 156 -34.02 86.97 -3.52
N LEU S 157 -34.93 86.03 -3.77
CA LEU S 157 -36.12 85.85 -2.94
C LEU S 157 -35.90 84.83 -1.83
N GLU S 158 -34.69 84.29 -1.70
CA GLU S 158 -34.37 83.29 -0.68
C GLU S 158 -34.15 83.89 0.70
N SER S 159 -34.16 85.22 0.83
CA SER S 159 -33.91 85.84 2.13
C SER S 159 -35.06 85.59 3.11
N GLN S 160 -36.24 85.22 2.60
CA GLN S 160 -37.36 84.84 3.43
C GLN S 160 -37.53 83.32 3.52
N PHE S 161 -36.58 82.55 3.01
CA PHE S 161 -36.63 81.10 3.06
C PHE S 161 -35.99 80.52 4.31
N LYS S 162 -35.54 81.38 5.24
CA LYS S 162 -34.96 80.88 6.47
C LYS S 162 -36.00 80.21 7.35
N GLY S 163 -35.58 79.18 8.07
CA GLY S 163 -36.49 78.42 8.90
C GLY S 163 -36.56 78.94 10.33
N THR S 164 -37.76 79.34 10.75
CA THR S 164 -37.95 79.81 12.12
C THR S 164 -37.94 78.65 13.11
N GLU S 165 -38.40 77.48 12.69
CA GLU S 165 -38.49 76.31 13.55
C GLU S 165 -38.51 75.07 12.66
N ASN S 166 -37.93 73.98 13.17
CA ASN S 166 -37.85 72.73 12.42
C ASN S 166 -39.24 72.23 12.04
N GLY S 167 -39.43 71.98 10.74
CA GLY S 167 -40.71 71.58 10.22
C GLY S 167 -41.66 72.72 9.90
N TYR S 168 -41.33 73.95 10.30
CA TYR S 168 -42.18 75.11 10.09
C TYR S 168 -41.33 76.22 9.49
N PRO S 169 -41.18 76.25 8.16
CA PRO S 169 -40.25 77.22 7.55
C PRO S 169 -40.71 78.66 7.63
N GLY S 170 -41.96 78.96 7.29
CA GLY S 170 -42.40 80.33 7.20
C GLY S 170 -41.93 81.01 5.93
N GLY S 171 -42.16 82.32 5.87
CA GLY S 171 -41.74 83.08 4.71
C GLY S 171 -42.87 83.20 3.71
N ILE S 172 -42.60 82.80 2.46
CA ILE S 172 -43.63 82.83 1.44
C ILE S 172 -44.67 81.74 1.67
N PHE S 173 -44.36 80.74 2.50
CA PHE S 173 -45.33 79.72 2.86
C PHE S 173 -46.44 80.27 3.76
N ASP S 174 -46.22 81.42 4.39
CA ASP S 174 -47.25 82.11 5.17
C ASP S 174 -47.28 83.57 4.75
N PRO S 175 -47.88 83.87 3.59
CA PRO S 175 -47.90 85.27 3.12
C PRO S 175 -49.00 86.10 3.78
N LEU S 176 -50.11 85.46 4.16
CA LEU S 176 -51.19 86.19 4.81
C LEU S 176 -50.83 86.62 6.23
N GLY S 177 -50.10 85.78 6.96
CA GLY S 177 -49.54 86.20 8.23
C GLY S 177 -50.33 85.84 9.47
N TYR S 178 -50.78 84.58 9.58
CA TYR S 178 -51.36 84.11 10.83
C TYR S 178 -50.31 83.56 11.79
N SER S 179 -49.08 83.33 11.32
CA SER S 179 -48.00 82.88 12.20
C SER S 179 -47.30 84.02 12.91
N LYS S 180 -47.55 85.27 12.49
CA LYS S 180 -46.94 86.43 13.13
C LYS S 180 -47.83 86.98 14.24
N THR S 181 -48.21 86.10 15.17
CA THR S 181 -49.09 86.42 16.28
C THR S 181 -48.40 86.06 17.59
N SER S 182 -49.17 86.09 18.68
CA SER S 182 -48.68 85.68 19.97
C SER S 182 -48.33 84.19 19.97
N PRO S 183 -47.29 83.80 20.71
CA PRO S 183 -46.90 82.37 20.74
C PRO S 183 -47.98 81.44 21.27
N GLU S 184 -48.79 81.91 22.23
CA GLU S 184 -49.88 81.10 22.78
C GLU S 184 -51.01 80.87 21.79
N LYS S 185 -51.06 81.63 20.69
CA LYS S 185 -51.90 81.30 19.56
C LYS S 185 -51.20 80.35 18.60
N LEU S 186 -49.87 80.46 18.50
CA LEU S 186 -49.11 79.67 17.54
C LEU S 186 -49.07 78.20 17.94
N ASP S 187 -48.93 77.89 19.23
CA ASP S 187 -48.89 76.46 19.59
C ASP S 187 -50.27 75.84 19.43
N GLU S 188 -51.33 76.62 19.65
CA GLU S 188 -52.68 76.14 19.41
C GLU S 188 -52.91 75.87 17.93
N LEU S 189 -52.39 76.75 17.05
CA LEU S 189 -52.46 76.51 15.62
C LEU S 189 -51.69 75.24 15.24
N LYS S 190 -50.51 75.04 15.84
CA LYS S 190 -49.73 73.84 15.60
C LYS S 190 -50.48 72.60 16.05
N LEU S 191 -51.12 72.66 17.22
CA LEU S 191 -51.92 71.54 17.73
C LEU S 191 -53.09 71.22 16.81
N LYS S 192 -53.78 72.25 16.33
CA LYS S 192 -54.88 72.04 15.40
C LYS S 192 -54.39 71.41 14.09
N GLU S 193 -53.25 71.90 13.59
CA GLU S 193 -52.67 71.34 12.37
C GLU S 193 -52.31 69.88 12.53
N ILE S 194 -51.64 69.52 13.64
CA ILE S 194 -51.16 68.16 13.79
C ILE S 194 -52.32 67.22 14.10
N LYS S 195 -53.36 67.73 14.77
CA LYS S 195 -54.53 66.89 15.07
C LYS S 195 -55.33 66.60 13.81
N ASN S 196 -55.60 67.63 12.99
CA ASN S 196 -56.30 67.39 11.73
C ASN S 196 -55.43 66.56 10.78
N GLY S 197 -54.11 66.69 10.88
CA GLY S 197 -53.23 65.87 10.06
C GLY S 197 -53.26 64.40 10.44
N ARG S 198 -53.25 64.10 11.74
CA ARG S 198 -53.36 62.71 12.18
C ARG S 198 -54.72 62.14 11.83
N LEU S 199 -55.78 62.96 11.94
CA LEU S 199 -57.11 62.54 11.53
C LEU S 199 -57.13 62.22 10.03
N ALA S 200 -56.46 63.05 9.23
CA ALA S 200 -56.40 62.79 7.79
C ALA S 200 -55.60 61.54 7.48
N MET S 201 -54.53 61.29 8.24
CA MET S 201 -53.71 60.10 7.98
C MET S 201 -54.48 58.83 8.30
N VAL S 202 -55.15 58.79 9.46
CA VAL S 202 -55.96 57.62 9.79
C VAL S 202 -57.17 57.52 8.85
N ALA S 203 -57.65 58.66 8.33
CA ALA S 203 -58.74 58.62 7.37
C ALA S 203 -58.29 58.03 6.03
N PHE S 204 -57.07 58.36 5.59
CA PHE S 204 -56.57 57.78 4.36
C PHE S 204 -56.30 56.28 4.52
N LEU S 205 -55.81 55.88 5.69
CA LEU S 205 -55.68 54.45 5.97
C LEU S 205 -57.05 53.76 5.94
N GLY S 206 -58.07 54.41 6.49
CA GLY S 206 -59.41 53.86 6.41
C GLY S 206 -59.95 53.81 4.99
N PHE S 207 -59.61 54.81 4.18
CA PHE S 207 -60.02 54.81 2.77
C PHE S 207 -59.40 53.64 2.03
N ALA S 208 -58.10 53.40 2.26
CA ALA S 208 -57.43 52.28 1.62
C ALA S 208 -58.01 50.95 2.07
N GLY S 209 -58.26 50.81 3.39
CA GLY S 209 -58.84 49.58 3.89
C GLY S 209 -60.25 49.33 3.39
N GLN S 210 -61.05 50.39 3.28
CA GLN S 210 -62.42 50.26 2.80
C GLN S 210 -62.48 49.97 1.30
N TYR S 211 -61.53 50.52 0.53
CA TYR S 211 -61.47 50.16 -0.89
C TYR S 211 -60.99 48.73 -1.06
N GLY S 212 -60.06 48.28 -0.22
CA GLY S 212 -59.62 46.90 -0.30
C GLY S 212 -60.64 45.89 0.21
N ALA S 213 -61.56 46.34 1.07
CA ALA S 213 -62.56 45.45 1.65
C ALA S 213 -63.88 45.49 0.88
N THR S 214 -64.47 46.69 0.77
CA THR S 214 -65.79 46.83 0.15
C THR S 214 -65.72 47.13 -1.34
N GLY S 215 -64.66 47.79 -1.81
CA GLY S 215 -64.56 48.14 -3.20
C GLY S 215 -65.34 49.37 -3.60
N LYS S 216 -65.81 50.16 -2.64
CA LYS S 216 -66.59 51.35 -2.91
C LYS S 216 -65.89 52.56 -2.29
N GLY S 217 -66.36 53.75 -2.66
CA GLY S 217 -65.79 54.98 -2.16
C GLY S 217 -66.24 55.29 -0.75
N PRO S 218 -65.58 56.28 -0.14
CA PRO S 218 -65.97 56.70 1.22
C PRO S 218 -67.38 57.25 1.31
N ILE S 219 -67.85 57.94 0.25
CA ILE S 219 -69.20 58.50 0.28
C ILE S 219 -70.24 57.40 0.28
N ASP S 220 -70.05 56.36 -0.54
CA ASP S 220 -70.98 55.25 -0.58
C ASP S 220 -70.97 54.48 0.74
N ASN S 221 -69.79 54.28 1.32
CA ASN S 221 -69.70 53.59 2.61
C ASN S 221 -70.36 54.39 3.72
N LEU S 222 -70.18 55.71 3.72
CA LEU S 222 -70.82 56.56 4.71
C LEU S 222 -72.34 56.54 4.55
N ALA S 223 -72.82 56.58 3.30
CA ALA S 223 -74.26 56.52 3.06
C ALA S 223 -74.84 55.18 3.50
N ASP S 224 -74.11 54.08 3.24
CA ASP S 224 -74.58 52.76 3.66
C ASP S 224 -74.59 52.62 5.17
N HIS S 225 -73.58 53.19 5.85
CA HIS S 225 -73.54 53.11 7.31
C HIS S 225 -74.59 54.00 7.94
N LEU S 226 -74.94 55.12 7.29
CA LEU S 226 -76.00 55.98 7.81
C LEU S 226 -77.38 55.36 7.58
N ALA S 227 -77.57 54.72 6.43
CA ALA S 227 -78.86 54.09 6.14
C ALA S 227 -79.04 52.82 6.95
N ASP S 228 -78.14 51.86 6.79
CA ASP S 228 -78.19 50.59 7.52
C ASP S 228 -76.94 50.48 8.37
N PRO S 229 -77.01 50.85 9.66
CA PRO S 229 -75.79 50.82 10.48
C PRO S 229 -75.34 49.42 10.86
N TRP S 230 -76.27 48.54 11.21
CA TRP S 230 -75.88 47.20 11.67
C TRP S 230 -75.47 46.31 10.51
N HIS S 231 -76.16 46.40 9.38
CA HIS S 231 -75.85 45.54 8.24
C HIS S 231 -74.59 45.97 7.52
N ASN S 232 -74.26 47.26 7.54
CA ASN S 232 -73.04 47.78 6.92
C ASN S 232 -71.99 47.94 8.00
N THR S 233 -71.32 46.84 8.32
CA THR S 233 -70.31 46.81 9.37
C THR S 233 -69.08 46.07 8.85
N PHE S 234 -67.91 46.44 9.38
CA PHE S 234 -66.67 45.80 8.96
C PHE S 234 -66.63 44.32 9.33
N ALA S 235 -67.35 43.93 10.39
CA ALA S 235 -67.40 42.52 10.76
C ALA S 235 -68.29 41.73 9.82
N GLU S 236 -69.28 42.39 9.21
CA GLU S 236 -70.12 41.72 8.23
C GLU S 236 -69.34 41.34 6.99
N ASN S 237 -68.46 42.22 6.53
CA ASN S 237 -67.62 41.93 5.37
C ASN S 237 -66.52 40.96 5.76
N GLY S 238 -66.34 39.90 4.96
CA GLY S 238 -65.38 38.87 5.29
C GLY S 238 -63.95 39.15 4.90
N ILE S 239 -63.70 40.25 4.20
CA ILE S 239 -62.32 40.59 3.81
C ILE S 239 -61.51 41.02 5.02
N SER S 240 -62.09 41.83 5.89
CA SER S 240 -61.35 42.36 7.04
C SER S 240 -61.05 41.28 8.06
N VAL S 241 -62.05 40.48 8.41
CA VAL S 241 -61.89 39.40 9.38
C VAL S 241 -62.27 38.10 8.68
N PRO S 242 -61.29 37.37 8.15
CA PRO S 242 -61.59 36.06 7.55
C PRO S 242 -61.99 35.05 8.59
N GLY S 243 -62.90 34.16 8.21
CA GLY S 243 -63.39 33.12 9.08
C GLY S 243 -64.57 33.51 9.94
N LEU S 244 -64.86 34.80 10.08
CA LEU S 244 -66.01 35.23 10.87
C LEU S 244 -67.33 34.90 10.18
N SER S 245 -67.35 34.93 8.85
CA SER S 245 -68.57 34.60 8.11
C SER S 245 -68.96 33.13 8.30
N ALA S 246 -67.97 32.24 8.36
CA ALA S 246 -68.26 30.82 8.58
C ALA S 246 -68.87 30.59 9.95
N VAL S 247 -68.48 31.40 10.95
CA VAL S 247 -69.10 31.32 12.26
C VAL S 247 -70.54 31.82 12.20
N GLU S 248 -70.79 32.87 11.40
CA GLU S 248 -72.14 33.41 11.27
C GLU S 248 -73.08 32.42 10.57
N GLN S 249 -72.59 31.74 9.53
CA GLN S 249 -73.42 30.75 8.86
C GLN S 249 -73.60 29.50 9.73
N ALA S 250 -72.63 29.21 10.59
CA ALA S 250 -72.77 28.08 11.50
C ALA S 250 -73.84 28.34 12.56
N ALA S 251 -73.95 29.58 13.02
CA ALA S 251 -74.94 29.95 14.02
C ALA S 251 -76.31 30.13 13.39
N ASP T 43 -62.34 36.12 65.96
CA ASP T 43 -63.11 37.35 66.08
C ASP T 43 -64.07 37.52 64.91
N ARG T 44 -63.93 36.65 63.92
CA ARG T 44 -64.76 36.68 62.72
C ARG T 44 -65.28 35.28 62.41
N PRO T 45 -66.46 35.18 61.82
CA PRO T 45 -66.93 33.88 61.33
C PRO T 45 -66.13 33.47 60.10
N LEU T 46 -65.49 32.31 60.18
CA LEU T 46 -64.65 31.84 59.09
C LEU T 46 -65.38 30.82 58.23
N TRP T 47 -64.73 30.41 57.14
CA TRP T 47 -65.30 29.38 56.28
C TRP T 47 -65.34 28.03 56.97
N SER T 48 -64.46 27.80 57.94
CA SER T 48 -64.48 26.60 58.77
C SER T 48 -64.22 27.04 60.20
N PRO T 49 -65.13 26.77 61.13
CA PRO T 49 -64.88 27.13 62.53
C PRO T 49 -63.69 26.37 63.09
N GLY T 50 -62.84 27.08 63.82
CA GLY T 50 -61.63 26.50 64.37
C GLY T 50 -60.43 26.52 63.45
N SER T 51 -60.60 26.97 62.21
CA SER T 51 -59.49 27.03 61.28
C SER T 51 -58.64 28.27 61.52
N GLU T 52 -57.46 28.28 60.91
CA GLU T 52 -56.55 29.41 61.03
C GLU T 52 -56.77 30.36 59.87
N PRO T 53 -57.19 31.60 60.13
CA PRO T 53 -57.37 32.55 59.03
C PRO T 53 -56.03 32.98 58.46
N PRO T 54 -55.99 33.34 57.18
CA PRO T 54 -54.72 33.79 56.59
C PRO T 54 -54.29 35.13 57.15
N ALA T 55 -52.97 35.34 57.14
CA ALA T 55 -52.41 36.60 57.65
C ALA T 55 -52.76 37.77 56.74
N TRP T 56 -52.79 37.54 55.42
CA TRP T 56 -53.12 38.58 54.47
C TRP T 56 -54.61 38.85 54.39
N LEU T 57 -55.45 38.00 54.99
CA LEU T 57 -56.89 38.20 55.07
C LEU T 57 -57.19 38.60 56.51
N ASP T 58 -57.11 39.89 56.79
CA ASP T 58 -57.24 40.43 58.14
C ASP T 58 -58.67 40.83 58.50
N GLY T 59 -59.64 40.56 57.63
CA GLY T 59 -61.00 40.98 57.86
C GLY T 59 -61.33 42.38 57.41
N SER T 60 -60.41 43.05 56.71
CA SER T 60 -60.65 44.40 56.22
C SER T 60 -61.25 44.44 54.83
N LEU T 61 -61.66 43.29 54.29
CA LEU T 61 -62.26 43.22 52.97
C LEU T 61 -63.73 42.81 53.07
N ALA T 62 -64.47 43.10 52.01
CA ALA T 62 -65.89 42.76 51.98
C ALA T 62 -66.07 41.26 51.90
N GLY T 63 -66.79 40.70 52.88
CA GLY T 63 -66.98 39.26 52.96
C GLY T 63 -65.70 38.50 53.22
N ASP T 64 -64.85 39.01 54.10
CA ASP T 64 -63.57 38.39 54.41
C ASP T 64 -63.81 37.27 55.42
N TYR T 65 -64.18 36.09 54.92
CA TYR T 65 -64.36 34.92 55.74
C TYR T 65 -63.09 34.10 55.90
N GLY T 66 -61.97 34.57 55.35
CA GLY T 66 -60.71 33.88 55.47
C GLY T 66 -60.65 32.55 54.75
N PHE T 67 -61.36 32.42 53.64
CA PHE T 67 -61.35 31.19 52.85
C PHE T 67 -60.25 31.32 51.80
N ASP T 68 -59.10 30.73 52.07
CA ASP T 68 -57.98 30.83 51.14
C ASP T 68 -57.08 29.61 51.24
N PRO T 69 -57.50 28.43 50.77
CA PRO T 69 -56.64 27.26 50.84
C PRO T 69 -55.50 27.27 49.83
N LEU T 70 -55.66 27.94 48.69
CA LEU T 70 -54.61 28.06 47.70
C LEU T 70 -53.76 29.31 47.92
N HIS T 71 -54.03 30.09 48.97
CA HIS T 71 -53.23 31.24 49.38
C HIS T 71 -53.05 32.26 48.27
N LEU T 72 -54.08 32.45 47.45
CA LEU T 72 -54.05 33.48 46.43
C LEU T 72 -54.28 34.85 47.08
N SER T 73 -54.04 35.91 46.28
CA SER T 73 -54.15 37.30 46.73
C SER T 73 -53.20 37.62 47.87
N GLU T 74 -52.11 36.87 47.99
CA GLU T 74 -51.14 37.15 49.06
C GLU T 74 -50.31 38.39 48.74
N GLU T 75 -49.91 38.54 47.47
CA GLU T 75 -49.25 39.76 47.04
C GLU T 75 -50.27 40.90 47.01
N PRO T 76 -49.90 42.09 47.49
CA PRO T 76 -50.87 43.22 47.52
C PRO T 76 -51.41 43.61 46.16
N GLU T 77 -50.57 43.63 45.12
CA GLU T 77 -51.06 43.90 43.77
C GLU T 77 -51.93 42.75 43.28
N MET T 78 -51.51 41.52 43.56
CA MET T 78 -52.36 40.36 43.27
C MET T 78 -53.65 40.40 44.09
N ARG T 79 -53.59 40.90 45.32
CA ARG T 79 -54.80 41.08 46.12
C ARG T 79 -55.75 42.07 45.46
N LYS T 80 -55.21 43.18 44.94
CA LYS T 80 -56.04 44.17 44.25
C LYS T 80 -56.68 43.57 43.02
N TRP T 81 -55.91 42.81 42.23
CA TRP T 81 -56.47 42.26 41.00
C TRP T 81 -57.48 41.16 41.31
N MET T 82 -57.23 40.35 42.34
CA MET T 82 -58.19 39.35 42.79
C MET T 82 -59.50 39.99 43.26
N VAL T 83 -59.43 41.06 44.06
CA VAL T 83 -60.66 41.65 44.57
C VAL T 83 -61.42 42.37 43.46
N GLN T 84 -60.71 42.99 42.51
CA GLN T 84 -61.39 43.62 41.38
C GLN T 84 -62.06 42.56 40.49
N ALA T 85 -61.36 41.46 40.23
CA ALA T 85 -61.94 40.38 39.43
C ALA T 85 -63.14 39.75 40.12
N GLU T 86 -63.05 39.56 41.44
CA GLU T 86 -64.17 38.99 42.18
C GLU T 86 -65.38 39.93 42.16
N LEU T 87 -65.14 41.23 42.30
CA LEU T 87 -66.24 42.19 42.28
C LEU T 87 -66.91 42.24 40.92
N VAL T 88 -66.13 42.26 39.84
CA VAL T 88 -66.74 42.36 38.50
C VAL T 88 -67.43 41.04 38.13
N HIS T 89 -66.83 39.89 38.47
CA HIS T 89 -67.46 38.60 38.22
C HIS T 89 -68.75 38.47 39.03
N ALA T 90 -68.75 38.96 40.27
CA ALA T 90 -69.95 38.93 41.10
C ALA T 90 -71.06 39.81 40.52
N ARG T 91 -70.70 41.02 40.08
CA ARG T 91 -71.70 41.92 39.51
C ARG T 91 -72.30 41.36 38.22
N TRP T 92 -71.45 40.79 37.35
CA TRP T 92 -71.98 40.24 36.12
C TRP T 92 -72.76 38.95 36.35
N ALA T 93 -72.36 38.14 37.33
CA ALA T 93 -73.15 36.96 37.67
C ALA T 93 -74.51 37.36 38.23
N MET T 94 -74.56 38.42 39.04
CA MET T 94 -75.84 38.92 39.55
C MET T 94 -76.72 39.46 38.44
N LEU T 95 -76.14 40.21 37.49
CA LEU T 95 -76.92 40.69 36.35
C LEU T 95 -77.43 39.54 35.50
N GLY T 96 -76.59 38.52 35.28
CA GLY T 96 -77.02 37.37 34.51
C GLY T 96 -78.13 36.56 35.16
N VAL T 97 -78.00 36.33 36.48
CA VAL T 97 -79.05 35.56 37.16
C VAL T 97 -80.33 36.37 37.24
N ALA T 98 -80.25 37.70 37.38
CA ALA T 98 -81.45 38.53 37.38
C ALA T 98 -82.15 38.48 36.03
N GLY T 99 -81.38 38.60 34.95
CA GLY T 99 -81.97 38.52 33.62
C GLY T 99 -82.57 37.16 33.31
N ILE T 100 -81.87 36.09 33.70
CA ILE T 100 -82.35 34.74 33.47
C ILE T 100 -83.63 34.47 34.25
N LEU T 101 -83.67 34.89 35.53
CA LEU T 101 -84.87 34.70 36.34
C LEU T 101 -86.03 35.51 35.80
N PHE T 102 -85.78 36.76 35.37
CA PHE T 102 -86.86 37.57 34.81
C PHE T 102 -87.42 36.96 33.53
N THR T 103 -86.53 36.50 32.63
CA THR T 103 -86.99 35.90 31.38
C THR T 103 -87.74 34.59 31.64
N SER T 104 -87.26 33.76 32.59
CA SER T 104 -87.93 32.50 32.87
C SER T 104 -89.28 32.72 33.54
N ILE T 105 -89.37 33.69 34.45
CA ILE T 105 -90.65 34.00 35.09
C ILE T 105 -91.65 34.54 34.07
N ALA T 106 -91.19 35.41 33.17
CA ALA T 106 -92.07 35.93 32.12
C ALA T 106 -92.52 34.82 31.17
N ALA T 107 -91.62 33.88 30.85
CA ALA T 107 -91.99 32.76 29.99
C ALA T 107 -93.00 31.84 30.68
N LYS T 108 -92.85 31.64 32.00
CA LYS T 108 -93.80 30.81 32.73
C LYS T 108 -95.17 31.49 32.81
N THR T 109 -95.20 32.79 33.08
CA THR T 109 -96.48 33.49 33.25
C THR T 109 -97.23 33.69 31.95
N GLY T 110 -96.57 33.61 30.80
CA GLY T 110 -97.23 33.72 29.52
C GLY T 110 -96.58 34.66 28.53
N ALA T 111 -95.64 35.50 28.96
CA ALA T 111 -94.95 36.38 28.03
C ALA T 111 -94.04 35.55 27.11
N PRO T 112 -93.93 35.90 25.83
CA PRO T 112 -93.13 35.08 24.90
C PRO T 112 -91.65 35.31 25.12
N PHE T 113 -90.99 34.32 25.74
CA PHE T 113 -89.58 34.37 26.04
C PHE T 113 -89.01 32.96 25.88
N PRO T 114 -87.84 32.81 25.27
CA PRO T 114 -87.24 31.49 25.12
C PRO T 114 -86.56 31.05 26.42
N ASP T 115 -85.96 29.86 26.37
CA ASP T 115 -85.22 29.35 27.51
C ASP T 115 -83.94 30.16 27.72
N TRP T 116 -83.39 30.05 28.94
CA TRP T 116 -82.16 30.76 29.25
C TRP T 116 -80.99 30.24 28.42
N TYR T 117 -81.00 28.95 28.09
CA TYR T 117 -80.05 28.43 27.13
C TYR T 117 -80.53 28.73 25.71
N ASP T 118 -79.56 28.86 24.80
CA ASP T 118 -79.70 29.29 23.41
C ASP T 118 -80.70 30.45 23.25
N ALA T 119 -80.67 31.40 24.18
CA ALA T 119 -81.53 32.57 24.06
C ALA T 119 -81.01 33.51 22.98
N GLY T 120 -79.68 33.63 22.85
CA GLY T 120 -79.12 34.40 21.77
C GLY T 120 -79.33 33.76 20.41
N LYS T 121 -79.45 32.44 20.38
CA LYS T 121 -79.78 31.76 19.12
C LYS T 121 -81.18 32.10 18.65
N GLU T 122 -82.15 32.12 19.58
CA GLU T 122 -83.51 32.50 19.22
C GLU T 122 -83.66 34.01 19.04
N ALA T 123 -82.72 34.79 19.57
CA ALA T 123 -82.80 36.25 19.40
C ALA T 123 -82.15 36.69 18.09
N ILE T 124 -81.07 36.03 17.68
CA ILE T 124 -80.31 36.49 16.52
C ILE T 124 -81.05 36.24 15.20
N LYS T 125 -82.03 35.35 15.19
CA LYS T 125 -82.84 35.16 13.99
C LYS T 125 -83.84 36.29 13.77
N THR T 126 -84.24 36.98 14.85
CA THR T 126 -85.19 38.07 14.76
C THR T 126 -84.59 39.44 15.05
N SER T 127 -83.39 39.51 15.61
CA SER T 127 -82.79 40.80 15.93
C SER T 127 -82.36 41.53 14.65
N PRO T 128 -82.57 42.84 14.57
CA PRO T 128 -82.06 43.59 13.43
C PRO T 128 -80.53 43.59 13.34
N ALA T 129 -79.84 43.55 14.47
CA ALA T 129 -78.39 43.50 14.47
C ALA T 129 -77.92 42.09 14.16
N PRO T 130 -77.16 41.86 13.10
CA PRO T 130 -76.68 40.52 12.79
C PRO T 130 -75.49 40.15 13.67
N LEU T 131 -75.11 38.87 13.58
CA LEU T 131 -73.93 38.39 14.28
C LEU T 131 -72.67 38.98 13.65
N GLY T 132 -71.63 39.11 14.46
CA GLY T 132 -70.42 39.76 14.02
C GLY T 132 -70.39 41.23 14.39
N SER T 133 -71.39 41.98 13.94
CA SER T 133 -71.47 43.39 14.28
C SER T 133 -71.81 43.61 15.75
N LEU T 134 -72.73 42.81 16.28
CA LEU T 134 -73.15 42.97 17.66
C LEU T 134 -72.04 42.59 18.63
N ILE T 135 -71.38 41.45 18.39
CA ILE T 135 -70.35 40.98 19.30
C ILE T 135 -69.13 41.91 19.25
N PHE T 136 -68.80 42.45 18.07
CA PHE T 136 -67.68 43.37 18.00
C PHE T 136 -68.03 44.75 18.54
N THR T 137 -69.29 45.18 18.44
CA THR T 137 -69.71 46.43 19.04
C THR T 137 -69.63 46.36 20.57
N GLU T 138 -70.18 45.28 21.15
CA GLU T 138 -70.06 45.11 22.60
C GLU T 138 -68.61 44.85 23.00
N LEU T 139 -67.82 44.23 22.12
CA LEU T 139 -66.39 44.04 22.37
C LEU T 139 -65.69 45.38 22.48
N LEU T 140 -65.97 46.30 21.56
CA LEU T 140 -65.36 47.62 21.59
C LEU T 140 -65.77 48.39 22.83
N LEU T 141 -67.08 48.41 23.15
CA LEU T 141 -67.56 49.18 24.28
C LEU T 141 -67.04 48.63 25.61
N PHE T 142 -67.15 47.32 25.82
CA PHE T 142 -66.70 46.78 27.08
C PHE T 142 -65.19 46.61 27.15
N GLY T 143 -64.48 46.60 26.02
CA GLY T 143 -63.03 46.75 26.07
C GLY T 143 -62.63 48.14 26.49
N TRP T 144 -63.36 49.15 26.01
CA TRP T 144 -63.16 50.51 26.51
C TRP T 144 -63.32 50.55 28.02
N VAL T 145 -64.43 50.04 28.54
CA VAL T 145 -64.67 50.08 29.99
C VAL T 145 -63.64 49.21 30.73
N GLU T 146 -63.24 48.09 30.12
CA GLU T 146 -62.25 47.21 30.72
C GLU T 146 -60.92 47.93 30.92
N THR T 147 -60.43 48.61 29.88
CA THR T 147 -59.17 49.33 30.02
C THR T 147 -59.29 50.56 30.92
N LYS T 148 -60.45 51.24 30.91
CA LYS T 148 -60.63 52.38 31.81
C LYS T 148 -60.54 51.94 33.27
N ARG T 149 -61.27 50.89 33.63
CA ARG T 149 -61.22 50.43 35.01
C ARG T 149 -59.91 49.72 35.34
N LEU T 150 -59.23 49.15 34.34
CA LEU T 150 -57.89 48.59 34.58
C LEU T 150 -56.89 49.67 34.95
N TYR T 151 -56.85 50.75 34.16
CA TYR T 151 -55.91 51.82 34.46
C TYR T 151 -56.35 52.68 35.63
N ASP T 152 -57.62 52.59 36.04
CA ASP T 152 -58.01 53.12 37.33
C ASP T 152 -57.54 52.23 38.47
N LEU T 153 -57.53 50.91 38.26
CA LEU T 153 -57.02 49.98 39.27
C LEU T 153 -55.51 50.14 39.46
N ARG T 154 -54.76 50.31 38.38
CA ARG T 154 -53.31 50.40 38.48
C ARG T 154 -52.89 51.68 39.21
N ASN T 155 -53.42 52.82 38.77
CA ASN T 155 -53.23 54.09 39.48
C ASN T 155 -54.60 54.67 39.79
N PRO T 156 -55.00 54.76 41.06
CA PRO T 156 -56.30 55.36 41.38
C PRO T 156 -56.33 56.84 41.05
N GLY T 157 -57.47 57.30 40.55
CA GLY T 157 -57.63 58.69 40.18
C GLY T 157 -56.91 59.11 38.92
N SER T 158 -56.46 58.16 38.09
CA SER T 158 -55.75 58.51 36.87
C SER T 158 -56.73 59.00 35.80
N GLN T 159 -58.02 58.69 35.96
CA GLN T 159 -59.05 59.14 35.05
C GLN T 159 -59.88 60.27 35.61
N GLY T 160 -59.57 60.74 36.82
CA GLY T 160 -60.29 61.84 37.41
C GLY T 160 -59.65 63.18 37.10
N ASP T 161 -58.76 63.20 36.13
CA ASP T 161 -58.06 64.41 35.72
C ASP T 161 -58.82 65.22 34.68
N GLY T 162 -60.03 64.80 34.32
CA GLY T 162 -60.81 65.51 33.32
C GLY T 162 -60.37 65.29 31.89
N SER T 163 -59.65 64.20 31.61
CA SER T 163 -59.23 63.93 30.23
C SER T 163 -60.37 63.35 29.41
N PHE T 164 -61.42 62.88 30.08
CA PHE T 164 -62.58 62.29 29.42
C PHE T 164 -63.78 63.18 29.71
N LEU T 165 -64.16 64.00 28.73
CA LEU T 165 -65.32 64.90 28.76
C LEU T 165 -65.23 65.95 29.87
N GLY T 166 -64.04 66.19 30.41
CA GLY T 166 -63.81 67.27 31.36
C GLY T 166 -64.57 67.18 32.67
N ILE T 167 -64.58 66.02 33.30
CA ILE T 167 -65.25 65.82 34.59
C ILE T 167 -64.24 65.29 35.59
N THR T 168 -64.25 65.86 36.79
CA THR T 168 -63.24 65.57 37.81
C THR T 168 -63.75 64.59 38.86
N ASP T 169 -64.89 64.87 39.49
CA ASP T 169 -65.38 63.99 40.55
C ASP T 169 -65.93 62.68 40.00
N GLY T 170 -66.39 62.68 38.75
CA GLY T 170 -66.84 61.45 38.12
C GLY T 170 -65.70 60.67 37.50
N LEU T 171 -65.95 59.38 37.29
CA LEU T 171 -64.98 58.42 36.74
C LEU T 171 -63.69 58.41 37.56
N LYS T 172 -63.83 58.49 38.89
CA LYS T 172 -62.71 58.38 39.81
C LYS T 172 -63.03 57.32 40.85
N GLY T 173 -62.11 56.38 41.05
CA GLY T 173 -62.32 55.32 42.00
C GLY T 173 -62.11 55.75 43.44
N LYS T 174 -63.20 55.77 44.23
CA LYS T 174 -63.08 56.08 45.64
C LYS T 174 -62.36 54.95 46.39
N GLU T 175 -62.60 53.70 45.98
CA GLU T 175 -61.88 52.57 46.53
C GLU T 175 -61.28 51.74 45.40
N ASN T 176 -60.80 50.54 45.71
CA ASN T 176 -60.08 49.73 44.74
C ASN T 176 -61.00 49.24 43.62
N GLY T 177 -61.96 48.39 43.98
CA GLY T 177 -62.95 47.89 43.04
C GLY T 177 -64.24 48.69 43.01
N TYR T 178 -64.28 49.84 43.67
CA TYR T 178 -65.50 50.63 43.82
C TYR T 178 -65.28 52.03 43.29
N PRO T 179 -65.86 52.39 42.14
CA PRO T 179 -65.67 53.75 41.61
C PRO T 179 -66.51 54.78 42.34
N GLY T 180 -66.50 56.01 41.85
CA GLY T 180 -67.28 57.06 42.48
C GLY T 180 -67.65 58.14 41.48
N GLY T 181 -68.49 59.06 41.93
CA GLY T 181 -68.92 60.16 41.09
C GLY T 181 -70.28 59.92 40.46
N LEU T 182 -70.29 59.57 39.17
CA LEU T 182 -71.52 59.36 38.44
C LEU T 182 -72.07 57.94 38.58
N PHE T 183 -71.33 57.03 39.17
CA PHE T 183 -71.83 55.68 39.45
C PHE T 183 -72.64 55.62 40.73
N ASP T 184 -72.64 56.67 41.54
CA ASP T 184 -73.37 56.73 42.79
C ASP T 184 -74.21 57.99 42.80
N PRO T 185 -75.36 57.99 42.10
CA PRO T 185 -76.18 59.21 42.03
C PRO T 185 -76.85 59.55 43.35
N MET T 186 -77.41 58.54 44.03
CA MET T 186 -78.14 58.75 45.28
C MET T 186 -77.85 57.67 46.33
N GLY T 187 -76.77 56.91 46.18
CA GLY T 187 -76.50 55.85 47.11
C GLY T 187 -76.02 56.37 48.46
N MET T 188 -76.07 55.47 49.45
CA MET T 188 -75.68 55.79 50.82
C MET T 188 -74.24 55.41 51.12
N SER T 189 -73.37 55.40 50.11
CA SER T 189 -71.96 55.10 50.34
C SER T 189 -71.22 56.24 51.01
N LYS T 190 -71.82 57.44 51.08
CA LYS T 190 -71.23 58.52 51.85
C LYS T 190 -71.17 58.17 53.33
N ASN T 191 -72.24 57.59 53.86
CA ASN T 191 -72.23 57.00 55.19
C ASN T 191 -71.31 55.78 55.09
N GLU T 192 -70.46 55.59 56.10
CA GLU T 192 -69.47 54.52 56.02
C GLU T 192 -70.01 53.20 56.56
N ALA T 193 -70.90 53.24 57.56
CA ALA T 193 -71.47 52.01 58.09
C ALA T 193 -72.40 51.37 57.06
N SER T 194 -73.27 52.17 56.44
CA SER T 194 -74.13 51.66 55.38
C SER T 194 -73.31 51.21 54.18
N TYR T 195 -72.19 51.89 53.90
CA TYR T 195 -71.32 51.45 52.80
C TYR T 195 -70.70 50.09 53.10
N LYS T 196 -70.25 49.87 54.33
CA LYS T 196 -69.68 48.56 54.69
C LYS T 196 -70.74 47.47 54.64
N GLU T 197 -71.94 47.76 55.15
CA GLU T 197 -73.02 46.78 55.12
C GLU T 197 -73.42 46.45 53.68
N ALA T 198 -73.49 47.47 52.81
CA ALA T 198 -73.82 47.23 51.42
C ALA T 198 -72.71 46.50 50.69
N LYS T 199 -71.45 46.73 51.08
CA LYS T 199 -70.34 45.98 50.51
C LYS T 199 -70.44 44.50 50.85
N VAL T 200 -70.72 44.19 52.12
CA VAL T 200 -70.86 42.79 52.54
C VAL T 200 -72.06 42.15 51.85
N LYS T 201 -73.18 42.88 51.77
CA LYS T 201 -74.37 42.38 51.10
C LYS T 201 -74.10 42.12 49.62
N GLU T 202 -73.40 43.05 48.95
CA GLU T 202 -73.10 42.90 47.53
C GLU T 202 -72.19 41.72 47.27
N ILE T 203 -71.15 41.53 48.09
CA ILE T 203 -70.26 40.41 47.84
C ILE T 203 -70.93 39.08 48.18
N LYS T 204 -71.80 39.05 49.19
CA LYS T 204 -72.50 37.81 49.52
C LYS T 204 -73.52 37.45 48.45
N ASN T 205 -74.28 38.44 47.97
CA ASN T 205 -75.18 38.21 46.85
C ASN T 205 -74.42 37.83 45.59
N GLY T 206 -73.20 38.35 45.41
CA GLY T 206 -72.41 37.97 44.26
C GLY T 206 -71.97 36.53 44.30
N ARG T 207 -71.50 36.06 45.46
CA ARG T 207 -71.12 34.66 45.59
C ARG T 207 -72.34 33.75 45.45
N LEU T 208 -73.48 34.18 46.00
CA LEU T 208 -74.72 33.43 45.81
C LEU T 208 -75.12 33.40 44.33
N ALA T 209 -74.81 34.46 43.59
CA ALA T 209 -75.08 34.47 42.15
C ALA T 209 -74.14 33.55 41.39
N MET T 210 -72.87 33.46 41.82
CA MET T 210 -71.96 32.48 41.23
C MET T 210 -72.50 31.07 41.41
N LEU T 211 -72.92 30.75 42.64
CA LEU T 211 -73.51 29.44 42.92
C LEU T 211 -74.79 29.23 42.14
N ALA T 212 -75.61 30.27 42.00
CA ALA T 212 -76.85 30.17 41.23
C ALA T 212 -76.55 29.92 39.75
N PHE T 213 -75.49 30.52 39.21
CA PHE T 213 -75.19 30.34 37.80
C PHE T 213 -74.65 28.94 37.52
N VAL T 214 -73.75 28.44 38.36
CA VAL T 214 -73.24 27.09 38.14
C VAL T 214 -74.36 26.07 38.38
N GLY T 215 -75.25 26.35 39.32
CA GLY T 215 -76.43 25.51 39.49
C GLY T 215 -77.35 25.56 38.28
N PHE T 216 -77.53 26.74 37.70
CA PHE T 216 -78.36 26.90 36.52
C PHE T 216 -77.84 26.05 35.37
N ILE T 217 -76.55 26.16 35.08
CA ILE T 217 -76.00 25.39 33.96
C ILE T 217 -76.01 23.89 34.28
N ALA T 218 -75.79 23.53 35.56
CA ALA T 218 -75.76 22.12 35.94
C ALA T 218 -77.14 21.47 35.78
N GLN T 219 -78.18 22.08 36.35
CA GLN T 219 -79.49 21.44 36.21
C GLN T 219 -80.16 21.74 34.88
N HIS T 220 -79.62 22.68 34.08
CA HIS T 220 -80.05 22.76 32.69
C HIS T 220 -79.50 21.60 31.88
N HIS T 221 -78.21 21.26 32.07
CA HIS T 221 -77.67 20.08 31.42
C HIS T 221 -78.30 18.80 31.96
N ALA T 222 -78.75 18.82 33.22
CA ALA T 222 -79.38 17.65 33.80
C ALA T 222 -80.82 17.45 33.34
N THR T 223 -81.59 18.53 33.23
CA THR T 223 -83.03 18.41 33.00
C THR T 223 -83.52 18.96 31.66
N HIS T 224 -82.71 19.79 30.99
CA HIS T 224 -83.10 20.47 29.74
C HIS T 224 -84.40 21.26 29.92
N LYS T 225 -84.48 22.03 31.00
CA LYS T 225 -85.66 22.80 31.33
C LYS T 225 -85.25 24.12 31.96
N SER T 226 -86.23 25.02 32.09
CA SER T 226 -85.97 26.30 32.71
C SER T 226 -85.75 26.14 34.21
N PRO T 227 -84.94 27.01 34.82
CA PRO T 227 -84.75 26.94 36.28
C PRO T 227 -86.03 27.17 37.09
N ILE T 228 -86.94 28.00 36.59
CA ILE T 228 -88.22 28.19 37.26
C ILE T 228 -89.05 26.92 37.19
N ASP T 229 -89.01 26.24 36.04
CA ASP T 229 -89.68 24.94 35.91
C ASP T 229 -89.06 23.91 36.86
N ASN T 230 -87.74 23.95 37.03
CA ASN T 230 -87.08 23.07 37.98
C ASN T 230 -87.50 23.37 39.41
N LEU T 231 -87.65 24.65 39.75
CA LEU T 231 -88.13 25.03 41.08
C LEU T 231 -89.57 24.55 41.30
N LEU T 232 -90.41 24.67 40.27
CA LEU T 232 -91.79 24.21 40.39
C LEU T 232 -91.85 22.69 40.52
N ASP T 233 -90.97 21.97 39.82
CA ASP T 233 -90.91 20.52 39.95
C ASP T 233 -90.40 20.11 41.32
N HIS T 234 -89.45 20.85 41.89
CA HIS T 234 -88.95 20.53 43.22
C HIS T 234 -90.00 20.81 44.29
N VAL T 235 -90.77 21.90 44.13
CA VAL T 235 -91.77 22.22 45.14
C VAL T 235 -93.03 21.38 44.95
N ALA T 236 -93.26 20.81 43.77
CA ALA T 236 -94.42 19.95 43.56
C ALA T 236 -94.24 18.60 44.25
N ASP T 237 -93.17 17.87 43.90
CA ASP T 237 -92.85 16.58 44.51
C ASP T 237 -91.43 16.64 45.04
N PRO T 238 -91.25 17.09 46.28
CA PRO T 238 -89.88 17.22 46.82
C PRO T 238 -89.21 15.89 47.10
N PHE T 239 -89.96 14.89 47.57
CA PHE T 239 -89.35 13.61 47.95
C PHE T 239 -88.92 12.79 46.73
N HIS T 240 -89.43 13.09 45.55
CA HIS T 240 -89.13 12.31 44.35
C HIS T 240 -88.40 13.11 43.29
N VAL T 241 -88.92 14.26 42.90
CA VAL T 241 -88.32 15.05 41.83
C VAL T 241 -87.14 15.84 42.40
N THR T 242 -85.93 15.41 42.06
CA THR T 242 -84.71 16.03 42.55
C THR T 242 -83.57 15.67 41.60
N PHE T 243 -82.33 15.89 42.03
CA PHE T 243 -81.17 15.60 41.20
C PHE T 243 -80.85 14.11 41.13
N ALA T 244 -81.50 13.28 41.94
CA ALA T 244 -81.25 11.85 41.88
C ALA T 244 -81.93 11.19 40.68
N THR T 245 -83.12 11.64 40.32
CA THR T 245 -83.98 10.94 39.38
C THR T 245 -83.98 11.59 37.98
N ASN T 246 -83.00 12.43 37.70
CA ASN T 246 -82.89 13.05 36.39
C ASN T 246 -82.19 12.17 35.36
N GLY T 247 -81.65 11.02 35.79
CA GLY T 247 -80.99 10.11 34.89
C GLY T 247 -79.51 10.39 34.71
N VAL T 248 -79.20 11.51 34.08
CA VAL T 248 -77.82 11.94 33.83
C VAL T 248 -77.24 12.40 35.16
N SER T 249 -75.90 12.35 35.30
CA SER T 249 -75.08 12.78 36.43
C SER T 249 -75.13 11.78 37.59
N ILE T 250 -75.98 10.77 37.46
CA ILE T 250 -76.10 9.67 38.41
C ILE T 250 -76.07 8.37 37.62
N PRO T 251 -74.94 7.65 37.57
CA PRO T 251 -74.86 6.37 36.85
C PRO T 251 -75.65 5.26 37.55
N ALA U 68 34.45 -52.58 -34.64
CA ALA U 68 33.28 -52.42 -35.49
C ALA U 68 33.63 -51.62 -36.74
N THR U 69 32.80 -51.76 -37.77
CA THR U 69 33.03 -51.05 -39.03
C THR U 69 32.63 -49.59 -38.88
N GLU U 70 33.57 -48.69 -39.21
CA GLU U 70 33.40 -47.23 -39.16
C GLU U 70 33.08 -46.70 -37.77
N GLY U 71 33.32 -47.51 -36.73
CA GLY U 71 33.10 -47.07 -35.37
C GLY U 71 34.13 -47.63 -34.40
N TYR U 72 35.31 -47.96 -34.93
CA TYR U 72 36.37 -48.62 -34.19
C TYR U 72 36.95 -47.83 -33.00
N PRO U 73 36.96 -46.49 -32.96
CA PRO U 73 37.29 -45.86 -31.67
C PRO U 73 36.11 -45.90 -30.72
N PHE U 74 36.31 -46.52 -29.54
CA PHE U 74 35.32 -46.64 -28.47
C PHE U 74 34.05 -47.34 -28.99
N VAL U 75 34.22 -48.62 -29.29
CA VAL U 75 33.15 -49.43 -29.89
C VAL U 75 31.99 -49.58 -28.90
N PRO U 76 30.79 -49.14 -29.27
CA PRO U 76 29.65 -49.30 -28.38
C PRO U 76 28.89 -50.57 -28.67
N PRO U 77 28.72 -51.44 -27.67
CA PRO U 77 27.83 -52.59 -27.83
C PRO U 77 26.37 -52.17 -27.70
N ASP U 78 25.47 -53.11 -28.02
CA ASP U 78 24.05 -52.82 -27.94
C ASP U 78 23.57 -52.74 -26.48
N TRP U 79 24.21 -53.48 -25.58
CA TRP U 79 23.87 -53.47 -24.17
C TRP U 79 24.64 -52.40 -23.40
N ALA U 80 25.33 -51.49 -24.10
CA ALA U 80 26.07 -50.43 -23.43
C ALA U 80 25.21 -49.49 -22.59
N PRO U 81 24.06 -48.96 -23.03
CA PRO U 81 23.29 -48.11 -22.10
C PRO U 81 22.70 -48.88 -20.94
N ALA U 82 22.12 -50.06 -21.22
CA ALA U 82 21.47 -50.87 -20.20
C ALA U 82 22.44 -51.36 -19.13
N LEU U 83 23.74 -51.38 -19.42
CA LEU U 83 24.72 -51.73 -18.41
C LEU U 83 25.35 -50.48 -17.79
N PHE U 84 25.71 -49.49 -18.60
CA PHE U 84 26.43 -48.32 -18.12
C PHE U 84 25.59 -47.41 -17.23
N VAL U 85 24.30 -47.23 -17.54
CA VAL U 85 23.47 -46.31 -16.75
C VAL U 85 23.38 -46.69 -15.28
N PRO U 86 23.14 -47.97 -14.90
CA PRO U 86 23.06 -48.25 -13.45
C PRO U 86 24.37 -48.16 -12.69
N LEU U 87 25.56 -48.36 -13.29
CA LEU U 87 26.78 -48.11 -12.52
C LEU U 87 26.96 -46.63 -12.21
N THR U 88 26.72 -45.76 -13.19
CA THR U 88 26.93 -44.34 -13.00
C THR U 88 25.77 -43.64 -12.32
N GLY U 89 24.64 -44.31 -12.14
CA GLY U 89 23.57 -43.76 -11.35
C GLY U 89 23.45 -44.43 -9.99
N LEU U 90 24.07 -45.59 -9.86
CA LEU U 90 24.00 -46.44 -8.67
C LEU U 90 25.32 -46.62 -7.97
N VAL U 91 26.32 -47.15 -8.67
CA VAL U 91 27.58 -47.52 -8.04
C VAL U 91 28.47 -46.29 -7.88
N LEU U 92 28.60 -45.50 -8.94
CA LEU U 92 29.40 -44.28 -8.88
C LEU U 92 28.93 -43.27 -7.83
N PRO U 93 27.63 -42.94 -7.69
CA PRO U 93 27.25 -42.09 -6.55
C PRO U 93 27.49 -42.75 -5.20
N ALA U 94 27.41 -44.07 -5.11
CA ALA U 94 27.66 -44.74 -3.83
C ALA U 94 29.13 -44.65 -3.43
N VAL U 95 30.04 -44.88 -4.38
CA VAL U 95 31.46 -44.73 -4.11
C VAL U 95 31.80 -43.29 -3.79
N GLY U 96 31.20 -42.34 -4.52
CA GLY U 96 31.42 -40.94 -4.22
C GLY U 96 30.94 -40.56 -2.83
N MET U 97 29.75 -41.04 -2.45
CA MET U 97 29.20 -40.76 -1.12
C MET U 97 30.09 -41.35 -0.02
N ALA U 98 30.52 -42.61 -0.19
CA ALA U 98 31.31 -43.25 0.85
C ALA U 98 32.69 -42.63 0.97
N TRP U 99 33.33 -42.33 -0.16
CA TRP U 99 34.65 -41.70 -0.13
C TRP U 99 34.57 -40.29 0.45
N ALA U 100 33.53 -39.53 0.09
CA ALA U 100 33.38 -38.19 0.63
C ALA U 100 33.05 -38.21 2.11
N PHE U 101 32.24 -39.18 2.54
CA PHE U 101 31.88 -39.28 3.96
C PHE U 101 33.07 -39.70 4.81
N THR U 102 33.91 -40.59 4.29
CA THR U 102 35.15 -40.91 4.99
C THR U 102 36.12 -39.74 4.97
N TYR U 103 36.04 -38.89 3.95
CA TYR U 103 36.91 -37.72 3.90
C TYR U 103 36.50 -36.66 4.92
N ILE U 104 35.21 -36.33 4.98
CA ILE U 104 34.79 -35.21 5.83
C ILE U 104 34.85 -35.59 7.30
N GLN U 105 34.71 -36.87 7.60
CA GLN U 105 34.69 -37.34 8.98
C GLN U 105 36.06 -37.74 9.48
N LYS U 106 37.10 -37.57 8.66
CA LYS U 106 38.45 -37.98 9.05
C LYS U 106 38.99 -37.05 10.13
N GLU U 107 39.45 -37.64 11.24
CA GLU U 107 39.97 -36.88 12.36
C GLU U 107 41.42 -36.48 12.08
N ARG U 108 41.98 -35.64 12.94
CA ARG U 108 43.30 -35.00 12.78
C ARG U 108 43.38 -34.23 11.46
N SER V 41 -52.17 -24.56 30.67
CA SER V 41 -52.01 -24.16 32.05
C SER V 41 -53.36 -23.93 32.71
N PHE V 42 -54.38 -24.62 32.21
CA PHE V 42 -55.71 -24.55 32.81
C PHE V 42 -55.68 -25.22 34.18
N ILE V 43 -56.46 -24.67 35.10
CA ILE V 43 -56.45 -25.13 36.50
C ILE V 43 -57.05 -26.53 36.55
N GLY V 44 -56.20 -27.53 36.78
CA GLY V 44 -56.58 -28.92 36.75
C GLY V 44 -55.87 -29.73 35.69
N SER V 45 -55.10 -29.08 34.81
CA SER V 45 -54.37 -29.79 33.79
C SER V 45 -53.17 -30.51 34.41
N PRO V 46 -52.74 -31.64 33.82
CA PRO V 46 -51.51 -32.29 34.30
C PRO V 46 -50.27 -31.42 34.16
N THR V 47 -50.21 -30.57 33.14
CA THR V 47 -49.09 -29.65 33.01
C THR V 47 -49.08 -28.63 34.15
N ASN V 48 -50.26 -28.14 34.54
CA ASN V 48 -50.38 -27.24 35.67
C ASN V 48 -49.95 -27.93 36.97
N LEU V 49 -50.36 -29.19 37.13
CA LEU V 49 -49.98 -29.94 38.33
C LEU V 49 -48.47 -30.15 38.39
N ILE V 50 -47.85 -30.48 37.25
CA ILE V 50 -46.40 -30.64 37.18
C ILE V 50 -45.70 -29.33 37.51
N MET V 51 -46.20 -28.22 36.96
CA MET V 51 -45.57 -26.91 37.20
C MET V 51 -45.65 -26.52 38.67
N VAL V 52 -46.83 -26.67 39.27
CA VAL V 52 -47.03 -26.28 40.67
C VAL V 52 -46.21 -27.19 41.59
N SER V 53 -46.17 -28.49 41.31
CA SER V 53 -45.38 -29.39 42.14
C SER V 53 -43.90 -29.10 42.02
N SER V 54 -43.43 -28.76 40.82
CA SER V 54 -42.02 -28.38 40.64
C SER V 54 -41.69 -27.11 41.40
N ILE V 55 -42.58 -26.11 41.33
CA ILE V 55 -42.34 -24.84 42.03
C ILE V 55 -42.33 -25.06 43.53
N GLY V 56 -43.28 -25.86 44.04
CA GLY V 56 -43.34 -26.12 45.47
C GLY V 56 -42.16 -26.94 45.95
N ALA V 57 -41.72 -27.92 45.15
CA ALA V 57 -40.55 -28.71 45.50
C ALA V 57 -39.30 -27.84 45.51
N CYS V 58 -39.19 -26.88 44.59
CA CYS V 58 -38.03 -26.01 44.58
C CYS V 58 -38.02 -25.05 45.77
N LEU V 59 -39.19 -24.50 46.14
CA LEU V 59 -39.23 -23.66 47.33
C LEU V 59 -38.96 -24.45 48.61
N PHE V 60 -39.46 -25.68 48.68
CA PHE V 60 -39.14 -26.55 49.82
C PHE V 60 -37.65 -26.86 49.85
N ALA V 61 -37.06 -27.09 48.67
CA ALA V 61 -35.64 -27.43 48.59
C ALA V 61 -34.77 -26.24 48.98
N SER V 62 -35.21 -25.02 48.68
CA SER V 62 -34.43 -23.85 49.04
C SER V 62 -34.75 -23.31 50.42
N ARG V 63 -35.82 -23.78 51.06
CA ARG V 63 -36.22 -23.21 52.35
C ARG V 63 -35.31 -23.63 53.48
N PHE V 64 -34.95 -24.92 53.55
CA PHE V 64 -34.20 -25.48 54.67
C PHE V 64 -32.92 -26.13 54.14
N GLY V 65 -31.88 -25.32 53.98
CA GLY V 65 -30.63 -25.80 53.38
C GLY V 65 -30.90 -26.30 51.97
N LEU V 66 -30.28 -27.44 51.62
CA LEU V 66 -30.80 -28.39 50.64
C LEU V 66 -30.80 -27.85 49.20
N ALA V 67 -30.39 -26.60 49.00
CA ALA V 67 -30.27 -26.00 47.67
C ALA V 67 -29.28 -24.85 47.70
N PRO V 68 -28.48 -24.67 46.64
CA PRO V 68 -27.51 -23.54 46.59
C PRO V 68 -28.18 -22.18 46.42
N SER V 69 -28.75 -21.69 47.52
CA SER V 69 -29.46 -20.42 47.54
C SER V 69 -28.47 -19.27 47.76
N VAL V 70 -29.00 -18.07 48.00
CA VAL V 70 -28.15 -16.93 48.33
C VAL V 70 -27.52 -17.10 49.71
N ARG V 71 -28.18 -17.85 50.61
CA ARG V 71 -27.64 -18.19 51.91
C ARG V 71 -26.59 -19.29 51.85
N LYS V 72 -26.79 -20.29 50.99
CA LYS V 72 -25.94 -21.49 50.95
C LYS V 72 -25.07 -21.42 49.69
N VAL V 73 -23.78 -21.11 49.87
CA VAL V 73 -22.85 -21.22 48.76
C VAL V 73 -22.58 -22.69 48.51
N ALA V 74 -22.20 -23.03 47.29
CA ALA V 74 -22.13 -24.43 46.90
C ALA V 74 -20.69 -24.83 46.65
N GLN V 75 -20.24 -25.82 47.41
CA GLN V 75 -19.05 -26.63 47.18
C GLN V 75 -19.52 -27.80 46.31
N PRO V 76 -18.66 -28.77 45.99
CA PRO V 76 -19.18 -30.06 45.47
C PRO V 76 -20.33 -30.67 46.30
N LEU V 77 -20.40 -30.41 47.60
CA LEU V 77 -21.52 -30.90 48.40
C LEU V 77 -22.25 -29.78 49.15
N LYS V 78 -22.00 -28.51 48.79
CA LYS V 78 -22.89 -27.38 49.07
C LYS V 78 -23.04 -27.10 50.57
N LEU V 79 -22.04 -26.42 51.15
CA LEU V 79 -21.95 -26.15 52.58
C LEU V 79 -21.78 -24.69 52.94
N SER V 80 -21.41 -24.44 54.21
CA SER V 80 -20.83 -23.25 54.85
C SER V 80 -21.75 -22.09 55.21
N ASP V 81 -23.02 -22.10 54.74
CA ASP V 81 -24.14 -21.34 55.33
C ASP V 81 -23.78 -19.85 55.55
N ARG V 82 -23.67 -19.09 54.46
CA ARG V 82 -23.30 -17.69 54.59
C ARG V 82 -24.55 -16.80 54.66
N GLU V 83 -24.34 -15.49 54.73
CA GLU V 83 -25.45 -14.56 54.96
C GLU V 83 -25.09 -13.23 54.29
N VAL V 84 -26.00 -12.74 53.45
CA VAL V 84 -25.86 -11.44 52.81
C VAL V 84 -27.26 -10.90 52.55
N LEU V 85 -27.37 -9.56 52.51
CA LEU V 85 -28.62 -8.82 52.24
C LEU V 85 -29.57 -9.14 53.39
N GLN V 86 -30.88 -9.11 53.20
CA GLN V 86 -31.79 -9.51 54.28
C GLN V 86 -33.02 -10.19 53.71
N THR V 87 -33.63 -11.06 54.53
CA THR V 87 -34.69 -11.93 54.05
C THR V 87 -36.04 -11.22 53.92
N THR V 88 -36.23 -10.10 54.62
CA THR V 88 -37.42 -9.25 54.53
C THR V 88 -38.70 -10.03 54.87
N GLY V 89 -38.79 -10.45 56.12
CA GLY V 89 -39.97 -11.19 56.55
C GLY V 89 -39.70 -12.56 57.14
N ASP V 90 -40.05 -13.60 56.39
CA ASP V 90 -39.88 -14.97 56.84
C ASP V 90 -38.39 -15.28 57.07
N PRO V 91 -38.08 -16.22 57.97
CA PRO V 91 -36.66 -16.47 58.30
C PRO V 91 -35.87 -17.16 57.19
N ALA V 92 -34.65 -17.55 57.52
CA ALA V 92 -33.61 -18.11 56.61
C ALA V 92 -33.24 -17.00 55.63
N GLY V 93 -33.06 -17.31 54.34
CA GLY V 93 -32.55 -16.33 53.42
C GLY V 93 -33.36 -16.15 52.14
N PHE V 94 -34.69 -16.21 52.24
CA PHE V 94 -35.53 -16.02 51.07
C PHE V 94 -35.58 -14.55 50.68
N THR V 95 -34.56 -14.11 49.96
CA THR V 95 -34.46 -12.71 49.53
C THR V 95 -35.23 -12.50 48.24
N ALA V 96 -35.06 -11.32 47.64
CA ALA V 96 -35.72 -11.02 46.37
C ALA V 96 -35.09 -11.81 45.23
N THR V 97 -33.80 -12.17 45.37
CA THR V 97 -33.14 -12.96 44.34
C THR V 97 -33.19 -14.45 44.62
N ASP V 98 -33.50 -14.86 45.85
CA ASP V 98 -33.62 -16.28 46.16
C ASP V 98 -34.88 -16.87 45.55
N VAL V 99 -36.01 -16.17 45.71
CA VAL V 99 -37.25 -16.66 45.11
C VAL V 99 -37.27 -16.39 43.62
N LEU V 100 -36.42 -15.49 43.13
CA LEU V 100 -36.39 -15.19 41.71
C LEU V 100 -35.64 -16.27 40.95
N ALA V 101 -34.55 -16.79 41.54
CA ALA V 101 -33.78 -17.84 40.90
C ALA V 101 -34.46 -19.20 41.02
N MET V 102 -35.01 -19.49 42.20
CA MET V 102 -35.65 -20.80 42.40
C MET V 102 -36.94 -20.91 41.60
N GLY V 103 -37.66 -19.79 41.45
CA GLY V 103 -38.79 -19.78 40.53
C GLY V 103 -38.36 -19.99 39.10
N ALA V 104 -37.21 -19.41 38.72
CA ALA V 104 -36.69 -19.58 37.37
C ALA V 104 -36.23 -21.02 37.14
N ALA V 105 -35.54 -21.61 38.12
CA ALA V 105 -35.10 -22.99 38.00
C ALA V 105 -36.29 -23.94 38.03
N GLY V 106 -37.27 -23.67 38.89
CA GLY V 106 -38.46 -24.52 38.96
C GLY V 106 -39.29 -24.45 37.70
N HIS V 107 -39.41 -23.26 37.11
CA HIS V 107 -40.09 -23.12 35.82
C HIS V 107 -39.33 -23.86 34.74
N ALA V 108 -38.00 -23.71 34.69
CA ALA V 108 -37.20 -24.30 33.62
C ALA V 108 -37.15 -25.81 33.72
N ILE V 109 -37.14 -26.36 34.94
CA ILE V 109 -37.25 -27.80 35.12
C ILE V 109 -38.59 -28.30 34.62
N GLY V 110 -39.65 -27.51 34.84
CA GLY V 110 -40.99 -27.93 34.44
C GLY V 110 -41.16 -28.04 32.94
N VAL V 111 -40.52 -27.16 32.17
CA VAL V 111 -40.56 -27.27 30.71
C VAL V 111 -39.86 -28.54 30.24
N GLY V 112 -38.79 -28.93 30.93
CA GLY V 112 -38.13 -30.18 30.60
C GLY V 112 -39.00 -31.40 30.90
N ILE V 113 -39.70 -31.37 32.03
CA ILE V 113 -40.53 -32.51 32.42
C ILE V 113 -41.76 -32.61 31.53
N VAL V 114 -42.44 -31.49 31.29
CA VAL V 114 -43.70 -31.52 30.52
C VAL V 114 -43.43 -31.89 29.07
N LEU V 115 -42.46 -31.23 28.44
CA LEU V 115 -42.16 -31.53 27.05
C LEU V 115 -41.49 -32.89 26.90
N GLY V 116 -40.76 -33.34 27.92
CA GLY V 116 -40.23 -34.69 27.90
C GLY V 116 -41.33 -35.74 27.99
N LEU V 117 -42.32 -35.50 28.85
CA LEU V 117 -43.46 -36.41 28.93
C LEU V 117 -44.36 -36.29 27.70
N LYS V 118 -44.45 -35.09 27.12
CA LYS V 118 -45.25 -34.92 25.90
C LYS V 118 -44.59 -35.61 24.72
N GLY V 119 -43.25 -35.59 24.65
CA GLY V 119 -42.56 -36.26 23.57
C GLY V 119 -42.70 -37.77 23.61
N ILE V 120 -42.73 -38.35 24.81
CA ILE V 120 -42.91 -39.79 24.96
C ILE V 120 -44.37 -40.20 25.04
N GLY V 121 -45.29 -39.24 25.12
CA GLY V 121 -46.70 -39.54 25.09
C GLY V 121 -47.32 -39.77 26.46
N GLN V 122 -46.94 -38.95 27.43
CA GLN V 122 -47.48 -39.02 28.78
C GLN V 122 -48.00 -37.64 29.19
N LEU V 123 -49.23 -37.62 29.71
CA LEU V 123 -49.90 -36.41 30.19
C LEU V 123 -49.95 -35.29 29.16
N LEU W 148 -53.60 5.36 74.11
CA LEU W 148 -53.33 3.95 73.88
C LEU W 148 -54.59 3.10 74.05
N PRO W 149 -54.98 2.90 75.31
CA PRO W 149 -56.17 2.17 75.74
C PRO W 149 -56.18 0.71 75.27
N GLY W 150 -55.03 0.15 74.92
CA GLY W 150 -54.94 -1.24 74.52
C GLY W 150 -53.52 -1.65 74.17
N ASP W 151 -53.06 -2.77 74.73
CA ASP W 151 -51.70 -3.23 74.48
C ASP W 151 -51.68 -4.75 74.68
N PHE W 152 -51.70 -5.48 73.58
CA PHE W 152 -51.53 -6.93 73.60
C PHE W 152 -50.17 -7.36 73.07
N GLY W 153 -49.35 -6.43 72.62
CA GLY W 153 -48.05 -6.75 72.07
C GLY W 153 -48.09 -7.52 70.76
N TRP W 154 -49.03 -7.19 69.88
CA TRP W 154 -49.20 -7.87 68.60
C TRP W 154 -49.03 -6.85 67.48
N ASP W 155 -47.78 -6.65 67.07
CA ASP W 155 -47.45 -5.82 65.90
C ASP W 155 -46.51 -6.63 65.01
N PRO W 156 -47.05 -7.56 64.22
CA PRO W 156 -46.17 -8.45 63.44
C PRO W 156 -45.52 -7.76 62.26
N LEU W 157 -46.23 -6.85 61.59
CA LEU W 157 -45.68 -6.16 60.42
C LEU W 157 -44.86 -4.93 60.79
N HIS W 158 -44.94 -4.47 62.05
CA HIS W 158 -44.20 -3.31 62.55
C HIS W 158 -44.48 -2.05 61.74
N LEU W 159 -45.77 -1.79 61.50
CA LEU W 159 -46.17 -0.62 60.73
C LEU W 159 -46.21 0.66 61.54
N ALA W 160 -46.10 0.57 62.87
CA ALA W 160 -46.17 1.74 63.73
C ALA W 160 -44.81 2.37 64.00
N ASP W 161 -43.74 1.82 63.42
CA ASP W 161 -42.38 2.35 63.63
C ASP W 161 -42.09 3.39 62.56
N THR W 162 -42.18 4.67 62.95
CA THR W 162 -41.93 5.77 62.04
C THR W 162 -40.88 6.75 62.57
N ASN W 163 -40.25 6.43 63.72
CA ASN W 163 -39.17 7.17 64.39
C ASN W 163 -39.44 8.68 64.53
N ASP W 164 -40.70 9.10 64.56
CA ASP W 164 -41.04 10.47 64.91
C ASP W 164 -42.45 10.51 65.46
N GLN W 165 -42.69 11.43 66.38
CA GLN W 165 -43.99 11.64 66.98
C GLN W 165 -44.47 13.05 66.65
N ASP W 166 -45.66 13.16 66.06
CA ASP W 166 -46.24 14.45 65.70
C ASP W 166 -47.75 14.36 65.81
N ARG W 167 -48.37 15.50 66.18
CA ARG W 167 -49.82 15.52 66.29
C ARG W 167 -50.48 15.54 64.91
N LEU W 168 -49.96 16.34 64.00
CA LEU W 168 -50.50 16.46 62.65
C LEU W 168 -49.62 15.69 61.67
N ASN W 169 -50.26 15.29 60.56
CA ASN W 169 -49.63 14.68 59.39
C ASN W 169 -48.96 13.34 59.66
N ASN W 170 -48.41 12.75 58.59
CA ASN W 170 -47.64 11.51 58.44
C ASN W 170 -48.48 10.24 58.59
N ALA W 171 -49.73 10.40 59.04
CA ALA W 171 -50.77 9.36 59.08
C ALA W 171 -50.33 8.05 59.75
N MET W 172 -49.26 8.08 60.57
CA MET W 172 -48.73 6.84 61.12
C MET W 172 -48.28 6.97 62.57
N SER W 173 -48.57 8.07 63.24
CA SER W 173 -48.25 8.18 64.66
C SER W 173 -49.16 7.27 65.48
N MET W 174 -48.71 6.93 66.69
CA MET W 174 -49.45 6.03 67.55
C MET W 174 -50.80 6.63 67.96
N GLU W 175 -50.82 7.94 68.22
CA GLU W 175 -52.08 8.59 68.58
C GLU W 175 -53.05 8.63 67.40
N TRP W 176 -52.54 8.95 66.20
CA TRP W 176 -53.39 8.93 65.01
C TRP W 176 -53.88 7.52 64.70
N LEU W 177 -52.99 6.53 64.84
CA LEU W 177 -53.39 5.14 64.58
C LEU W 177 -54.44 4.68 65.59
N SER W 178 -54.28 5.05 66.86
CA SER W 178 -55.26 4.69 67.87
C SER W 178 -56.60 5.37 67.63
N TYR W 179 -56.57 6.66 67.26
CA TYR W 179 -57.80 7.39 66.94
C TYR W 179 -58.53 6.76 65.75
N ALA W 180 -57.79 6.48 64.67
CA ALA W 180 -58.38 5.88 63.48
C ALA W 180 -58.90 4.49 63.76
N GLU W 181 -58.17 3.69 64.54
CA GLU W 181 -58.61 2.34 64.87
C GLU W 181 -59.85 2.37 65.76
N VAL W 182 -59.93 3.33 66.69
CA VAL W 182 -61.09 3.43 67.57
C VAL W 182 -62.33 3.81 66.79
N ILE W 183 -62.23 4.83 65.91
CA ILE W 183 -63.42 5.23 65.16
C ILE W 183 -63.77 4.21 64.08
N HIS W 184 -62.77 3.56 63.49
CA HIS W 184 -63.01 2.45 62.56
C HIS W 184 -63.75 1.31 63.26
N GLY W 185 -63.34 0.99 64.50
CA GLY W 185 -64.02 -0.04 65.26
C GLY W 185 -65.44 0.36 65.63
N ARG W 186 -65.65 1.62 66.02
CA ARG W 186 -66.99 2.07 66.38
C ARG W 186 -67.94 2.00 65.18
N TRP W 187 -67.47 2.45 64.01
CA TRP W 187 -68.21 2.23 62.78
C TRP W 187 -68.39 0.75 62.49
N ALA W 188 -67.46 -0.10 62.94
CA ALA W 188 -67.61 -1.54 62.72
C ALA W 188 -68.71 -2.14 63.58
N MET W 189 -68.85 -1.73 64.85
CA MET W 189 -69.98 -2.27 65.61
C MET W 189 -71.30 -1.69 65.12
N LEU W 190 -71.33 -0.42 64.68
CA LEU W 190 -72.57 0.08 64.09
C LEU W 190 -72.91 -0.66 62.80
N GLY W 191 -71.90 -1.01 62.00
CA GLY W 191 -72.15 -1.81 60.82
C GLY W 191 -72.64 -3.22 61.14
N ALA W 192 -72.04 -3.85 62.16
CA ALA W 192 -72.45 -5.19 62.55
C ALA W 192 -73.87 -5.22 63.09
N VAL W 193 -74.23 -4.26 63.93
CA VAL W 193 -75.57 -4.23 64.49
C VAL W 193 -76.59 -3.81 63.44
N GLY W 194 -76.21 -2.91 62.52
CA GLY W 194 -77.12 -2.55 61.44
C GLY W 194 -77.24 -3.60 60.35
N ALA W 195 -76.29 -4.54 60.29
CA ALA W 195 -76.38 -5.62 59.32
C ALA W 195 -76.83 -6.94 59.94
N LEU W 196 -77.01 -6.98 61.26
CA LEU W 196 -77.58 -8.16 61.91
C LEU W 196 -78.97 -7.89 62.48
N SER W 197 -79.26 -6.65 62.86
CA SER W 197 -80.55 -6.33 63.48
C SER W 197 -81.76 -6.53 62.58
N PRO W 198 -81.81 -6.08 61.31
CA PRO W 198 -83.00 -6.40 60.50
C PRO W 198 -83.14 -7.87 60.19
N GLU W 199 -82.05 -8.64 60.28
CA GLU W 199 -82.07 -10.07 60.03
C GLU W 199 -82.90 -10.82 61.07
N ILE W 200 -82.67 -10.55 62.35
CA ILE W 200 -83.40 -11.25 63.41
C ILE W 200 -84.83 -10.75 63.50
N LEU W 201 -85.02 -9.42 63.46
CA LEU W 201 -86.35 -8.86 63.66
C LEU W 201 -87.19 -8.98 62.39
N GLY W 202 -86.56 -9.35 61.27
CA GLY W 202 -87.34 -9.60 60.06
C GLY W 202 -87.98 -10.97 60.07
N LYS W 203 -87.20 -12.00 60.40
CA LYS W 203 -87.74 -13.35 60.47
C LYS W 203 -88.67 -13.54 61.66
N ALA W 204 -88.49 -12.74 62.70
CA ALA W 204 -89.36 -12.79 63.87
C ALA W 204 -90.62 -11.94 63.71
N GLY W 205 -90.71 -11.14 62.65
CA GLY W 205 -91.90 -10.35 62.41
C GLY W 205 -92.06 -9.14 63.30
N VAL W 206 -91.00 -8.73 64.00
CA VAL W 206 -91.07 -7.52 64.83
C VAL W 206 -91.16 -6.28 63.94
N ILE W 207 -90.37 -6.24 62.88
CA ILE W 207 -90.33 -5.13 61.94
C ILE W 207 -90.99 -5.62 60.66
N PRO W 208 -91.75 -4.78 59.94
CA PRO W 208 -92.28 -5.18 58.64
C PRO W 208 -91.18 -5.63 57.68
N GLU W 209 -91.43 -6.73 56.99
CA GLU W 209 -90.36 -7.47 56.31
C GLU W 209 -90.18 -6.91 54.89
N GLU W 210 -89.19 -6.03 54.73
CA GLU W 210 -88.74 -5.61 53.40
C GLU W 210 -87.22 -5.64 53.42
N THR W 211 -86.64 -6.68 52.81
CA THR W 211 -85.20 -6.91 52.71
C THR W 211 -84.49 -6.89 54.07
N GLY W 212 -85.16 -7.41 55.10
CA GLY W 212 -84.53 -7.47 56.42
C GLY W 212 -83.38 -8.44 56.48
N LEU W 213 -83.52 -9.60 55.83
CA LEU W 213 -82.51 -10.65 55.87
C LEU W 213 -81.25 -10.31 55.07
N THR W 214 -81.31 -9.29 54.20
CA THR W 214 -80.19 -8.96 53.30
C THR W 214 -79.87 -7.47 53.46
N TRP W 215 -78.81 -7.19 54.23
CA TRP W 215 -78.35 -5.81 54.38
C TRP W 215 -77.73 -5.30 53.09
N PHE W 216 -77.08 -6.18 52.33
CA PHE W 216 -76.47 -5.77 51.08
C PHE W 216 -77.52 -5.43 50.02
N GLN W 217 -78.63 -6.16 50.01
CA GLN W 217 -79.72 -5.81 49.10
C GLN W 217 -80.46 -4.56 49.56
N ALA W 218 -80.53 -4.33 50.87
CA ALA W 218 -81.15 -3.11 51.38
C ALA W 218 -80.33 -1.88 51.03
N GLY W 219 -79.00 -1.98 51.14
CA GLY W 219 -78.15 -0.87 50.77
C GLY W 219 -77.84 -0.79 49.29
N GLY W 220 -78.09 -1.86 48.54
CA GLY W 220 -77.80 -1.88 47.12
C GLY W 220 -76.40 -2.39 46.81
N LEU W 221 -76.08 -3.58 47.32
CA LEU W 221 -74.75 -4.17 47.18
C LEU W 221 -74.93 -5.57 46.60
N ASP W 222 -74.59 -5.74 45.33
CA ASP W 222 -74.75 -7.02 44.66
C ASP W 222 -73.52 -7.51 43.91
N SER W 223 -72.67 -6.61 43.41
CA SER W 223 -71.43 -6.86 42.67
C SER W 223 -71.64 -7.58 41.34
N THR W 224 -72.89 -7.75 40.91
CA THR W 224 -73.18 -8.35 39.62
C THR W 224 -74.08 -7.48 38.74
N SER W 225 -74.51 -6.31 39.23
CA SER W 225 -75.36 -5.43 38.44
C SER W 225 -74.61 -4.92 37.21
N ASN W 226 -73.63 -4.04 37.40
CA ASN W 226 -72.71 -3.76 36.31
C ASN W 226 -71.25 -3.69 36.72
N LEU W 227 -70.94 -2.97 37.80
CA LEU W 227 -69.54 -2.62 38.08
C LEU W 227 -69.04 -3.14 39.43
N ILE W 228 -69.57 -2.65 40.55
CA ILE W 228 -68.98 -2.83 41.88
C ILE W 228 -70.17 -2.86 42.82
N ALA W 229 -70.04 -3.55 43.95
CA ALA W 229 -71.10 -3.53 44.95
C ALA W 229 -71.00 -2.33 45.88
N VAL W 230 -70.84 -1.14 45.31
CA VAL W 230 -70.97 0.10 46.07
C VAL W 230 -72.43 0.28 46.47
N PRO W 231 -72.72 0.67 47.71
CA PRO W 231 -74.12 0.86 48.13
C PRO W 231 -74.81 1.97 47.35
N PHE W 232 -76.15 1.95 47.44
CA PHE W 232 -77.06 2.83 46.70
C PHE W 232 -76.95 2.68 45.19
N THR W 233 -76.43 1.54 44.70
CA THR W 233 -76.35 1.28 43.29
C THR W 233 -77.09 0.02 42.86
N GLY W 234 -77.18 -0.99 43.71
CA GLY W 234 -77.94 -2.18 43.40
C GLY W 234 -79.44 -1.91 43.45
N PRO W 235 -80.21 -2.69 42.71
CA PRO W 235 -81.67 -2.47 42.70
C PRO W 235 -82.33 -2.89 44.00
N ILE W 236 -82.74 -1.91 44.80
CA ILE W 236 -83.41 -2.16 46.08
C ILE W 236 -84.90 -2.37 45.82
N PRO W 237 -85.47 -3.50 46.21
CA PRO W 237 -86.90 -3.73 45.96
C PRO W 237 -87.82 -2.87 46.79
N PHE W 238 -87.34 -2.26 47.88
CA PHE W 238 -88.16 -1.44 48.75
C PHE W 238 -87.90 0.03 48.46
N GLN W 239 -88.97 0.80 48.27
CA GLN W 239 -88.88 2.23 48.01
C GLN W 239 -88.95 2.97 49.34
N TYR W 240 -87.88 3.68 49.69
CA TYR W 240 -87.85 4.47 50.91
C TYR W 240 -88.56 5.81 50.67
N TRP W 241 -88.63 6.62 51.73
CA TRP W 241 -89.07 8.00 51.56
C TRP W 241 -88.01 8.86 50.89
N THR W 242 -86.76 8.41 50.89
CA THR W 242 -85.67 9.01 50.13
C THR W 242 -85.20 7.97 49.13
N ASP W 243 -85.38 8.26 47.84
CA ASP W 243 -85.39 7.20 46.82
C ASP W 243 -84.09 6.42 46.65
N LYS W 244 -83.05 7.01 46.08
CA LYS W 244 -81.77 6.29 46.03
C LYS W 244 -80.53 7.14 46.25
N TYR W 245 -80.51 8.41 45.85
CA TYR W 245 -79.23 9.12 45.72
C TYR W 245 -79.18 10.46 46.44
N VAL W 246 -80.31 11.15 46.64
CA VAL W 246 -80.31 12.29 47.53
C VAL W 246 -80.18 11.87 48.99
N LEU W 247 -80.49 10.61 49.29
CA LEU W 247 -80.12 10.03 50.57
C LEU W 247 -78.61 10.03 50.74
N LEU W 248 -77.89 9.66 49.67
CA LEU W 248 -76.43 9.76 49.66
C LEU W 248 -75.97 11.19 49.83
N TYR W 249 -76.65 12.15 49.19
CA TYR W 249 -76.29 13.56 49.33
C TYR W 249 -76.44 14.05 50.77
N THR W 250 -77.56 13.70 51.41
CA THR W 250 -77.77 14.09 52.80
C THR W 250 -76.75 13.42 53.71
N MET W 251 -76.43 12.14 53.46
CA MET W 251 -75.42 11.46 54.27
C MET W 251 -74.06 12.09 54.08
N LEU W 252 -73.70 12.45 52.85
CA LEU W 252 -72.42 13.11 52.60
C LEU W 252 -72.33 14.46 53.30
N VAL W 253 -73.37 15.29 53.23
CA VAL W 253 -73.27 16.61 53.84
C VAL W 253 -73.26 16.52 55.37
N ALA W 254 -74.05 15.60 55.94
CA ALA W 254 -74.07 15.45 57.40
C ALA W 254 -72.76 14.87 57.91
N MET W 255 -72.26 13.81 57.26
CA MET W 255 -71.02 13.18 57.68
C MET W 255 -69.83 14.09 57.40
N GLY W 256 -69.91 14.94 56.38
CA GLY W 256 -68.89 15.95 56.17
C GLY W 256 -68.86 17.03 57.21
N PHE W 257 -70.03 17.49 57.66
CA PHE W 257 -70.10 18.40 58.81
C PHE W 257 -69.45 17.77 60.04
N ALA W 258 -69.84 16.54 60.37
CA ALA W 258 -69.32 15.89 61.57
C ALA W 258 -67.83 15.59 61.43
N GLU W 259 -67.38 15.16 60.25
CA GLU W 259 -65.98 14.84 60.06
C GLU W 259 -65.11 16.09 60.05
N THR W 260 -65.61 17.19 59.50
CA THR W 260 -64.86 18.44 59.55
C THR W 260 -64.75 18.94 60.99
N ARG W 261 -65.82 18.80 61.78
CA ARG W 261 -65.76 19.15 63.19
C ARG W 261 -64.74 18.29 63.93
N ARG W 262 -64.76 16.98 63.68
CA ARG W 262 -63.83 16.06 64.33
C ARG W 262 -62.39 16.34 63.92
N TRP W 263 -62.16 16.58 62.62
CA TRP W 263 -60.81 16.84 62.12
C TRP W 263 -60.27 18.16 62.66
N GLN W 264 -61.12 19.18 62.77
CA GLN W 264 -60.64 20.46 63.26
C GLN W 264 -60.45 20.46 64.77
N GLU W 265 -61.19 19.61 65.49
CA GLU W 265 -60.86 19.36 66.89
C GLU W 265 -59.54 18.61 67.01
N TYR W 266 -59.28 17.67 66.10
CA TYR W 266 -58.02 16.94 66.12
C TYR W 266 -56.84 17.86 65.83
N LYS W 267 -56.99 18.79 64.90
CA LYS W 267 -55.90 19.70 64.57
C LYS W 267 -55.70 20.75 65.66
N GLN W 268 -56.72 21.56 65.91
CA GLN W 268 -56.67 22.59 66.94
C GLN W 268 -57.80 22.38 67.94
N PRO W 269 -57.55 21.68 69.05
CA PRO W 269 -58.60 21.46 70.04
C PRO W 269 -59.02 22.76 70.73
N GLY W 270 -60.30 22.83 71.07
CA GLY W 270 -60.85 23.97 71.78
C GLY W 270 -61.14 25.18 70.93
N SER W 271 -60.97 25.10 69.62
CA SER W 271 -61.19 26.24 68.74
C SER W 271 -62.36 26.06 67.79
N VAL W 272 -62.90 24.86 67.66
CA VAL W 272 -63.93 24.60 66.66
C VAL W 272 -65.32 24.96 67.18
N GLN W 273 -65.45 25.28 68.46
CA GLN W 273 -66.73 25.62 69.07
C GLN W 273 -66.78 27.09 69.50
N LYS W 274 -66.27 27.98 68.66
CA LYS W 274 -66.18 29.40 68.99
C LYS W 274 -67.02 30.30 68.11
N GLN W 275 -67.02 30.08 66.79
CA GLN W 275 -67.50 31.12 65.89
C GLN W 275 -69.02 31.15 65.78
N PHE W 276 -69.61 30.13 65.16
CA PHE W 276 -71.06 30.06 64.95
C PHE W 276 -71.47 28.68 64.47
N PHE W 277 -72.40 28.03 65.18
CA PHE W 277 -73.00 26.80 64.67
C PHE W 277 -74.47 26.68 65.05
N LEU W 278 -75.18 27.82 65.14
CA LEU W 278 -76.59 27.88 65.52
C LEU W 278 -76.86 27.23 66.88
N GLY W 279 -75.95 27.45 67.82
CA GLY W 279 -76.09 26.91 69.15
C GLY W 279 -75.66 25.47 69.34
N LEU W 280 -75.09 24.84 68.31
CA LEU W 280 -74.64 23.47 68.43
C LEU W 280 -73.24 23.34 69.02
N GLU W 281 -72.56 24.47 69.26
CA GLU W 281 -71.18 24.42 69.75
C GLU W 281 -71.09 24.06 71.22
N LYS W 282 -72.12 24.36 72.02
CA LYS W 282 -72.08 24.11 73.45
C LYS W 282 -72.26 22.64 73.81
N LEU W 283 -72.78 21.83 72.89
CA LEU W 283 -73.02 20.42 73.19
C LEU W 283 -71.73 19.60 73.23
N THR W 284 -70.69 20.05 72.52
CA THR W 284 -69.43 19.32 72.42
C THR W 284 -68.31 20.16 73.03
N PRO W 285 -68.02 19.99 74.32
CA PRO W 285 -66.88 20.70 74.90
C PRO W 285 -65.58 20.03 74.49
N PRO W 286 -64.47 20.77 74.50
CA PRO W 286 -63.18 20.18 74.12
C PRO W 286 -62.65 19.21 75.17
N SER W 287 -61.73 18.36 74.73
CA SER W 287 -61.07 17.40 75.61
C SER W 287 -59.67 17.14 75.08
N GLN W 288 -58.80 16.64 75.97
CA GLN W 288 -57.43 16.36 75.61
C GLN W 288 -57.28 15.11 74.76
N GLN W 289 -58.29 14.24 74.72
CA GLN W 289 -58.24 13.04 73.89
C GLN W 289 -59.10 13.24 72.64
N PRO W 290 -58.56 12.99 71.45
CA PRO W 290 -59.37 13.19 70.24
C PRO W 290 -60.47 12.17 70.07
N ALA W 291 -60.24 10.93 70.52
CA ALA W 291 -61.24 9.88 70.39
C ALA W 291 -62.29 9.92 71.49
N TYR W 292 -62.03 10.63 72.59
CA TYR W 292 -62.88 10.59 73.78
C TYR W 292 -63.21 12.00 74.24
N PRO W 293 -64.11 12.70 73.53
CA PRO W 293 -64.47 14.07 73.96
C PRO W 293 -65.29 14.11 75.25
N GLY W 294 -66.39 13.36 75.31
CA GLY W 294 -67.26 13.42 76.47
C GLY W 294 -68.04 14.73 76.51
N GLY W 295 -68.65 14.98 77.67
CA GLY W 295 -69.33 16.24 77.90
C GLY W 295 -70.83 16.17 77.90
N ALA W 296 -71.48 17.27 77.47
CA ALA W 296 -72.93 17.34 77.46
C ALA W 296 -73.53 16.39 76.43
N PHE W 297 -72.85 16.19 75.31
CA PHE W 297 -73.22 15.17 74.35
C PHE W 297 -72.30 13.96 74.54
N PHE W 298 -72.44 12.97 73.66
CA PHE W 298 -71.68 11.72 73.67
C PHE W 298 -71.84 10.99 75.00
N ASN W 299 -71.06 11.40 76.00
CA ASN W 299 -71.17 10.85 77.35
C ASN W 299 -72.17 11.68 78.18
N PHE W 300 -73.41 11.74 77.66
CA PHE W 300 -74.44 12.52 78.34
C PHE W 300 -74.95 11.82 79.59
N ALA W 301 -74.87 10.49 79.65
CA ALA W 301 -75.32 9.76 80.83
C ALA W 301 -74.32 9.85 81.98
N GLY W 302 -73.08 10.23 81.71
CA GLY W 302 -72.06 10.31 82.75
C GLY W 302 -71.70 8.98 83.37
N LEU W 303 -71.56 7.94 82.57
CA LEU W 303 -71.28 6.60 83.08
C LEU W 303 -69.80 6.32 83.23
N GLY W 304 -68.93 7.29 82.92
CA GLY W 304 -67.50 7.07 83.03
C GLY W 304 -66.77 8.20 83.74
N THR W 305 -67.47 9.29 84.02
CA THR W 305 -66.86 10.45 84.67
C THR W 305 -67.13 10.40 86.18
N LYS W 306 -66.65 9.32 86.80
CA LYS W 306 -66.68 9.18 88.25
C LYS W 306 -65.41 8.62 88.85
N ASP W 307 -64.52 8.01 88.06
CA ASP W 307 -63.26 7.45 88.55
C ASP W 307 -62.35 7.27 87.34
N GLU W 308 -61.28 6.48 87.52
CA GLU W 308 -60.27 6.29 86.49
C GLU W 308 -60.13 4.84 86.03
N LYS W 309 -60.16 3.89 86.97
CA LYS W 309 -59.89 2.49 86.63
C LYS W 309 -61.06 1.91 85.84
N LYS W 310 -62.30 2.24 86.23
CA LYS W 310 -63.48 1.82 85.48
C LYS W 310 -63.53 2.46 84.11
N MET W 311 -63.01 3.69 83.99
CA MET W 311 -62.89 4.33 82.68
C MET W 311 -61.98 3.51 81.76
N PHE W 312 -60.84 3.06 82.28
CA PHE W 312 -59.91 2.28 81.47
C PHE W 312 -60.47 0.88 81.18
N GLU W 313 -61.22 0.30 82.12
CA GLU W 313 -61.88 -0.97 81.86
C GLU W 313 -62.90 -0.83 80.74
N LEU W 314 -63.65 0.27 80.74
CA LEU W 314 -64.59 0.54 79.65
C LEU W 314 -63.85 0.77 78.33
N LYS W 315 -62.67 1.41 78.38
CA LYS W 315 -61.84 1.58 77.18
C LYS W 315 -61.44 0.22 76.61
N VAL W 316 -60.95 -0.68 77.47
CA VAL W 316 -60.49 -1.99 77.01
C VAL W 316 -61.66 -2.81 76.48
N LYS W 317 -62.80 -2.77 77.16
CA LYS W 317 -63.98 -3.50 76.71
C LYS W 317 -64.50 -2.95 75.37
N GLU W 318 -64.49 -1.63 75.23
CA GLU W 318 -64.94 -1.00 73.98
C GLU W 318 -64.03 -1.36 72.82
N ILE W 319 -62.71 -1.32 73.03
CA ILE W 319 -61.80 -1.62 71.92
C ILE W 319 -61.82 -3.11 71.60
N ARG W 320 -62.05 -3.99 72.58
CA ARG W 320 -62.09 -5.42 72.28
C ARG W 320 -63.38 -5.80 71.56
N ASN W 321 -64.52 -5.26 72.02
CA ASN W 321 -65.77 -5.43 71.26
C ASN W 321 -65.65 -4.82 69.87
N GLY W 322 -64.90 -3.73 69.74
CA GLY W 322 -64.67 -3.15 68.42
C GLY W 322 -63.88 -4.03 67.49
N ARG W 323 -62.80 -4.64 67.99
CA ARG W 323 -62.00 -5.54 67.15
C ARG W 323 -62.79 -6.79 66.79
N LEU W 324 -63.60 -7.29 67.73
CA LEU W 324 -64.52 -8.38 67.42
C LEU W 324 -65.50 -7.96 66.33
N ALA W 325 -65.95 -6.70 66.36
CA ALA W 325 -66.84 -6.20 65.32
C ALA W 325 -66.13 -6.08 63.97
N MET W 326 -64.85 -5.72 63.96
CA MET W 326 -64.09 -5.71 62.70
C MET W 326 -64.02 -7.10 62.10
N LEU W 327 -63.69 -8.10 62.91
CA LEU W 327 -63.67 -9.48 62.40
C LEU W 327 -65.05 -9.93 61.95
N ALA W 328 -66.10 -9.54 62.69
CA ALA W 328 -67.46 -9.88 62.30
C ALA W 328 -67.85 -9.24 60.97
N PHE W 329 -67.48 -7.97 60.76
CA PHE W 329 -67.87 -7.30 59.53
C PHE W 329 -67.03 -7.77 58.36
N LEU W 330 -65.79 -8.21 58.59
CA LEU W 330 -65.04 -8.87 57.53
C LEU W 330 -65.66 -10.22 57.18
N GLY W 331 -66.21 -10.91 58.19
CA GLY W 331 -66.99 -12.11 57.90
C GLY W 331 -68.20 -11.82 57.05
N PHE W 332 -68.94 -10.75 57.39
CA PHE W 332 -70.14 -10.39 56.63
C PHE W 332 -69.80 -9.95 55.21
N MET W 333 -68.74 -9.14 55.06
CA MET W 333 -68.03 -8.89 53.82
C MET W 333 -67.85 -10.14 52.96
N VAL W 334 -67.21 -11.16 53.54
CA VAL W 334 -66.87 -12.35 52.78
C VAL W 334 -68.13 -13.14 52.39
N GLN W 335 -69.07 -13.31 53.32
CA GLN W 335 -70.29 -14.06 52.99
C GLN W 335 -71.12 -13.35 51.93
N ALA W 336 -71.29 -12.03 52.06
CA ALA W 336 -72.07 -11.29 51.07
C ALA W 336 -71.38 -11.27 49.71
N GLU W 337 -70.04 -11.30 49.70
CA GLU W 337 -69.35 -11.28 48.41
C GLU W 337 -69.36 -12.64 47.72
N VAL W 338 -69.22 -13.74 48.47
CA VAL W 338 -69.02 -15.03 47.83
C VAL W 338 -70.26 -15.94 47.85
N THR W 339 -71.31 -15.57 48.58
CA THR W 339 -72.50 -16.41 48.63
C THR W 339 -73.79 -15.72 48.18
N HIS W 340 -73.83 -14.38 48.18
CA HIS W 340 -75.01 -13.58 47.79
C HIS W 340 -76.25 -13.95 48.61
N VAL W 341 -76.04 -14.19 49.90
CA VAL W 341 -77.13 -14.46 50.84
C VAL W 341 -76.67 -13.98 52.21
N GLY W 342 -77.61 -13.45 53.00
CA GLY W 342 -77.32 -12.80 54.26
C GLY W 342 -76.64 -13.68 55.29
N PRO W 343 -76.02 -13.05 56.30
CA PRO W 343 -75.18 -13.82 57.23
C PRO W 343 -75.98 -14.60 58.27
N PHE W 344 -77.16 -14.11 58.68
CA PHE W 344 -77.99 -14.87 59.61
C PHE W 344 -78.51 -16.14 58.97
N GLN W 345 -78.77 -16.11 57.67
CA GLN W 345 -79.13 -17.32 56.92
C GLN W 345 -77.99 -18.32 56.95
N ASN W 346 -76.74 -17.84 56.83
CA ASN W 346 -75.58 -18.72 56.94
C ASN W 346 -75.43 -19.28 58.36
N LEU W 347 -75.74 -18.46 59.38
CA LEU W 347 -75.72 -18.93 60.75
C LEU W 347 -76.73 -20.05 60.94
N LEU W 348 -77.92 -19.89 60.38
CA LEU W 348 -78.96 -20.92 60.48
C LEU W 348 -78.58 -22.18 59.72
N ASP W 349 -77.93 -22.02 58.57
CA ASP W 349 -77.47 -23.20 57.82
C ASP W 349 -76.40 -23.97 58.59
N HIS W 350 -75.46 -23.27 59.21
CA HIS W 350 -74.41 -23.96 59.94
C HIS W 350 -74.86 -24.42 61.32
N ILE W 351 -76.00 -23.94 61.80
CA ILE W 351 -76.60 -24.51 63.01
C ILE W 351 -77.36 -25.78 62.67
N ASN W 352 -78.16 -25.74 61.60
CA ASN W 352 -78.92 -26.91 61.15
C ASN W 352 -77.99 -27.98 60.57
#